data_8TF4
#
_entry.id   8TF4
#
_cell.length_a   1.00
_cell.length_b   1.00
_cell.length_c   1.00
_cell.angle_alpha   90.00
_cell.angle_beta   90.00
_cell.angle_gamma   90.00
#
_symmetry.space_group_name_H-M   'P 1'
#
loop_
_entity.id
_entity.type
_entity.pdbx_description
1 polymer 'Transient receptor potential cation channel subfamily V member 5'
2 non-polymer ERGOSTEROL
3 non-polymer 1-PALMITOYL-2-LINOLEOYL-SN-GLYCERO-3-PHOSPHOCHOLINE
4 non-polymer 1-[(2S)-2-[(4-CHLOROBENZYL)OXY]-2-(2,4-DICHLOROPHENYL)ETHYL]-1H-IMIDAZOLE
#
_entity_poly.entity_id   1
_entity_poly.type   'polypeptide(L)'
_entity_poly.pdbx_seq_one_letter_code
;MGACPPKAKGPWAQLQKLLISWPVGEQDWEQYRDRVNMLQQERIRDSPLLQAAKENDLRLLKILLLNQSCDFQQRGAVGE
TALHVAALYDNLEAATLLMEAAPELAKEPALCEPFVGQTALHIAVMNQNLNLVRALLARGASVSARATGAAFRRSPHNLI
YYGEHPLSFAACVGSEEIVRLLIEHGADIRAQDSLGNTVLHILILQPNKTFACQMYNLLLSYDEHSDHLQSLELVPNHQG
LTPFKLAGVEGNTVMFQHLMQKRKHVQWTCGPLTSTLYDLTEIDSWGEELSFLELVVSSKKREARQILEQTPVKELVSFK
WKKYGRPYFCVLASLYILYMICFTTCCIYRPLKLRDDNRTDPRDITILQQKLLQEAYVTHQDNIRLVGELVTVTGAVIIL
LLEIPDIFRVGASRYFGQTILGGPFHVIIITYASLVLLTMVMRLTNMNGEVVPLSFALVLGWCSVMYFARGFQMLGPFTI
MIQKMIFGDLMRFCWLMAVVILGFASAFHITFQTEDPNNLGEFSDYPTALFSTFELFLTIIDGPANYSVDLPFMYCITYA
AFAIIATLLMLNLFIAMMGDTHWRVAQERDELWRAQVVATTVMLERKMPRFLWPRSGICGYEYGLGDRWFLRVENHHDQN
PLRVLRYVEAFKCSDKEDGQEQLSEKRPSTVESGMLSRASVAFQTPSLSRTTSQSSNSHRGWEILRRNTLGHLNLGLDLG
EGDGEEVYHFTETSQVAPA
;
_entity_poly.pdbx_strand_id   A,B,C,D
#
loop_
_chem_comp.id
_chem_comp.type
_chem_comp.name
_chem_comp.formula
CPL non-polymer 1-PALMITOYL-2-LINOLEOYL-SN-GLYCERO-3-PHOSPHOCHOLINE 'C42 H80 N O8 P'
ECN non-polymer 1-[(2S)-2-[(4-CHLOROBENZYL)OXY]-2-(2,4-DICHLOROPHENYL)ETHYL]-1H-IMIDAZOLE 'C18 H15 Cl3 N2 O'
ERG non-polymer ERGOSTEROL 'C28 H44 O'
#
# COMPACT_ATOMS: atom_id res chain seq x y z
N ASP A 28 21.16 -19.13 -35.54
CA ASP A 28 19.88 -19.03 -34.80
C ASP A 28 18.70 -18.91 -35.77
N TRP A 29 17.50 -19.30 -35.33
CA TRP A 29 16.25 -19.21 -36.12
C TRP A 29 15.95 -17.79 -36.61
N GLU A 30 16.01 -16.78 -35.75
CA GLU A 30 15.67 -15.40 -36.14
C GLU A 30 16.58 -14.89 -37.26
N GLN A 31 17.89 -15.19 -37.18
CA GLN A 31 18.83 -14.81 -38.24
C GLN A 31 18.50 -15.53 -39.57
N TYR A 32 18.11 -16.81 -39.51
CA TYR A 32 17.69 -17.54 -40.70
C TYR A 32 16.38 -17.00 -41.29
N ARG A 33 15.35 -16.82 -40.46
CA ARG A 33 14.06 -16.24 -40.93
C ARG A 33 14.34 -14.89 -41.57
N ASP A 34 15.11 -14.03 -40.90
CA ASP A 34 15.48 -12.74 -41.46
C ASP A 34 16.14 -12.88 -42.83
N ARG A 35 17.17 -13.71 -42.99
CA ARG A 35 17.80 -13.94 -44.31
C ARG A 35 16.81 -14.44 -45.35
N VAL A 36 15.91 -15.36 -44.99
CA VAL A 36 14.81 -15.84 -45.83
C VAL A 36 13.96 -14.68 -46.33
N ASN A 37 13.54 -13.76 -45.45
CA ASN A 37 12.75 -12.59 -45.83
C ASN A 37 13.52 -11.63 -46.74
N MET A 38 14.81 -11.42 -46.50
CA MET A 38 15.65 -10.55 -47.34
C MET A 38 15.86 -11.13 -48.73
N LEU A 39 16.21 -12.42 -48.85
CA LEU A 39 16.38 -13.10 -50.13
C LEU A 39 15.08 -13.11 -50.93
N GLN A 40 13.94 -13.31 -50.25
CA GLN A 40 12.64 -13.32 -50.89
C GLN A 40 12.32 -11.95 -51.52
N GLN A 41 12.50 -10.86 -50.78
CA GLN A 41 12.32 -9.51 -51.32
C GLN A 41 13.34 -9.18 -52.43
N GLU A 42 14.59 -9.61 -52.30
CA GLU A 42 15.59 -9.42 -53.36
C GLU A 42 15.17 -10.11 -54.66
N ARG A 43 14.75 -11.37 -54.61
CA ARG A 43 14.27 -12.10 -55.80
C ARG A 43 13.01 -11.48 -56.41
N ILE A 44 12.13 -10.90 -55.60
CA ILE A 44 11.00 -10.10 -56.10
C ILE A 44 11.49 -8.83 -56.79
N ARG A 45 12.55 -8.14 -56.31
CA ARG A 45 13.14 -6.99 -57.01
C ARG A 45 13.83 -7.39 -58.32
N ASP A 46 14.58 -8.48 -58.31
CA ASP A 46 15.40 -8.91 -59.43
C ASP A 46 14.58 -9.40 -60.62
N SER A 47 13.56 -10.23 -60.39
CA SER A 47 12.75 -10.83 -61.46
C SER A 47 11.55 -9.93 -61.82
N PRO A 48 11.48 -9.36 -63.04
CA PRO A 48 10.52 -8.29 -63.36
C PRO A 48 9.05 -8.74 -63.31
N LEU A 49 8.75 -10.02 -63.56
CA LEU A 49 7.40 -10.57 -63.39
C LEU A 49 6.95 -10.53 -61.93
N LEU A 50 7.82 -10.90 -60.98
CA LEU A 50 7.54 -10.83 -59.55
C LEU A 50 7.47 -9.37 -59.09
N GLN A 51 8.33 -8.50 -59.62
CA GLN A 51 8.27 -7.07 -59.31
C GLN A 51 6.93 -6.47 -59.75
N ALA A 52 6.44 -6.82 -60.94
CA ALA A 52 5.14 -6.39 -61.43
C ALA A 52 3.98 -7.01 -60.65
N ALA A 53 4.09 -8.29 -60.26
CA ALA A 53 3.10 -8.95 -59.40
C ALA A 53 2.99 -8.28 -58.02
N LYS A 54 4.09 -7.74 -57.47
CA LYS A 54 4.10 -6.91 -56.26
C LYS A 54 3.51 -5.52 -56.47
N GLU A 55 3.85 -4.85 -57.57
CA GLU A 55 3.45 -3.45 -57.83
C GLU A 55 2.05 -3.26 -58.45
N ASN A 56 1.46 -4.32 -59.02
CA ASN A 56 0.18 -4.26 -59.74
C ASN A 56 0.18 -3.31 -60.96
N ASP A 57 1.33 -3.01 -61.56
CA ASP A 57 1.40 -2.21 -62.79
C ASP A 57 1.03 -3.08 -64.00
N LEU A 58 -0.26 -3.12 -64.29
CA LEU A 58 -0.82 -4.02 -65.30
C LEU A 58 -0.23 -3.81 -66.71
N ARG A 59 0.26 -2.61 -67.04
CA ARG A 59 0.94 -2.35 -68.33
C ARG A 59 2.15 -3.27 -68.51
N LEU A 60 3.14 -3.19 -67.61
CA LEU A 60 4.33 -4.04 -67.70
C LEU A 60 3.97 -5.52 -67.58
N LEU A 61 3.03 -5.87 -66.70
CA LEU A 61 2.60 -7.26 -66.52
C LEU A 61 1.96 -7.83 -67.81
N LYS A 62 1.12 -7.05 -68.50
CA LYS A 62 0.58 -7.40 -69.82
C LYS A 62 1.68 -7.62 -70.85
N ILE A 63 2.67 -6.72 -70.92
CA ILE A 63 3.80 -6.87 -71.86
C ILE A 63 4.62 -8.13 -71.55
N LEU A 64 4.94 -8.40 -70.27
CA LEU A 64 5.67 -9.60 -69.87
C LEU A 64 4.91 -10.89 -70.21
N LEU A 65 3.59 -10.93 -69.99
CA LEU A 65 2.75 -12.08 -70.32
C LEU A 65 2.41 -12.19 -71.83
N LEU A 66 2.54 -11.10 -72.59
CA LEU A 66 2.44 -11.06 -74.04
C LEU A 66 3.72 -11.56 -74.73
N ASN A 67 4.89 -11.34 -74.12
CA ASN A 67 6.19 -11.79 -74.62
C ASN A 67 6.27 -13.33 -74.74
N ASP A 71 9.00 -19.59 -66.93
CA ASP A 71 8.83 -18.12 -67.10
C ASP A 71 7.65 -17.67 -66.25
N PHE A 72 6.43 -17.99 -66.63
CA PHE A 72 5.29 -17.65 -65.75
C PHE A 72 5.43 -18.55 -64.53
N GLN A 73 6.24 -19.59 -64.65
CA GLN A 73 6.48 -20.54 -63.54
C GLN A 73 7.70 -20.04 -62.79
N GLN A 74 8.02 -18.76 -63.00
CA GLN A 74 9.17 -18.12 -62.32
C GLN A 74 9.01 -18.28 -60.83
N ARG A 75 10.10 -18.37 -60.07
CA ARG A 75 9.98 -18.67 -58.62
C ARG A 75 10.90 -17.84 -57.71
N GLY A 76 10.35 -17.16 -56.70
CA GLY A 76 11.07 -16.41 -55.66
C GLY A 76 12.01 -17.30 -54.83
N ALA A 77 12.71 -16.73 -53.86
CA ALA A 77 13.74 -17.43 -53.08
C ALA A 77 13.22 -18.67 -52.33
N VAL A 78 11.96 -18.63 -51.88
CA VAL A 78 11.28 -19.70 -51.14
C VAL A 78 10.52 -20.68 -52.04
N GLY A 79 10.69 -20.58 -53.35
CA GLY A 79 9.99 -21.39 -54.35
C GLY A 79 8.56 -20.92 -54.65
N GLU A 80 8.15 -19.74 -54.20
CA GLU A 80 6.81 -19.19 -54.48
C GLU A 80 6.70 -18.72 -55.93
N THR A 81 5.50 -18.77 -56.52
CA THR A 81 5.28 -18.26 -57.89
C THR A 81 4.97 -16.77 -57.90
N ALA A 82 4.96 -16.15 -59.08
CA ALA A 82 4.44 -14.78 -59.24
C ALA A 82 2.99 -14.62 -58.73
N LEU A 83 2.17 -15.67 -58.74
CA LEU A 83 0.81 -15.62 -58.21
C LEU A 83 0.77 -15.58 -56.67
N HIS A 84 1.71 -16.26 -55.99
CA HIS A 84 1.88 -16.09 -54.55
C HIS A 84 2.26 -14.63 -54.21
N VAL A 85 3.15 -14.02 -55.00
CA VAL A 85 3.52 -12.61 -54.84
C VAL A 85 2.30 -11.71 -54.99
N ALA A 86 1.51 -11.88 -56.06
CA ALA A 86 0.29 -11.10 -56.26
C ALA A 86 -0.74 -11.30 -55.13
N ALA A 87 -0.91 -12.52 -54.63
CA ALA A 87 -1.78 -12.79 -53.49
C ALA A 87 -1.26 -12.16 -52.19
N LEU A 88 0.05 -12.16 -51.95
CA LEU A 88 0.69 -11.60 -50.76
C LEU A 88 0.50 -10.09 -50.68
N TYR A 89 0.72 -9.41 -51.80
CA TYR A 89 0.51 -7.98 -51.94
C TYR A 89 -0.95 -7.58 -52.20
N ASP A 90 -1.87 -8.55 -52.15
CA ASP A 90 -3.31 -8.35 -52.23
C ASP A 90 -3.78 -7.75 -53.58
N ASN A 91 -3.05 -8.06 -54.65
CA ASN A 91 -3.22 -7.52 -56.00
C ASN A 91 -4.14 -8.41 -56.85
N LEU A 92 -5.45 -8.24 -56.71
CA LEU A 92 -6.46 -9.02 -57.43
C LEU A 92 -6.28 -8.97 -58.95
N GLU A 93 -6.04 -7.79 -59.52
CA GLU A 93 -5.92 -7.64 -60.97
C GLU A 93 -4.69 -8.39 -61.49
N ALA A 94 -3.49 -8.14 -60.95
CA ALA A 94 -2.30 -8.89 -61.32
C ALA A 94 -2.48 -10.40 -61.17
N ALA A 95 -3.13 -10.85 -60.10
CA ALA A 95 -3.44 -12.26 -59.91
C ALA A 95 -4.33 -12.82 -61.03
N THR A 96 -5.38 -12.10 -61.45
CA THR A 96 -6.22 -12.54 -62.58
C THR A 96 -5.44 -12.57 -63.90
N LEU A 97 -4.58 -11.59 -64.17
CA LEU A 97 -3.72 -11.59 -65.36
C LEU A 97 -2.77 -12.80 -65.36
N LEU A 98 -2.10 -13.07 -64.24
CA LEU A 98 -1.20 -14.22 -64.08
C LEU A 98 -1.95 -15.54 -64.26
N MET A 99 -3.13 -15.71 -63.66
CA MET A 99 -3.94 -16.91 -63.84
C MET A 99 -4.50 -17.05 -65.26
N GLU A 100 -4.80 -15.96 -65.96
CA GLU A 100 -5.23 -16.00 -67.36
C GLU A 100 -4.10 -16.47 -68.29
N ALA A 101 -2.86 -16.01 -68.08
CA ALA A 101 -1.70 -16.46 -68.84
C ALA A 101 -1.21 -17.86 -68.44
N ALA A 102 -1.27 -18.21 -67.16
CA ALA A 102 -0.79 -19.49 -66.63
C ALA A 102 -1.76 -20.03 -65.54
N PRO A 103 -2.86 -20.71 -65.93
CA PRO A 103 -3.86 -21.19 -64.98
C PRO A 103 -3.31 -22.18 -63.95
N GLU A 104 -2.27 -22.94 -64.30
CA GLU A 104 -1.64 -23.92 -63.43
C GLU A 104 -1.00 -23.31 -62.17
N LEU A 105 -0.69 -22.00 -62.17
CA LEU A 105 -0.14 -21.33 -60.99
C LEU A 105 -1.06 -21.43 -59.77
N ALA A 106 -2.39 -21.48 -59.96
CA ALA A 106 -3.35 -21.65 -58.86
C ALA A 106 -3.16 -22.97 -58.10
N LYS A 107 -2.55 -24.00 -58.73
CA LYS A 107 -2.29 -25.33 -58.15
C LYS A 107 -0.89 -25.45 -57.52
N GLU A 108 -0.01 -24.46 -57.67
CA GLU A 108 1.39 -24.55 -57.25
C GLU A 108 1.63 -24.28 -55.75
N PRO A 109 2.43 -25.11 -55.05
CA PRO A 109 2.96 -24.81 -53.73
C PRO A 109 4.28 -24.03 -53.80
N ALA A 110 4.64 -23.36 -52.70
CA ALA A 110 6.02 -22.96 -52.39
C ALA A 110 6.84 -24.19 -51.95
N LEU A 111 8.17 -24.13 -52.08
CA LEU A 111 9.02 -25.34 -52.11
C LEU A 111 10.12 -25.39 -51.05
N CYS A 112 10.55 -24.25 -50.50
CA CYS A 112 11.68 -24.21 -49.56
C CYS A 112 11.22 -24.31 -48.10
N GLU A 113 12.10 -24.78 -47.22
CA GLU A 113 11.83 -25.27 -45.86
C GLU A 113 10.92 -24.39 -44.97
N PRO A 114 10.97 -23.05 -45.01
CA PRO A 114 10.08 -22.22 -44.21
C PRO A 114 8.62 -22.29 -44.68
N PHE A 115 8.38 -22.38 -45.99
CA PHE A 115 7.04 -22.20 -46.60
C PHE A 115 6.52 -23.41 -47.38
N VAL A 116 7.15 -24.58 -47.26
CA VAL A 116 6.78 -25.80 -48.01
C VAL A 116 5.27 -26.02 -48.04
N GLY A 117 4.72 -26.23 -49.22
CA GLY A 117 3.30 -26.56 -49.41
C GLY A 117 2.34 -25.36 -49.39
N GLN A 118 2.79 -24.16 -49.04
CA GLN A 118 1.94 -22.96 -49.08
C GLN A 118 1.51 -22.64 -50.51
N THR A 119 0.21 -22.50 -50.74
CA THR A 119 -0.34 -22.10 -52.05
C THR A 119 -0.75 -20.62 -52.03
N ALA A 120 -1.06 -20.05 -53.20
CA ALA A 120 -1.66 -18.72 -53.26
C ALA A 120 -3.03 -18.65 -52.56
N LEU A 121 -3.76 -19.77 -52.43
CA LEU A 121 -5.02 -19.86 -51.70
C LEU A 121 -4.83 -19.64 -50.19
N HIS A 122 -3.81 -20.22 -49.55
CA HIS A 122 -3.47 -19.92 -48.16
C HIS A 122 -3.23 -18.42 -47.93
N ILE A 123 -2.52 -17.78 -48.85
CA ILE A 123 -2.20 -16.35 -48.75
C ILE A 123 -3.45 -15.50 -48.95
N ALA A 124 -4.25 -15.77 -49.99
CA ALA A 124 -5.48 -15.03 -50.29
C ALA A 124 -6.52 -15.15 -49.17
N VAL A 125 -6.66 -16.35 -48.58
CA VAL A 125 -7.49 -16.59 -47.40
C VAL A 125 -7.00 -15.79 -46.20
N MET A 126 -5.70 -15.78 -45.93
CA MET A 126 -5.14 -15.01 -44.82
C MET A 126 -5.29 -13.49 -45.00
N ASN A 127 -5.16 -12.99 -46.23
CA ASN A 127 -5.48 -11.61 -46.59
C ASN A 127 -6.99 -11.30 -46.69
N GLN A 128 -7.87 -12.29 -46.52
CA GLN A 128 -9.33 -12.16 -46.63
C GLN A 128 -9.84 -11.63 -47.98
N ASN A 129 -9.09 -11.85 -49.07
CA ASN A 129 -9.52 -11.43 -50.39
C ASN A 129 -10.49 -12.46 -50.97
N LEU A 130 -11.77 -12.35 -50.62
CA LEU A 130 -12.84 -13.26 -51.05
C LEU A 130 -12.92 -13.38 -52.58
N ASN A 131 -12.71 -12.29 -53.31
CA ASN A 131 -12.70 -12.28 -54.77
C ASN A 131 -11.53 -13.09 -55.35
N LEU A 132 -10.33 -12.93 -54.80
CA LEU A 132 -9.17 -13.72 -55.21
C LEU A 132 -9.33 -15.18 -54.80
N VAL A 133 -9.88 -15.48 -53.62
CA VAL A 133 -10.20 -16.85 -53.21
C VAL A 133 -11.16 -17.50 -54.20
N ARG A 134 -12.23 -16.83 -54.62
CA ARG A 134 -13.10 -17.34 -55.70
C ARG A 134 -12.35 -17.54 -57.02
N ALA A 135 -11.52 -16.59 -57.44
CA ALA A 135 -10.76 -16.70 -58.68
C ALA A 135 -9.75 -17.86 -58.68
N LEU A 136 -9.16 -18.18 -57.53
CA LEU A 136 -8.27 -19.33 -57.33
C LEU A 136 -9.04 -20.65 -57.30
N LEU A 137 -10.15 -20.72 -56.57
CA LEU A 137 -10.99 -21.93 -56.48
C LEU A 137 -11.65 -22.28 -57.82
N ALA A 138 -12.07 -21.26 -58.59
CA ALA A 138 -12.56 -21.41 -59.96
C ALA A 138 -11.52 -21.99 -60.93
N ARG A 139 -10.25 -22.00 -60.52
CA ARG A 139 -9.14 -22.45 -61.41
C ARG A 139 -8.45 -23.72 -60.87
N GLY A 140 -9.02 -24.36 -59.86
CA GLY A 140 -8.54 -25.65 -59.32
C GLY A 140 -7.56 -25.54 -58.17
N ALA A 141 -7.49 -24.40 -57.48
CA ALA A 141 -6.72 -24.29 -56.23
C ALA A 141 -7.19 -25.32 -55.20
N SER A 142 -6.26 -26.10 -54.64
CA SER A 142 -6.58 -27.26 -53.80
C SER A 142 -6.97 -26.86 -52.37
N VAL A 143 -8.25 -27.02 -52.02
CA VAL A 143 -8.77 -26.77 -50.67
C VAL A 143 -8.21 -27.72 -49.60
N SER A 144 -7.59 -28.83 -49.99
CA SER A 144 -6.93 -29.79 -49.09
C SER A 144 -5.40 -29.65 -49.04
N ALA A 145 -4.81 -28.65 -49.69
CA ALA A 145 -3.36 -28.42 -49.62
C ALA A 145 -2.89 -28.03 -48.21
N ARG A 146 -1.73 -28.54 -47.82
CA ARG A 146 -1.26 -28.34 -46.43
C ARG A 146 0.05 -27.56 -46.41
N ALA A 147 0.08 -26.43 -45.71
CA ALA A 147 1.32 -25.63 -45.57
C ALA A 147 2.18 -26.28 -44.50
N THR A 148 2.95 -27.30 -44.86
CA THR A 148 3.76 -28.06 -43.87
C THR A 148 5.03 -27.32 -43.48
N GLY A 149 5.33 -26.18 -44.09
CA GLY A 149 6.61 -25.52 -43.78
C GLY A 149 6.73 -24.97 -42.36
N ALA A 150 7.96 -24.76 -41.89
CA ALA A 150 8.23 -24.38 -40.50
C ALA A 150 7.65 -23.01 -40.07
N ALA A 151 7.30 -22.13 -41.00
CA ALA A 151 6.65 -20.84 -40.70
C ALA A 151 5.21 -20.99 -40.20
N PHE A 152 4.58 -22.15 -40.39
CA PHE A 152 3.18 -22.40 -40.05
C PHE A 152 2.97 -23.23 -38.76
N ARG A 153 4.03 -23.86 -38.28
CA ARG A 153 3.93 -24.81 -37.14
C ARG A 153 3.72 -24.10 -35.81
N ARG A 154 3.23 -24.82 -34.81
CA ARG A 154 3.07 -24.21 -33.47
C ARG A 154 4.41 -24.23 -32.79
N SER A 155 4.94 -23.06 -32.50
CA SER A 155 6.22 -22.86 -31.81
C SER A 155 6.34 -21.42 -31.30
N PRO A 156 7.19 -21.11 -30.31
CA PRO A 156 7.42 -19.72 -29.87
C PRO A 156 8.09 -18.85 -30.96
N HIS A 157 8.71 -19.49 -31.95
CA HIS A 157 9.26 -18.89 -33.17
C HIS A 157 8.23 -18.13 -34.02
N ASN A 158 6.97 -18.58 -34.05
CA ASN A 158 5.93 -18.11 -34.94
C ASN A 158 4.87 -17.30 -34.17
N LEU A 159 4.48 -16.14 -34.70
CA LEU A 159 3.52 -15.24 -34.04
C LEU A 159 2.05 -15.72 -34.14
N ILE A 160 1.74 -16.58 -35.11
CA ILE A 160 0.42 -17.19 -35.34
C ILE A 160 0.54 -18.69 -35.53
N TYR A 161 -0.52 -19.42 -35.18
CA TYR A 161 -0.69 -20.83 -35.51
C TYR A 161 -2.12 -21.04 -36.01
N TYR A 162 -2.27 -21.16 -37.32
CA TYR A 162 -3.55 -21.41 -38.01
C TYR A 162 -3.64 -22.84 -38.57
N GLY A 163 -2.76 -23.75 -38.13
CA GLY A 163 -2.66 -25.09 -38.69
C GLY A 163 -2.08 -25.07 -40.11
N GLU A 164 -2.62 -25.92 -40.99
CA GLU A 164 -2.05 -26.16 -42.32
C GLU A 164 -3.01 -25.99 -43.50
N HIS A 165 -4.32 -26.18 -43.31
CA HIS A 165 -5.30 -26.16 -44.39
C HIS A 165 -5.93 -24.77 -44.56
N PRO A 166 -6.36 -24.37 -45.78
CA PRO A 166 -7.02 -23.08 -46.00
C PRO A 166 -8.28 -22.87 -45.14
N LEU A 167 -9.05 -23.91 -44.84
CA LEU A 167 -10.21 -23.83 -43.95
C LEU A 167 -9.81 -23.42 -42.52
N SER A 168 -8.73 -23.97 -42.00
CA SER A 168 -8.19 -23.59 -40.68
C SER A 168 -7.69 -22.16 -40.67
N PHE A 169 -7.10 -21.69 -41.77
CA PHE A 169 -6.73 -20.28 -41.92
C PHE A 169 -7.99 -19.41 -41.90
N ALA A 170 -8.98 -19.67 -42.76
CA ALA A 170 -10.21 -18.89 -42.82
C ALA A 170 -10.97 -18.85 -41.48
N ALA A 171 -10.97 -19.95 -40.75
CA ALA A 171 -11.56 -20.03 -39.42
C ALA A 171 -10.85 -19.14 -38.41
N CYS A 172 -9.52 -19.18 -38.33
CA CYS A 172 -8.74 -18.39 -37.37
C CYS A 172 -8.71 -16.89 -37.72
N VAL A 173 -8.77 -16.60 -39.01
CA VAL A 173 -8.93 -15.27 -39.60
C VAL A 173 -10.35 -14.74 -39.40
N GLY A 174 -11.34 -15.62 -39.23
CA GLY A 174 -12.69 -15.28 -38.78
C GLY A 174 -13.68 -14.92 -39.89
N SER A 175 -13.37 -15.23 -41.15
CA SER A 175 -14.21 -14.89 -42.30
C SER A 175 -15.20 -16.01 -42.60
N GLU A 176 -16.41 -15.92 -42.03
CA GLU A 176 -17.45 -16.94 -42.20
C GLU A 176 -17.80 -17.18 -43.67
N GLU A 177 -17.83 -16.13 -44.48
CA GLU A 177 -18.08 -16.22 -45.92
C GLU A 177 -16.98 -16.99 -46.67
N ILE A 178 -15.71 -16.89 -46.25
CA ILE A 178 -14.63 -17.68 -46.85
C ILE A 178 -14.69 -19.12 -46.35
N VAL A 179 -15.03 -19.34 -45.08
CA VAL A 179 -15.25 -20.68 -44.51
C VAL A 179 -16.35 -21.42 -45.26
N ARG A 180 -17.51 -20.81 -45.42
CA ARG A 180 -18.59 -21.46 -46.23
C ARG A 180 -18.06 -21.75 -47.63
N LEU A 181 -17.51 -20.75 -48.33
CA LEU A 181 -17.01 -20.93 -49.68
C LEU A 181 -16.04 -22.13 -49.81
N LEU A 182 -15.13 -22.30 -48.86
CA LEU A 182 -14.20 -23.44 -48.84
C LEU A 182 -14.92 -24.76 -48.59
N ILE A 183 -15.88 -24.82 -47.67
CA ILE A 183 -16.70 -26.01 -47.44
C ILE A 183 -17.51 -26.37 -48.69
N GLU A 184 -18.10 -25.39 -49.37
CA GLU A 184 -18.83 -25.59 -50.63
C GLU A 184 -17.94 -26.14 -51.75
N HIS A 185 -16.66 -25.78 -51.79
CA HIS A 185 -15.67 -26.36 -52.72
C HIS A 185 -15.05 -27.68 -52.22
N GLY A 186 -15.57 -28.23 -51.11
CA GLY A 186 -15.23 -29.57 -50.64
C GLY A 186 -14.05 -29.64 -49.68
N ALA A 187 -13.73 -28.57 -48.95
CA ALA A 187 -12.74 -28.62 -47.89
C ALA A 187 -13.13 -29.65 -46.82
N ASP A 188 -12.24 -30.58 -46.47
CA ASP A 188 -12.55 -31.59 -45.44
C ASP A 188 -12.47 -30.96 -44.05
N ILE A 189 -13.62 -30.72 -43.43
CA ILE A 189 -13.72 -30.12 -42.10
C ILE A 189 -13.06 -30.95 -40.99
N ARG A 190 -12.83 -32.23 -41.25
CA ARG A 190 -12.25 -33.11 -40.19
C ARG A 190 -10.77 -33.36 -40.45
N ALA A 191 -10.17 -32.65 -41.39
CA ALA A 191 -8.74 -32.73 -41.68
C ALA A 191 -7.88 -32.29 -40.47
N GLN A 192 -6.70 -32.89 -40.33
CA GLN A 192 -5.80 -32.69 -39.19
C GLN A 192 -4.45 -32.10 -39.60
N ASP A 193 -4.01 -31.11 -38.85
CA ASP A 193 -2.67 -30.53 -38.85
C ASP A 193 -1.56 -31.56 -38.51
N SER A 194 -0.28 -31.25 -38.72
CA SER A 194 0.82 -32.12 -38.26
C SER A 194 0.83 -32.42 -36.75
N LEU A 195 0.29 -31.55 -35.89
CA LEU A 195 0.10 -31.84 -34.46
C LEU A 195 -1.13 -32.73 -34.18
N GLY A 196 -1.87 -33.14 -35.20
CA GLY A 196 -3.14 -33.85 -35.09
C GLY A 196 -4.34 -32.94 -34.83
N ASN A 197 -4.13 -31.63 -34.70
CA ASN A 197 -5.20 -30.67 -34.43
C ASN A 197 -6.17 -30.55 -35.60
N THR A 198 -7.47 -30.73 -35.35
CA THR A 198 -8.54 -30.33 -36.28
C THR A 198 -8.78 -28.82 -36.18
N VAL A 199 -9.58 -28.26 -37.08
CA VAL A 199 -9.96 -26.84 -37.03
C VAL A 199 -10.59 -26.43 -35.68
N LEU A 200 -11.29 -27.33 -34.99
CA LEU A 200 -11.85 -27.07 -33.66
C LEU A 200 -10.77 -26.90 -32.60
N HIS A 201 -9.74 -27.76 -32.61
CA HIS A 201 -8.58 -27.60 -31.74
C HIS A 201 -7.86 -26.28 -32.01
N ILE A 202 -7.71 -25.90 -33.27
CA ILE A 202 -6.98 -24.69 -33.63
C ILE A 202 -7.75 -23.43 -33.18
N LEU A 203 -9.08 -23.41 -33.28
CA LEU A 203 -9.90 -22.29 -32.78
C LEU A 203 -9.80 -22.07 -31.27
N ILE A 204 -9.57 -23.12 -30.48
CA ILE A 204 -9.31 -22.99 -29.03
C ILE A 204 -8.02 -22.24 -28.73
N LEU A 205 -7.05 -22.26 -29.65
CA LEU A 205 -5.72 -21.68 -29.47
C LEU A 205 -5.60 -20.20 -29.87
N GLN A 206 -6.64 -19.61 -30.47
CA GLN A 206 -6.59 -18.23 -30.98
C GLN A 206 -6.88 -17.19 -29.88
N PRO A 207 -6.29 -15.98 -29.92
CA PRO A 207 -6.63 -14.88 -29.00
C PRO A 207 -8.01 -14.25 -29.23
N ASN A 208 -8.55 -14.36 -30.45
CA ASN A 208 -9.77 -13.68 -30.92
C ASN A 208 -11.08 -14.35 -30.46
N LYS A 209 -11.16 -14.66 -29.16
CA LYS A 209 -12.24 -15.46 -28.52
C LYS A 209 -13.66 -14.92 -28.78
N THR A 210 -13.78 -13.62 -29.05
CA THR A 210 -15.03 -12.93 -29.40
C THR A 210 -15.70 -13.42 -30.69
N PHE A 211 -14.94 -13.87 -31.70
CA PHE A 211 -15.52 -14.55 -32.87
C PHE A 211 -15.18 -16.04 -32.94
N ALA A 212 -14.17 -16.54 -32.23
CA ALA A 212 -13.80 -17.95 -32.27
C ALA A 212 -14.96 -18.88 -31.90
N CYS A 213 -15.81 -18.51 -30.95
CA CYS A 213 -17.01 -19.28 -30.59
C CYS A 213 -18.08 -19.28 -31.70
N GLN A 214 -18.29 -18.15 -32.37
CA GLN A 214 -19.20 -18.05 -33.52
C GLN A 214 -18.72 -18.93 -34.68
N MET A 215 -17.40 -18.93 -34.93
CA MET A 215 -16.75 -19.84 -35.86
C MET A 215 -16.88 -21.30 -35.45
N TYR A 216 -16.78 -21.62 -34.17
CA TYR A 216 -16.92 -22.99 -33.67
C TYR A 216 -18.31 -23.55 -33.98
N ASN A 217 -19.37 -22.77 -33.75
CA ASN A 217 -20.74 -23.14 -34.13
C ASN A 217 -20.92 -23.32 -35.64
N LEU A 218 -20.35 -22.44 -36.45
CA LEU A 218 -20.39 -22.55 -37.91
C LEU A 218 -19.80 -23.89 -38.38
N LEU A 219 -18.68 -24.31 -37.81
CA LEU A 219 -18.02 -25.54 -38.20
C LEU A 219 -18.74 -26.79 -37.70
N LEU A 220 -19.24 -26.81 -36.46
CA LEU A 220 -20.07 -27.92 -35.98
C LEU A 220 -21.33 -28.13 -36.82
N SER A 221 -21.87 -27.06 -37.41
CA SER A 221 -23.04 -27.13 -38.29
C SER A 221 -22.76 -27.91 -39.59
N TYR A 222 -21.51 -27.99 -40.03
CA TYR A 222 -21.11 -28.78 -41.19
C TYR A 222 -20.62 -30.19 -40.84
N ASP A 223 -20.21 -30.45 -39.59
CA ASP A 223 -19.95 -31.83 -39.13
C ASP A 223 -21.24 -32.62 -38.86
N GLU A 224 -22.23 -31.99 -38.21
CA GLU A 224 -23.60 -32.48 -38.01
C GLU A 224 -23.70 -33.99 -37.73
N GLN A 230 -18.51 -40.61 -35.40
CA GLN A 230 -17.86 -39.87 -34.32
C GLN A 230 -17.97 -38.35 -34.54
N SER A 231 -18.50 -37.61 -33.58
CA SER A 231 -18.51 -36.13 -33.60
C SER A 231 -17.09 -35.56 -33.67
N LEU A 232 -16.90 -34.48 -34.41
CA LEU A 232 -15.61 -33.79 -34.50
C LEU A 232 -15.12 -33.29 -33.13
N GLU A 233 -16.03 -33.02 -32.18
CA GLU A 233 -15.70 -32.67 -30.79
C GLU A 233 -14.99 -33.79 -30.03
N LEU A 234 -14.97 -35.02 -30.56
CA LEU A 234 -14.40 -36.20 -29.92
C LEU A 234 -13.11 -36.69 -30.61
N VAL A 235 -12.66 -36.04 -31.69
CA VAL A 235 -11.39 -36.38 -32.36
C VAL A 235 -10.20 -35.92 -31.50
N PRO A 236 -9.27 -36.79 -31.10
CA PRO A 236 -8.07 -36.37 -30.36
C PRO A 236 -6.98 -35.84 -31.30
N ASN A 237 -6.15 -34.89 -30.84
CA ASN A 237 -4.88 -34.55 -31.47
C ASN A 237 -3.78 -35.55 -31.08
N HIS A 238 -2.52 -35.34 -31.46
CA HIS A 238 -1.43 -36.27 -31.12
C HIS A 238 -1.02 -36.26 -29.64
N GLN A 239 -1.40 -35.24 -28.87
CA GLN A 239 -1.31 -35.28 -27.40
C GLN A 239 -2.41 -36.17 -26.77
N GLY A 240 -3.41 -36.60 -27.53
CA GLY A 240 -4.59 -37.32 -27.06
C GLY A 240 -5.75 -36.40 -26.65
N LEU A 241 -5.60 -35.08 -26.76
CA LEU A 241 -6.60 -34.11 -26.34
C LEU A 241 -7.70 -33.97 -27.39
N THR A 242 -8.95 -34.16 -27.00
CA THR A 242 -10.12 -33.65 -27.73
C THR A 242 -10.15 -32.13 -27.62
N PRO A 243 -10.92 -31.41 -28.47
CA PRO A 243 -11.12 -29.97 -28.33
C PRO A 243 -11.54 -29.56 -26.92
N PHE A 244 -12.48 -30.27 -26.28
CA PHE A 244 -12.90 -29.95 -24.92
C PHE A 244 -11.76 -30.05 -23.89
N LYS A 245 -10.91 -31.08 -23.95
CA LYS A 245 -9.72 -31.20 -23.08
C LYS A 245 -8.69 -30.12 -23.38
N LEU A 246 -8.51 -29.74 -24.63
CA LEU A 246 -7.58 -28.67 -25.01
C LEU A 246 -8.01 -27.31 -24.47
N ALA A 247 -9.31 -27.00 -24.42
CA ALA A 247 -9.82 -25.78 -23.78
C ALA A 247 -9.51 -25.75 -22.27
N GLY A 248 -9.55 -26.91 -21.61
CA GLY A 248 -9.10 -27.06 -20.22
C GLY A 248 -7.61 -26.80 -20.06
N VAL A 249 -6.75 -27.50 -20.79
CA VAL A 249 -5.30 -27.37 -20.70
C VAL A 249 -4.81 -25.96 -21.01
N GLU A 250 -5.34 -25.33 -22.05
CA GLU A 250 -4.94 -23.99 -22.49
C GLU A 250 -5.56 -22.87 -21.65
N GLY A 251 -6.50 -23.19 -20.75
CA GLY A 251 -7.18 -22.22 -19.90
C GLY A 251 -8.14 -21.30 -20.64
N ASN A 252 -8.71 -21.76 -21.76
CA ASN A 252 -9.65 -20.99 -22.56
C ASN A 252 -11.05 -21.05 -21.91
N THR A 253 -11.27 -20.25 -20.87
CA THR A 253 -12.53 -20.21 -20.11
C THR A 253 -13.72 -19.76 -20.97
N VAL A 254 -13.50 -18.93 -21.99
CA VAL A 254 -14.54 -18.47 -22.92
C VAL A 254 -15.03 -19.62 -23.80
N MET A 255 -14.11 -20.41 -24.39
CA MET A 255 -14.50 -21.58 -25.16
C MET A 255 -15.00 -22.71 -24.28
N PHE A 256 -14.47 -22.91 -23.07
CA PHE A 256 -14.99 -23.88 -22.12
C PHE A 256 -16.46 -23.59 -21.76
N GLN A 257 -16.79 -22.37 -21.34
CA GLN A 257 -18.16 -22.04 -20.99
C GLN A 257 -19.09 -22.03 -22.21
N HIS A 258 -18.59 -21.79 -23.42
CA HIS A 258 -19.34 -22.00 -24.66
C HIS A 258 -19.62 -23.48 -24.94
N LEU A 259 -18.64 -24.37 -24.79
CA LEU A 259 -18.80 -25.83 -24.93
C LEU A 259 -19.76 -26.42 -23.89
N MET A 260 -19.82 -25.84 -22.69
CA MET A 260 -20.79 -26.22 -21.66
C MET A 260 -22.25 -25.92 -22.00
N GLN A 261 -22.56 -25.02 -22.95
CA GLN A 261 -23.94 -24.72 -23.33
C GLN A 261 -24.64 -25.89 -24.06
N LYS A 262 -23.87 -26.76 -24.72
CA LYS A 262 -24.37 -28.02 -25.31
C LYS A 262 -24.18 -29.24 -24.39
N ARG A 263 -23.73 -28.99 -23.15
CA ARG A 263 -23.54 -30.06 -22.14
C ARG A 263 -24.28 -29.71 -20.85
N LYS A 264 -25.38 -28.96 -20.90
CA LYS A 264 -26.30 -28.62 -19.82
C LYS A 264 -27.74 -28.72 -20.30
N HIS A 265 -28.65 -29.01 -19.38
CA HIS A 265 -30.09 -29.03 -19.59
C HIS A 265 -30.76 -28.23 -18.48
N VAL A 266 -31.60 -27.26 -18.81
CA VAL A 266 -32.38 -26.53 -17.80
C VAL A 266 -33.61 -27.34 -17.44
N GLN A 267 -33.67 -27.86 -16.22
CA GLN A 267 -34.81 -28.66 -15.75
C GLN A 267 -36.05 -27.79 -15.56
N TRP A 268 -35.91 -26.67 -14.85
CA TRP A 268 -37.01 -25.74 -14.58
C TRP A 268 -36.45 -24.36 -14.23
N THR A 269 -37.29 -23.34 -14.37
CA THR A 269 -37.11 -22.01 -13.77
C THR A 269 -38.42 -21.62 -13.10
N CYS A 270 -38.34 -21.08 -11.88
CA CYS A 270 -39.48 -20.70 -11.06
C CYS A 270 -39.16 -19.38 -10.36
N GLY A 271 -39.75 -18.28 -10.85
CA GLY A 271 -39.41 -16.94 -10.39
C GLY A 271 -37.91 -16.66 -10.57
N PRO A 272 -37.15 -16.35 -9.50
CA PRO A 272 -35.73 -16.07 -9.58
C PRO A 272 -34.84 -17.32 -9.67
N LEU A 273 -35.36 -18.52 -9.41
CA LEU A 273 -34.57 -19.73 -9.30
C LEU A 273 -34.60 -20.58 -10.56
N THR A 274 -33.45 -21.08 -10.96
CA THR A 274 -33.30 -22.06 -12.05
C THR A 274 -32.63 -23.31 -11.51
N SER A 275 -33.04 -24.50 -11.95
CA SER A 275 -32.30 -25.73 -11.76
C SER A 275 -31.77 -26.24 -13.09
N THR A 276 -30.46 -26.46 -13.17
CA THR A 276 -29.76 -26.91 -14.37
C THR A 276 -29.03 -28.21 -14.09
N LEU A 277 -28.87 -29.05 -15.09
CA LEU A 277 -28.30 -30.37 -15.00
C LEU A 277 -27.16 -30.51 -16.01
N TYR A 278 -25.93 -30.34 -15.56
CA TYR A 278 -24.72 -30.43 -16.37
C TYR A 278 -24.30 -31.88 -16.57
N ASP A 279 -23.91 -32.25 -17.79
CA ASP A 279 -23.34 -33.55 -18.10
C ASP A 279 -21.86 -33.59 -17.73
N LEU A 280 -21.49 -34.45 -16.77
CA LEU A 280 -20.12 -34.55 -16.30
C LEU A 280 -19.21 -35.42 -17.18
N THR A 281 -19.70 -36.04 -18.25
CA THR A 281 -18.97 -37.07 -19.00
C THR A 281 -17.52 -36.70 -19.32
N GLU A 282 -17.25 -35.53 -19.92
CA GLU A 282 -15.87 -35.11 -20.16
C GLU A 282 -15.17 -34.49 -18.95
N ILE A 283 -15.87 -33.75 -18.08
CA ILE A 283 -15.24 -33.12 -16.90
C ILE A 283 -14.71 -34.16 -15.92
N ASP A 284 -15.53 -35.14 -15.55
CA ASP A 284 -15.13 -36.14 -14.57
C ASP A 284 -14.18 -37.20 -15.16
N SER A 285 -14.26 -37.44 -16.49
CA SER A 285 -13.34 -38.31 -17.24
C SER A 285 -13.15 -39.70 -16.61
N TRP A 286 -14.25 -40.33 -16.17
CA TRP A 286 -14.20 -41.60 -15.45
C TRP A 286 -13.48 -42.71 -16.25
N GLY A 287 -12.48 -43.32 -15.63
CA GLY A 287 -11.69 -44.36 -16.30
C GLY A 287 -11.14 -43.86 -17.60
N GLU A 288 -10.50 -42.68 -17.62
CA GLU A 288 -10.05 -42.12 -18.92
C GLU A 288 -8.60 -41.63 -18.85
N GLU A 289 -7.63 -42.54 -18.73
CA GLU A 289 -6.21 -42.14 -18.81
C GLU A 289 -5.99 -40.88 -17.98
N LEU A 290 -5.37 -39.87 -18.58
CA LEU A 290 -5.25 -38.58 -17.88
C LEU A 290 -6.64 -37.97 -17.95
N SER A 291 -7.15 -37.57 -16.81
CA SER A 291 -8.53 -37.07 -16.77
C SER A 291 -8.50 -35.58 -17.00
N PHE A 292 -9.59 -35.05 -17.53
CA PHE A 292 -9.72 -33.61 -17.69
C PHE A 292 -9.22 -32.82 -16.47
N LEU A 293 -9.57 -33.23 -15.24
CA LEU A 293 -9.14 -32.50 -14.05
C LEU A 293 -7.64 -32.65 -13.78
N GLU A 294 -7.01 -33.79 -14.11
CA GLU A 294 -5.54 -33.90 -14.08
C GLU A 294 -4.88 -32.97 -15.09
N LEU A 295 -5.41 -32.95 -16.32
CA LEU A 295 -4.91 -32.12 -17.41
C LEU A 295 -4.99 -30.63 -17.09
N VAL A 296 -6.06 -30.17 -16.44
CA VAL A 296 -6.18 -28.77 -16.00
C VAL A 296 -5.19 -28.45 -14.88
N VAL A 297 -5.16 -29.21 -13.77
CA VAL A 297 -4.31 -28.85 -12.62
C VAL A 297 -2.81 -29.02 -12.89
N SER A 298 -2.42 -29.95 -13.78
CA SER A 298 -1.01 -30.15 -14.17
C SER A 298 -0.59 -29.35 -15.40
N SER A 299 -1.46 -28.51 -15.99
CA SER A 299 -1.08 -27.66 -17.12
C SER A 299 -0.06 -26.60 -16.68
N LYS A 300 0.96 -26.36 -17.52
CA LYS A 300 1.94 -25.28 -17.33
C LYS A 300 1.39 -23.87 -17.59
N LYS A 301 0.25 -23.75 -18.28
CA LYS A 301 -0.38 -22.48 -18.64
C LYS A 301 -1.03 -21.85 -17.40
N ARG A 302 -0.59 -20.66 -16.96
CA ARG A 302 -1.15 -20.04 -15.74
C ARG A 302 -2.62 -19.64 -15.84
N GLU A 303 -3.19 -19.61 -17.05
CA GLU A 303 -4.63 -19.44 -17.27
C GLU A 303 -5.44 -20.73 -16.98
N ALA A 304 -4.85 -21.92 -17.01
CA ALA A 304 -5.58 -23.18 -16.84
C ALA A 304 -6.30 -23.27 -15.50
N ARG A 305 -5.76 -22.63 -14.47
CA ARG A 305 -6.35 -22.71 -13.11
C ARG A 305 -7.67 -21.95 -13.06
N GLN A 306 -7.94 -21.07 -14.00
CA GLN A 306 -9.23 -20.36 -14.09
C GLN A 306 -10.38 -21.26 -14.54
N ILE A 307 -10.12 -22.37 -15.24
CA ILE A 307 -11.15 -23.35 -15.61
C ILE A 307 -11.81 -23.96 -14.36
N LEU A 308 -11.05 -24.05 -13.27
CA LEU A 308 -11.50 -24.60 -11.99
C LEU A 308 -12.53 -23.72 -11.28
N GLU A 309 -12.72 -22.47 -11.72
CA GLU A 309 -13.72 -21.54 -11.22
C GLU A 309 -15.04 -21.58 -12.02
N GLN A 310 -15.12 -22.33 -13.13
CA GLN A 310 -16.28 -22.40 -14.00
C GLN A 310 -17.38 -23.30 -13.40
N THR A 311 -18.66 -22.99 -13.62
CA THR A 311 -19.78 -23.49 -12.78
C THR A 311 -19.80 -25.00 -12.50
N PRO A 312 -19.82 -25.92 -13.50
CA PRO A 312 -19.87 -27.34 -13.20
C PRO A 312 -18.56 -27.85 -12.60
N VAL A 313 -17.40 -27.31 -12.97
CA VAL A 313 -16.11 -27.70 -12.42
C VAL A 313 -15.98 -27.26 -10.96
N LYS A 314 -16.28 -26.00 -10.65
CA LYS A 314 -16.21 -25.44 -9.29
C LYS A 314 -17.10 -26.18 -8.32
N GLU A 315 -18.28 -26.57 -8.76
CA GLU A 315 -19.24 -27.22 -7.84
C GLU A 315 -18.87 -28.68 -7.69
N LEU A 316 -18.32 -29.28 -8.73
CA LEU A 316 -17.86 -30.66 -8.64
C LEU A 316 -16.64 -30.83 -7.75
N VAL A 317 -15.58 -30.05 -7.98
CA VAL A 317 -14.35 -30.15 -7.17
C VAL A 317 -14.57 -29.69 -5.73
N SER A 318 -15.47 -28.72 -5.51
CA SER A 318 -15.93 -28.35 -4.17
C SER A 318 -16.65 -29.50 -3.47
N PHE A 319 -17.55 -30.21 -4.14
CA PHE A 319 -18.23 -31.39 -3.59
C PHE A 319 -17.24 -32.49 -3.23
N LYS A 320 -16.37 -32.88 -4.17
CA LYS A 320 -15.33 -33.91 -3.96
C LYS A 320 -14.44 -33.57 -2.78
N TRP A 321 -14.02 -32.31 -2.64
CA TRP A 321 -13.19 -31.89 -1.52
C TRP A 321 -13.94 -31.97 -0.20
N LYS A 322 -15.11 -31.34 -0.06
CA LYS A 322 -15.82 -31.31 1.22
C LYS A 322 -16.28 -32.69 1.69
N LYS A 323 -16.70 -33.59 0.80
CA LYS A 323 -17.25 -34.91 1.16
C LYS A 323 -16.19 -35.99 1.37
N TYR A 324 -15.10 -35.99 0.60
CA TYR A 324 -14.10 -37.06 0.63
C TYR A 324 -12.68 -36.55 0.77
N GLY A 325 -12.30 -35.49 0.05
CA GLY A 325 -10.94 -34.98 0.06
C GLY A 325 -10.50 -34.47 1.43
N ARG A 326 -11.29 -33.64 2.10
CA ARG A 326 -10.84 -33.02 3.37
C ARG A 326 -10.77 -34.10 4.44
N PRO A 327 -11.78 -34.96 4.67
CA PRO A 327 -11.66 -36.06 5.62
C PRO A 327 -10.39 -36.90 5.42
N TYR A 328 -10.11 -37.37 4.22
CA TYR A 328 -8.96 -38.23 3.98
C TYR A 328 -7.64 -37.48 4.07
N PHE A 329 -7.58 -36.21 3.70
CA PHE A 329 -6.37 -35.40 3.87
C PHE A 329 -6.08 -35.11 5.34
N CYS A 330 -7.09 -34.88 6.18
CA CYS A 330 -6.91 -34.78 7.63
C CYS A 330 -6.45 -36.09 8.27
N VAL A 331 -6.90 -37.25 7.78
CA VAL A 331 -6.38 -38.54 8.22
C VAL A 331 -4.91 -38.71 7.82
N LEU A 332 -4.54 -38.51 6.56
CA LEU A 332 -3.16 -38.64 6.09
C LEU A 332 -2.22 -37.63 6.77
N ALA A 333 -2.65 -36.39 6.99
CA ALA A 333 -1.91 -35.39 7.75
C ALA A 333 -1.64 -35.84 9.20
N SER A 334 -2.65 -36.40 9.87
CA SER A 334 -2.53 -36.92 11.22
C SER A 334 -1.60 -38.15 11.29
N LEU A 335 -1.74 -39.10 10.38
CA LEU A 335 -0.87 -40.28 10.30
C LEU A 335 0.57 -39.89 9.99
N TYR A 336 0.81 -38.90 9.12
CA TYR A 336 2.16 -38.45 8.84
C TYR A 336 2.80 -37.75 10.04
N ILE A 337 2.06 -36.93 10.79
CA ILE A 337 2.57 -36.34 12.03
C ILE A 337 2.90 -37.41 13.08
N LEU A 338 2.08 -38.45 13.26
CA LEU A 338 2.43 -39.57 14.14
C LEU A 338 3.66 -40.35 13.67
N TYR A 339 3.83 -40.53 12.37
CA TYR A 339 5.05 -41.09 11.80
C TYR A 339 6.29 -40.23 12.06
N MET A 340 6.20 -38.90 11.94
CA MET A 340 7.30 -38.01 12.31
C MET A 340 7.60 -37.97 13.80
N ILE A 341 6.59 -38.09 14.68
CA ILE A 341 6.79 -38.28 16.12
C ILE A 341 7.50 -39.60 16.41
N CYS A 342 7.16 -40.68 15.70
CA CYS A 342 7.82 -41.97 15.84
C CYS A 342 9.29 -41.91 15.42
N PHE A 343 9.59 -41.37 14.22
CA PHE A 343 10.96 -41.17 13.77
C PHE A 343 11.76 -40.28 14.72
N THR A 344 11.20 -39.16 15.16
CA THR A 344 11.86 -38.24 16.10
C THR A 344 12.23 -38.96 17.38
N THR A 345 11.31 -39.73 17.96
CA THR A 345 11.56 -40.53 19.16
C THR A 345 12.70 -41.53 18.97
N CYS A 346 12.84 -42.14 17.80
CA CYS A 346 13.97 -43.03 17.49
C CYS A 346 15.32 -42.30 17.42
N CYS A 347 15.33 -41.00 17.13
CA CYS A 347 16.50 -40.14 17.20
C CYS A 347 16.80 -39.65 18.63
N ILE A 348 15.77 -39.31 19.43
CA ILE A 348 15.97 -38.91 20.83
C ILE A 348 16.53 -40.09 21.66
N TYR A 349 16.04 -41.31 21.42
CA TYR A 349 16.50 -42.54 22.09
C TYR A 349 17.58 -43.31 21.32
N ARG A 350 18.26 -42.66 20.37
CA ARG A 350 19.38 -43.21 19.56
C ARG A 350 20.46 -43.88 20.43
N PRO A 351 21.01 -45.05 20.04
CA PRO A 351 21.90 -45.84 20.89
C PRO A 351 23.34 -45.30 20.96
N LEU A 352 23.76 -44.84 22.13
CA LEU A 352 25.08 -44.24 22.42
C LEU A 352 25.70 -44.81 23.70
N LYS A 353 27.04 -44.88 23.75
CA LYS A 353 27.84 -45.37 24.89
C LYS A 353 28.97 -44.41 25.25
N LEU A 354 29.54 -44.51 26.45
CA LEU A 354 30.71 -43.70 26.84
C LEU A 354 31.90 -43.98 25.92
N ARG A 355 32.49 -42.90 25.44
CA ARG A 355 33.63 -43.01 24.53
C ARG A 355 34.76 -43.81 25.16
N ASP A 356 35.51 -44.54 24.36
CA ASP A 356 36.69 -45.30 24.76
C ASP A 356 37.98 -44.46 24.73
N ASP A 357 38.16 -43.65 23.68
CA ASP A 357 39.32 -42.76 23.50
C ASP A 357 39.27 -41.51 24.41
N ASN A 358 40.37 -41.19 25.09
CA ASN A 358 40.45 -40.07 26.04
C ASN A 358 40.47 -38.69 25.34
N ARG A 359 39.92 -37.70 26.06
CA ARG A 359 39.93 -36.30 25.55
C ARG A 359 41.29 -35.69 25.89
N THR A 360 42.32 -35.99 25.10
CA THR A 360 43.69 -35.45 25.23
C THR A 360 43.82 -34.02 24.73
N ASP A 361 43.09 -33.64 23.68
CA ASP A 361 42.96 -32.26 23.20
C ASP A 361 42.05 -31.45 24.14
N PRO A 362 42.51 -30.35 24.77
CA PRO A 362 41.69 -29.58 25.71
C PRO A 362 40.45 -28.94 25.07
N ARG A 363 40.43 -28.78 23.74
CA ARG A 363 39.30 -28.23 23.00
C ARG A 363 38.26 -29.28 22.58
N ASP A 364 38.49 -30.57 22.87
CA ASP A 364 37.56 -31.68 22.60
C ASP A 364 36.48 -31.82 23.68
N ILE A 365 35.21 -31.88 23.26
CA ILE A 365 34.03 -32.04 24.13
C ILE A 365 33.21 -33.30 23.85
N THR A 366 33.63 -34.19 22.96
CA THR A 366 32.87 -35.42 22.73
C THR A 366 33.08 -36.40 23.88
N ILE A 367 31.98 -36.88 24.47
CA ILE A 367 31.97 -37.82 25.60
C ILE A 367 31.25 -39.14 25.32
N LEU A 368 30.37 -39.17 24.31
CA LEU A 368 29.57 -40.33 23.94
C LEU A 368 29.79 -40.68 22.46
N GLN A 369 29.58 -41.94 22.12
CA GLN A 369 29.99 -42.58 20.87
C GLN A 369 28.88 -43.55 20.42
N GLN A 370 28.76 -43.87 19.13
CA GLN A 370 27.78 -44.86 18.68
C GLN A 370 28.01 -46.25 19.30
N LYS A 371 26.94 -46.92 19.70
CA LYS A 371 26.96 -48.37 19.93
C LYS A 371 27.07 -49.13 18.62
N LEU A 372 27.86 -50.20 18.58
CA LEU A 372 27.89 -51.13 17.45
C LEU A 372 26.57 -51.93 17.40
N LEU A 373 26.18 -52.46 16.24
CA LEU A 373 24.93 -53.20 16.03
C LEU A 373 24.75 -54.33 17.06
N GLN A 374 25.82 -55.09 17.32
CA GLN A 374 25.88 -56.19 18.28
C GLN A 374 25.74 -55.79 19.77
N GLU A 375 25.69 -54.49 20.10
CA GLU A 375 25.47 -53.97 21.46
C GLU A 375 24.36 -52.89 21.52
N ALA A 376 23.89 -52.38 20.37
CA ALA A 376 22.81 -51.42 20.25
C ALA A 376 21.40 -51.99 20.49
N TYR A 377 21.25 -53.32 20.59
CA TYR A 377 19.96 -54.02 20.72
C TYR A 377 20.02 -55.09 21.81
N VAL A 378 19.94 -54.68 23.08
CA VAL A 378 20.10 -55.56 24.25
C VAL A 378 18.97 -55.41 25.26
N THR A 379 18.58 -54.19 25.63
CA THR A 379 17.53 -53.97 26.64
C THR A 379 16.12 -54.01 26.05
N HIS A 380 15.09 -54.04 26.91
CA HIS A 380 13.69 -53.92 26.49
C HIS A 380 13.45 -52.63 25.71
N GLN A 381 13.99 -51.50 26.18
CA GLN A 381 13.90 -50.21 25.50
C GLN A 381 14.56 -50.23 24.11
N ASP A 382 15.64 -50.98 23.91
CA ASP A 382 16.21 -51.15 22.57
C ASP A 382 15.27 -51.91 21.63
N ASN A 383 14.55 -52.92 22.13
CA ASN A 383 13.57 -53.64 21.33
C ASN A 383 12.31 -52.80 21.04
N ILE A 384 11.86 -51.95 21.97
CA ILE A 384 10.82 -50.94 21.70
C ILE A 384 11.29 -49.99 20.60
N ARG A 385 12.53 -49.50 20.68
CA ARG A 385 13.11 -48.63 19.66
C ARG A 385 13.27 -49.34 18.32
N LEU A 386 13.60 -50.62 18.27
CA LEU A 386 13.64 -51.40 17.02
C LEU A 386 12.28 -51.41 16.32
N VAL A 387 11.16 -51.47 17.05
CA VAL A 387 9.82 -51.35 16.45
C VAL A 387 9.63 -49.95 15.85
N GLY A 388 9.97 -48.89 16.56
CA GLY A 388 9.89 -47.52 16.03
C GLY A 388 10.81 -47.28 14.83
N GLU A 389 11.99 -47.91 14.80
CA GLU A 389 12.92 -47.87 13.68
C GLU A 389 12.40 -48.66 12.48
N LEU A 390 11.81 -49.84 12.67
CA LEU A 390 11.19 -50.60 11.59
C LEU A 390 9.94 -49.90 11.03
N VAL A 391 9.13 -49.24 11.86
CA VAL A 391 8.06 -48.33 11.40
C VAL A 391 8.66 -47.16 10.63
N THR A 392 9.75 -46.55 11.10
CA THR A 392 10.45 -45.47 10.41
C THR A 392 10.91 -45.89 9.01
N VAL A 393 11.59 -47.02 8.88
CA VAL A 393 12.07 -47.57 7.61
C VAL A 393 10.92 -47.97 6.69
N THR A 394 9.88 -48.61 7.23
CA THR A 394 8.67 -48.99 6.48
C THR A 394 8.00 -47.78 5.85
N GLY A 395 7.84 -46.68 6.59
CA GLY A 395 7.30 -45.44 6.02
C GLY A 395 8.19 -44.84 4.95
N ALA A 396 9.52 -44.90 5.07
CA ALA A 396 10.43 -44.43 4.04
C ALA A 396 10.35 -45.26 2.74
N VAL A 397 10.20 -46.59 2.84
CA VAL A 397 9.93 -47.43 1.67
C VAL A 397 8.59 -47.06 1.03
N ILE A 398 7.51 -47.01 1.81
CA ILE A 398 6.17 -46.62 1.33
C ILE A 398 6.18 -45.25 0.64
N ILE A 399 6.91 -44.25 1.17
CA ILE A 399 7.08 -42.96 0.50
C ILE A 399 7.65 -43.14 -0.92
N LEU A 400 8.69 -43.94 -1.10
CA LEU A 400 9.24 -44.17 -2.45
C LEU A 400 8.29 -44.98 -3.34
N LEU A 401 7.52 -45.93 -2.79
CA LEU A 401 6.48 -46.63 -3.54
C LEU A 401 5.33 -45.71 -3.99
N LEU A 402 5.00 -44.66 -3.23
CA LEU A 402 4.01 -43.66 -3.62
C LEU A 402 4.59 -42.60 -4.58
N GLU A 403 5.80 -42.12 -4.32
CA GLU A 403 6.43 -41.03 -5.07
C GLU A 403 6.98 -41.46 -6.43
N ILE A 404 7.78 -42.53 -6.50
CA ILE A 404 8.53 -42.85 -7.73
C ILE A 404 7.62 -43.09 -8.96
N PRO A 405 6.51 -43.84 -8.87
CA PRO A 405 5.60 -43.99 -10.01
C PRO A 405 5.01 -42.68 -10.51
N ASP A 406 4.70 -41.72 -9.64
CA ASP A 406 4.14 -40.43 -10.05
C ASP A 406 5.14 -39.58 -10.84
N ILE A 407 6.45 -39.73 -10.60
CA ILE A 407 7.49 -39.09 -11.42
C ILE A 407 7.30 -39.50 -12.88
N PHE A 408 7.09 -40.80 -13.13
CA PHE A 408 6.96 -41.35 -14.47
C PHE A 408 5.63 -41.00 -15.14
N ARG A 409 4.57 -40.80 -14.39
CA ARG A 409 3.30 -40.38 -15.01
C ARG A 409 3.37 -38.92 -15.42
N VAL A 410 3.77 -38.03 -14.52
CA VAL A 410 3.72 -36.58 -14.76
C VAL A 410 4.92 -36.08 -15.58
N GLY A 411 6.05 -36.79 -15.51
CA GLY A 411 7.35 -36.38 -16.07
C GLY A 411 8.13 -35.53 -15.06
N ALA A 412 9.39 -35.86 -14.79
CA ALA A 412 10.15 -35.31 -13.66
C ALA A 412 10.22 -33.77 -13.63
N SER A 413 10.45 -33.15 -14.78
CA SER A 413 10.54 -31.70 -14.96
C SER A 413 9.27 -30.97 -14.51
N ARG A 414 8.14 -31.66 -14.61
CA ARG A 414 6.84 -31.06 -14.23
C ARG A 414 6.44 -31.53 -12.83
N TYR A 415 6.77 -32.76 -12.49
CA TYR A 415 6.45 -33.32 -11.18
C TYR A 415 7.11 -32.52 -10.04
N PHE A 416 8.41 -32.26 -10.13
CA PHE A 416 9.13 -31.44 -9.14
C PHE A 416 8.99 -29.92 -9.38
N GLY A 417 8.60 -29.50 -10.57
CA GLY A 417 8.50 -28.08 -10.93
C GLY A 417 7.20 -27.41 -10.50
N GLN A 418 6.06 -28.08 -10.64
CA GLN A 418 4.74 -27.45 -10.46
C GLN A 418 4.40 -27.21 -8.98
N THR A 419 4.21 -25.94 -8.59
CA THR A 419 3.72 -25.53 -7.26
C THR A 419 2.40 -26.22 -6.91
N ILE A 420 1.46 -26.23 -7.86
CA ILE A 420 0.10 -26.77 -7.67
C ILE A 420 0.09 -28.26 -7.30
N LEU A 421 0.96 -29.06 -7.91
CA LEU A 421 1.07 -30.50 -7.62
C LEU A 421 1.84 -30.79 -6.32
N GLY A 422 2.61 -29.84 -5.80
CA GLY A 422 3.46 -30.02 -4.61
C GLY A 422 4.94 -30.22 -4.89
N GLY A 423 5.45 -29.78 -6.05
CA GLY A 423 6.81 -30.05 -6.53
C GLY A 423 7.95 -29.97 -5.51
N PRO A 424 8.16 -28.88 -4.76
CA PRO A 424 9.22 -28.80 -3.75
C PRO A 424 9.06 -29.80 -2.61
N PHE A 425 7.84 -30.14 -2.22
CA PHE A 425 7.60 -31.16 -1.20
C PHE A 425 7.91 -32.56 -1.70
N HIS A 426 7.71 -32.85 -2.98
CA HIS A 426 8.11 -34.13 -3.57
C HIS A 426 9.63 -34.30 -3.58
N VAL A 427 10.39 -33.23 -3.78
CA VAL A 427 11.85 -33.28 -3.62
C VAL A 427 12.24 -33.60 -2.18
N ILE A 428 11.75 -32.84 -1.19
CA ILE A 428 12.22 -33.03 0.18
C ILE A 428 11.67 -34.29 0.85
N ILE A 429 10.50 -34.81 0.47
CA ILE A 429 10.02 -36.10 0.98
C ILE A 429 10.80 -37.30 0.40
N ILE A 430 11.18 -37.27 -0.88
CA ILE A 430 12.07 -38.29 -1.47
C ILE A 430 13.46 -38.21 -0.84
N THR A 431 13.95 -37.00 -0.57
CA THR A 431 15.24 -36.80 0.11
C THR A 431 15.19 -37.33 1.54
N TYR A 432 14.16 -37.02 2.31
CA TYR A 432 13.98 -37.61 3.66
C TYR A 432 14.01 -39.14 3.52
N ALA A 433 13.15 -39.74 2.71
CA ALA A 433 13.11 -41.21 2.61
C ALA A 433 14.46 -41.80 2.24
N SER A 434 15.23 -41.15 1.35
CA SER A 434 16.58 -41.56 1.00
C SER A 434 17.55 -41.47 2.17
N LEU A 435 17.50 -40.40 2.97
CA LEU A 435 18.35 -40.22 4.16
C LEU A 435 18.04 -41.25 5.26
N VAL A 436 16.79 -41.65 5.42
CA VAL A 436 16.41 -42.74 6.33
C VAL A 436 16.98 -44.08 5.87
N LEU A 437 16.85 -44.43 4.59
CA LEU A 437 17.38 -45.68 4.05
C LEU A 437 18.92 -45.71 4.02
N LEU A 438 19.58 -44.57 3.79
CA LEU A 438 21.01 -44.40 4.02
C LEU A 438 21.38 -44.70 5.48
N THR A 439 20.64 -44.13 6.44
CA THR A 439 20.91 -44.33 7.86
C THR A 439 20.69 -45.79 8.28
N MET A 440 19.70 -46.48 7.72
CA MET A 440 19.52 -47.91 7.92
C MET A 440 20.76 -48.70 7.49
N VAL A 441 21.32 -48.43 6.30
CA VAL A 441 22.56 -49.06 5.86
C VAL A 441 23.73 -48.72 6.80
N MET A 442 23.90 -47.46 7.22
CA MET A 442 24.93 -47.10 8.20
C MET A 442 24.80 -47.87 9.52
N ARG A 443 23.57 -48.02 10.05
CA ARG A 443 23.30 -48.79 11.27
C ARG A 443 23.72 -50.25 11.11
N LEU A 444 23.41 -50.84 9.97
CA LEU A 444 23.73 -52.25 9.67
C LEU A 444 25.22 -52.48 9.44
N THR A 445 25.94 -51.53 8.82
CA THR A 445 27.38 -51.64 8.52
C THR A 445 28.29 -50.99 9.57
N ASN A 446 27.78 -50.71 10.78
CA ASN A 446 28.55 -50.10 11.89
C ASN A 446 29.24 -48.77 11.53
N MET A 447 28.69 -48.00 10.59
CA MET A 447 29.33 -46.79 10.08
C MET A 447 29.15 -45.61 11.05
N ASN A 448 30.25 -44.98 11.48
CA ASN A 448 30.20 -43.81 12.34
C ASN A 448 29.69 -42.57 11.58
N GLY A 449 28.87 -41.74 12.21
CA GLY A 449 28.40 -40.46 11.65
C GLY A 449 26.91 -40.38 11.37
N GLU A 450 26.05 -41.19 12.01
CA GLU A 450 24.59 -41.17 11.79
C GLU A 450 23.95 -39.81 12.12
N VAL A 451 24.59 -38.97 12.92
CA VAL A 451 24.16 -37.58 13.20
C VAL A 451 23.95 -36.79 11.91
N VAL A 452 24.76 -37.01 10.88
CA VAL A 452 24.70 -36.26 9.62
C VAL A 452 23.38 -36.54 8.88
N PRO A 453 23.09 -37.76 8.40
CA PRO A 453 21.84 -38.00 7.71
C PRO A 453 20.61 -37.88 8.60
N LEU A 454 20.69 -38.20 9.90
CA LEU A 454 19.57 -37.99 10.82
C LEU A 454 19.27 -36.51 11.05
N SER A 455 20.26 -35.62 11.16
CA SER A 455 19.97 -34.20 11.33
C SER A 455 19.30 -33.63 10.09
N PHE A 456 19.75 -34.00 8.89
CA PHE A 456 19.07 -33.62 7.65
C PHE A 456 17.66 -34.23 7.55
N ALA A 457 17.48 -35.51 7.87
CA ALA A 457 16.19 -36.17 7.82
C ALA A 457 15.20 -35.59 8.84
N LEU A 458 15.65 -35.16 10.03
CA LEU A 458 14.79 -34.51 11.01
C LEU A 458 14.30 -33.15 10.53
N VAL A 459 15.18 -32.34 9.94
CA VAL A 459 14.80 -31.04 9.36
C VAL A 459 13.88 -31.25 8.16
N LEU A 460 14.26 -32.02 7.14
CA LEU A 460 13.46 -32.22 5.95
C LEU A 460 12.16 -32.99 6.24
N GLY A 461 12.19 -33.97 7.13
CA GLY A 461 11.03 -34.75 7.52
C GLY A 461 9.97 -33.88 8.19
N TRP A 462 10.33 -33.08 9.19
CA TRP A 462 9.40 -32.14 9.79
C TRP A 462 8.98 -31.02 8.85
N CYS A 463 9.89 -30.36 8.11
CA CYS A 463 9.49 -29.33 7.15
C CYS A 463 8.54 -29.86 6.07
N SER A 464 8.61 -31.14 5.68
CA SER A 464 7.65 -31.73 4.75
C SER A 464 6.24 -31.92 5.33
N VAL A 465 6.03 -31.76 6.65
CA VAL A 465 4.67 -31.64 7.22
C VAL A 465 3.93 -30.44 6.65
N MET A 466 4.64 -29.38 6.21
CA MET A 466 4.03 -28.26 5.51
C MET A 466 3.39 -28.64 4.17
N TYR A 467 3.63 -29.83 3.61
CA TYR A 467 2.86 -30.31 2.47
C TYR A 467 1.36 -30.32 2.78
N PHE A 468 0.99 -30.74 3.99
CA PHE A 468 -0.40 -30.84 4.42
C PHE A 468 -1.05 -29.49 4.73
N ALA A 469 -0.32 -28.39 4.74
CA ALA A 469 -0.88 -27.06 4.94
C ALA A 469 -1.89 -26.67 3.88
N ARG A 470 -1.84 -27.28 2.70
CA ARG A 470 -2.73 -26.97 1.56
C ARG A 470 -4.18 -27.38 1.79
N GLY A 471 -4.45 -28.23 2.75
CA GLY A 471 -5.81 -28.63 3.08
C GLY A 471 -6.58 -27.62 3.92
N PHE A 472 -5.89 -26.64 4.52
CA PHE A 472 -6.45 -25.75 5.52
C PHE A 472 -6.39 -24.31 5.03
N GLN A 473 -7.53 -23.63 4.97
CA GLN A 473 -7.60 -22.26 4.43
C GLN A 473 -6.73 -21.27 5.20
N MET A 474 -6.49 -21.52 6.49
CA MET A 474 -5.63 -20.70 7.35
C MET A 474 -4.14 -20.79 6.95
N LEU A 475 -3.62 -22.01 6.77
CA LEU A 475 -2.21 -22.31 6.55
C LEU A 475 -1.81 -22.33 5.07
N GLY A 476 -2.73 -22.68 4.17
CA GLY A 476 -2.46 -22.98 2.76
C GLY A 476 -1.91 -21.81 1.96
N PRO A 477 -2.60 -20.65 1.91
CA PRO A 477 -2.10 -19.46 1.24
C PRO A 477 -0.78 -18.96 1.81
N PHE A 478 -0.59 -19.02 3.12
CA PHE A 478 0.67 -18.65 3.77
C PHE A 478 1.84 -19.55 3.39
N THR A 479 1.62 -20.84 3.21
CA THR A 479 2.66 -21.77 2.73
C THR A 479 3.08 -21.49 1.28
N ILE A 480 2.20 -20.93 0.46
CA ILE A 480 2.56 -20.41 -0.87
C ILE A 480 3.39 -19.13 -0.76
N MET A 481 3.10 -18.20 0.16
CA MET A 481 4.01 -17.07 0.39
C MET A 481 5.39 -17.54 0.83
N ILE A 482 5.51 -18.50 1.74
CA ILE A 482 6.82 -19.04 2.14
C ILE A 482 7.59 -19.52 0.90
N GLN A 483 6.96 -20.27 0.00
CA GLN A 483 7.58 -20.73 -1.24
C GLN A 483 7.98 -19.59 -2.18
N LYS A 484 7.08 -18.63 -2.44
CA LYS A 484 7.33 -17.50 -3.35
C LYS A 484 8.32 -16.50 -2.78
N MET A 485 8.46 -16.39 -1.47
CA MET A 485 9.53 -15.63 -0.82
C MET A 485 10.87 -16.37 -0.81
N ILE A 486 10.90 -17.69 -0.65
CA ILE A 486 12.14 -18.47 -0.73
C ILE A 486 12.78 -18.34 -2.11
N PHE A 487 12.06 -18.68 -3.18
CA PHE A 487 12.63 -18.68 -4.54
C PHE A 487 12.69 -17.28 -5.17
N GLY A 488 12.09 -16.28 -4.53
CA GLY A 488 12.14 -14.87 -4.93
C GLY A 488 13.07 -14.04 -4.04
N ASP A 489 12.49 -13.35 -3.06
CA ASP A 489 13.20 -12.35 -2.25
C ASP A 489 14.36 -12.92 -1.43
N LEU A 490 14.21 -14.09 -0.82
CA LEU A 490 15.30 -14.71 -0.06
C LEU A 490 16.47 -15.08 -0.98
N MET A 491 16.22 -15.52 -2.21
CA MET A 491 17.27 -15.81 -3.19
C MET A 491 18.06 -14.56 -3.57
N ARG A 492 17.42 -13.49 -4.03
CA ARG A 492 18.13 -12.25 -4.38
C ARG A 492 18.88 -11.74 -3.16
N PHE A 493 18.26 -11.73 -2.00
CA PHE A 493 18.91 -11.23 -0.79
C PHE A 493 20.16 -12.02 -0.47
N CYS A 494 20.09 -13.36 -0.48
CA CYS A 494 21.25 -14.19 -0.15
C CYS A 494 22.42 -14.01 -1.11
N TRP A 495 22.20 -13.72 -2.40
CA TRP A 495 23.29 -13.40 -3.32
C TRP A 495 24.05 -12.13 -2.95
N LEU A 496 23.38 -11.06 -2.56
CA LEU A 496 24.06 -9.81 -2.20
C LEU A 496 24.55 -9.81 -0.75
N MET A 497 23.83 -10.45 0.17
CA MET A 497 24.25 -10.74 1.53
C MET A 497 25.57 -11.53 1.56
N ALA A 498 25.72 -12.55 0.70
CA ALA A 498 26.97 -13.33 0.60
C ALA A 498 28.16 -12.46 0.21
N VAL A 499 27.99 -11.51 -0.70
CA VAL A 499 29.04 -10.56 -1.10
C VAL A 499 29.46 -9.64 0.05
N VAL A 500 28.51 -9.12 0.85
CA VAL A 500 28.82 -8.34 2.05
C VAL A 500 29.55 -9.20 3.09
N ILE A 501 29.09 -10.41 3.36
CA ILE A 501 29.72 -11.31 4.34
C ILE A 501 31.14 -11.69 3.93
N LEU A 502 31.44 -11.94 2.65
CA LEU A 502 32.81 -12.24 2.21
C LEU A 502 33.75 -11.05 2.37
N GLY A 503 33.30 -9.83 2.09
CA GLY A 503 34.10 -8.63 2.32
C GLY A 503 34.43 -8.42 3.79
N PHE A 504 33.40 -8.39 4.63
CA PHE A 504 33.56 -8.12 6.05
C PHE A 504 34.19 -9.25 6.84
N ALA A 505 33.91 -10.53 6.57
CA ALA A 505 34.56 -11.63 7.25
C ALA A 505 36.07 -11.64 7.02
N SER A 506 36.50 -11.24 5.82
CA SER A 506 37.91 -11.11 5.49
C SER A 506 38.57 -9.93 6.18
N ALA A 507 37.91 -8.76 6.22
CA ALA A 507 38.41 -7.61 6.97
C ALA A 507 38.49 -7.88 8.47
N PHE A 508 37.47 -8.52 9.07
CA PHE A 508 37.51 -8.92 10.47
C PHE A 508 38.58 -9.96 10.75
N HIS A 509 38.71 -11.02 9.93
CA HIS A 509 39.78 -11.99 10.15
C HIS A 509 41.14 -11.32 10.12
N ILE A 510 41.49 -10.55 9.09
CA ILE A 510 42.82 -9.95 9.05
C ILE A 510 43.05 -8.89 10.12
N THR A 511 42.01 -8.20 10.58
CA THR A 511 42.09 -7.32 11.74
C THR A 511 42.52 -8.08 13.01
N PHE A 512 42.01 -9.30 13.20
CA PHE A 512 42.29 -10.10 14.39
C PHE A 512 43.47 -11.08 14.27
N GLN A 513 44.03 -11.34 13.09
CA GLN A 513 45.19 -12.23 12.93
C GLN A 513 46.36 -11.91 13.87
N THR A 514 46.64 -10.62 14.10
CA THR A 514 47.74 -10.17 14.95
C THR A 514 47.45 -10.27 16.45
N GLU A 515 46.20 -10.44 16.86
CA GLU A 515 45.74 -10.41 18.24
C GLU A 515 45.57 -11.80 18.84
N ASP A 516 45.55 -11.90 20.16
CA ASP A 516 45.43 -13.16 20.91
C ASP A 516 44.05 -13.80 20.76
N PRO A 517 43.93 -15.03 20.20
CA PRO A 517 42.65 -15.70 19.99
C PRO A 517 41.83 -15.93 21.26
N ASN A 518 42.48 -16.00 22.42
CA ASN A 518 41.80 -16.27 23.69
C ASN A 518 40.99 -15.08 24.20
N ASN A 519 41.26 -13.86 23.71
CA ASN A 519 40.59 -12.65 24.15
C ASN A 519 39.39 -12.25 23.26
N LEU A 520 39.41 -12.58 21.97
CA LEU A 520 38.26 -12.43 21.07
C LEU A 520 38.32 -13.52 19.98
N GLY A 521 37.58 -14.61 20.20
CA GLY A 521 37.68 -15.84 19.41
C GLY A 521 36.82 -15.88 18.14
N GLU A 522 35.87 -14.95 17.99
CA GLU A 522 34.88 -14.90 16.91
C GLU A 522 35.48 -14.90 15.51
N PHE A 523 36.68 -14.34 15.33
CA PHE A 523 37.34 -14.20 14.03
C PHE A 523 38.70 -14.91 13.99
N SER A 524 38.89 -15.93 14.84
CA SER A 524 40.20 -16.57 15.08
C SER A 524 40.73 -17.42 13.93
N ASP A 525 39.87 -17.90 13.02
CA ASP A 525 40.25 -18.46 11.73
C ASP A 525 39.18 -18.14 10.68
N TYR A 526 39.49 -18.29 9.39
CA TYR A 526 38.60 -17.82 8.34
C TYR A 526 37.21 -18.49 8.35
N PRO A 527 37.07 -19.82 8.53
CA PRO A 527 35.76 -20.44 8.67
C PRO A 527 34.96 -19.91 9.87
N THR A 528 35.58 -19.68 11.02
CA THR A 528 34.90 -19.06 12.17
C THR A 528 34.53 -17.62 11.86
N ALA A 529 35.40 -16.86 11.19
CA ALA A 529 35.11 -15.48 10.82
C ALA A 529 33.93 -15.35 9.86
N LEU A 530 33.81 -16.24 8.88
CA LEU A 530 32.65 -16.31 8.00
C LEU A 530 31.37 -16.59 8.78
N PHE A 531 31.37 -17.62 9.62
CA PHE A 531 30.19 -17.99 10.39
C PHE A 531 29.80 -16.88 11.39
N SER A 532 30.75 -16.33 12.14
CA SER A 532 30.49 -15.19 13.02
C SER A 532 29.98 -13.99 12.26
N THR A 533 30.52 -13.66 11.08
CA THR A 533 30.03 -12.53 10.28
C THR A 533 28.61 -12.77 9.78
N PHE A 534 28.28 -13.98 9.34
CA PHE A 534 26.92 -14.36 9.01
C PHE A 534 25.95 -14.23 10.20
N GLU A 535 26.33 -14.69 11.39
CA GLU A 535 25.53 -14.52 12.60
C GLU A 535 25.43 -13.06 13.07
N LEU A 536 26.49 -12.26 12.90
CA LEU A 536 26.47 -10.83 13.17
C LEU A 536 25.59 -10.08 12.17
N PHE A 537 25.58 -10.46 10.88
CA PHE A 537 24.70 -9.87 9.86
C PHE A 537 23.25 -9.97 10.31
N LEU A 538 22.82 -11.18 10.67
CA LEU A 538 21.43 -11.47 11.05
C LEU A 538 21.20 -11.12 12.51
N THR A 539 22.19 -10.57 13.20
CA THR A 539 22.07 -10.18 14.63
C THR A 539 21.65 -11.36 15.50
N ILE A 540 22.21 -12.53 15.29
CA ILE A 540 21.86 -13.73 16.09
C ILE A 540 23.00 -13.99 17.08
N ILE A 541 24.09 -13.24 17.03
CA ILE A 541 25.20 -13.31 18.02
C ILE A 541 25.57 -11.86 18.31
N ASP A 542 25.90 -11.52 19.56
CA ASP A 542 26.15 -10.10 19.91
C ASP A 542 27.50 -9.66 19.35
N GLY A 543 27.61 -8.39 18.98
CA GLY A 543 28.86 -7.87 18.41
C GLY A 543 30.01 -8.15 19.33
N PRO A 544 31.16 -8.61 18.85
CA PRO A 544 32.22 -8.96 19.77
C PRO A 544 32.83 -7.80 20.56
N ALA A 545 32.89 -7.88 21.89
CA ALA A 545 33.52 -6.87 22.71
C ALA A 545 34.15 -7.50 23.95
N ASN A 546 35.20 -6.88 24.47
CA ASN A 546 35.90 -7.35 25.66
C ASN A 546 36.53 -6.14 26.34
N TYR A 547 35.78 -5.47 27.21
CA TYR A 547 36.19 -4.18 27.78
C TYR A 547 37.45 -4.26 28.66
N SER A 548 37.88 -5.47 29.04
CA SER A 548 39.12 -5.73 29.75
C SER A 548 40.40 -5.60 28.89
N VAL A 549 40.31 -5.47 27.57
CA VAL A 549 41.46 -5.39 26.64
C VAL A 549 41.25 -4.38 25.51
N ASP A 550 42.34 -3.87 24.94
CA ASP A 550 42.31 -2.99 23.78
C ASP A 550 42.21 -3.78 22.47
N LEU A 551 41.02 -3.80 21.87
CA LEU A 551 40.80 -4.31 20.53
C LEU A 551 41.44 -3.39 19.48
N PRO A 552 41.71 -3.85 18.25
CA PRO A 552 42.21 -3.00 17.17
C PRO A 552 41.27 -1.83 16.87
N PHE A 553 41.79 -0.63 16.61
CA PHE A 553 40.93 0.50 16.23
C PHE A 553 40.22 0.24 14.88
N MET A 554 40.87 -0.51 13.99
CA MET A 554 40.33 -0.93 12.72
C MET A 554 39.09 -1.84 12.87
N TYR A 555 38.92 -2.46 14.02
CA TYR A 555 37.72 -3.30 14.26
C TYR A 555 36.50 -2.43 14.49
N CYS A 556 36.63 -1.39 15.31
CA CYS A 556 35.51 -0.49 15.58
C CYS A 556 35.06 0.25 14.32
N ILE A 557 36.00 0.66 13.47
CA ILE A 557 35.72 1.24 12.14
C ILE A 557 35.01 0.23 11.24
N THR A 558 35.56 -0.97 11.08
CA THR A 558 34.99 -2.02 10.22
C THR A 558 33.61 -2.47 10.72
N TYR A 559 33.42 -2.62 12.03
CA TYR A 559 32.14 -3.04 12.60
C TYR A 559 31.08 -1.94 12.58
N ALA A 560 31.44 -0.66 12.66
CA ALA A 560 30.52 0.44 12.44
C ALA A 560 29.98 0.45 11.00
N ALA A 561 30.86 0.31 10.00
CA ALA A 561 30.45 0.17 8.61
C ALA A 561 29.60 -1.09 8.38
N PHE A 562 29.99 -2.23 8.95
CA PHE A 562 29.23 -3.46 8.87
C PHE A 562 27.84 -3.33 9.47
N ALA A 563 27.71 -2.77 10.67
CA ALA A 563 26.44 -2.59 11.34
C ALA A 563 25.49 -1.67 10.55
N ILE A 564 26.00 -0.64 9.88
CA ILE A 564 25.20 0.23 9.02
C ILE A 564 24.78 -0.47 7.72
N ILE A 565 25.67 -1.20 7.04
CA ILE A 565 25.35 -1.89 5.79
C ILE A 565 24.51 -3.16 6.02
N ALA A 566 24.96 -4.07 6.86
CA ALA A 566 24.29 -5.33 7.11
C ALA A 566 23.04 -5.17 7.97
N THR A 567 23.19 -4.84 9.24
CA THR A 567 22.03 -4.77 10.15
C THR A 567 21.09 -3.59 9.84
N LEU A 568 21.57 -2.35 9.80
CA LEU A 568 20.67 -1.22 9.62
C LEU A 568 20.07 -1.22 8.22
N LEU A 569 20.87 -1.13 7.16
CA LEU A 569 20.34 -1.05 5.80
C LEU A 569 19.73 -2.37 5.34
N MET A 570 20.54 -3.40 5.08
CA MET A 570 20.08 -4.55 4.31
C MET A 570 19.07 -5.42 5.05
N LEU A 571 19.26 -5.72 6.34
CA LEU A 571 18.33 -6.56 7.08
C LEU A 571 16.93 -5.91 7.22
N ASN A 572 16.84 -4.58 7.27
CA ASN A 572 15.56 -3.86 7.24
C ASN A 572 15.00 -3.67 5.83
N LEU A 573 15.86 -3.54 4.81
CA LEU A 573 15.44 -3.52 3.42
C LEU A 573 14.89 -4.88 2.96
N PHE A 574 15.31 -5.99 3.56
CA PHE A 574 14.66 -7.28 3.35
C PHE A 574 13.20 -7.27 3.77
N ILE A 575 12.90 -6.75 4.97
CA ILE A 575 11.52 -6.58 5.47
C ILE A 575 10.73 -5.68 4.52
N ALA A 576 11.29 -4.54 4.12
CA ALA A 576 10.64 -3.61 3.21
C ALA A 576 10.32 -4.24 1.86
N MET A 577 11.23 -4.99 1.24
CA MET A 577 10.96 -5.62 -0.05
C MET A 577 10.04 -6.82 0.04
N MET A 578 10.07 -7.58 1.14
CA MET A 578 9.06 -8.62 1.40
C MET A 578 7.66 -8.01 1.55
N GLY A 579 7.49 -6.90 2.27
CA GLY A 579 6.19 -6.24 2.40
C GLY A 579 5.63 -5.80 1.05
N ASP A 580 6.48 -5.25 0.19
CA ASP A 580 6.16 -4.88 -1.18
C ASP A 580 5.78 -6.09 -2.05
N THR A 581 6.55 -7.17 -2.02
CA THR A 581 6.17 -8.43 -2.69
C THR A 581 4.88 -9.01 -2.13
N HIS A 582 4.63 -8.91 -0.82
CA HIS A 582 3.46 -9.51 -0.20
C HIS A 582 2.17 -8.92 -0.75
N TRP A 583 2.01 -7.60 -0.78
CA TRP A 583 0.77 -6.99 -1.28
C TRP A 583 0.56 -7.23 -2.77
N ARG A 584 1.62 -7.40 -3.53
CA ARG A 584 1.49 -7.56 -4.98
C ARG A 584 1.12 -9.00 -5.29
N VAL A 585 1.69 -9.96 -4.57
CA VAL A 585 1.49 -11.41 -4.81
C VAL A 585 0.22 -11.98 -4.15
N ALA A 586 -0.39 -11.28 -3.18
CA ALA A 586 -1.51 -11.76 -2.38
C ALA A 586 -2.72 -12.31 -3.17
N GLN A 587 -3.05 -11.79 -4.35
CA GLN A 587 -4.14 -12.36 -5.16
C GLN A 587 -3.75 -13.70 -5.80
N GLU A 588 -2.59 -13.78 -6.44
CA GLU A 588 -2.10 -15.02 -7.06
C GLU A 588 -1.90 -16.11 -6.02
N ARG A 589 -1.41 -15.78 -4.82
CA ARG A 589 -1.35 -16.69 -3.66
C ARG A 589 -2.68 -17.39 -3.38
N ASP A 590 -3.79 -16.66 -3.43
CA ASP A 590 -5.12 -17.23 -3.19
C ASP A 590 -5.60 -18.10 -4.35
N GLU A 591 -5.38 -17.68 -5.59
CA GLU A 591 -5.70 -18.47 -6.78
C GLU A 591 -4.89 -19.78 -6.85
N LEU A 592 -3.61 -19.72 -6.48
CA LEU A 592 -2.75 -20.89 -6.34
C LEU A 592 -3.22 -21.81 -5.20
N TRP A 593 -3.70 -21.28 -4.07
CA TRP A 593 -4.22 -22.13 -3.00
C TRP A 593 -5.45 -22.90 -3.44
N ARG A 594 -6.38 -22.27 -4.14
CA ARG A 594 -7.63 -22.96 -4.50
C ARG A 594 -7.32 -23.98 -5.57
N ALA A 595 -6.34 -23.76 -6.45
CA ALA A 595 -5.84 -24.76 -7.39
C ALA A 595 -5.09 -25.93 -6.71
N GLN A 596 -4.35 -25.71 -5.62
CA GLN A 596 -3.75 -26.78 -4.81
C GLN A 596 -4.79 -27.68 -4.15
N VAL A 597 -5.91 -27.14 -3.67
CA VAL A 597 -7.00 -27.93 -3.10
C VAL A 597 -7.62 -28.85 -4.16
N VAL A 598 -7.80 -28.36 -5.39
CA VAL A 598 -8.25 -29.19 -6.51
C VAL A 598 -7.21 -30.24 -6.88
N ALA A 599 -5.94 -29.88 -7.00
CA ALA A 599 -4.89 -30.85 -7.30
C ALA A 599 -4.77 -31.95 -6.25
N THR A 600 -4.98 -31.62 -4.97
CA THR A 600 -5.03 -32.58 -3.87
C THR A 600 -6.22 -33.51 -4.04
N THR A 601 -7.40 -32.96 -4.33
CA THR A 601 -8.64 -33.73 -4.56
C THR A 601 -8.46 -34.74 -5.69
N VAL A 602 -7.86 -34.30 -6.79
CA VAL A 602 -7.58 -35.10 -7.99
C VAL A 602 -6.53 -36.18 -7.71
N MET A 603 -5.48 -35.88 -6.95
CA MET A 603 -4.49 -36.86 -6.50
C MET A 603 -5.10 -37.92 -5.59
N LEU A 604 -5.83 -37.52 -4.55
CA LEU A 604 -6.42 -38.47 -3.61
C LEU A 604 -7.37 -39.42 -4.32
N GLU A 605 -8.25 -38.90 -5.17
CA GLU A 605 -9.17 -39.75 -5.93
C GLU A 605 -8.46 -40.72 -6.87
N ARG A 606 -7.35 -40.30 -7.49
CA ARG A 606 -6.52 -41.19 -8.33
C ARG A 606 -5.85 -42.30 -7.51
N LYS A 607 -5.20 -41.95 -6.41
CA LYS A 607 -4.31 -42.86 -5.67
C LYS A 607 -5.01 -43.74 -4.64
N MET A 608 -6.10 -43.30 -4.03
CA MET A 608 -6.83 -44.08 -3.03
C MET A 608 -7.72 -45.18 -3.64
N PRO A 609 -8.05 -46.24 -2.89
CA PRO A 609 -9.00 -47.26 -3.32
C PRO A 609 -10.37 -46.70 -3.70
N ARG A 610 -10.95 -47.18 -4.80
CA ARG A 610 -12.20 -46.57 -5.33
C ARG A 610 -13.40 -46.73 -4.39
N PHE A 611 -13.43 -47.76 -3.57
CA PHE A 611 -14.53 -47.88 -2.60
C PHE A 611 -14.60 -46.71 -1.62
N LEU A 612 -13.49 -46.01 -1.35
CA LEU A 612 -13.46 -44.79 -0.53
C LEU A 612 -13.91 -43.54 -1.29
N TRP A 613 -13.95 -43.58 -2.62
CA TRP A 613 -14.31 -42.46 -3.49
C TRP A 613 -15.50 -42.82 -4.39
N PRO A 614 -16.74 -42.91 -3.86
CA PRO A 614 -17.93 -43.12 -4.68
C PRO A 614 -18.01 -42.11 -5.82
N ARG A 615 -18.41 -42.57 -7.01
CA ARG A 615 -18.43 -41.75 -8.22
C ARG A 615 -19.30 -40.50 -8.03
N SER A 616 -18.76 -39.34 -8.37
CA SER A 616 -19.38 -38.05 -8.08
C SER A 616 -20.53 -37.70 -9.03
N GLY A 617 -21.45 -36.85 -8.57
CA GLY A 617 -22.64 -36.50 -9.34
C GLY A 617 -23.74 -37.55 -9.25
N ILE A 618 -24.72 -37.42 -10.14
CA ILE A 618 -26.00 -38.10 -10.14
C ILE A 618 -25.99 -39.12 -11.26
N CYS A 619 -26.22 -40.40 -10.98
CA CYS A 619 -26.26 -41.43 -12.02
C CYS A 619 -27.51 -41.26 -12.87
N GLY A 620 -27.36 -41.16 -14.19
CA GLY A 620 -28.49 -40.95 -15.09
C GLY A 620 -29.41 -42.15 -15.23
N TYR A 621 -28.89 -43.36 -15.07
CA TYR A 621 -29.57 -44.59 -15.48
C TYR A 621 -30.86 -44.85 -14.70
N GLU A 622 -30.83 -44.62 -13.38
CA GLU A 622 -32.01 -44.78 -12.52
C GLU A 622 -33.09 -43.70 -12.71
N TYR A 623 -32.85 -42.68 -13.55
CA TYR A 623 -33.85 -41.69 -13.98
C TYR A 623 -34.17 -41.76 -15.49
N GLY A 624 -33.69 -42.78 -16.20
CA GLY A 624 -33.91 -42.96 -17.63
C GLY A 624 -33.05 -42.09 -18.56
N LEU A 625 -32.00 -41.44 -18.03
CA LEU A 625 -31.09 -40.58 -18.80
C LEU A 625 -29.91 -41.34 -19.45
N GLY A 626 -29.93 -42.67 -19.44
CA GLY A 626 -28.85 -43.50 -19.99
C GLY A 626 -27.60 -43.56 -19.09
N ASP A 627 -26.46 -43.91 -19.69
CA ASP A 627 -25.22 -44.21 -18.97
C ASP A 627 -24.48 -42.99 -18.38
N ARG A 628 -25.00 -41.79 -18.66
CA ARG A 628 -24.27 -40.56 -18.28
C ARG A 628 -24.49 -40.15 -16.84
N TRP A 629 -23.57 -39.37 -16.29
CA TRP A 629 -23.64 -38.87 -14.92
C TRP A 629 -23.65 -37.34 -14.92
N PHE A 630 -24.42 -36.74 -14.01
CA PHE A 630 -24.80 -35.34 -14.07
C PHE A 630 -24.50 -34.58 -12.79
N LEU A 631 -24.36 -33.27 -12.87
CA LEU A 631 -24.31 -32.38 -11.72
C LEU A 631 -25.49 -31.44 -11.77
N ARG A 632 -26.37 -31.48 -10.78
CA ARG A 632 -27.50 -30.51 -10.73
C ARG A 632 -27.07 -29.29 -9.95
N VAL A 633 -27.16 -28.16 -10.58
CA VAL A 633 -26.85 -26.85 -10.00
C VAL A 633 -28.11 -26.01 -9.98
N GLU A 634 -28.51 -25.56 -8.81
CA GLU A 634 -29.63 -24.65 -8.58
C GLU A 634 -29.09 -23.25 -8.27
N ASN A 635 -29.60 -22.21 -8.94
CA ASN A 635 -29.01 -20.87 -8.92
C ASN A 635 -30.08 -19.76 -8.95
N HIS A 636 -29.70 -18.58 -8.47
CA HIS A 636 -30.58 -17.40 -8.32
C HIS A 636 -30.20 -16.27 -9.30
N HIS A 637 -31.20 -15.67 -9.96
CA HIS A 637 -31.07 -14.49 -10.81
C HIS A 637 -32.26 -13.53 -10.64
N ASP B 28 21.71 39.14 -8.61
CA ASP B 28 21.15 37.89 -9.21
C ASP B 28 20.42 38.20 -10.51
N TRP B 29 20.29 37.22 -11.41
CA TRP B 29 19.56 37.33 -12.68
C TRP B 29 18.11 37.76 -12.52
N GLU B 30 17.34 37.14 -11.62
CA GLU B 30 15.92 37.47 -11.46
C GLU B 30 15.73 38.92 -11.04
N GLN B 31 16.55 39.44 -10.13
CA GLN B 31 16.50 40.85 -9.74
C GLN B 31 16.83 41.78 -10.91
N TYR B 32 17.80 41.42 -11.76
CA TYR B 32 18.12 42.19 -12.96
C TYR B 32 16.98 42.16 -13.99
N ARG B 33 16.49 40.96 -14.33
CA ARG B 33 15.36 40.83 -15.27
C ARG B 33 14.18 41.66 -14.76
N ASP B 34 13.85 41.52 -13.48
CA ASP B 34 12.78 42.32 -12.89
C ASP B 34 13.01 43.81 -13.08
N ARG B 35 14.19 44.36 -12.72
CA ARG B 35 14.50 45.78 -12.95
C ARG B 35 14.38 46.18 -14.42
N VAL B 36 14.85 45.35 -15.34
CA VAL B 36 14.69 45.52 -16.78
C VAL B 36 13.22 45.69 -17.16
N ASN B 37 12.33 44.82 -16.67
CA ASN B 37 10.89 44.89 -16.93
C ASN B 37 10.26 46.15 -16.34
N MET B 38 10.66 46.57 -15.13
CA MET B 38 10.15 47.77 -14.50
C MET B 38 10.58 49.05 -15.24
N LEU B 39 11.86 49.17 -15.58
CA LEU B 39 12.38 50.32 -16.36
C LEU B 39 11.71 50.40 -17.73
N GLN B 40 11.50 49.26 -18.38
CA GLN B 40 10.84 49.21 -19.68
C GLN B 40 9.42 49.76 -19.60
N GLN B 41 8.61 49.31 -18.64
CA GLN B 41 7.26 49.83 -18.43
C GLN B 41 7.27 51.30 -18.02
N GLU B 42 8.21 51.75 -17.18
CA GLU B 42 8.35 53.17 -16.82
C GLU B 42 8.62 54.04 -18.05
N ARG B 43 9.56 53.66 -18.91
CA ARG B 43 9.85 54.41 -20.15
C ARG B 43 8.67 54.42 -21.12
N ILE B 44 7.87 53.35 -21.17
CA ILE B 44 6.60 53.34 -21.91
C ILE B 44 5.59 54.32 -21.29
N ARG B 45 5.50 54.46 -19.97
CA ARG B 45 4.64 55.46 -19.32
C ARG B 45 5.12 56.89 -19.57
N ASP B 46 6.43 57.12 -19.46
CA ASP B 46 7.03 58.46 -19.55
C ASP B 46 6.96 59.06 -20.95
N SER B 47 7.29 58.30 -21.99
CA SER B 47 7.32 58.80 -23.37
C SER B 47 5.96 58.64 -24.06
N PRO B 48 5.26 59.73 -24.44
CA PRO B 48 3.85 59.67 -24.84
C PRO B 48 3.61 58.90 -26.14
N LEU B 49 4.59 58.84 -27.05
CA LEU B 49 4.51 58.01 -28.26
C LEU B 49 4.47 56.51 -27.92
N LEU B 50 5.31 56.06 -26.97
CA LEU B 50 5.30 54.69 -26.51
C LEU B 50 4.03 54.40 -25.70
N GLN B 51 3.56 55.34 -24.89
CA GLN B 51 2.30 55.20 -24.16
C GLN B 51 1.13 55.01 -25.13
N ALA B 52 1.08 55.79 -26.21
CA ALA B 52 0.06 55.66 -27.24
C ALA B 52 0.21 54.37 -28.05
N ALA B 53 1.44 53.94 -28.35
CA ALA B 53 1.70 52.66 -29.00
C ALA B 53 1.24 51.47 -28.16
N LYS B 54 1.31 51.55 -26.82
CA LYS B 54 0.74 50.57 -25.89
C LYS B 54 -0.79 50.63 -25.83
N GLU B 55 -1.39 51.83 -25.78
CA GLU B 55 -2.83 52.01 -25.58
C GLU B 55 -3.69 51.92 -26.86
N ASN B 56 -3.08 52.04 -28.05
CA ASN B 56 -3.78 52.08 -29.34
C ASN B 56 -4.78 53.24 -29.48
N ASP B 57 -4.64 54.34 -28.73
CA ASP B 57 -5.47 55.53 -28.89
C ASP B 57 -5.01 56.34 -30.12
N LEU B 58 -5.57 55.98 -31.28
CA LEU B 58 -5.15 56.51 -32.57
C LEU B 58 -5.26 58.04 -32.66
N ARG B 59 -6.16 58.69 -31.93
CA ARG B 59 -6.25 60.16 -31.88
C ARG B 59 -4.93 60.80 -31.44
N LEU B 60 -4.46 60.48 -30.23
CA LEU B 60 -3.19 61.03 -29.72
C LEU B 60 -2.01 60.60 -30.60
N LEU B 61 -2.00 59.36 -31.06
CA LEU B 61 -0.92 58.86 -31.93
C LEU B 61 -0.87 59.62 -33.26
N LYS B 62 -2.01 59.92 -33.89
CA LYS B 62 -2.10 60.79 -35.08
C LYS B 62 -1.56 62.19 -34.79
N ILE B 63 -1.94 62.80 -33.67
CA ILE B 63 -1.43 64.14 -33.30
C ILE B 63 0.09 64.12 -33.09
N LEU B 64 0.62 63.12 -32.38
CA LEU B 64 2.06 62.99 -32.15
C LEU B 64 2.85 62.80 -33.47
N LEU B 65 2.32 61.99 -34.40
CA LEU B 65 2.95 61.76 -35.71
C LEU B 65 2.71 62.91 -36.71
N LEU B 66 1.69 63.75 -36.48
CA LEU B 66 1.42 64.99 -37.22
C LEU B 66 2.34 66.14 -36.76
N ASN B 67 2.73 66.17 -35.49
CA ASN B 67 3.65 67.17 -34.92
C ASN B 67 5.04 67.16 -35.59
N ASP B 71 12.79 60.95 -32.65
CA ASP B 71 11.39 61.16 -32.22
C ASP B 71 10.58 59.91 -32.52
N PHE B 72 10.29 59.65 -33.79
CA PHE B 72 9.60 58.37 -34.10
C PHE B 72 10.62 57.27 -33.83
N GLN B 73 11.89 57.66 -33.72
CA GLN B 73 12.98 56.68 -33.45
C GLN B 73 13.17 56.66 -31.94
N GLN B 74 12.13 57.12 -31.23
CA GLN B 74 12.15 57.13 -29.74
C GLN B 74 12.41 55.72 -29.25
N ARG B 75 13.08 55.56 -28.10
CA ARG B 75 13.47 54.20 -27.65
C ARG B 75 13.25 53.91 -26.16
N GLY B 76 12.53 52.85 -25.81
CA GLY B 76 12.31 52.35 -24.46
C GLY B 76 13.62 51.97 -23.75
N ALA B 77 13.53 51.50 -22.50
CA ALA B 77 14.72 51.22 -21.66
C ALA B 77 15.69 50.19 -22.26
N VAL B 78 15.15 49.23 -23.01
CA VAL B 78 15.91 48.14 -23.65
C VAL B 78 16.34 48.47 -25.09
N GLY B 79 16.16 49.71 -25.53
CA GLY B 79 16.44 50.18 -26.89
C GLY B 79 15.36 49.83 -27.92
N GLU B 80 14.20 49.35 -27.50
CA GLU B 80 13.08 49.03 -28.40
C GLU B 80 12.42 50.30 -28.96
N THR B 81 11.88 50.26 -30.18
CA THR B 81 11.15 51.41 -30.75
C THR B 81 9.68 51.42 -30.34
N ALA B 82 8.97 52.51 -30.61
CA ALA B 82 7.51 52.55 -30.49
C ALA B 82 6.80 51.45 -31.29
N LEU B 83 7.38 50.96 -32.39
CA LEU B 83 6.81 49.86 -33.17
C LEU B 83 6.95 48.50 -32.48
N HIS B 84 8.04 48.26 -31.73
CA HIS B 84 8.16 47.10 -30.85
C HIS B 84 7.08 47.14 -29.77
N VAL B 85 6.82 48.31 -29.18
CA VAL B 85 5.74 48.49 -28.19
C VAL B 85 4.38 48.14 -28.81
N ALA B 86 4.06 48.68 -29.99
CA ALA B 86 2.80 48.37 -30.67
C ALA B 86 2.69 46.88 -31.02
N ALA B 87 3.75 46.23 -31.47
CA ALA B 87 3.77 44.79 -31.73
C ALA B 87 3.60 43.97 -30.46
N LEU B 88 4.20 44.36 -29.34
CA LEU B 88 4.13 43.67 -28.05
C LEU B 88 2.71 43.67 -27.49
N TYR B 89 2.06 44.83 -27.53
CA TYR B 89 0.67 45.01 -27.12
C TYR B 89 -0.34 44.59 -28.19
N ASP B 90 0.13 44.01 -29.30
CA ASP B 90 -0.70 43.43 -30.36
C ASP B 90 -1.60 44.45 -31.08
N ASN B 91 -1.15 45.71 -31.15
CA ASN B 91 -1.88 46.86 -31.67
C ASN B 91 -1.60 47.10 -33.16
N LEU B 92 -2.30 46.37 -34.03
CA LEU B 92 -2.14 46.44 -35.48
C LEU B 92 -2.31 47.88 -36.02
N GLU B 93 -3.33 48.61 -35.58
CA GLU B 93 -3.59 49.95 -36.08
C GLU B 93 -2.45 50.91 -35.72
N ALA B 94 -2.08 51.02 -34.43
CA ALA B 94 -0.95 51.83 -34.02
C ALA B 94 0.34 51.45 -34.76
N ALA B 95 0.60 50.16 -34.97
CA ALA B 95 1.76 49.71 -35.73
C ALA B 95 1.72 50.21 -37.19
N THR B 96 0.56 50.17 -37.87
CA THR B 96 0.45 50.73 -39.23
C THR B 96 0.64 52.24 -39.25
N LEU B 97 0.11 52.98 -38.28
CA LEU B 97 0.33 54.43 -38.17
C LEU B 97 1.82 54.75 -37.98
N LEU B 98 2.49 54.06 -37.06
CA LEU B 98 3.92 54.21 -36.80
C LEU B 98 4.76 53.89 -38.05
N MET B 99 4.47 52.80 -38.75
CA MET B 99 5.17 52.45 -39.99
C MET B 99 4.87 53.41 -41.14
N GLU B 100 3.68 54.01 -41.20
CA GLU B 100 3.35 55.04 -42.21
C GLU B 100 4.14 56.33 -41.97
N ALA B 101 4.29 56.76 -40.72
CA ALA B 101 5.10 57.93 -40.38
C ALA B 101 6.62 57.67 -40.44
N ALA B 102 7.07 56.48 -40.05
CA ALA B 102 8.48 56.10 -40.00
C ALA B 102 8.67 54.64 -40.48
N PRO B 103 8.75 54.40 -41.80
CA PRO B 103 8.87 53.05 -42.35
C PRO B 103 10.12 52.30 -41.88
N GLU B 104 11.20 53.02 -41.58
CA GLU B 104 12.48 52.45 -41.13
C GLU B 104 12.36 51.71 -39.79
N LEU B 105 11.33 51.98 -38.97
CA LEU B 105 11.13 51.28 -37.71
C LEU B 105 10.97 49.76 -37.90
N ALA B 106 10.41 49.31 -39.03
CA ALA B 106 10.30 47.88 -39.33
C ALA B 106 11.65 47.15 -39.43
N LYS B 107 12.73 47.88 -39.70
CA LYS B 107 14.12 47.37 -39.81
C LYS B 107 14.91 47.45 -38.50
N GLU B 108 14.39 48.09 -37.47
CA GLU B 108 15.15 48.38 -36.24
C GLU B 108 15.20 47.20 -35.24
N PRO B 109 16.38 46.88 -34.67
CA PRO B 109 16.51 46.00 -33.52
C PRO B 109 16.38 46.75 -32.18
N ALA B 110 16.08 46.03 -31.10
CA ALA B 110 16.37 46.45 -29.73
C ALA B 110 17.87 46.31 -29.43
N LEU B 111 18.39 47.06 -28.45
CA LEU B 111 19.83 47.36 -28.34
C LEU B 111 20.49 46.93 -27.03
N CYS B 112 19.74 46.77 -25.94
CA CYS B 112 20.31 46.47 -24.62
C CYS B 112 20.38 44.97 -24.35
N GLU B 113 21.30 44.57 -23.46
CA GLU B 113 21.78 43.20 -23.26
C GLU B 113 20.72 42.07 -23.16
N PRO B 114 19.54 42.27 -22.55
CA PRO B 114 18.52 41.23 -22.50
C PRO B 114 17.88 40.95 -23.87
N PHE B 115 17.70 41.98 -24.71
CA PHE B 115 16.87 41.91 -25.92
C PHE B 115 17.63 42.23 -27.23
N VAL B 116 18.96 42.30 -27.21
CA VAL B 116 19.80 42.65 -28.37
C VAL B 116 19.33 41.95 -29.65
N GLY B 117 19.11 42.72 -30.71
CA GLY B 117 18.77 42.19 -32.04
C GLY B 117 17.29 41.83 -32.23
N GLN B 118 16.45 41.87 -31.19
CA GLN B 118 15.01 41.61 -31.32
C GLN B 118 14.36 42.71 -32.18
N THR B 119 13.64 42.33 -33.23
CA THR B 119 12.87 43.25 -34.08
C THR B 119 11.38 43.20 -33.73
N ALA B 120 10.58 44.13 -34.24
CA ALA B 120 9.13 44.05 -34.16
C ALA B 120 8.56 42.79 -34.86
N LEU B 121 9.27 42.23 -35.84
CA LEU B 121 8.88 40.98 -36.52
C LEU B 121 8.96 39.77 -35.58
N HIS B 122 10.00 39.64 -34.76
CA HIS B 122 10.06 38.59 -33.72
C HIS B 122 8.86 38.66 -32.77
N ILE B 123 8.48 39.87 -32.35
CA ILE B 123 7.36 40.08 -31.44
C ILE B 123 6.03 39.75 -32.13
N ALA B 124 5.79 40.27 -33.33
CA ALA B 124 4.56 40.02 -34.09
C ALA B 124 4.36 38.55 -34.43
N VAL B 125 5.44 37.84 -34.78
CA VAL B 125 5.44 36.39 -35.00
C VAL B 125 5.10 35.65 -33.70
N MET B 126 5.69 36.02 -32.58
CA MET B 126 5.38 35.39 -31.29
C MET B 126 3.95 35.64 -30.82
N ASN B 127 3.40 36.82 -31.06
CA ASN B 127 1.99 37.13 -30.86
C ASN B 127 1.04 36.55 -31.94
N GLN B 128 1.56 35.87 -32.97
CA GLN B 128 0.79 35.31 -34.10
C GLN B 128 -0.07 36.32 -34.87
N ASN B 129 0.31 37.58 -34.90
CA ASN B 129 -0.42 38.59 -35.65
C ASN B 129 0.00 38.54 -37.12
N LEU B 130 -0.61 37.64 -37.89
CA LEU B 130 -0.32 37.43 -39.32
C LEU B 130 -0.44 38.72 -40.14
N ASN B 131 -1.42 39.57 -39.84
CA ASN B 131 -1.61 40.86 -40.49
C ASN B 131 -0.45 41.83 -40.22
N LEU B 132 0.00 41.94 -38.97
CA LEU B 132 1.15 42.75 -38.60
C LEU B 132 2.45 42.18 -39.19
N VAL B 133 2.61 40.85 -39.21
CA VAL B 133 3.76 40.19 -39.87
C VAL B 133 3.79 40.55 -41.35
N ARG B 134 2.66 40.49 -42.08
CA ARG B 134 2.60 40.97 -43.47
C ARG B 134 2.93 42.46 -43.59
N ALA B 135 2.40 43.32 -42.73
CA ALA B 135 2.67 44.76 -42.76
C ALA B 135 4.15 45.11 -42.49
N LEU B 136 4.83 44.34 -41.65
CA LEU B 136 6.27 44.45 -41.38
C LEU B 136 7.11 43.95 -42.55
N LEU B 137 6.80 42.76 -43.10
CA LEU B 137 7.52 42.18 -44.23
C LEU B 137 7.36 43.02 -45.51
N ALA B 138 6.18 43.58 -45.75
CA ALA B 138 5.92 44.54 -46.82
C ALA B 138 6.76 45.83 -46.73
N ARG B 139 7.39 46.07 -45.55
CA ARG B 139 8.16 47.32 -45.30
C ARG B 139 9.65 47.03 -45.11
N GLY B 140 10.11 45.81 -45.36
CA GLY B 140 11.52 45.44 -45.31
C GLY B 140 12.01 44.88 -43.97
N ALA B 141 11.11 44.43 -43.09
CA ALA B 141 11.51 43.71 -41.88
C ALA B 141 12.36 42.48 -42.22
N SER B 142 13.53 42.35 -41.59
CA SER B 142 14.52 41.33 -41.97
C SER B 142 14.19 39.95 -41.43
N VAL B 143 13.81 39.02 -42.32
CA VAL B 143 13.54 37.61 -42.00
C VAL B 143 14.77 36.84 -41.48
N SER B 144 15.98 37.36 -41.67
CA SER B 144 17.23 36.79 -41.19
C SER B 144 17.78 37.47 -39.92
N ALA B 145 17.06 38.41 -39.31
CA ALA B 145 17.49 39.06 -38.07
C ALA B 145 17.53 38.07 -36.89
N ARG B 146 18.54 38.22 -36.03
CA ARG B 146 18.76 37.25 -34.94
C ARG B 146 18.64 37.91 -33.59
N ALA B 147 17.71 37.44 -32.74
CA ALA B 147 17.57 37.98 -31.37
C ALA B 147 18.66 37.38 -30.51
N THR B 148 19.86 37.95 -30.52
CA THR B 148 21.01 37.38 -29.79
C THR B 148 20.96 37.71 -28.29
N GLY B 149 20.00 38.51 -27.83
CA GLY B 149 20.00 38.90 -26.43
C GLY B 149 19.75 37.76 -25.44
N ALA B 150 20.16 37.94 -24.18
CA ALA B 150 20.11 36.90 -23.15
C ALA B 150 18.71 36.38 -22.81
N ALA B 151 17.64 37.12 -23.11
CA ALA B 151 16.26 36.69 -22.90
C ALA B 151 15.81 35.56 -23.86
N PHE B 152 16.56 35.31 -24.93
CA PHE B 152 16.21 34.33 -25.96
C PHE B 152 17.02 33.02 -25.89
N ARG B 153 18.11 33.03 -25.14
CA ARG B 153 19.05 31.88 -25.12
C ARG B 153 18.50 30.70 -24.35
N ARG B 154 19.06 29.51 -24.57
CA ARG B 154 18.62 28.32 -23.82
C ARG B 154 19.31 28.35 -22.47
N SER B 155 18.54 28.47 -21.42
CA SER B 155 19.00 28.48 -20.02
C SER B 155 17.83 28.23 -19.06
N PRO B 156 18.05 27.79 -17.82
CA PRO B 156 16.99 27.66 -16.82
C PRO B 156 16.35 29.02 -16.43
N HIS B 157 17.07 30.11 -16.68
CA HIS B 157 16.61 31.51 -16.56
C HIS B 157 15.38 31.84 -17.40
N ASN B 158 15.24 31.23 -18.58
CA ASN B 158 14.23 31.57 -19.60
C ASN B 158 13.16 30.49 -19.68
N LEU B 159 11.89 30.89 -19.72
CA LEU B 159 10.75 29.96 -19.77
C LEU B 159 10.53 29.30 -21.15
N ILE B 160 11.03 29.92 -22.21
CA ILE B 160 10.97 29.45 -23.60
C ILE B 160 12.33 29.51 -24.27
N TYR B 161 12.57 28.63 -25.24
CA TYR B 161 13.71 28.70 -26.15
C TYR B 161 13.21 28.45 -27.57
N TYR B 162 13.08 29.52 -28.35
CA TYR B 162 12.66 29.50 -29.75
C TYR B 162 13.83 29.80 -30.71
N GLY B 163 15.07 29.73 -30.24
CA GLY B 163 16.24 30.14 -31.01
C GLY B 163 16.30 31.65 -31.22
N GLU B 164 16.70 32.09 -32.42
CA GLU B 164 17.00 33.50 -32.70
C GLU B 164 16.28 34.10 -33.91
N HIS B 165 15.90 33.30 -34.90
CA HIS B 165 15.31 33.79 -36.15
C HIS B 165 13.78 33.79 -36.10
N PRO B 166 13.07 34.69 -36.81
CA PRO B 166 11.61 34.71 -36.86
C PRO B 166 10.99 33.39 -37.33
N LEU B 167 11.62 32.66 -38.24
CA LEU B 167 11.15 31.34 -38.69
C LEU B 167 11.13 30.32 -37.55
N SER B 168 12.17 30.31 -36.71
CA SER B 168 12.24 29.45 -35.53
C SER B 168 11.18 29.82 -34.50
N PHE B 169 10.87 31.11 -34.35
CA PHE B 169 9.76 31.56 -33.51
C PHE B 169 8.44 31.04 -34.07
N ALA B 170 8.13 31.30 -35.35
CA ALA B 170 6.89 30.86 -35.99
C ALA B 170 6.69 29.34 -35.94
N ALA B 171 7.78 28.58 -36.08
CA ALA B 171 7.77 27.13 -35.96
C ALA B 171 7.41 26.67 -34.55
N CYS B 172 8.03 27.22 -33.51
CA CYS B 172 7.78 26.81 -32.12
C CYS B 172 6.43 27.29 -31.59
N VAL B 173 5.97 28.43 -32.10
CA VAL B 173 4.65 29.01 -31.91
C VAL B 173 3.57 28.21 -32.68
N GLY B 174 3.94 27.52 -33.75
CA GLY B 174 3.11 26.54 -34.44
C GLY B 174 2.23 27.07 -35.55
N SER B 175 2.47 28.28 -36.03
CA SER B 175 1.66 28.94 -37.04
C SER B 175 2.17 28.63 -38.46
N GLU B 176 1.64 27.57 -39.08
CA GLU B 176 2.08 27.12 -40.41
C GLU B 176 1.95 28.23 -41.45
N GLU B 177 0.90 29.03 -41.39
CA GLU B 177 0.69 30.17 -42.28
C GLU B 177 1.76 31.26 -42.13
N ILE B 178 2.27 31.51 -40.92
CA ILE B 178 3.37 32.45 -40.72
C ILE B 178 4.69 31.85 -41.17
N VAL B 179 4.91 30.54 -40.94
CA VAL B 179 6.08 29.80 -41.43
C VAL B 179 6.17 29.86 -42.95
N ARG B 180 5.09 29.54 -43.66
CA ARG B 180 5.10 29.67 -45.13
C ARG B 180 5.41 31.12 -45.51
N LEU B 181 4.67 32.09 -44.96
CA LEU B 181 4.87 33.50 -45.28
C LEU B 181 6.34 33.93 -45.13
N LEU B 182 7.02 33.51 -44.06
CA LEU B 182 8.44 33.81 -43.84
C LEU B 182 9.34 33.12 -44.86
N ILE B 183 9.09 31.85 -45.20
CA ILE B 183 9.83 31.15 -46.25
C ILE B 183 9.63 31.82 -47.61
N GLU B 184 8.41 32.24 -47.95
CA GLU B 184 8.11 32.99 -49.18
C GLU B 184 8.85 34.34 -49.26
N HIS B 185 9.07 35.02 -48.14
CA HIS B 185 9.91 36.23 -48.05
C HIS B 185 11.41 35.93 -47.94
N GLY B 186 11.82 34.67 -48.06
CA GLY B 186 13.21 34.27 -48.19
C GLY B 186 13.92 33.99 -46.86
N ALA B 187 13.20 33.61 -45.81
CA ALA B 187 13.81 33.12 -44.57
C ALA B 187 14.69 31.89 -44.84
N ASP B 188 15.95 31.91 -44.41
CA ASP B 188 16.85 30.77 -44.62
C ASP B 188 16.51 29.64 -43.63
N ILE B 189 15.88 28.58 -44.13
CA ILE B 189 15.46 27.44 -43.32
C ILE B 189 16.64 26.69 -42.67
N ARG B 190 17.85 26.89 -43.18
CA ARG B 190 19.02 26.14 -42.63
C ARG B 190 19.85 27.04 -41.72
N ALA B 191 19.35 28.22 -41.37
CA ALA B 191 20.02 29.13 -40.44
C ALA B 191 20.15 28.51 -39.04
N GLN B 192 21.22 28.88 -38.33
CA GLN B 192 21.58 28.32 -37.02
C GLN B 192 21.59 29.38 -35.92
N ASP B 193 21.00 29.03 -34.79
CA ASP B 193 21.06 29.71 -33.50
C ASP B 193 22.50 29.84 -32.95
N SER B 194 22.76 30.64 -31.92
CA SER B 194 24.07 30.66 -31.25
C SER B 194 24.53 29.31 -30.69
N LEU B 195 23.63 28.40 -30.32
CA LEU B 195 24.00 27.02 -29.92
C LEU B 195 24.29 26.10 -31.14
N GLY B 196 24.20 26.61 -32.36
CA GLY B 196 24.30 25.85 -33.60
C GLY B 196 23.00 25.16 -34.00
N ASN B 197 21.93 25.27 -33.20
CA ASN B 197 20.65 24.63 -33.47
C ASN B 197 19.97 25.22 -34.70
N THR B 198 19.59 24.37 -35.67
CA THR B 198 18.65 24.73 -36.74
C THR B 198 17.21 24.69 -36.22
N VAL B 199 16.25 25.16 -37.00
CA VAL B 199 14.83 25.08 -36.64
C VAL B 199 14.36 23.64 -36.32
N LEU B 200 14.95 22.62 -36.93
CA LEU B 200 14.64 21.22 -36.64
C LEU B 200 15.10 20.81 -35.24
N HIS B 201 16.31 21.21 -34.83
CA HIS B 201 16.78 21.00 -33.47
C HIS B 201 15.89 21.71 -32.46
N ILE B 202 15.46 22.93 -32.75
CA ILE B 202 14.65 23.71 -31.82
C ILE B 202 13.25 23.09 -31.65
N LEU B 203 12.64 22.55 -32.71
CA LEU B 203 11.35 21.85 -32.62
C LEU B 203 11.39 20.59 -31.75
N ILE B 204 12.52 19.89 -31.66
CA ILE B 204 12.71 18.75 -30.75
C ILE B 204 12.64 19.17 -29.27
N LEU B 205 12.95 20.43 -28.97
CA LEU B 205 13.05 20.96 -27.60
C LEU B 205 11.73 21.52 -27.05
N GLN B 206 10.68 21.62 -27.86
CA GLN B 206 9.40 22.23 -27.44
C GLN B 206 8.48 21.22 -26.71
N PRO B 207 7.66 21.67 -25.73
CA PRO B 207 6.66 20.82 -25.08
C PRO B 207 5.45 20.45 -25.97
N ASN B 208 5.16 21.24 -26.99
CA ASN B 208 3.97 21.16 -27.84
C ASN B 208 4.05 20.07 -28.94
N LYS B 209 4.47 18.86 -28.55
CA LYS B 209 4.79 17.72 -29.43
C LYS B 209 3.66 17.33 -30.40
N THR B 210 2.42 17.64 -30.05
CA THR B 210 1.20 17.43 -30.86
C THR B 210 1.18 18.20 -32.19
N PHE B 211 1.78 19.39 -32.27
CA PHE B 211 1.99 20.09 -33.55
C PHE B 211 3.46 20.16 -33.99
N ALA B 212 4.43 19.95 -33.10
CA ALA B 212 5.85 20.02 -33.46
C ALA B 212 6.21 19.06 -34.59
N CYS B 213 5.63 17.85 -34.65
CA CYS B 213 5.84 16.90 -35.74
C CYS B 213 5.24 17.38 -37.07
N GLN B 214 4.05 17.99 -37.05
CA GLN B 214 3.43 18.57 -38.24
C GLN B 214 4.27 19.74 -38.79
N MET B 215 4.80 20.56 -37.89
CA MET B 215 5.78 21.59 -38.22
C MET B 215 7.08 21.03 -38.78
N TYR B 216 7.58 19.92 -38.25
CA TYR B 216 8.79 19.27 -38.74
C TYR B 216 8.65 18.84 -40.20
N ASN B 217 7.52 18.22 -40.56
CA ASN B 217 7.21 17.87 -41.95
C ASN B 217 7.11 19.09 -42.87
N LEU B 218 6.45 20.17 -42.41
CA LEU B 218 6.35 21.41 -43.17
C LEU B 218 7.74 21.96 -43.52
N LEU B 219 8.67 21.95 -42.58
CA LEU B 219 10.01 22.47 -42.80
C LEU B 219 10.87 21.56 -43.68
N LEU B 220 10.83 20.25 -43.50
CA LEU B 220 11.52 19.31 -44.40
C LEU B 220 11.06 19.44 -45.86
N SER B 221 9.79 19.82 -46.08
CA SER B 221 9.23 20.04 -47.41
C SER B 221 9.88 21.22 -48.13
N TYR B 222 10.44 22.19 -47.41
CA TYR B 222 11.17 23.31 -47.99
C TYR B 222 12.68 23.08 -48.08
N ASP B 223 13.26 22.15 -47.31
CA ASP B 223 14.65 21.74 -47.49
C ASP B 223 14.83 20.80 -48.71
N GLU B 224 13.92 19.84 -48.89
CA GLU B 224 13.79 18.98 -50.07
C GLU B 224 15.12 18.52 -50.69
N GLN B 230 23.58 18.24 -48.55
CA GLN B 230 23.34 17.67 -47.23
C GLN B 230 21.91 17.97 -46.74
N SER B 231 21.14 16.95 -46.37
CA SER B 231 19.83 17.12 -45.73
C SER B 231 19.92 17.90 -44.43
N LEU B 232 18.95 18.75 -44.14
CA LEU B 232 18.89 19.51 -42.89
C LEU B 232 18.82 18.58 -41.66
N GLU B 233 18.31 17.35 -41.80
CA GLU B 233 18.32 16.32 -40.75
C GLU B 233 19.73 15.87 -40.34
N LEU B 234 20.76 16.22 -41.12
CA LEU B 234 22.15 15.80 -40.92
C LEU B 234 23.06 16.96 -40.45
N VAL B 235 22.54 18.18 -40.32
CA VAL B 235 23.31 19.33 -39.80
C VAL B 235 23.52 19.18 -38.29
N PRO B 236 24.76 19.17 -37.76
CA PRO B 236 25.00 19.14 -36.32
C PRO B 236 24.87 20.53 -35.68
N ASN B 237 24.45 20.60 -34.42
CA ASN B 237 24.62 21.79 -33.58
C ASN B 237 26.05 21.85 -32.99
N HIS B 238 26.36 22.80 -32.11
CA HIS B 238 27.71 22.92 -31.52
C HIS B 238 28.06 21.81 -30.52
N GLN B 239 27.09 21.05 -30.01
CA GLN B 239 27.36 19.81 -29.27
C GLN B 239 27.75 18.65 -30.22
N GLY B 240 27.60 18.81 -31.53
CA GLY B 240 27.78 17.76 -32.54
C GLY B 240 26.51 16.95 -32.84
N LEU B 241 25.39 17.26 -32.19
CA LEU B 241 24.14 16.53 -32.33
C LEU B 241 23.41 16.95 -33.60
N THR B 242 23.08 16.00 -34.47
CA THR B 242 22.02 16.14 -35.47
C THR B 242 20.65 16.19 -34.77
N PRO B 243 19.58 16.65 -35.44
CA PRO B 243 18.23 16.58 -34.90
C PRO B 243 17.86 15.19 -34.38
N PHE B 244 18.16 14.12 -35.13
CA PHE B 244 17.88 12.75 -34.68
C PHE B 244 18.59 12.37 -33.37
N LYS B 245 19.87 12.72 -33.20
CA LYS B 245 20.60 12.50 -31.94
C LYS B 245 20.06 13.35 -30.81
N LEU B 246 19.64 14.59 -31.08
CA LEU B 246 19.04 15.47 -30.07
C LEU B 246 17.71 14.91 -29.54
N ALA B 247 16.87 14.30 -30.39
CA ALA B 247 15.65 13.62 -29.95
C ALA B 247 15.95 12.45 -28.99
N GLY B 248 17.05 11.72 -29.23
CA GLY B 248 17.56 10.71 -28.31
C GLY B 248 17.99 11.28 -26.98
N VAL B 249 18.89 12.26 -26.96
CA VAL B 249 19.43 12.88 -25.74
C VAL B 249 18.34 13.53 -24.89
N GLU B 250 17.42 14.26 -25.50
CA GLU B 250 16.34 14.96 -24.80
C GLU B 250 15.18 14.04 -24.40
N GLY B 251 15.18 12.79 -24.84
CA GLY B 251 14.12 11.82 -24.55
C GLY B 251 12.79 12.12 -25.22
N ASN B 252 12.80 12.79 -26.38
CA ASN B 252 11.60 13.12 -27.13
C ASN B 252 11.14 11.89 -27.92
N THR B 253 10.45 10.96 -27.27
CA THR B 253 9.97 9.71 -27.88
C THR B 253 8.94 9.95 -28.98
N VAL B 254 8.16 11.02 -28.91
CA VAL B 254 7.19 11.42 -29.94
C VAL B 254 7.89 11.84 -31.24
N MET B 255 8.91 12.69 -31.15
CA MET B 255 9.69 13.08 -32.32
C MET B 255 10.59 11.96 -32.80
N PHE B 256 11.16 11.13 -31.92
CA PHE B 256 11.91 9.94 -32.32
C PHE B 256 11.07 8.96 -33.15
N GLN B 257 9.88 8.58 -32.67
CA GLN B 257 9.03 7.66 -33.42
C GLN B 257 8.47 8.29 -34.70
N HIS B 258 8.31 9.62 -34.76
CA HIS B 258 8.02 10.34 -36.00
C HIS B 258 9.19 10.28 -37.00
N LEU B 259 10.42 10.52 -36.56
CA LEU B 259 11.62 10.42 -37.40
C LEU B 259 11.86 9.01 -37.92
N MET B 260 11.48 7.99 -37.16
CA MET B 260 11.54 6.58 -37.60
C MET B 260 10.58 6.24 -38.74
N GLN B 261 9.53 7.01 -39.01
CA GLN B 261 8.61 6.74 -40.13
C GLN B 261 9.25 6.92 -41.51
N LYS B 262 10.28 7.77 -41.61
CA LYS B 262 11.11 7.92 -42.82
C LYS B 262 12.40 7.10 -42.79
N ARG B 263 12.52 6.24 -41.77
CA ARG B 263 13.69 5.32 -41.63
C ARG B 263 13.22 3.88 -41.46
N LYS B 264 12.07 3.50 -41.99
CA LYS B 264 11.50 2.14 -42.05
C LYS B 264 10.91 1.88 -43.42
N HIS B 265 10.89 0.62 -43.82
CA HIS B 265 10.24 0.13 -45.04
C HIS B 265 9.39 -1.08 -44.69
N VAL B 266 8.11 -1.10 -45.05
CA VAL B 266 7.25 -2.26 -44.86
C VAL B 266 7.50 -3.23 -46.00
N GLN B 267 8.08 -4.39 -45.71
CA GLN B 267 8.35 -5.42 -46.72
C GLN B 267 7.07 -6.07 -47.20
N TRP B 268 6.22 -6.52 -46.29
CA TRP B 268 4.95 -7.17 -46.58
C TRP B 268 4.00 -7.09 -45.39
N THR B 269 2.70 -7.24 -45.65
CA THR B 269 1.68 -7.54 -44.65
C THR B 269 0.85 -8.71 -45.16
N CYS B 270 0.57 -9.68 -44.30
CA CYS B 270 -0.16 -10.90 -44.64
C CYS B 270 -1.12 -11.22 -43.48
N GLY B 271 -2.41 -10.98 -43.67
CA GLY B 271 -3.40 -11.07 -42.61
C GLY B 271 -3.01 -10.18 -41.41
N PRO B 272 -2.84 -10.74 -40.19
CA PRO B 272 -2.47 -9.97 -39.01
C PRO B 272 -0.99 -9.60 -38.92
N LEU B 273 -0.11 -10.20 -39.74
CA LEU B 273 1.33 -10.05 -39.61
C LEU B 273 1.91 -9.04 -40.59
N THR B 274 2.81 -8.20 -40.12
CA THR B 274 3.60 -7.28 -40.93
C THR B 274 5.08 -7.56 -40.73
N SER B 275 5.90 -7.49 -41.77
CA SER B 275 7.35 -7.44 -41.65
C SER B 275 7.87 -6.08 -42.09
N THR B 276 8.62 -5.42 -41.21
CA THR B 276 9.17 -4.08 -41.43
C THR B 276 10.68 -4.12 -41.31
N LEU B 277 11.37 -3.24 -42.03
CA LEU B 277 12.81 -3.20 -42.15
C LEU B 277 13.30 -1.79 -41.78
N TYR B 278 13.75 -1.60 -40.55
CA TYR B 278 14.24 -0.32 -40.04
C TYR B 278 15.70 -0.11 -40.44
N ASP B 279 16.04 1.10 -40.87
CA ASP B 279 17.41 1.51 -41.17
C ASP B 279 18.13 1.87 -39.86
N LEU B 280 19.18 1.13 -39.52
CA LEU B 280 19.94 1.34 -38.29
C LEU B 280 20.99 2.44 -38.38
N THR B 281 21.18 3.09 -39.53
CA THR B 281 22.33 3.99 -39.77
C THR B 281 22.59 4.99 -38.64
N GLU B 282 21.59 5.76 -38.19
CA GLU B 282 21.79 6.67 -37.05
C GLU B 282 21.69 5.98 -35.68
N ILE B 283 20.85 4.97 -35.49
CA ILE B 283 20.70 4.29 -34.18
C ILE B 283 21.99 3.57 -33.78
N ASP B 284 22.55 2.78 -34.68
CA ASP B 284 23.74 1.99 -34.36
C ASP B 284 25.03 2.85 -34.38
N SER B 285 25.03 3.95 -35.15
CA SER B 285 26.11 4.95 -35.17
C SER B 285 27.51 4.34 -35.35
N TRP B 286 27.66 3.38 -36.27
CA TRP B 286 28.90 2.64 -36.46
C TRP B 286 30.09 3.56 -36.77
N GLY B 287 31.16 3.41 -35.98
CA GLY B 287 32.34 4.27 -36.15
C GLY B 287 31.97 5.73 -36.10
N GLU B 288 31.19 6.16 -35.10
CA GLU B 288 30.72 7.58 -35.10
C GLU B 288 30.93 8.24 -33.75
N GLU B 289 32.17 8.50 -33.34
CA GLU B 289 32.43 9.28 -32.10
C GLU B 289 31.50 8.78 -31.00
N LEU B 290 30.80 9.70 -30.35
CA LEU B 290 29.78 9.27 -29.36
C LEU B 290 28.64 8.75 -30.20
N SER B 291 28.21 7.55 -29.88
CA SER B 291 27.17 6.92 -30.70
C SER B 291 25.82 7.29 -30.14
N PHE B 292 24.81 7.29 -30.98
CA PHE B 292 23.44 7.52 -30.52
C PHE B 292 23.12 6.77 -29.23
N LEU B 293 23.49 5.49 -29.11
CA LEU B 293 23.18 4.72 -27.90
C LEU B 293 24.00 5.17 -26.70
N GLU B 294 25.25 5.63 -26.86
CA GLU B 294 25.99 6.27 -25.77
C GLU B 294 25.32 7.58 -25.32
N LEU B 295 24.90 8.41 -26.28
CA LEU B 295 24.25 9.69 -26.03
C LEU B 295 22.92 9.51 -25.29
N VAL B 296 22.13 8.49 -25.61
CA VAL B 296 20.89 8.20 -24.87
C VAL B 296 21.18 7.70 -23.46
N VAL B 297 22.01 6.67 -23.26
CA VAL B 297 22.22 6.09 -21.91
C VAL B 297 22.98 7.01 -20.97
N SER B 298 23.86 7.87 -21.47
CA SER B 298 24.60 8.86 -20.66
C SER B 298 23.90 10.22 -20.55
N SER B 299 22.72 10.42 -21.13
CA SER B 299 21.97 11.67 -20.98
C SER B 299 21.53 11.87 -19.53
N LYS B 300 21.66 13.10 -19.02
CA LYS B 300 21.15 13.52 -17.70
C LYS B 300 19.62 13.62 -17.62
N LYS B 301 18.93 13.71 -18.77
CA LYS B 301 17.47 13.87 -18.85
C LYS B 301 16.79 12.54 -18.50
N ARG B 302 15.98 12.48 -17.43
CA ARG B 302 15.33 11.21 -17.02
C ARG B 302 14.33 10.66 -18.03
N GLU B 303 13.90 11.45 -19.01
CA GLU B 303 13.09 11.00 -20.15
C GLU B 303 13.92 10.22 -21.21
N ALA B 304 15.24 10.41 -21.29
CA ALA B 304 16.07 9.79 -22.32
C ALA B 304 16.00 8.26 -22.30
N ARG B 305 15.80 7.67 -21.13
CA ARG B 305 15.79 6.20 -20.99
C ARG B 305 14.54 5.61 -21.64
N GLN B 306 13.52 6.40 -21.90
CA GLN B 306 12.32 5.95 -22.61
C GLN B 306 12.56 5.71 -24.11
N ILE B 307 13.57 6.34 -24.72
CA ILE B 307 13.95 6.08 -26.12
C ILE B 307 14.37 4.62 -26.31
N LEU B 308 14.92 3.99 -25.27
CA LEU B 308 15.38 2.61 -25.28
C LEU B 308 14.23 1.59 -25.35
N GLU B 309 12.98 2.03 -25.14
CA GLU B 309 11.78 1.21 -25.27
C GLU B 309 11.13 1.29 -26.67
N GLN B 310 11.63 2.14 -27.57
CA GLN B 310 11.06 2.36 -28.90
C GLN B 310 11.47 1.23 -29.87
N THR B 311 10.61 0.86 -30.82
CA THR B 311 10.68 -0.45 -31.50
C THR B 311 12.05 -0.86 -32.06
N PRO B 312 12.72 -0.10 -32.95
CA PRO B 312 14.01 -0.52 -33.48
C PRO B 312 15.12 -0.50 -32.43
N VAL B 313 15.08 0.43 -31.46
CA VAL B 313 16.08 0.51 -30.38
C VAL B 313 15.92 -0.65 -29.42
N LYS B 314 14.70 -0.95 -28.95
CA LYS B 314 14.42 -2.05 -28.02
C LYS B 314 14.80 -3.40 -28.59
N GLU B 315 14.59 -3.61 -29.86
CA GLU B 315 14.86 -4.93 -30.46
C GLU B 315 16.35 -5.03 -30.75
N LEU B 316 16.99 -3.93 -31.07
CA LEU B 316 18.44 -3.92 -31.30
C LEU B 316 19.23 -4.15 -30.02
N VAL B 317 18.97 -3.39 -28.96
CA VAL B 317 19.70 -3.53 -27.70
C VAL B 317 19.36 -4.83 -27.00
N SER B 318 18.15 -5.36 -27.15
CA SER B 318 17.79 -6.71 -26.72
C SER B 318 18.59 -7.78 -27.46
N PHE B 319 18.74 -7.69 -28.78
CA PHE B 319 19.57 -8.61 -29.56
C PHE B 319 21.03 -8.57 -29.13
N LYS B 320 21.63 -7.38 -29.06
CA LYS B 320 23.02 -7.19 -28.63
C LYS B 320 23.27 -7.76 -27.24
N TRP B 321 22.34 -7.56 -26.30
CA TRP B 321 22.46 -8.12 -24.97
C TRP B 321 22.38 -9.64 -24.96
N LYS B 322 21.34 -10.24 -25.52
CA LYS B 322 21.16 -11.70 -25.46
C LYS B 322 22.25 -12.47 -26.21
N LYS B 323 22.75 -11.96 -27.35
CA LYS B 323 23.74 -12.67 -28.18
C LYS B 323 25.19 -12.47 -27.74
N TYR B 324 25.56 -11.29 -27.26
CA TYR B 324 26.95 -10.96 -26.96
C TYR B 324 27.14 -10.38 -25.56
N GLY B 325 26.27 -9.45 -25.15
CA GLY B 325 26.40 -8.77 -23.87
C GLY B 325 26.33 -9.71 -22.67
N ARG B 326 25.33 -10.58 -22.61
CA ARG B 326 25.14 -11.43 -21.41
C ARG B 326 26.25 -12.44 -21.33
N PRO B 327 26.62 -13.20 -22.37
CA PRO B 327 27.77 -14.10 -22.33
C PRO B 327 29.04 -13.42 -21.82
N TYR B 328 29.43 -12.27 -22.37
CA TYR B 328 30.67 -11.62 -21.97
C TYR B 328 30.59 -11.00 -20.59
N PHE B 329 29.43 -10.52 -20.15
CA PHE B 329 29.27 -10.02 -18.79
C PHE B 329 29.32 -11.15 -17.74
N CYS B 330 28.78 -12.33 -18.03
CA CYS B 330 28.95 -13.51 -17.19
C CYS B 330 30.40 -13.99 -17.12
N VAL B 331 31.17 -13.88 -18.21
CA VAL B 331 32.62 -14.17 -18.17
C VAL B 331 33.35 -13.15 -17.29
N LEU B 332 33.17 -11.84 -17.51
CA LEU B 332 33.83 -10.80 -16.72
C LEU B 332 33.42 -10.85 -15.24
N ALA B 333 32.16 -11.12 -14.93
CA ALA B 333 31.69 -11.33 -13.55
C ALA B 333 32.39 -12.52 -12.88
N SER B 334 32.54 -13.64 -13.59
CA SER B 334 33.24 -14.82 -13.10
C SER B 334 34.73 -14.59 -12.91
N LEU B 335 35.41 -13.95 -13.87
CA LEU B 335 36.82 -13.59 -13.75
C LEU B 335 37.07 -12.60 -12.61
N TYR B 336 36.18 -11.63 -12.40
CA TYR B 336 36.33 -10.70 -11.28
C TYR B 336 36.14 -11.37 -9.92
N ILE B 337 35.19 -12.31 -9.78
CA ILE B 337 35.03 -13.09 -8.55
C ILE B 337 36.27 -13.97 -8.30
N LEU B 338 36.87 -14.61 -9.30
CA LEU B 338 38.13 -15.35 -9.12
C LEU B 338 39.29 -14.43 -8.74
N TYR B 339 39.36 -13.22 -9.28
CA TYR B 339 40.32 -12.22 -8.86
C TYR B 339 40.13 -11.78 -7.40
N MET B 340 38.90 -11.57 -6.94
CA MET B 340 38.62 -11.30 -5.54
C MET B 340 38.91 -12.47 -4.59
N ILE B 341 38.69 -13.71 -5.02
CA ILE B 341 39.12 -14.90 -4.29
C ILE B 341 40.66 -14.96 -4.18
N CYS B 342 41.37 -14.62 -5.25
CA CYS B 342 42.83 -14.55 -5.25
C CYS B 342 43.36 -13.49 -4.29
N PHE B 343 42.86 -12.26 -4.37
CA PHE B 343 43.22 -11.18 -3.44
C PHE B 343 42.90 -11.55 -1.99
N THR B 344 41.71 -12.09 -1.72
CA THR B 344 41.30 -12.52 -0.38
C THR B 344 42.26 -13.54 0.18
N THR B 345 42.62 -14.56 -0.60
CA THR B 345 43.60 -15.58 -0.21
C THR B 345 44.96 -14.97 0.15
N CYS B 346 45.42 -13.94 -0.56
CA CYS B 346 46.67 -13.23 -0.23
C CYS B 346 46.60 -12.47 1.10
N CYS B 347 45.40 -12.09 1.55
CA CYS B 347 45.16 -11.50 2.87
C CYS B 347 45.02 -12.57 3.97
N ILE B 348 44.39 -13.71 3.70
CA ILE B 348 44.29 -14.81 4.68
C ILE B 348 45.69 -15.40 4.97
N TYR B 349 46.54 -15.54 3.94
CA TYR B 349 47.91 -16.04 4.05
C TYR B 349 48.98 -14.94 4.19
N ARG B 350 48.58 -13.72 4.57
CA ARG B 350 49.44 -12.55 4.80
C ARG B 350 50.62 -12.87 5.74
N PRO B 351 51.85 -12.38 5.47
CA PRO B 351 53.05 -12.80 6.20
C PRO B 351 53.22 -12.13 7.57
N LEU B 352 53.13 -12.91 8.65
CA LEU B 352 53.21 -12.49 10.05
C LEU B 352 54.16 -13.38 10.87
N LYS B 353 54.80 -12.80 11.90
CA LYS B 353 55.74 -13.48 12.81
C LYS B 353 55.42 -13.17 14.28
N LEU B 354 55.91 -13.96 15.22
CA LEU B 354 55.75 -13.68 16.66
C LEU B 354 56.40 -12.34 17.02
N ARG B 355 55.63 -11.54 17.74
CA ARG B 355 56.11 -10.21 18.15
C ARG B 355 57.40 -10.32 18.95
N ASP B 356 58.27 -9.33 18.84
CA ASP B 356 59.51 -9.22 19.59
C ASP B 356 59.32 -8.50 20.94
N ASP B 357 58.55 -7.42 20.97
CA ASP B 357 58.24 -6.62 22.16
C ASP B 357 57.23 -7.32 23.09
N ASN B 358 57.50 -7.37 24.40
CA ASN B 358 56.66 -8.05 25.38
C ASN B 358 55.34 -7.28 25.70
N ARG B 359 54.32 -8.07 26.04
CA ARG B 359 53.01 -7.47 26.43
C ARG B 359 53.10 -7.07 27.90
N THR B 360 53.72 -5.93 28.19
CA THR B 360 53.85 -5.34 29.54
C THR B 360 52.56 -4.70 30.06
N ASP B 361 51.78 -4.08 29.17
CA ASP B 361 50.42 -3.58 29.47
C ASP B 361 49.43 -4.75 29.56
N PRO B 362 48.73 -4.97 30.68
CA PRO B 362 47.81 -6.10 30.83
C PRO B 362 46.62 -6.06 29.86
N ARG B 363 46.30 -4.88 29.30
CA ARG B 363 45.20 -4.70 28.33
C ARG B 363 45.65 -4.93 26.88
N ASP B 364 46.92 -5.20 26.63
CA ASP B 364 47.47 -5.51 25.30
C ASP B 364 47.26 -6.98 24.90
N ILE B 365 46.72 -7.21 23.69
CA ILE B 365 46.47 -8.55 23.12
C ILE B 365 47.20 -8.82 21.82
N THR B 366 48.04 -7.94 21.32
CA THR B 366 48.79 -8.21 20.08
C THR B 366 49.90 -9.22 20.34
N ILE B 367 49.93 -10.31 19.56
CA ILE B 367 50.91 -11.40 19.67
C ILE B 367 51.72 -11.62 18.39
N LEU B 368 51.24 -11.15 17.24
CA LEU B 368 51.89 -11.33 15.94
C LEU B 368 52.10 -9.95 15.28
N GLN B 369 53.09 -9.89 14.39
CA GLN B 369 53.67 -8.66 13.84
C GLN B 369 54.00 -8.88 12.36
N GLN B 370 54.06 -7.85 11.53
CA GLN B 370 54.46 -8.00 10.12
C GLN B 370 55.88 -8.59 9.97
N LYS B 371 56.06 -9.51 9.04
CA LYS B 371 57.40 -9.86 8.53
C LYS B 371 57.94 -8.72 7.67
N LEU B 372 59.24 -8.42 7.78
CA LEU B 372 59.94 -7.52 6.87
C LEU B 372 60.08 -8.18 5.48
N LEU B 373 60.22 -7.39 4.42
CA LEU B 373 60.31 -7.87 3.04
C LEU B 373 61.38 -8.98 2.86
N GLN B 374 62.55 -8.78 3.47
CA GLN B 374 63.68 -9.71 3.48
C GLN B 374 63.46 -11.03 4.23
N GLU B 375 62.32 -11.21 4.92
CA GLU B 375 61.92 -12.46 5.62
C GLU B 375 60.50 -12.93 5.26
N ALA B 376 59.69 -12.09 4.60
CA ALA B 376 58.34 -12.38 4.13
C ALA B 376 58.28 -13.32 2.91
N TYR B 377 59.40 -13.60 2.24
CA TYR B 377 59.48 -14.40 1.02
C TYR B 377 60.60 -15.43 1.09
N VAL B 378 60.36 -16.54 1.79
CA VAL B 378 61.37 -17.58 2.07
C VAL B 378 60.86 -18.98 1.73
N THR B 379 59.66 -19.36 2.13
CA THR B 379 59.14 -20.73 1.90
C THR B 379 58.49 -20.87 0.52
N HIS B 380 58.18 -22.11 0.12
CA HIS B 380 57.40 -22.38 -1.11
C HIS B 380 56.05 -21.68 -1.08
N GLN B 381 55.33 -21.73 0.05
CA GLN B 381 54.06 -21.04 0.24
C GLN B 381 54.19 -19.52 0.10
N ASP B 382 55.30 -18.91 0.51
CA ASP B 382 55.52 -17.48 0.26
C ASP B 382 55.66 -17.18 -1.23
N ASN B 383 56.32 -18.05 -2.02
CA ASN B 383 56.43 -17.88 -3.46
C ASN B 383 55.09 -18.13 -4.18
N ILE B 384 54.27 -19.07 -3.73
CA ILE B 384 52.88 -19.21 -4.21
C ILE B 384 52.09 -17.93 -3.93
N ARG B 385 52.29 -17.32 -2.76
CA ARG B 385 51.53 -16.09 -2.44
C ARG B 385 52.08 -14.92 -3.24
N LEU B 386 53.38 -14.88 -3.50
CA LEU B 386 53.92 -13.85 -4.40
C LEU B 386 53.23 -13.87 -5.77
N VAL B 387 52.91 -15.03 -6.33
CA VAL B 387 52.13 -15.12 -7.58
C VAL B 387 50.73 -14.54 -7.38
N GLY B 388 50.02 -14.91 -6.32
CA GLY B 388 48.71 -14.32 -6.02
C GLY B 388 48.74 -12.82 -5.76
N GLU B 389 49.80 -12.31 -5.15
CA GLU B 389 50.03 -10.88 -4.94
C GLU B 389 50.36 -10.15 -6.24
N LEU B 390 51.17 -10.72 -7.13
CA LEU B 390 51.44 -10.14 -8.44
C LEU B 390 50.20 -10.15 -9.35
N VAL B 391 49.37 -11.19 -9.30
CA VAL B 391 48.04 -11.20 -9.92
C VAL B 391 47.15 -10.11 -9.31
N THR B 392 47.15 -9.96 -7.98
CA THR B 392 46.40 -8.92 -7.27
C THR B 392 46.79 -7.52 -7.75
N VAL B 393 48.08 -7.21 -7.80
CA VAL B 393 48.61 -5.91 -8.25
C VAL B 393 48.35 -5.69 -9.75
N THR B 394 48.55 -6.71 -10.58
CA THR B 394 48.26 -6.66 -12.03
C THR B 394 46.80 -6.29 -12.29
N GLY B 395 45.85 -6.91 -11.59
CA GLY B 395 44.44 -6.54 -11.72
C GLY B 395 44.15 -5.11 -11.26
N ALA B 396 44.81 -4.62 -10.21
CA ALA B 396 44.65 -3.22 -9.77
C ALA B 396 45.18 -2.22 -10.81
N VAL B 397 46.31 -2.51 -11.47
CA VAL B 397 46.80 -1.69 -12.59
C VAL B 397 45.80 -1.72 -13.75
N ILE B 398 45.38 -2.91 -14.20
CA ILE B 398 44.40 -3.08 -15.27
C ILE B 398 43.10 -2.33 -14.98
N ILE B 399 42.59 -2.34 -13.73
CA ILE B 399 41.42 -1.54 -13.34
C ILE B 399 41.65 -0.05 -13.64
N LEU B 400 42.80 0.52 -13.28
CA LEU B 400 43.05 1.93 -13.57
C LEU B 400 43.26 2.19 -15.08
N LEU B 401 43.85 1.26 -15.83
CA LEU B 401 43.92 1.34 -17.29
C LEU B 401 42.54 1.30 -17.98
N LEU B 402 41.56 0.59 -17.42
CA LEU B 402 40.18 0.57 -17.91
C LEU B 402 39.36 1.79 -17.44
N GLU B 403 39.49 2.18 -16.17
CA GLU B 403 38.70 3.25 -15.55
C GLU B 403 39.16 4.65 -15.95
N ILE B 404 40.45 4.98 -15.85
CA ILE B 404 40.91 6.37 -15.97
C ILE B 404 40.58 7.00 -17.34
N PRO B 405 40.76 6.33 -18.50
CA PRO B 405 40.35 6.88 -19.78
C PRO B 405 38.86 7.18 -19.89
N ASP B 406 37.99 6.37 -19.29
CA ASP B 406 36.54 6.60 -19.36
C ASP B 406 36.11 7.85 -18.58
N ILE B 407 36.85 8.24 -17.52
CA ILE B 407 36.63 9.51 -16.82
C ILE B 407 36.72 10.66 -17.82
N PHE B 408 37.76 10.65 -18.67
CA PHE B 408 38.02 11.71 -19.63
C PHE B 408 37.04 11.71 -20.81
N ARG B 409 36.50 10.57 -21.19
CA ARG B 409 35.49 10.57 -22.26
C ARG B 409 34.17 11.11 -21.76
N VAL B 410 33.66 10.61 -20.64
CA VAL B 410 32.31 10.94 -20.14
C VAL B 410 32.30 12.27 -19.38
N GLY B 411 33.43 12.67 -18.79
CA GLY B 411 33.56 13.79 -17.87
C GLY B 411 33.27 13.37 -16.43
N ALA B 412 34.14 13.69 -15.48
CA ALA B 412 34.13 13.11 -14.13
C ALA B 412 32.80 13.28 -13.38
N SER B 413 32.19 14.46 -13.47
CA SER B 413 30.92 14.81 -12.84
C SER B 413 29.77 13.88 -13.28
N ARG B 414 29.88 13.38 -14.50
CA ARG B 414 28.83 12.49 -15.06
C ARG B 414 29.25 11.04 -14.94
N TYR B 415 30.54 10.77 -15.07
CA TYR B 415 31.06 9.41 -14.95
C TYR B 415 30.78 8.80 -13.57
N PHE B 416 31.11 9.51 -12.49
CA PHE B 416 30.81 9.06 -11.12
C PHE B 416 29.37 9.36 -10.67
N GLY B 417 28.68 10.27 -11.33
CA GLY B 417 27.32 10.69 -10.95
C GLY B 417 26.21 9.77 -11.45
N GLN B 418 26.29 9.29 -12.68
CA GLN B 418 25.18 8.58 -13.34
C GLN B 418 25.01 7.15 -12.81
N THR B 419 23.84 6.84 -12.21
CA THR B 419 23.44 5.49 -11.79
C THR B 419 23.52 4.49 -12.96
N ILE B 420 23.00 4.88 -14.12
CA ILE B 420 22.91 4.03 -15.31
C ILE B 420 24.28 3.54 -15.81
N LEU B 421 25.30 4.41 -15.79
CA LEU B 421 26.66 4.05 -16.20
C LEU B 421 27.42 3.24 -15.14
N GLY B 422 26.98 3.25 -13.88
CA GLY B 422 27.66 2.58 -12.76
C GLY B 422 28.45 3.50 -11.83
N GLY B 423 28.13 4.80 -11.79
CA GLY B 423 28.90 5.83 -11.08
C GLY B 423 29.46 5.48 -9.70
N PRO B 424 28.67 5.03 -8.71
CA PRO B 424 29.20 4.65 -7.39
C PRO B 424 30.17 3.46 -7.43
N PHE B 425 29.99 2.51 -8.34
CA PHE B 425 30.92 1.40 -8.51
C PHE B 425 32.24 1.84 -9.12
N HIS B 426 32.25 2.84 -9.99
CA HIS B 426 33.48 3.42 -10.52
C HIS B 426 34.30 4.12 -9.43
N VAL B 427 33.65 4.76 -8.47
CA VAL B 427 34.35 5.30 -7.29
C VAL B 427 34.99 4.19 -6.47
N ILE B 428 34.23 3.18 -6.06
CA ILE B 428 34.77 2.16 -5.14
C ILE B 428 35.75 1.19 -5.81
N ILE B 429 35.65 0.92 -7.12
CA ILE B 429 36.65 0.12 -7.82
C ILE B 429 37.98 0.87 -8.03
N ILE B 430 37.96 2.18 -8.30
CA ILE B 430 39.18 3.00 -8.35
C ILE B 430 39.80 3.12 -6.95
N THR B 431 38.97 3.23 -5.92
CA THR B 431 39.44 3.25 -4.52
C THR B 431 40.08 1.92 -4.13
N TYR B 432 39.45 0.79 -4.44
CA TYR B 432 40.08 -0.53 -4.20
C TYR B 432 41.42 -0.55 -4.93
N ALA B 433 41.48 -0.32 -6.23
CA ALA B 433 42.75 -0.39 -6.96
C ALA B 433 43.84 0.51 -6.35
N SER B 434 43.47 1.70 -5.88
CA SER B 434 44.38 2.62 -5.19
C SER B 434 44.87 2.04 -3.86
N LEU B 435 44.00 1.43 -3.06
CA LEU B 435 44.36 0.80 -1.77
C LEU B 435 45.28 -0.41 -1.95
N VAL B 436 45.11 -1.18 -3.02
CA VAL B 436 46.04 -2.27 -3.38
C VAL B 436 47.41 -1.73 -3.74
N LEU B 437 47.51 -0.71 -4.59
CA LEU B 437 48.80 -0.13 -4.98
C LEU B 437 49.48 0.63 -3.82
N LEU B 438 48.72 1.26 -2.92
CA LEU B 438 49.23 1.75 -1.64
C LEU B 438 49.83 0.60 -0.81
N THR B 439 49.13 -0.52 -0.69
CA THR B 439 49.61 -1.68 0.08
C THR B 439 50.86 -2.29 -0.53
N MET B 440 50.98 -2.33 -1.86
CA MET B 440 52.21 -2.74 -2.54
C MET B 440 53.39 -1.86 -2.13
N VAL B 441 53.24 -0.54 -2.12
CA VAL B 441 54.29 0.37 -1.65
C VAL B 441 54.61 0.13 -0.18
N MET B 442 53.62 -0.03 0.70
CA MET B 442 53.87 -0.37 2.11
C MET B 442 54.67 -1.66 2.27
N ARG B 443 54.34 -2.72 1.51
CA ARG B 443 55.07 -4.00 1.54
C ARG B 443 56.53 -3.81 1.14
N LEU B 444 56.77 -3.02 0.10
CA LEU B 444 58.12 -2.75 -0.41
C LEU B 444 58.95 -1.87 0.53
N THR B 445 58.34 -0.89 1.21
CA THR B 445 59.03 0.02 2.13
C THR B 445 58.98 -0.40 3.61
N ASN B 446 58.66 -1.67 3.91
CA ASN B 446 58.60 -2.23 5.27
C ASN B 446 57.66 -1.44 6.22
N MET B 447 56.61 -0.80 5.70
CA MET B 447 55.75 0.06 6.51
C MET B 447 54.76 -0.75 7.34
N ASN B 448 54.72 -0.54 8.65
CA ASN B 448 53.76 -1.21 9.52
C ASN B 448 52.34 -0.64 9.33
N GLY B 449 51.32 -1.50 9.37
CA GLY B 449 49.91 -1.09 9.31
C GLY B 449 49.15 -1.55 8.07
N GLU B 450 49.59 -2.58 7.34
CA GLU B 450 48.90 -3.07 6.14
C GLU B 450 47.45 -3.53 6.39
N VAL B 451 47.08 -3.85 7.64
CA VAL B 451 45.70 -4.14 8.03
C VAL B 451 44.73 -3.03 7.63
N VAL B 452 45.15 -1.76 7.69
CA VAL B 452 44.29 -0.62 7.39
C VAL B 452 43.87 -0.61 5.91
N PRO B 453 44.78 -0.45 4.92
CA PRO B 453 44.36 -0.45 3.53
C PRO B 453 43.83 -1.80 3.05
N LEU B 454 44.32 -2.93 3.57
CA LEU B 454 43.76 -4.24 3.22
C LEU B 454 42.34 -4.44 3.75
N SER B 455 42.00 -3.99 4.96
CA SER B 455 40.62 -4.11 5.45
C SER B 455 39.66 -3.29 4.61
N PHE B 456 40.02 -2.06 4.24
CA PHE B 456 39.24 -1.25 3.31
C PHE B 456 39.16 -1.89 1.92
N ALA B 457 40.27 -2.38 1.36
CA ALA B 457 40.27 -3.01 0.05
C ALA B 457 39.47 -4.31 0.02
N LEU B 458 39.43 -5.09 1.09
CA LEU B 458 38.60 -6.30 1.18
C LEU B 458 37.12 -5.95 1.19
N VAL B 459 36.69 -4.95 1.95
CA VAL B 459 35.30 -4.47 1.96
C VAL B 459 34.93 -3.89 0.60
N LEU B 460 35.65 -2.89 0.10
CA LEU B 460 35.33 -2.24 -1.17
C LEU B 460 35.48 -3.18 -2.37
N GLY B 461 36.49 -4.04 -2.37
CA GLY B 461 36.73 -5.01 -3.43
C GLY B 461 35.58 -5.99 -3.55
N TRP B 462 35.14 -6.63 -2.46
CA TRP B 462 33.98 -7.50 -2.48
C TRP B 462 32.68 -6.75 -2.74
N CYS B 463 32.40 -5.61 -2.09
CA CYS B 463 31.18 -4.86 -2.39
C CYS B 463 31.10 -4.40 -3.85
N SER B 464 32.22 -4.16 -4.54
CA SER B 464 32.21 -3.85 -5.97
C SER B 464 31.85 -5.05 -6.87
N VAL B 465 31.77 -6.28 -6.36
CA VAL B 465 31.16 -7.41 -7.08
C VAL B 465 29.68 -7.12 -7.39
N MET B 466 29.00 -6.30 -6.57
CA MET B 466 27.64 -5.85 -6.88
C MET B 466 27.53 -5.02 -8.15
N TYR B 467 28.63 -4.53 -8.74
CA TYR B 467 28.57 -3.95 -10.09
C TYR B 467 27.96 -4.92 -11.09
N PHE B 468 28.32 -6.20 -11.01
CA PHE B 468 27.87 -7.24 -11.92
C PHE B 468 26.43 -7.69 -11.69
N ALA B 469 25.77 -7.23 -10.62
CA ALA B 469 24.36 -7.53 -10.37
C ALA B 469 23.43 -7.03 -11.48
N ARG B 470 23.84 -6.03 -12.25
CA ARG B 470 23.03 -5.42 -13.32
C ARG B 470 22.80 -6.34 -14.50
N GLY B 471 23.57 -7.40 -14.64
CA GLY B 471 23.37 -8.37 -15.73
C GLY B 471 22.24 -9.36 -15.48
N PHE B 472 21.76 -9.47 -14.24
CA PHE B 472 20.85 -10.52 -13.81
C PHE B 472 19.52 -9.92 -13.36
N GLN B 473 18.41 -10.32 -13.95
CA GLN B 473 17.08 -9.75 -13.66
C GLN B 473 16.68 -9.90 -12.19
N MET B 474 17.17 -10.95 -11.53
CA MET B 474 16.93 -11.21 -10.11
C MET B 474 17.60 -10.18 -9.19
N LEU B 475 18.89 -9.90 -9.41
CA LEU B 475 19.76 -9.08 -8.55
C LEU B 475 19.76 -7.59 -8.94
N GLY B 476 19.56 -7.27 -10.22
CA GLY B 476 19.76 -5.94 -10.79
C GLY B 476 18.84 -4.86 -10.23
N PRO B 477 17.52 -5.02 -10.26
CA PRO B 477 16.58 -4.07 -9.67
C PRO B 477 16.79 -3.91 -8.16
N PHE B 478 17.09 -4.99 -7.43
CA PHE B 478 17.38 -4.93 -6.01
C PHE B 478 18.65 -4.12 -5.68
N THR B 479 19.68 -4.21 -6.51
CA THR B 479 20.90 -3.40 -6.34
C THR B 479 20.65 -1.90 -6.55
N ILE B 480 19.66 -1.54 -7.37
CA ILE B 480 19.18 -0.15 -7.48
C ILE B 480 18.42 0.28 -6.22
N MET B 481 17.59 -0.56 -5.61
CA MET B 481 17.00 -0.22 -4.30
C MET B 481 18.08 -0.01 -3.25
N ILE B 482 19.10 -0.86 -3.15
CA ILE B 482 20.21 -0.65 -2.20
C ILE B 482 20.82 0.75 -2.40
N GLN B 483 21.09 1.16 -3.63
CA GLN B 483 21.61 2.49 -3.93
C GLN B 483 20.65 3.64 -3.55
N LYS B 484 19.37 3.52 -3.94
CA LYS B 484 18.35 4.56 -3.67
C LYS B 484 17.97 4.64 -2.19
N MET B 485 18.09 3.55 -1.43
CA MET B 485 17.97 3.57 0.02
C MET B 485 19.21 4.10 0.73
N ILE B 486 20.43 3.85 0.24
CA ILE B 486 21.65 4.42 0.82
C ILE B 486 21.64 5.95 0.73
N PHE B 487 21.49 6.51 -0.47
CA PHE B 487 21.56 7.96 -0.66
C PHE B 487 20.26 8.69 -0.29
N GLY B 488 19.18 7.96 0.00
CA GLY B 488 17.90 8.48 0.47
C GLY B 488 17.68 8.21 1.96
N ASP B 489 16.94 7.16 2.27
CA ASP B 489 16.47 6.88 3.63
C ASP B 489 17.58 6.63 4.66
N LEU B 490 18.65 5.91 4.31
CA LEU B 490 19.76 5.70 5.22
C LEU B 490 20.48 7.02 5.54
N MET B 491 20.61 7.93 4.57
CA MET B 491 21.20 9.25 4.80
C MET B 491 20.38 10.08 5.78
N ARG B 492 19.09 10.30 5.55
CA ARG B 492 18.24 11.06 6.49
C ARG B 492 18.28 10.40 7.86
N PHE B 493 18.14 9.08 7.91
CA PHE B 493 18.14 8.38 9.19
C PHE B 493 19.43 8.61 9.95
N CYS B 494 20.59 8.44 9.31
CA CYS B 494 21.88 8.60 9.98
C CYS B 494 22.10 10.02 10.51
N TRP B 495 21.59 11.07 9.88
CA TRP B 495 21.66 12.43 10.44
C TRP B 495 20.91 12.59 11.75
N LEU B 496 19.70 12.03 11.90
CA LEU B 496 18.94 12.17 13.13
C LEU B 496 19.33 11.13 14.18
N MET B 497 19.72 9.92 13.76
CA MET B 497 20.33 8.90 14.59
C MET B 497 21.61 9.41 15.27
N ALA B 498 22.48 10.12 14.54
CA ALA B 498 23.69 10.72 15.11
C ALA B 498 23.40 11.71 16.23
N VAL B 499 22.35 12.52 16.10
CA VAL B 499 21.90 13.46 17.13
C VAL B 499 21.43 12.74 18.40
N VAL B 500 20.66 11.66 18.27
CA VAL B 500 20.25 10.82 19.41
C VAL B 500 21.46 10.17 20.07
N ILE B 501 22.38 9.58 19.30
CA ILE B 501 23.58 8.93 19.84
C ILE B 501 24.48 9.92 20.58
N LEU B 502 24.67 11.16 20.11
CA LEU B 502 25.48 12.15 20.82
C LEU B 502 24.85 12.56 22.15
N GLY B 503 23.53 12.73 22.21
CA GLY B 503 22.84 13.03 23.46
C GLY B 503 22.98 11.92 24.48
N PHE B 504 22.61 10.69 24.10
CA PHE B 504 22.62 9.56 25.00
C PHE B 504 24.02 9.04 25.34
N ALA B 505 24.99 9.01 24.43
CA ALA B 505 26.35 8.60 24.77
C ALA B 505 26.98 9.52 25.81
N SER B 506 26.66 10.80 25.77
CA SER B 506 27.11 11.78 26.75
C SER B 506 26.43 11.59 28.10
N ALA B 507 25.12 11.37 28.14
CA ALA B 507 24.41 11.06 29.37
C ALA B 507 24.88 9.76 30.01
N PHE B 508 25.07 8.69 29.23
CA PHE B 508 25.63 7.43 29.72
C PHE B 508 27.05 7.59 30.20
N HIS B 509 27.94 8.26 29.47
CA HIS B 509 29.30 8.47 29.95
C HIS B 509 29.30 9.20 31.29
N ILE B 510 28.63 10.34 31.42
CA ILE B 510 28.67 11.07 32.69
C ILE B 510 27.96 10.36 33.83
N THR B 511 26.96 9.52 33.54
CA THR B 511 26.36 8.64 34.55
C THR B 511 27.38 7.65 35.11
N PHE B 512 28.27 7.11 34.28
CA PHE B 512 29.27 6.12 34.69
C PHE B 512 30.63 6.66 35.10
N GLN B 513 30.96 7.94 34.86
CA GLN B 513 32.24 8.53 35.29
C GLN B 513 32.57 8.30 36.77
N THR B 514 31.59 8.36 37.66
CA THR B 514 31.77 8.16 39.11
C THR B 514 31.93 6.70 39.53
N GLU B 515 31.59 5.74 38.67
CA GLU B 515 31.53 4.31 38.98
C GLU B 515 32.78 3.56 38.50
N ASP B 516 33.03 2.39 39.06
CA ASP B 516 34.19 1.56 38.76
C ASP B 516 34.15 0.97 37.33
N PRO B 517 35.12 1.28 36.44
CA PRO B 517 35.13 0.80 35.06
C PRO B 517 35.14 -0.72 34.92
N ASN B 518 35.63 -1.45 35.93
CA ASN B 518 35.74 -2.90 35.87
C ASN B 518 34.39 -3.62 36.01
N ASN B 519 33.36 -2.93 36.53
CA ASN B 519 32.04 -3.52 36.75
C ASN B 519 31.05 -3.24 35.60
N LEU B 520 31.19 -2.15 34.86
CA LEU B 520 30.44 -1.87 33.63
C LEU B 520 31.30 -1.01 32.69
N GLY B 521 31.97 -1.66 31.74
CA GLY B 521 33.01 -1.04 30.91
C GLY B 521 32.51 -0.33 29.66
N GLU B 522 31.25 -0.55 29.26
CA GLU B 522 30.63 -0.06 28.03
C GLU B 522 30.72 1.46 27.84
N PHE B 523 30.72 2.23 28.93
CA PHE B 523 30.71 3.69 28.90
C PHE B 523 31.94 4.29 29.61
N SER B 524 33.03 3.54 29.69
CA SER B 524 34.20 3.86 30.54
C SER B 524 35.04 5.05 30.03
N ASP B 525 34.98 5.38 28.74
CA ASP B 525 35.49 6.65 28.19
C ASP B 525 34.59 7.10 27.03
N TYR B 526 34.70 8.35 26.60
CA TYR B 526 33.76 8.90 25.63
C TYR B 526 33.75 8.19 24.28
N PRO B 527 34.90 7.81 23.67
CA PRO B 527 34.90 7.01 22.45
C PRO B 527 34.23 5.64 22.61
N THR B 528 34.44 4.95 23.73
CA THR B 528 33.74 3.69 24.01
C THR B 528 32.25 3.93 24.23
N ALA B 529 31.87 5.01 24.91
CA ALA B 529 30.47 5.34 25.14
C ALA B 529 29.73 5.64 23.84
N LEU B 530 30.33 6.35 22.90
CA LEU B 530 29.78 6.57 21.57
C LEU B 530 29.57 5.26 20.83
N PHE B 531 30.59 4.41 20.76
CA PHE B 531 30.50 3.15 20.05
C PHE B 531 29.48 2.20 20.69
N SER B 532 29.50 2.05 22.01
CA SER B 532 28.48 1.28 22.73
C SER B 532 27.10 1.83 22.51
N THR B 533 26.89 3.15 22.53
CA THR B 533 25.56 3.74 22.28
C THR B 533 25.09 3.49 20.86
N PHE B 534 25.96 3.59 19.87
CA PHE B 534 25.67 3.20 18.49
C PHE B 534 25.29 1.72 18.36
N GLU B 535 26.02 0.80 19.00
CA GLU B 535 25.67 -0.62 19.01
C GLU B 535 24.38 -0.92 19.80
N LEU B 536 24.12 -0.20 20.89
CA LEU B 536 22.87 -0.29 21.63
C LEU B 536 21.69 0.25 20.82
N PHE B 537 21.85 1.33 20.05
CA PHE B 537 20.82 1.88 19.17
C PHE B 537 20.34 0.80 18.21
N LEU B 538 21.27 0.16 17.52
CA LEU B 538 20.96 -0.85 16.50
C LEU B 538 20.75 -2.21 17.15
N THR B 539 20.78 -2.29 18.46
CA THR B 539 20.55 -3.57 19.21
C THR B 539 21.53 -4.65 18.77
N ILE B 540 22.79 -4.32 18.58
CA ILE B 540 23.82 -5.31 18.16
C ILE B 540 24.68 -5.67 19.37
N ILE B 541 24.48 -5.04 20.52
CA ILE B 541 25.14 -5.40 21.79
C ILE B 541 24.05 -5.33 22.86
N ASP B 542 24.05 -6.24 23.83
CA ASP B 542 22.95 -6.29 24.83
C ASP B 542 23.06 -5.12 25.79
N GLY B 543 21.94 -4.62 26.27
CA GLY B 543 21.94 -3.48 27.20
C GLY B 543 22.81 -3.77 28.38
N PRO B 544 23.66 -2.85 28.85
CA PRO B 544 24.55 -3.21 29.92
C PRO B 544 23.88 -3.50 31.27
N ALA B 545 24.15 -4.65 31.90
CA ALA B 545 23.64 -4.96 33.21
C ALA B 545 24.63 -5.82 33.98
N ASN B 546 24.59 -5.72 35.30
CA ASN B 546 25.46 -6.49 36.19
C ASN B 546 24.76 -6.67 37.52
N TYR B 547 23.94 -7.71 37.65
CA TYR B 547 23.04 -7.89 38.79
C TYR B 547 23.78 -8.08 40.13
N SER B 548 25.09 -8.34 40.09
CA SER B 548 25.95 -8.39 41.28
C SER B 548 26.29 -7.04 41.91
N VAL B 549 25.97 -5.90 41.29
CA VAL B 549 26.28 -4.54 41.78
C VAL B 549 25.13 -3.55 41.55
N ASP B 550 25.08 -2.48 42.35
CA ASP B 550 24.14 -1.38 42.19
C ASP B 550 24.63 -0.36 41.15
N LEU B 551 24.05 -0.40 39.95
CA LEU B 551 24.24 0.62 38.93
C LEU B 551 23.57 1.94 39.34
N PRO B 552 23.94 3.09 38.77
CA PRO B 552 23.26 4.36 39.04
C PRO B 552 21.76 4.31 38.69
N PHE B 553 20.89 4.89 39.51
CA PHE B 553 19.45 4.96 39.17
C PHE B 553 19.20 5.77 37.90
N MET B 554 20.05 6.78 37.65
CA MET B 554 20.02 7.61 36.45
C MET B 554 20.32 6.80 35.18
N TYR B 555 20.94 5.65 35.30
CA TYR B 555 21.19 4.78 34.12
C TYR B 555 19.91 4.10 33.67
N CYS B 556 19.16 3.55 34.61
CA CYS B 556 17.90 2.88 34.26
C CYS B 556 16.89 3.85 33.67
N ILE B 557 16.81 5.08 34.18
CA ILE B 557 16.01 6.18 33.61
C ILE B 557 16.49 6.53 32.19
N THR B 558 17.78 6.81 32.01
CA THR B 558 18.35 7.19 30.71
C THR B 558 18.21 6.06 29.70
N TYR B 559 18.43 4.80 30.08
CA TYR B 559 18.32 3.66 29.18
C TYR B 559 16.87 3.30 28.84
N ALA B 560 15.91 3.52 29.72
CA ALA B 560 14.49 3.40 29.39
C ALA B 560 14.07 4.41 28.32
N ALA B 561 14.45 5.68 28.46
CA ALA B 561 14.21 6.70 27.45
C ALA B 561 14.93 6.38 26.14
N PHE B 562 16.19 5.95 26.20
CA PHE B 562 16.96 5.53 25.03
C PHE B 562 16.30 4.36 24.29
N ALA B 563 15.91 3.31 25.00
CA ALA B 563 15.28 2.15 24.40
C ALA B 563 13.95 2.49 23.72
N ILE B 564 13.17 3.42 24.26
CA ILE B 564 11.93 3.88 23.63
C ILE B 564 12.20 4.77 22.40
N ILE B 565 13.15 5.70 22.44
CA ILE B 565 13.47 6.58 21.31
C ILE B 565 14.26 5.86 20.22
N ALA B 566 15.38 5.23 20.55
CA ALA B 566 16.24 4.56 19.58
C ALA B 566 15.66 3.24 19.10
N THR B 567 15.59 2.24 19.94
CA THR B 567 15.14 0.90 19.50
C THR B 567 13.65 0.86 19.16
N LEU B 568 12.75 1.23 20.06
CA LEU B 568 11.32 1.09 19.78
C LEU B 568 10.87 2.04 18.67
N LEU B 569 11.01 3.35 18.84
CA LEU B 569 10.53 4.32 17.85
C LEU B 569 11.39 4.30 16.58
N MET B 570 12.62 4.78 16.62
CA MET B 570 13.35 5.13 15.40
C MET B 570 13.78 3.92 14.59
N LEU B 571 14.30 2.86 15.19
CA LEU B 571 14.73 1.68 14.45
C LEU B 571 13.57 0.97 13.73
N ASN B 572 12.34 1.02 14.27
CA ASN B 572 11.15 0.51 13.58
C ASN B 572 10.55 1.52 12.59
N LEU B 573 10.67 2.82 12.83
CA LEU B 573 10.30 3.86 11.88
C LEU B 573 11.22 3.87 10.64
N PHE B 574 12.45 3.41 10.75
CA PHE B 574 13.30 3.17 9.59
C PHE B 574 12.71 2.10 8.66
N ILE B 575 12.27 0.98 9.21
CA ILE B 575 11.58 -0.09 8.46
C ILE B 575 10.31 0.46 7.81
N ALA B 576 9.49 1.19 8.56
CA ALA B 576 8.26 1.78 8.05
C ALA B 576 8.50 2.75 6.90
N MET B 577 9.50 3.65 6.99
CA MET B 577 9.77 4.59 5.91
C MET B 577 10.47 3.94 4.71
N MET B 578 11.28 2.92 4.90
CA MET B 578 11.80 2.12 3.79
C MET B 578 10.68 1.40 3.06
N GLY B 579 9.70 0.80 3.74
CA GLY B 579 8.56 0.14 3.10
C GLY B 579 7.75 1.10 2.23
N ASP B 580 7.53 2.31 2.74
CA ASP B 580 6.89 3.40 2.03
C ASP B 580 7.68 3.88 0.79
N THR B 581 8.98 4.10 0.92
CA THR B 581 9.86 4.37 -0.23
C THR B 581 9.87 3.22 -1.23
N HIS B 582 9.84 1.96 -0.78
CA HIS B 582 9.95 0.81 -1.65
C HIS B 582 8.79 0.75 -2.64
N TRP B 583 7.54 0.85 -2.19
CA TRP B 583 6.40 0.75 -3.11
C TRP B 583 6.33 1.94 -4.06
N ARG B 584 6.85 3.08 -3.66
CA ARG B 584 6.74 4.28 -4.51
C ARG B 584 7.83 4.23 -5.57
N VAL B 585 9.02 3.77 -5.23
CA VAL B 585 10.20 3.74 -6.14
C VAL B 585 10.23 2.50 -7.05
N ALA B 586 9.47 1.45 -6.77
CA ALA B 586 9.52 0.17 -7.47
C ALA B 586 9.37 0.23 -9.01
N GLN B 587 8.61 1.17 -9.58
CA GLN B 587 8.54 1.31 -11.05
C GLN B 587 9.82 1.92 -11.64
N GLU B 588 10.32 3.02 -11.07
CA GLU B 588 11.55 3.66 -11.53
C GLU B 588 12.77 2.73 -11.38
N ARG B 589 12.83 1.95 -10.31
CA ARG B 589 13.81 0.87 -10.12
C ARG B 589 13.89 -0.09 -11.31
N ASP B 590 12.75 -0.48 -11.88
CA ASP B 590 12.71 -1.38 -13.04
C ASP B 590 13.13 -0.67 -14.33
N GLU B 591 12.69 0.57 -14.55
CA GLU B 591 13.10 1.39 -15.70
C GLU B 591 14.62 1.68 -15.67
N LEU B 592 15.17 1.96 -14.49
CA LEU B 592 16.61 2.12 -14.30
C LEU B 592 17.36 0.81 -14.54
N TRP B 593 16.83 -0.34 -14.16
CA TRP B 593 17.50 -1.61 -14.43
C TRP B 593 17.58 -1.89 -15.93
N ARG B 594 16.53 -1.64 -16.67
CA ARG B 594 16.55 -1.99 -18.11
C ARG B 594 17.47 -1.00 -18.83
N ALA B 595 17.58 0.26 -18.37
CA ALA B 595 18.57 1.20 -18.87
C ALA B 595 20.02 0.84 -18.50
N GLN B 596 20.28 0.24 -17.32
CA GLN B 596 21.61 -0.29 -16.96
C GLN B 596 22.04 -1.46 -17.85
N VAL B 597 21.13 -2.34 -18.25
CA VAL B 597 21.44 -3.42 -19.18
C VAL B 597 21.85 -2.88 -20.54
N VAL B 598 21.18 -1.83 -21.04
CA VAL B 598 21.58 -1.16 -22.28
C VAL B 598 22.92 -0.44 -22.10
N ALA B 599 23.13 0.29 -21.03
CA ALA B 599 24.42 0.95 -20.79
C ALA B 599 25.59 -0.03 -20.69
N THR B 600 25.36 -1.21 -20.12
CA THR B 600 26.34 -2.30 -20.08
C THR B 600 26.63 -2.81 -21.48
N THR B 601 25.59 -3.06 -22.28
CA THR B 601 25.71 -3.51 -23.67
C THR B 601 26.53 -2.54 -24.52
N VAL B 602 26.26 -1.24 -24.37
CA VAL B 602 26.95 -0.15 -25.05
C VAL B 602 28.40 -0.02 -24.60
N MET B 603 28.69 -0.16 -23.30
CA MET B 603 30.05 -0.18 -22.76
C MET B 603 30.85 -1.37 -23.29
N LEU B 604 30.31 -2.59 -23.19
CA LEU B 604 31.02 -3.79 -23.63
C LEU B 604 31.36 -3.71 -25.11
N GLU B 605 30.40 -3.32 -25.95
CA GLU B 605 30.66 -3.17 -27.39
C GLU B 605 31.71 -2.12 -27.70
N ARG B 606 31.75 -1.01 -26.96
CA ARG B 606 32.79 0.02 -27.09
C ARG B 606 34.17 -0.49 -26.69
N LYS B 607 34.29 -1.13 -25.53
CA LYS B 607 35.58 -1.45 -24.89
C LYS B 607 36.20 -2.76 -25.35
N MET B 608 35.40 -3.77 -25.72
CA MET B 608 35.91 -5.07 -26.16
C MET B 608 36.42 -5.06 -27.61
N PRO B 609 37.31 -5.98 -27.99
CA PRO B 609 37.77 -6.15 -29.37
C PRO B 609 36.62 -6.40 -30.36
N ARG B 610 36.65 -5.76 -31.52
CA ARG B 610 35.49 -5.81 -32.46
C ARG B 610 35.24 -7.22 -33.01
N PHE B 611 36.24 -8.05 -33.11
CA PHE B 611 36.00 -9.43 -33.56
C PHE B 611 35.05 -10.21 -32.64
N LEU B 612 34.94 -9.86 -31.36
CA LEU B 612 33.97 -10.44 -30.41
C LEU B 612 32.57 -9.85 -30.55
N TRP B 613 32.42 -8.71 -31.22
CA TRP B 613 31.15 -8.01 -31.41
C TRP B 613 30.84 -7.80 -32.90
N PRO B 614 30.45 -8.85 -33.64
CA PRO B 614 30.01 -8.71 -35.03
C PRO B 614 28.93 -7.65 -35.17
N ARG B 615 29.02 -6.84 -36.23
CA ARG B 615 28.11 -5.69 -36.45
C ARG B 615 26.66 -6.15 -36.47
N SER B 616 25.81 -5.48 -35.70
CA SER B 616 24.42 -5.89 -35.47
C SER B 616 23.50 -5.56 -36.64
N GLY B 617 22.39 -6.29 -36.76
CA GLY B 617 21.46 -6.16 -37.87
C GLY B 617 21.93 -6.86 -39.15
N ILE B 618 21.27 -6.52 -40.24
CA ILE B 618 21.32 -7.19 -41.53
C ILE B 618 22.10 -6.30 -42.50
N CYS B 619 23.17 -6.80 -43.12
CA CYS B 619 23.93 -6.01 -44.07
C CYS B 619 23.13 -5.81 -45.37
N GLY B 620 22.94 -4.57 -45.81
CA GLY B 620 22.14 -4.29 -46.99
C GLY B 620 22.79 -4.72 -48.31
N TYR B 621 24.12 -4.74 -48.36
CA TYR B 621 24.86 -4.83 -49.62
C TYR B 621 24.63 -6.15 -50.36
N GLU B 622 24.61 -7.27 -49.63
CA GLU B 622 24.35 -8.59 -50.21
C GLU B 622 22.90 -8.82 -50.66
N TYR B 623 21.98 -7.86 -50.40
CA TYR B 623 20.61 -7.86 -50.95
C TYR B 623 20.33 -6.69 -51.91
N GLY B 624 21.37 -5.94 -52.31
CA GLY B 624 21.25 -4.80 -53.22
C GLY B 624 20.73 -3.51 -52.60
N LEU B 625 20.67 -3.40 -51.27
CA LEU B 625 20.20 -2.21 -50.55
C LEU B 625 21.31 -1.17 -50.27
N GLY B 626 22.49 -1.32 -50.87
CA GLY B 626 23.64 -0.44 -50.67
C GLY B 626 24.34 -0.63 -49.32
N ASP B 627 25.07 0.38 -48.87
CA ASP B 627 25.98 0.31 -47.71
C ASP B 627 25.27 0.25 -46.34
N ARG B 628 23.96 0.39 -46.33
CA ARG B 628 23.22 0.51 -45.05
C ARG B 628 22.94 -0.81 -44.39
N TRP B 629 22.72 -0.78 -43.07
CA TRP B 629 22.42 -1.97 -42.27
C TRP B 629 21.05 -1.82 -41.61
N PHE B 630 20.31 -2.92 -41.51
CA PHE B 630 18.88 -2.90 -41.21
C PHE B 630 18.50 -3.80 -40.05
N LEU B 631 17.38 -3.53 -39.40
CA LEU B 631 16.76 -4.42 -38.44
C LEU B 631 15.39 -4.83 -38.96
N ARG B 632 15.18 -6.12 -39.19
CA ARG B 632 13.84 -6.59 -39.61
C ARG B 632 13.03 -6.95 -38.37
N VAL B 633 11.90 -6.32 -38.23
CA VAL B 633 10.95 -6.55 -37.14
C VAL B 633 9.65 -7.07 -37.74
N GLU B 634 9.22 -8.24 -37.30
CA GLU B 634 7.95 -8.87 -37.66
C GLU B 634 6.98 -8.75 -36.49
N ASN B 635 5.75 -8.29 -36.73
CA ASN B 635 4.82 -7.90 -35.67
C ASN B 635 3.36 -8.26 -36.01
N HIS B 636 2.53 -8.38 -34.98
CA HIS B 636 1.12 -8.80 -35.06
C HIS B 636 0.15 -7.66 -34.73
N HIS B 637 -0.91 -7.48 -35.53
CA HIS B 637 -2.01 -6.54 -35.29
C HIS B 637 -3.36 -7.15 -35.72
N ASP C 28 -26.51 21.73 30.04
CA ASP C 28 -25.72 21.88 28.79
C ASP C 28 -26.48 22.70 27.76
N TRP C 29 -25.78 23.33 26.80
CA TRP C 29 -26.35 24.13 25.70
C TRP C 29 -27.35 23.35 24.85
N GLU C 30 -27.02 22.13 24.41
CA GLU C 30 -27.91 21.36 23.53
C GLU C 30 -29.24 21.06 24.22
N GLN C 31 -29.22 20.70 25.50
CA GLN C 31 -30.45 20.46 26.27
C GLN C 31 -31.29 21.75 26.39
N TYR C 32 -30.65 22.91 26.58
CA TYR C 32 -31.35 24.19 26.61
C TYR C 32 -31.95 24.56 25.25
N ARG C 33 -31.15 24.50 24.20
CA ARG C 33 -31.64 24.78 22.82
C ARG C 33 -32.83 23.88 22.53
N ASP C 34 -32.69 22.58 22.79
CA ASP C 34 -33.79 21.64 22.60
C ASP C 34 -35.04 22.07 23.36
N ARG C 35 -34.97 22.36 24.66
CA ARG C 35 -36.13 22.85 25.43
C ARG C 35 -36.72 24.12 24.84
N VAL C 36 -35.89 25.07 24.41
CA VAL C 36 -36.31 26.29 23.69
C VAL C 36 -37.14 25.95 22.46
N ASN C 37 -36.69 25.01 21.62
CA ASN C 37 -37.42 24.58 20.43
C ASN C 37 -38.73 23.88 20.77
N MET C 38 -38.78 23.06 21.82
CA MET C 38 -40.00 22.39 22.25
C MET C 38 -41.04 23.37 22.81
N LEU C 39 -40.64 24.29 23.69
CA LEU C 39 -41.53 25.32 24.23
C LEU C 39 -42.07 26.22 23.14
N GLN C 40 -41.23 26.57 22.15
CA GLN C 40 -41.63 27.40 21.03
C GLN C 40 -42.73 26.73 20.21
N GLN C 41 -42.55 25.46 19.83
CA GLN C 41 -43.58 24.70 19.13
C GLN C 41 -44.84 24.50 19.98
N GLU C 42 -44.72 24.25 21.28
CA GLU C 42 -45.88 24.14 22.18
C GLU C 42 -46.70 25.43 22.20
N ARG C 43 -46.06 26.59 22.36
CA ARG C 43 -46.76 27.88 22.34
C ARG C 43 -47.41 28.19 20.99
N ILE C 44 -46.81 27.75 19.89
CA ILE C 44 -47.45 27.81 18.57
C ILE C 44 -48.68 26.89 18.50
N ARG C 45 -48.67 25.69 19.11
CA ARG C 45 -49.86 24.83 19.20
C ARG C 45 -50.95 25.42 20.08
N ASP C 46 -50.57 25.96 21.24
CA ASP C 46 -51.51 26.45 22.25
C ASP C 46 -52.27 27.72 21.81
N SER C 47 -51.58 28.70 21.24
CA SER C 47 -52.19 29.99 20.86
C SER C 47 -52.73 29.94 19.43
N PRO C 48 -54.05 30.05 19.20
CA PRO C 48 -54.67 29.75 17.90
C PRO C 48 -54.24 30.69 16.77
N LEU C 49 -53.89 31.94 17.08
CA LEU C 49 -53.33 32.88 16.10
C LEU C 49 -51.97 32.40 15.56
N LEU C 50 -51.09 31.92 16.44
CA LEU C 50 -49.80 31.36 16.04
C LEU C 50 -49.99 30.03 15.31
N GLN C 51 -50.94 29.20 15.75
CA GLN C 51 -51.27 27.96 15.05
C GLN C 51 -51.74 28.23 13.61
N ALA C 52 -52.58 29.24 13.42
CA ALA C 52 -53.05 29.66 12.10
C ALA C 52 -51.93 30.31 11.27
N ALA C 53 -51.06 31.10 11.89
CA ALA C 53 -49.88 31.67 11.24
C ALA C 53 -48.91 30.59 10.73
N LYS C 54 -48.79 29.46 11.44
CA LYS C 54 -48.05 28.26 10.99
C LYS C 54 -48.77 27.50 9.88
N GLU C 55 -50.08 27.30 9.97
CA GLU C 55 -50.84 26.47 9.02
C GLU C 55 -51.30 27.19 7.74
N ASN C 56 -51.30 28.53 7.71
CA ASN C 56 -51.80 29.35 6.59
C ASN C 56 -53.30 29.11 6.28
N ASP C 57 -54.10 28.64 7.22
CA ASP C 57 -55.56 28.52 7.03
C ASP C 57 -56.23 29.89 7.17
N LEU C 58 -56.30 30.61 6.05
CA LEU C 58 -56.76 31.99 6.01
C LEU C 58 -58.18 32.18 6.56
N ARG C 59 -59.06 31.17 6.51
CA ARG C 59 -60.40 31.24 7.10
C ARG C 59 -60.34 31.54 8.60
N LEU C 60 -59.70 30.67 9.39
CA LEU C 60 -59.57 30.87 10.83
C LEU C 60 -58.79 32.15 11.15
N LEU C 61 -57.72 32.44 10.39
CA LEU C 61 -56.93 33.65 10.60
C LEU C 61 -57.76 34.93 10.37
N LYS C 62 -58.59 34.97 9.33
CA LYS C 62 -59.56 36.06 9.09
C LYS C 62 -60.53 36.20 10.26
N ILE C 63 -61.12 35.11 10.76
CA ILE C 63 -62.03 35.15 11.90
C ILE C 63 -61.32 35.67 13.16
N LEU C 64 -60.11 35.20 13.47
CA LEU C 64 -59.34 35.67 14.62
C LEU C 64 -58.99 37.16 14.52
N LEU C 65 -58.61 37.66 13.34
CA LEU C 65 -58.32 39.07 13.12
C LEU C 65 -59.57 39.95 12.97
N LEU C 66 -60.73 39.36 12.67
CA LEU C 66 -62.04 40.02 12.68
C LEU C 66 -62.61 40.17 14.10
N ASN C 67 -62.31 39.23 15.01
CA ASN C 67 -62.73 39.26 16.40
C ASN C 67 -62.19 40.49 17.16
N ASP C 71 -52.90 40.91 21.73
CA ASP C 71 -53.65 39.90 20.96
C ASP C 71 -52.92 39.66 19.64
N PHE C 72 -52.97 40.61 18.72
CA PHE C 72 -52.18 40.43 17.47
C PHE C 72 -50.72 40.56 17.89
N GLN C 73 -50.50 41.09 19.09
CA GLN C 73 -49.12 41.27 19.63
C GLN C 73 -48.83 40.01 20.45
N GLN C 74 -49.60 38.95 20.19
CA GLN C 74 -49.41 37.67 20.89
C GLN C 74 -47.98 37.21 20.70
N ARG C 75 -47.40 36.49 21.67
CA ARG C 75 -45.96 36.15 21.57
C ARG C 75 -45.61 34.70 21.96
N GLY C 76 -44.93 33.96 21.10
CA GLY C 76 -44.40 32.60 21.33
C GLY C 76 -43.41 32.55 22.51
N ALA C 77 -42.87 31.38 22.81
CA ALA C 77 -41.99 31.17 23.98
C ALA C 77 -40.73 32.05 23.99
N VAL C 78 -40.19 32.34 22.82
CA VAL C 78 -38.98 33.16 22.61
C VAL C 78 -39.27 34.66 22.43
N GLY C 79 -40.52 35.07 22.64
CA GLY C 79 -40.98 36.46 22.43
C GLY C 79 -41.27 36.81 20.98
N GLU C 80 -41.30 35.85 20.05
CA GLU C 80 -41.61 36.10 18.65
C GLU C 80 -43.10 36.40 18.45
N THR C 81 -43.46 37.21 17.45
CA THR C 81 -44.86 37.50 17.13
C THR C 81 -45.48 36.45 16.20
N ALA C 82 -46.79 36.47 16.00
CA ALA C 82 -47.45 35.68 14.96
C ALA C 82 -46.87 35.94 13.55
N LEU C 83 -46.33 37.12 13.27
CA LEU C 83 -45.69 37.43 11.98
C LEU C 83 -44.33 36.75 11.82
N HIS C 84 -43.55 36.59 12.89
CA HIS C 84 -42.35 35.74 12.87
C HIS C 84 -42.72 34.29 12.56
N VAL C 85 -43.80 33.78 13.15
CA VAL C 85 -44.30 32.42 12.85
C VAL C 85 -44.67 32.29 11.37
N ALA C 86 -45.43 33.22 10.82
CA ALA C 86 -45.80 33.21 9.41
C ALA C 86 -44.57 33.30 8.49
N ALA C 87 -43.58 34.14 8.82
CA ALA C 87 -42.32 34.23 8.08
C ALA C 87 -41.49 32.93 8.17
N LEU C 88 -41.45 32.28 9.33
CA LEU C 88 -40.69 31.04 9.55
C LEU C 88 -41.25 29.88 8.73
N TYR C 89 -42.56 29.73 8.71
CA TYR C 89 -43.28 28.75 7.91
C TYR C 89 -43.48 29.18 6.46
N ASP C 90 -42.91 30.30 6.05
CA ASP C 90 -42.89 30.79 4.67
C ASP C 90 -44.28 31.10 4.10
N ASN C 91 -45.20 31.51 4.96
CA ASN C 91 -46.62 31.74 4.68
C ASN C 91 -46.90 33.20 4.32
N LEU C 92 -46.66 33.56 3.05
CA LEU C 92 -46.85 34.92 2.54
C LEU C 92 -48.27 35.46 2.78
N GLU C 93 -49.31 34.67 2.53
CA GLU C 93 -50.69 35.13 2.70
C GLU C 93 -51.00 35.44 4.16
N ALA C 94 -50.77 34.49 5.08
CA ALA C 94 -50.93 34.75 6.51
C ALA C 94 -50.14 35.97 6.99
N ALA C 95 -48.90 36.13 6.52
CA ALA C 95 -48.10 37.30 6.85
C ALA C 95 -48.74 38.60 6.38
N THR C 96 -49.29 38.67 5.15
CA THR C 96 -50.01 39.86 4.68
C THR C 96 -51.29 40.13 5.49
N LEU C 97 -52.06 39.10 5.86
CA LEU C 97 -53.24 39.25 6.72
C LEU C 97 -52.85 39.82 8.10
N LEU C 98 -51.81 39.26 8.74
CA LEU C 98 -51.30 39.72 10.02
C LEU C 98 -50.80 41.16 9.95
N MET C 99 -50.05 41.54 8.91
CA MET C 99 -49.59 42.92 8.72
C MET C 99 -50.73 43.88 8.38
N GLU C 100 -51.79 43.45 7.71
CA GLU C 100 -52.97 44.27 7.45
C GLU C 100 -53.75 44.58 8.74
N ALA C 101 -53.91 43.59 9.62
CA ALA C 101 -54.55 43.78 10.92
C ALA C 101 -53.67 44.52 11.94
N ALA C 102 -52.36 44.27 11.94
CA ALA C 102 -51.40 44.86 12.88
C ALA C 102 -50.08 45.21 12.16
N PRO C 103 -50.00 46.38 11.50
CA PRO C 103 -48.81 46.78 10.74
C PRO C 103 -47.54 46.88 11.59
N GLU C 104 -47.67 47.19 12.88
CA GLU C 104 -46.55 47.33 13.81
C GLU C 104 -45.77 46.03 14.02
N LEU C 105 -46.36 44.86 13.73
CA LEU C 105 -45.66 43.59 13.84
C LEU C 105 -44.41 43.51 12.96
N ALA C 106 -44.38 44.20 11.81
CA ALA C 106 -43.20 44.26 10.95
C ALA C 106 -41.98 44.90 11.63
N LYS C 107 -42.19 45.73 12.66
CA LYS C 107 -41.14 46.43 13.44
C LYS C 107 -40.70 45.66 14.70
N GLU C 108 -41.37 44.56 15.07
CA GLU C 108 -41.13 43.86 16.33
C GLU C 108 -39.94 42.90 16.31
N PRO C 109 -39.06 42.92 17.33
CA PRO C 109 -38.08 41.87 17.57
C PRO C 109 -38.63 40.71 18.43
N ALA C 110 -37.98 39.55 18.37
CA ALA C 110 -38.05 38.52 19.41
C ALA C 110 -37.24 38.96 20.65
N LEU C 111 -37.55 38.41 21.83
CA LEU C 111 -37.18 39.02 23.11
C LEU C 111 -36.34 38.14 24.04
N CYS C 112 -36.39 36.82 23.91
CA CYS C 112 -35.70 35.89 24.81
C CYS C 112 -34.29 35.53 24.33
N GLU C 113 -33.43 35.14 25.27
CA GLU C 113 -31.97 35.06 25.13
C GLU C 113 -31.42 34.35 23.87
N PRO C 114 -32.03 33.28 23.33
CA PRO C 114 -31.54 32.65 22.09
C PRO C 114 -31.75 33.54 20.86
N PHE C 115 -32.85 34.28 20.78
CA PHE C 115 -33.30 34.96 19.56
C PHE C 115 -33.43 36.48 19.67
N VAL C 116 -32.91 37.11 20.74
CA VAL C 116 -33.00 38.55 21.00
C VAL C 116 -32.75 39.37 19.74
N GLY C 117 -33.66 40.30 19.42
CA GLY C 117 -33.51 41.23 18.31
C GLY C 117 -33.86 40.68 16.93
N GLN C 118 -34.12 39.38 16.78
CA GLN C 118 -34.55 38.80 15.50
C GLN C 118 -35.91 39.36 15.09
N THR C 119 -36.02 39.91 13.88
CA THR C 119 -37.29 40.37 13.31
C THR C 119 -37.84 39.37 12.30
N ALA C 120 -39.09 39.55 11.87
CA ALA C 120 -39.63 38.78 10.74
C ALA C 120 -38.85 38.99 9.43
N LEU C 121 -38.17 40.14 9.26
CA LEU C 121 -37.31 40.42 8.11
C LEU C 121 -36.08 39.52 8.06
N HIS C 122 -35.39 39.27 9.19
CA HIS C 122 -34.31 38.28 9.25
C HIS C 122 -34.77 36.89 8.80
N ILE C 123 -35.96 36.47 9.23
CA ILE C 123 -36.53 35.16 8.88
C ILE C 123 -36.91 35.10 7.40
N ALA C 124 -37.62 36.11 6.88
CA ALA C 124 -38.03 36.17 5.49
C ALA C 124 -36.84 36.22 4.53
N VAL C 125 -35.79 36.97 4.87
CA VAL C 125 -34.53 37.00 4.13
C VAL C 125 -33.85 35.64 4.14
N MET C 126 -33.78 34.96 5.28
CA MET C 126 -33.18 33.63 5.36
C MET C 126 -33.97 32.56 4.58
N ASN C 127 -35.30 32.64 4.58
CA ASN C 127 -36.17 31.84 3.71
C ASN C 127 -36.19 32.28 2.23
N GLN C 128 -35.50 33.36 1.85
CA GLN C 128 -35.48 33.93 0.49
C GLN C 128 -36.84 34.31 -0.08
N ASN C 129 -37.82 34.64 0.77
CA ASN C 129 -39.12 35.06 0.30
C ASN C 129 -39.09 36.55 -0.07
N LEU C 130 -38.65 36.85 -1.30
CA LEU C 130 -38.52 38.21 -1.83
C LEU C 130 -39.82 39.01 -1.73
N ASN C 131 -40.97 38.37 -1.96
CA ASN C 131 -42.29 38.99 -1.85
C ASN C 131 -42.61 39.39 -0.40
N LEU C 132 -42.35 38.51 0.57
CA LEU C 132 -42.52 38.83 1.98
C LEU C 132 -41.52 39.88 2.45
N VAL C 133 -40.27 39.84 1.99
CA VAL C 133 -39.28 40.89 2.27
C VAL C 133 -39.77 42.25 1.77
N ARG C 134 -40.30 42.34 0.54
CA ARG C 134 -40.94 43.58 0.07
C ARG C 134 -42.13 44.00 0.92
N ALA C 135 -43.02 43.08 1.29
CA ALA C 135 -44.18 43.38 2.12
C ALA C 135 -43.82 43.89 3.54
N LEU C 136 -42.72 43.38 4.12
CA LEU C 136 -42.17 43.83 5.39
C LEU C 136 -41.49 45.20 5.28
N LEU C 137 -40.65 45.41 4.26
CA LEU C 137 -39.96 46.69 4.02
C LEU C 137 -40.94 47.82 3.69
N ALA C 138 -42.00 47.53 2.93
CA ALA C 138 -43.10 48.45 2.66
C ALA C 138 -43.86 48.89 3.91
N ARG C 139 -43.65 48.18 5.03
CA ARG C 139 -44.39 48.46 6.30
C ARG C 139 -43.47 48.94 7.41
N GLY C 140 -42.21 49.26 7.11
CA GLY C 140 -41.26 49.84 8.06
C GLY C 140 -40.38 48.83 8.80
N ALA C 141 -40.25 47.59 8.31
CA ALA C 141 -39.29 46.64 8.86
C ALA C 141 -37.86 47.21 8.81
N SER C 142 -37.15 47.20 9.94
CA SER C 142 -35.87 47.89 10.08
C SER C 142 -34.70 47.12 9.47
N VAL C 143 -34.16 47.62 8.35
CA VAL C 143 -32.98 47.06 7.68
C VAL C 143 -31.69 47.10 8.51
N SER C 144 -31.66 47.89 9.58
CA SER C 144 -30.54 48.00 10.52
C SER C 144 -30.73 47.22 11.83
N ALA C 145 -31.82 46.45 11.97
CA ALA C 145 -32.05 45.62 13.16
C ALA C 145 -31.01 44.49 13.31
N ARG C 146 -30.58 44.24 14.54
CA ARG C 146 -29.48 43.28 14.77
C ARG C 146 -29.96 42.10 15.61
N ALA C 147 -29.82 40.87 15.08
CA ALA C 147 -30.19 39.67 15.84
C ALA C 147 -29.07 39.35 16.81
N THR C 148 -29.06 39.99 17.97
CA THR C 148 -27.96 39.82 18.95
C THR C 148 -28.08 38.52 19.75
N GLY C 149 -29.15 37.75 19.57
CA GLY C 149 -29.31 36.55 20.40
C GLY C 149 -28.28 35.44 20.16
N ALA C 150 -28.11 34.56 21.13
CA ALA C 150 -27.07 33.53 21.10
C ALA C 150 -27.18 32.51 19.95
N ALA C 151 -28.35 32.35 19.32
CA ALA C 151 -28.54 31.48 18.16
C ALA C 151 -27.85 31.99 16.88
N PHE C 152 -27.44 33.27 16.85
CA PHE C 152 -26.84 33.91 15.68
C PHE C 152 -25.32 34.09 15.76
N ARG C 153 -24.75 33.94 16.95
CA ARG C 153 -23.32 34.23 17.16
C ARG C 153 -22.40 33.18 16.57
N ARG C 154 -21.13 33.52 16.38
CA ARG C 154 -20.17 32.52 15.85
C ARG C 154 -19.72 31.67 17.02
N SER C 155 -20.03 30.39 16.97
CA SER C 155 -19.66 29.39 17.98
C SER C 155 -19.83 27.98 17.41
N PRO C 156 -19.17 26.93 17.96
CA PRO C 156 -19.40 25.55 17.54
C PRO C 156 -20.83 25.06 17.83
N HIS C 157 -21.53 25.72 18.75
CA HIS C 157 -22.94 25.55 19.07
C HIS C 157 -23.90 25.75 17.89
N ASN C 158 -23.56 26.65 16.95
CA ASN C 158 -24.43 27.10 15.88
C ASN C 158 -23.95 26.57 14.52
N LEU C 159 -24.86 26.05 13.71
CA LEU C 159 -24.54 25.46 12.40
C LEU C 159 -24.23 26.50 11.31
N ILE C 160 -24.70 27.74 11.48
CA ILE C 160 -24.47 28.87 10.57
C ILE C 160 -24.03 30.10 11.35
N TYR C 161 -23.26 30.98 10.68
CA TYR C 161 -22.95 32.31 11.17
C TYR C 161 -23.12 33.30 10.02
N TYR C 162 -24.23 34.04 10.03
CA TYR C 162 -24.57 35.07 9.06
C TYR C 162 -24.45 36.49 9.64
N GLY C 163 -23.79 36.65 10.78
CA GLY C 163 -23.74 37.92 11.51
C GLY C 163 -25.09 38.29 12.12
N GLU C 164 -25.45 39.57 12.08
CA GLU C 164 -26.62 40.09 12.80
C GLU C 164 -27.62 40.88 11.95
N HIS C 165 -27.21 41.50 10.85
CA HIS C 165 -28.05 42.37 10.04
C HIS C 165 -28.72 41.61 8.88
N PRO C 166 -29.92 42.00 8.41
CA PRO C 166 -30.58 41.35 7.27
C PRO C 166 -29.74 41.34 6.00
N LEU C 167 -28.93 42.37 5.74
CA LEU C 167 -28.02 42.40 4.59
C LEU C 167 -26.96 41.29 4.66
N SER C 168 -26.40 41.03 5.83
CA SER C 168 -25.44 39.94 6.05
C SER C 168 -26.11 38.58 5.87
N PHE C 169 -27.37 38.43 6.28
CA PHE C 169 -28.14 37.22 6.01
C PHE C 169 -28.34 37.06 4.50
N ALA C 170 -28.87 38.05 3.79
CA ALA C 170 -29.09 37.98 2.34
C ALA C 170 -27.81 37.69 1.55
N ALA C 171 -26.69 38.26 1.97
CA ALA C 171 -25.38 37.98 1.39
C ALA C 171 -24.95 36.53 1.55
N CYS C 172 -25.04 35.97 2.75
CA CYS C 172 -24.61 34.59 3.02
C CYS C 172 -25.56 33.55 2.44
N VAL C 173 -26.83 33.90 2.35
CA VAL C 173 -27.90 33.16 1.68
C VAL C 173 -27.76 33.25 0.14
N GLY C 174 -27.12 34.30 -0.37
CA GLY C 174 -26.68 34.42 -1.76
C GLY C 174 -27.69 35.02 -2.71
N SER C 175 -28.73 35.68 -2.21
CA SER C 175 -29.81 36.27 -3.02
C SER C 175 -29.47 37.71 -3.41
N GLU C 176 -28.84 37.90 -4.56
CA GLU C 176 -28.42 39.23 -5.04
C GLU C 176 -29.61 40.20 -5.13
N GLU C 177 -30.77 39.74 -5.56
CA GLU C 177 -31.98 40.54 -5.64
C GLU C 177 -32.47 41.01 -4.26
N ILE C 178 -32.31 40.23 -3.19
CA ILE C 178 -32.65 40.65 -1.84
C ILE C 178 -31.58 41.61 -1.30
N VAL C 179 -30.31 41.37 -1.60
CA VAL C 179 -29.21 42.28 -1.26
C VAL C 179 -29.41 43.66 -1.87
N ARG C 180 -29.68 43.73 -3.16
CA ARG C 180 -29.98 45.05 -3.78
C ARG C 180 -31.19 45.67 -3.07
N LEU C 181 -32.31 44.95 -2.96
CA LEU C 181 -33.51 45.47 -2.33
C LEU C 181 -33.24 46.07 -0.94
N LEU C 182 -32.43 45.41 -0.11
CA LEU C 182 -32.05 45.90 1.21
C LEU C 182 -31.18 47.16 1.13
N ILE C 183 -30.21 47.20 0.23
CA ILE C 183 -29.39 48.40 -0.01
C ILE C 183 -30.25 49.57 -0.49
N GLU C 184 -31.20 49.34 -1.40
CA GLU C 184 -32.15 50.35 -1.86
C GLU C 184 -33.04 50.91 -0.74
N HIS C 185 -33.40 50.09 0.26
CA HIS C 185 -34.11 50.54 1.47
C HIS C 185 -33.17 51.11 2.55
N GLY C 186 -31.89 51.28 2.25
CA GLY C 186 -30.94 52.00 3.08
C GLY C 186 -30.20 51.15 4.12
N ALA C 187 -30.05 49.84 3.88
CA ALA C 187 -29.19 48.99 4.70
C ALA C 187 -27.74 49.51 4.72
N ASP C 188 -27.16 49.73 5.90
CA ASP C 188 -25.77 50.21 5.99
C ASP C 188 -24.80 49.06 5.68
N ILE C 189 -24.19 49.10 4.49
CA ILE C 189 -23.25 48.08 4.04
C ILE C 189 -21.99 47.98 4.91
N ARG C 190 -21.70 49.01 5.70
CA ARG C 190 -20.46 49.01 6.51
C ARG C 190 -20.78 48.68 7.97
N ALA C 191 -22.00 48.28 8.27
CA ALA C 191 -22.40 47.86 9.61
C ALA C 191 -21.62 46.63 10.09
N GLN C 192 -21.39 46.54 11.40
CA GLN C 192 -20.57 45.50 12.03
C GLN C 192 -21.36 44.64 13.02
N ASP C 193 -21.17 43.34 12.93
CA ASP C 193 -21.58 42.32 13.89
C ASP C 193 -21.00 42.52 15.29
N SER C 194 -21.46 41.81 16.33
CA SER C 194 -20.83 41.84 17.65
C SER C 194 -19.35 41.43 17.67
N LEU C 195 -18.87 40.59 16.75
CA LEU C 195 -17.44 40.27 16.60
C LEU C 195 -16.66 41.38 15.85
N GLY C 196 -17.30 42.46 15.45
CA GLY C 196 -16.73 43.52 14.62
C GLY C 196 -16.74 43.19 13.12
N ASN C 197 -17.20 42.00 12.73
CA ASN C 197 -17.22 41.57 11.34
C ASN C 197 -18.21 42.39 10.49
N THR C 198 -17.74 42.98 9.39
CA THR C 198 -18.60 43.51 8.33
C THR C 198 -19.12 42.38 7.45
N VAL C 199 -20.07 42.66 6.55
CA VAL C 199 -20.57 41.67 5.59
C VAL C 199 -19.45 41.03 4.75
N LEU C 200 -18.36 41.74 4.46
CA LEU C 200 -17.21 41.19 3.73
C LEU C 200 -16.47 40.15 4.55
N HIS C 201 -16.25 40.39 5.85
CA HIS C 201 -15.68 39.38 6.75
C HIS C 201 -16.57 38.16 6.85
N ILE C 202 -17.89 38.34 6.91
CA ILE C 202 -18.82 37.22 7.07
C ILE C 202 -18.84 36.36 5.80
N LEU C 203 -18.76 36.94 4.60
CA LEU C 203 -18.69 36.18 3.34
C LEU C 203 -17.44 35.32 3.21
N ILE C 204 -16.32 35.69 3.82
CA ILE C 204 -15.11 34.86 3.88
C ILE C 204 -15.33 33.58 4.70
N LEU C 205 -16.26 33.58 5.64
CA LEU C 205 -16.52 32.48 6.58
C LEU C 205 -17.52 31.44 6.06
N GLN C 206 -18.18 31.67 4.92
CA GLN C 206 -19.22 30.77 4.40
C GLN C 206 -18.63 29.59 3.60
N PRO C 207 -19.26 28.40 3.61
CA PRO C 207 -18.86 27.27 2.75
C PRO C 207 -19.16 27.45 1.26
N ASN C 208 -20.13 28.29 0.91
CA ASN C 208 -20.68 28.48 -0.44
C ASN C 208 -19.82 29.36 -1.36
N LYS C 209 -18.51 29.09 -1.39
CA LYS C 209 -17.46 29.90 -2.06
C LYS C 209 -17.74 30.18 -3.54
N THR C 210 -18.50 29.32 -4.21
CA THR C 210 -18.96 29.44 -5.60
C THR C 210 -19.82 30.68 -5.88
N PHE C 211 -20.64 31.15 -4.93
CA PHE C 211 -21.33 32.44 -5.06
C PHE C 211 -20.80 33.52 -4.11
N ALA C 212 -20.08 33.18 -3.04
CA ALA C 212 -19.57 34.16 -2.09
C ALA C 212 -18.70 35.23 -2.76
N CYS C 213 -17.88 34.88 -3.76
CA CYS C 213 -17.08 35.85 -4.52
C CYS C 213 -17.94 36.78 -5.38
N GLN C 214 -19.00 36.26 -6.01
CA GLN C 214 -19.94 37.07 -6.79
C GLN C 214 -20.68 38.07 -5.88
N MET C 215 -21.07 37.62 -4.70
CA MET C 215 -21.62 38.47 -3.63
C MET C 215 -20.61 39.51 -3.15
N TYR C 216 -19.34 39.17 -3.02
CA TYR C 216 -18.29 40.09 -2.58
C TYR C 216 -18.16 41.27 -3.57
N ASN C 217 -18.14 41.00 -4.87
CA ASN C 217 -18.15 42.03 -5.91
C ASN C 217 -19.40 42.92 -5.87
N LEU C 218 -20.58 42.32 -5.69
CA LEU C 218 -21.83 43.06 -5.57
C LEU C 218 -21.77 44.08 -4.41
N LEU C 219 -21.22 43.69 -3.27
CA LEU C 219 -21.13 44.56 -2.11
C LEU C 219 -20.06 45.64 -2.26
N LEU C 220 -18.88 45.33 -2.79
CA LEU C 220 -17.86 46.35 -3.08
C LEU C 220 -18.37 47.43 -4.05
N SER C 221 -19.28 47.06 -4.97
CA SER C 221 -19.90 47.99 -5.92
C SER C 221 -20.75 49.06 -5.23
N TYR C 222 -21.29 48.78 -4.03
CA TYR C 222 -22.04 49.75 -3.24
C TYR C 222 -21.20 50.51 -2.22
N ASP C 223 -20.01 50.01 -1.84
CA ASP C 223 -19.06 50.78 -1.03
C ASP C 223 -18.30 51.83 -1.86
N GLU C 224 -17.87 51.47 -3.09
CA GLU C 224 -17.31 52.36 -4.11
C GLU C 224 -16.40 53.47 -3.57
N GLN C 230 -12.18 55.52 3.80
CA GLN C 230 -11.61 54.19 3.97
C GLN C 230 -12.43 53.13 3.23
N SER C 231 -11.82 52.34 2.36
CA SER C 231 -12.46 51.19 1.71
C SER C 231 -12.94 50.16 2.74
N LEU C 232 -14.10 49.54 2.50
CA LEU C 232 -14.63 48.49 3.36
C LEU C 232 -13.67 47.28 3.48
N GLU C 233 -12.83 47.05 2.47
CA GLU C 233 -11.77 46.02 2.50
C GLU C 233 -10.70 46.27 3.59
N LEU C 234 -10.66 47.47 4.16
CA LEU C 234 -9.66 47.90 5.14
C LEU C 234 -10.24 48.04 6.57
N VAL C 235 -11.54 47.80 6.77
CA VAL C 235 -12.16 47.83 8.11
C VAL C 235 -11.74 46.58 8.91
N PRO C 236 -11.13 46.70 10.09
CA PRO C 236 -10.80 45.55 10.93
C PRO C 236 -12.01 45.07 11.75
N ASN C 237 -12.10 43.76 12.04
CA ASN C 237 -12.98 43.23 13.08
C ASN C 237 -12.34 43.39 14.47
N HIS C 238 -12.93 42.86 15.54
CA HIS C 238 -12.38 42.98 16.90
C HIS C 238 -11.12 42.15 17.15
N GLN C 239 -10.79 41.17 16.30
CA GLN C 239 -9.48 40.53 16.29
C GLN C 239 -8.39 41.42 15.64
N GLY C 240 -8.77 42.52 15.00
CA GLY C 240 -7.88 43.38 14.21
C GLY C 240 -7.75 42.97 12.74
N LEU C 241 -8.43 41.90 12.32
CA LEU C 241 -8.34 41.37 10.96
C LEU C 241 -9.20 42.18 9.99
N THR C 242 -8.60 42.70 8.93
CA THR C 242 -9.32 43.09 7.71
C THR C 242 -9.87 41.86 7.00
N PRO C 243 -10.83 41.99 6.06
CA PRO C 243 -11.29 40.86 5.25
C PRO C 243 -10.15 40.10 4.58
N PHE C 244 -9.16 40.78 4.01
CA PHE C 244 -8.01 40.11 3.38
C PHE C 244 -7.19 39.26 4.36
N LYS C 245 -6.92 39.75 5.58
CA LYS C 245 -6.25 38.96 6.63
C LYS C 245 -7.10 37.80 7.11
N LEU C 246 -8.42 37.97 7.21
CA LEU C 246 -9.32 36.89 7.61
C LEU C 246 -9.35 35.75 6.58
N ALA C 247 -9.28 36.03 5.28
CA ALA C 247 -9.15 35.01 4.24
C ALA C 247 -7.86 34.19 4.40
N GLY C 248 -6.75 34.83 4.81
CA GLY C 248 -5.51 34.18 5.17
C GLY C 248 -5.67 33.25 6.37
N VAL C 249 -6.14 33.77 7.51
CA VAL C 249 -6.30 33.01 8.76
C VAL C 249 -7.24 31.82 8.61
N GLU C 250 -8.38 32.00 7.93
CA GLU C 250 -9.38 30.95 7.74
C GLU C 250 -9.02 29.96 6.62
N GLY C 251 -7.96 30.22 5.86
CA GLY C 251 -7.52 29.37 4.76
C GLY C 251 -8.45 29.37 3.55
N ASN C 252 -9.19 30.45 3.33
CA ASN C 252 -10.10 30.59 2.20
C ASN C 252 -9.31 30.94 0.94
N THR C 253 -8.69 29.96 0.31
CA THR C 253 -7.87 30.13 -0.90
C THR C 253 -8.67 30.65 -2.09
N VAL C 254 -9.97 30.33 -2.18
CA VAL C 254 -10.87 30.82 -3.24
C VAL C 254 -11.11 32.32 -3.11
N MET C 255 -11.42 32.82 -1.90
CA MET C 255 -11.57 34.25 -1.68
C MET C 255 -10.23 34.98 -1.71
N PHE C 256 -9.14 34.38 -1.23
CA PHE C 256 -7.80 34.97 -1.36
C PHE C 256 -7.41 35.20 -2.82
N GLN C 257 -7.52 34.18 -3.68
CA GLN C 257 -7.16 34.34 -5.08
C GLN C 257 -8.14 35.27 -5.83
N HIS C 258 -9.40 35.39 -5.39
CA HIS C 258 -10.32 36.41 -5.88
C HIS C 258 -9.89 37.83 -5.46
N LEU C 259 -9.51 38.05 -4.20
CA LEU C 259 -9.01 39.34 -3.71
C LEU C 259 -7.70 39.76 -4.39
N MET C 260 -6.87 38.81 -4.79
CA MET C 260 -5.65 39.08 -5.56
C MET C 260 -5.90 39.59 -6.98
N GLN C 261 -7.08 39.42 -7.58
CA GLN C 261 -7.38 39.95 -8.92
C GLN C 261 -7.45 41.47 -8.98
N LYS C 262 -7.77 42.13 -7.86
CA LYS C 262 -7.70 43.60 -7.71
C LYS C 262 -6.39 44.09 -7.08
N ARG C 263 -5.44 43.16 -6.89
CA ARG C 263 -4.10 43.49 -6.32
C ARG C 263 -3.00 42.97 -7.23
N LYS C 264 -3.22 42.86 -8.54
CA LYS C 264 -2.28 42.51 -9.61
C LYS C 264 -2.48 43.41 -10.82
N HIS C 265 -1.41 43.62 -11.58
CA HIS C 265 -1.41 44.33 -12.84
C HIS C 265 -0.67 43.51 -13.88
N VAL C 266 -1.26 43.23 -15.03
CA VAL C 266 -0.57 42.54 -16.13
C VAL C 266 0.26 43.56 -16.90
N GLN C 267 1.58 43.45 -16.82
CA GLN C 267 2.49 44.36 -17.53
C GLN C 267 2.45 44.12 -19.04
N TRP C 268 2.59 42.86 -19.46
CA TRP C 268 2.59 42.46 -20.87
C TRP C 268 2.24 40.98 -21.00
N THR C 269 1.79 40.59 -22.18
CA THR C 269 1.74 39.20 -22.64
C THR C 269 2.36 39.15 -24.04
N CYS C 270 3.21 38.16 -24.29
CA CYS C 270 3.92 37.98 -25.55
C CYS C 270 3.95 36.49 -25.89
N GLY C 271 3.15 36.08 -26.86
CA GLY C 271 2.93 34.67 -27.17
C GLY C 271 2.46 33.90 -25.93
N PRO C 272 3.18 32.85 -25.48
CA PRO C 272 2.81 32.06 -24.32
C PRO C 272 3.14 32.72 -22.97
N LEU C 273 3.95 33.78 -22.93
CA LEU C 273 4.46 34.35 -21.69
C LEU C 273 3.69 35.59 -21.26
N THR C 274 3.40 35.68 -19.98
CA THR C 274 2.82 36.87 -19.34
C THR C 274 3.74 37.34 -18.23
N SER C 275 3.90 38.66 -18.05
CA SER C 275 4.51 39.24 -16.86
C SER C 275 3.46 39.99 -16.06
N THR C 276 3.31 39.65 -14.79
CA THR C 276 2.34 40.24 -13.87
C THR C 276 3.04 40.83 -12.67
N LEU C 277 2.47 41.87 -12.09
CA LEU C 277 3.04 42.66 -11.01
C LEU C 277 2.05 42.71 -9.85
N TYR C 278 2.23 41.86 -8.85
CA TYR C 278 1.37 41.78 -7.67
C TYR C 278 1.76 42.83 -6.64
N ASP C 279 0.78 43.49 -6.04
CA ASP C 279 0.97 44.43 -4.94
C ASP C 279 1.13 43.66 -3.62
N LEU C 280 2.29 43.78 -2.99
CA LEU C 280 2.59 43.07 -1.74
C LEU C 280 2.06 43.76 -0.49
N THR C 281 1.42 44.92 -0.58
CA THR C 281 1.08 45.76 0.58
C THR C 281 0.45 45.00 1.75
N GLU C 282 -0.61 44.22 1.53
CA GLU C 282 -1.18 43.40 2.60
C GLU C 282 -0.44 42.08 2.86
N ILE C 283 0.12 41.41 1.85
CA ILE C 283 0.82 40.13 2.04
C ILE C 283 2.08 40.31 2.90
N ASP C 284 2.92 41.27 2.57
CA ASP C 284 4.18 41.47 3.29
C ASP C 284 3.97 42.18 4.64
N SER C 285 2.89 42.97 4.77
CA SER C 285 2.47 43.60 6.03
C SER C 285 3.60 44.35 6.76
N TRP C 286 4.40 45.12 6.03
CA TRP C 286 5.58 45.80 6.57
C TRP C 286 5.24 46.72 7.75
N GLY C 287 5.93 46.51 8.87
CA GLY C 287 5.66 47.31 10.08
C GLY C 287 4.20 47.23 10.46
N GLU C 288 3.61 46.03 10.51
CA GLU C 288 2.14 45.96 10.78
C GLU C 288 1.82 44.93 11.85
N GLU C 289 2.18 45.19 13.12
CA GLU C 289 1.75 44.30 14.23
C GLU C 289 1.94 42.85 13.80
N LEU C 290 0.90 42.04 13.96
CA LEU C 290 0.96 40.67 13.46
C LEU C 290 0.82 40.80 11.95
N SER C 291 1.74 40.20 11.24
CA SER C 291 1.74 40.37 9.79
C SER C 291 0.90 39.28 9.17
N PHE C 292 0.35 39.55 8.00
CA PHE C 292 -0.39 38.52 7.27
C PHE C 292 0.31 37.16 7.28
N LEU C 293 1.62 37.10 7.06
CA LEU C 293 2.32 35.82 7.04
C LEU C 293 2.44 35.19 8.42
N GLU C 294 2.54 35.97 9.51
CA GLU C 294 2.44 35.42 10.87
C GLU C 294 1.04 34.85 11.14
N LEU C 295 0.00 35.58 10.75
CA LEU C 295 -1.39 35.18 10.93
C LEU C 295 -1.72 33.90 10.17
N VAL C 296 -1.20 33.70 8.96
CA VAL C 296 -1.38 32.45 8.22
C VAL C 296 -0.63 31.29 8.87
N VAL C 297 0.67 31.39 9.14
CA VAL C 297 1.45 30.25 9.67
C VAL C 297 1.09 29.88 11.10
N SER C 298 0.63 30.82 11.93
CA SER C 298 0.19 30.56 13.30
C SER C 298 -1.32 30.28 13.42
N SER C 299 -2.08 30.25 12.34
CA SER C 299 -3.50 29.89 12.38
C SER C 299 -3.70 28.44 12.81
N LYS C 300 -4.68 28.18 13.68
CA LYS C 300 -5.09 26.82 14.07
C LYS C 300 -5.85 26.05 12.98
N LYS C 301 -6.37 26.73 11.96
CA LYS C 301 -7.15 26.14 10.87
C LYS C 301 -6.23 25.38 9.93
N ARG C 302 -6.38 24.06 9.77
CA ARG C 302 -5.49 23.27 8.90
C ARG C 302 -5.56 23.62 7.41
N GLU C 303 -6.58 24.36 6.98
CA GLU C 303 -6.67 24.94 5.64
C GLU C 303 -5.77 26.18 5.44
N ALA C 304 -5.35 26.89 6.50
CA ALA C 304 -4.58 28.12 6.38
C ALA C 304 -3.24 27.92 5.66
N ARG C 305 -2.66 26.73 5.79
CA ARG C 305 -1.33 26.45 5.19
C ARG C 305 -1.42 26.38 3.68
N GLN C 306 -2.62 26.21 3.12
CA GLN C 306 -2.84 26.22 1.68
C GLN C 306 -2.71 27.63 1.06
N ILE C 307 -2.90 28.70 1.83
CA ILE C 307 -2.68 30.09 1.36
C ILE C 307 -1.22 30.29 0.95
N LEU C 308 -0.29 29.57 1.58
CA LEU C 308 1.15 29.65 1.32
C LEU C 308 1.54 29.07 -0.05
N GLU C 309 0.63 28.35 -0.72
CA GLU C 309 0.82 27.81 -2.07
C GLU C 309 0.29 28.75 -3.18
N GLN C 310 -0.37 29.86 -2.83
CA GLN C 310 -0.98 30.79 -3.79
C GLN C 310 0.08 31.71 -4.41
N THR C 311 -0.08 32.10 -5.68
CA THR C 311 1.02 32.60 -6.52
C THR C 311 1.92 33.69 -5.91
N PRO C 312 1.41 34.86 -5.47
CA PRO C 312 2.30 35.89 -4.90
C PRO C 312 2.89 35.48 -3.55
N VAL C 313 2.17 34.71 -2.73
CA VAL C 313 2.66 34.24 -1.43
C VAL C 313 3.76 33.20 -1.62
N LYS C 314 3.55 32.19 -2.47
CA LYS C 314 4.52 31.13 -2.74
C LYS C 314 5.83 31.66 -3.30
N GLU C 315 5.75 32.66 -4.16
CA GLU C 315 6.96 33.19 -4.80
C GLU C 315 7.67 34.12 -3.84
N LEU C 316 6.92 34.82 -3.01
CA LEU C 316 7.52 35.70 -2.00
C LEU C 316 8.23 34.91 -0.90
N VAL C 317 7.58 33.94 -0.28
CA VAL C 317 8.18 33.17 0.81
C VAL C 317 9.30 32.26 0.29
N SER C 318 9.21 31.77 -0.95
CA SER C 318 10.31 31.09 -1.62
C SER C 318 11.52 32.00 -1.82
N PHE C 319 11.33 33.24 -2.27
CA PHE C 319 12.41 34.22 -2.40
C PHE C 319 13.07 34.53 -1.06
N LYS C 320 12.28 34.87 -0.04
CA LYS C 320 12.77 35.16 1.31
C LYS C 320 13.57 33.99 1.89
N TRP C 321 13.11 32.76 1.70
CA TRP C 321 13.83 31.59 2.16
C TRP C 321 15.14 31.39 1.44
N LYS C 322 15.16 31.33 0.10
CA LYS C 322 16.38 31.05 -0.65
C LYS C 322 17.45 32.13 -0.50
N LYS C 323 17.07 33.41 -0.42
CA LYS C 323 18.03 34.53 -0.35
C LYS C 323 18.54 34.86 1.05
N TYR C 324 17.71 34.73 2.08
CA TYR C 324 18.06 35.14 3.44
C TYR C 324 17.80 34.07 4.48
N GLY C 325 16.64 33.39 4.41
CA GLY C 325 16.27 32.40 5.41
C GLY C 325 17.22 31.21 5.49
N ARG C 326 17.57 30.61 4.36
CA ARG C 326 18.39 29.37 4.39
C ARG C 326 19.80 29.72 4.85
N PRO C 327 20.49 30.73 4.30
CA PRO C 327 21.80 31.14 4.82
C PRO C 327 21.82 31.36 6.33
N TYR C 328 20.89 32.14 6.88
CA TYR C 328 20.90 32.44 8.31
C TYR C 328 20.49 31.25 9.15
N PHE C 329 19.61 30.37 8.68
CA PHE C 329 19.27 29.16 9.40
C PHE C 329 20.43 28.14 9.43
N CYS C 330 21.22 28.03 8.36
CA CYS C 330 22.45 27.24 8.36
C CYS C 330 23.53 27.81 9.30
N VAL C 331 23.62 29.13 9.43
CA VAL C 331 24.51 29.75 10.44
C VAL C 331 24.03 29.43 11.85
N LEU C 332 22.76 29.68 12.18
CA LEU C 332 22.23 29.39 13.53
C LEU C 332 22.27 27.90 13.87
N ALA C 333 22.01 27.00 12.92
CA ALA C 333 22.18 25.56 13.10
C ALA C 333 23.62 25.17 13.42
N SER C 334 24.60 25.75 12.72
CA SER C 334 26.02 25.52 12.95
C SER C 334 26.47 26.08 14.31
N LEU C 335 26.08 27.30 14.67
CA LEU C 335 26.39 27.89 15.97
C LEU C 335 25.76 27.11 17.11
N TYR C 336 24.54 26.61 16.96
CA TYR C 336 23.92 25.79 18.00
C TYR C 336 24.61 24.44 18.18
N ILE C 337 25.05 23.79 17.10
CA ILE C 337 25.84 22.55 17.21
C ILE C 337 27.18 22.81 17.89
N LEU C 338 27.89 23.91 17.59
CA LEU C 338 29.12 24.26 18.32
C LEU C 338 28.87 24.56 19.80
N TYR C 339 27.74 25.20 20.14
CA TYR C 339 27.33 25.39 21.52
C TYR C 339 27.04 24.05 22.23
N MET C 340 26.37 23.09 21.59
CA MET C 340 26.18 21.76 22.15
C MET C 340 27.48 20.96 22.29
N ILE C 341 28.43 21.09 21.38
CA ILE C 341 29.78 20.53 21.52
C ILE C 341 30.51 21.15 22.72
N CYS C 342 30.38 22.45 22.92
CA CYS C 342 30.96 23.16 24.08
C CYS C 342 30.37 22.66 25.40
N PHE C 343 29.04 22.62 25.52
CA PHE C 343 28.36 22.08 26.70
C PHE C 343 28.73 20.62 26.96
N THR C 344 28.72 19.78 25.94
CA THR C 344 29.10 18.36 26.05
C THR C 344 30.50 18.22 26.60
N THR C 345 31.47 18.97 26.07
CA THR C 345 32.86 18.97 26.55
C THR C 345 32.95 19.36 28.02
N CYS C 346 32.14 20.30 28.50
CA CYS C 346 32.09 20.67 29.93
C CYS C 346 31.55 19.55 30.82
N CYS C 347 30.74 18.63 30.28
CA CYS C 347 30.29 17.42 30.96
C CYS C 347 31.33 16.29 30.90
N ILE C 348 32.03 16.10 29.78
CA ILE C 348 33.09 15.10 29.67
C ILE C 348 34.26 15.43 30.62
N TYR C 349 34.62 16.71 30.74
CA TYR C 349 35.68 17.20 31.62
C TYR C 349 35.19 17.69 32.99
N ARG C 350 33.98 17.31 33.40
CA ARG C 350 33.33 17.62 34.69
C ARG C 350 34.26 17.32 35.89
N PRO C 351 34.32 18.18 36.92
CA PRO C 351 35.31 18.07 38.00
C PRO C 351 34.96 17.00 39.05
N LEU C 352 35.76 15.94 39.13
CA LEU C 352 35.59 14.78 40.03
C LEU C 352 36.90 14.41 40.75
N LYS C 353 36.81 13.88 41.97
CA LYS C 353 37.93 13.44 42.82
C LYS C 353 37.71 12.04 43.38
N LEU C 354 38.75 11.35 43.85
CA LEU C 354 38.61 10.06 44.51
C LEU C 354 37.75 10.17 45.77
N ARG C 355 36.79 9.26 45.86
CA ARG C 355 35.87 9.27 47.01
C ARG C 355 36.64 9.14 48.32
N ASP C 356 36.11 9.76 49.38
CA ASP C 356 36.65 9.69 50.75
C ASP C 356 36.10 8.50 51.53
N ASP C 357 34.80 8.22 51.42
CA ASP C 357 34.11 7.11 52.08
C ASP C 357 34.41 5.74 51.43
N ASN C 358 34.74 4.72 52.22
CA ASN C 358 35.10 3.39 51.72
C ASN C 358 33.89 2.58 51.19
N ARG C 359 34.18 1.72 50.22
CA ARG C 359 33.13 0.83 49.66
C ARG C 359 33.01 -0.38 50.59
N THR C 360 32.29 -0.24 51.70
CA THR C 360 32.00 -1.29 52.69
C THR C 360 30.93 -2.28 52.22
N ASP C 361 29.92 -1.81 51.47
CA ASP C 361 28.93 -2.64 50.80
C ASP C 361 29.56 -3.31 49.56
N PRO C 362 29.59 -4.66 49.44
CA PRO C 362 30.21 -5.33 48.30
C PRO C 362 29.52 -5.03 46.96
N ARG C 363 28.27 -4.57 46.97
CA ARG C 363 27.51 -4.21 45.77
C ARG C 363 27.73 -2.76 45.33
N ASP C 364 28.49 -1.95 46.07
CA ASP C 364 28.84 -0.56 45.74
C ASP C 364 30.00 -0.46 44.75
N ILE C 365 29.82 0.32 43.68
CA ILE C 365 30.82 0.55 42.62
C ILE C 365 31.21 2.02 42.46
N THR C 366 30.73 2.95 43.28
CA THR C 366 31.13 4.35 43.16
C THR C 366 32.56 4.53 43.68
N ILE C 367 33.44 5.12 42.86
CA ILE C 367 34.85 5.37 43.18
C ILE C 367 35.25 6.85 43.13
N LEU C 368 34.47 7.68 42.44
CA LEU C 368 34.74 9.11 42.25
C LEU C 368 33.52 9.93 42.71
N GLN C 369 33.78 11.18 43.09
CA GLN C 369 32.87 12.06 43.83
C GLN C 369 33.03 13.49 43.30
N GLN C 370 32.02 14.36 43.42
CA GLN C 370 32.15 15.76 43.01
C GLN C 370 33.28 16.49 43.78
N LYS C 371 34.05 17.32 43.08
CA LYS C 371 34.88 18.35 43.72
C LYS C 371 34.00 19.48 44.24
N LEU C 372 34.31 20.01 45.42
CA LEU C 372 33.69 21.23 45.94
C LEU C 372 34.16 22.45 45.11
N LEU C 373 33.39 23.53 45.08
CA LEU C 373 33.69 24.74 44.30
C LEU C 373 35.11 25.27 44.55
N GLN C 374 35.52 25.31 45.82
CA GLN C 374 36.84 25.73 46.28
C GLN C 374 38.03 24.83 45.87
N GLU C 375 37.78 23.69 45.23
CA GLU C 375 38.80 22.76 44.70
C GLU C 375 38.55 22.35 43.23
N ALA C 376 37.36 22.64 42.68
CA ALA C 376 36.98 22.39 41.29
C ALA C 376 37.63 23.34 40.26
N TYR C 377 38.29 24.42 40.69
CA TYR C 377 38.88 25.45 39.84
C TYR C 377 40.30 25.80 40.28
N VAL C 378 41.27 24.97 39.92
CA VAL C 378 42.67 25.08 40.37
C VAL C 378 43.66 25.00 39.21
N THR C 379 43.52 24.04 38.29
CA THR C 379 44.48 23.86 37.19
C THR C 379 44.15 24.75 35.98
N HIS C 380 45.07 24.84 35.01
CA HIS C 380 44.82 25.52 33.74
C HIS C 380 43.60 24.93 33.01
N GLN C 381 43.48 23.60 32.97
CA GLN C 381 42.33 22.91 32.38
C GLN C 381 41.01 23.25 33.08
N ASP C 382 41.01 23.48 34.40
CA ASP C 382 39.81 23.95 35.08
C ASP C 382 39.40 25.36 34.64
N ASN C 383 40.37 26.25 34.40
CA ASN C 383 40.07 27.60 33.89
C ASN C 383 39.62 27.58 32.42
N ILE C 384 40.16 26.69 31.58
CA ILE C 384 39.63 26.46 30.23
C ILE C 384 38.18 25.97 30.32
N ARG C 385 37.88 25.03 31.22
CA ARG C 385 36.52 24.53 31.43
C ARG C 385 35.60 25.61 31.99
N LEU C 386 36.06 26.51 32.85
CA LEU C 386 35.27 27.65 33.30
C LEU C 386 34.81 28.55 32.14
N VAL C 387 35.64 28.75 31.12
CA VAL C 387 35.21 29.48 29.91
C VAL C 387 34.11 28.73 29.18
N GLY C 388 34.27 27.41 28.95
CA GLY C 388 33.21 26.59 28.34
C GLY C 388 31.92 26.54 29.16
N GLU C 389 32.01 26.55 30.48
CA GLU C 389 30.85 26.62 31.38
C GLU C 389 30.19 27.99 31.36
N LEU C 390 30.94 29.09 31.32
CA LEU C 390 30.37 30.44 31.18
C LEU C 390 29.72 30.64 29.80
N VAL C 391 30.29 30.10 28.73
CA VAL C 391 29.64 30.03 27.41
C VAL C 391 28.37 29.18 27.49
N THR C 392 28.40 28.04 28.17
CA THR C 392 27.23 27.18 28.38
C THR C 392 26.10 27.92 29.08
N VAL C 393 26.38 28.60 30.19
CA VAL C 393 25.39 29.38 30.96
C VAL C 393 24.90 30.60 30.17
N THR C 394 25.78 31.31 29.48
CA THR C 394 25.43 32.44 28.61
C THR C 394 24.43 32.03 27.54
N GLY C 395 24.65 30.92 26.85
CA GLY C 395 23.70 30.41 25.87
C GLY C 395 22.35 30.01 26.49
N ALA C 396 22.33 29.45 27.70
CA ALA C 396 21.08 29.13 28.40
C ALA C 396 20.29 30.39 28.78
N VAL C 397 20.95 31.47 29.21
CA VAL C 397 20.28 32.77 29.43
C VAL C 397 19.73 33.32 28.11
N ILE C 398 20.55 33.39 27.06
CA ILE C 398 20.13 33.86 25.74
C ILE C 398 18.94 33.06 25.20
N ILE C 399 18.89 31.74 25.38
CA ILE C 399 17.72 30.93 25.02
C ILE C 399 16.46 31.45 25.72
N LEU C 400 16.48 31.73 27.01
CA LEU C 400 15.31 32.25 27.71
C LEU C 400 14.97 33.69 27.27
N LEU C 401 15.96 34.53 26.97
CA LEU C 401 15.72 35.86 26.39
C LEU C 401 15.09 35.80 24.99
N LEU C 402 15.37 34.78 24.18
CA LEU C 402 14.71 34.58 22.88
C LEU C 402 13.33 33.91 23.01
N GLU C 403 13.20 32.90 23.87
CA GLU C 403 11.98 32.09 24.02
C GLU C 403 10.88 32.79 24.81
N ILE C 404 11.16 33.34 26.00
CA ILE C 404 10.11 33.82 26.91
C ILE C 404 9.23 34.93 26.30
N PRO C 405 9.76 35.95 25.61
CA PRO C 405 8.92 36.96 24.95
C PRO C 405 7.98 36.37 23.88
N ASP C 406 8.41 35.36 23.13
CA ASP C 406 7.56 34.76 22.09
C ASP C 406 6.36 34.00 22.67
N ILE C 407 6.48 33.46 23.89
CA ILE C 407 5.33 32.87 24.61
C ILE C 407 4.23 33.91 24.73
N PHE C 408 4.58 35.14 25.14
CA PHE C 408 3.63 36.22 25.36
C PHE C 408 3.05 36.80 24.06
N ARG C 409 3.78 36.76 22.97
CA ARG C 409 3.20 37.24 21.70
C ARG C 409 2.20 36.22 21.15
N VAL C 410 2.58 34.95 21.05
CA VAL C 410 1.76 33.92 20.39
C VAL C 410 0.66 33.38 21.32
N GLY C 411 0.88 33.43 22.64
CA GLY C 411 0.04 32.80 23.67
C GLY C 411 0.48 31.36 23.92
N ALA C 412 0.71 30.97 25.18
CA ALA C 412 1.39 29.72 25.53
C ALA C 412 0.75 28.45 24.93
N SER C 413 -0.58 28.37 24.94
CA SER C 413 -1.36 27.24 24.41
C SER C 413 -1.10 27.01 22.91
N ARG C 414 -0.75 28.08 22.21
CA ARG C 414 -0.50 27.99 20.74
C ARG C 414 1.00 27.92 20.49
N TYR C 415 1.78 28.61 21.29
CA TYR C 415 3.24 28.63 21.15
C TYR C 415 3.84 27.21 21.30
N PHE C 416 3.49 26.50 22.36
CA PHE C 416 3.93 25.10 22.57
C PHE C 416 3.10 24.06 21.81
N GLY C 417 1.89 24.41 21.37
CA GLY C 417 0.98 23.49 20.68
C GLY C 417 1.25 23.31 19.19
N GLN C 418 1.56 24.38 18.47
CA GLN C 418 1.62 24.37 17.00
C GLN C 418 2.89 23.68 16.48
N THR C 419 2.74 22.58 15.74
CA THR C 419 3.82 21.89 15.01
C THR C 419 4.59 22.83 14.09
N ILE C 420 3.86 23.66 13.33
CA ILE C 420 4.44 24.58 12.34
C ILE C 420 5.40 25.60 12.95
N LEU C 421 5.08 26.15 14.12
CA LEU C 421 5.93 27.11 14.82
C LEU C 421 7.13 26.45 15.53
N GLY C 422 7.09 25.14 15.78
CA GLY C 422 8.12 24.41 16.52
C GLY C 422 7.77 24.05 17.97
N GLY C 423 6.48 24.00 18.32
CA GLY C 423 5.98 23.84 19.69
C GLY C 423 6.72 22.86 20.61
N PRO C 424 6.90 21.57 20.26
CA PRO C 424 7.64 20.62 21.10
C PRO C 424 9.11 20.98 21.31
N PHE C 425 9.76 21.60 20.32
CA PHE C 425 11.13 22.07 20.47
C PHE C 425 11.24 23.27 21.40
N HIS C 426 10.24 24.14 21.45
CA HIS C 426 10.20 25.25 22.41
C HIS C 426 10.07 24.75 23.84
N VAL C 427 9.33 23.66 24.07
CA VAL C 427 9.31 23.01 25.39
C VAL C 427 10.69 22.47 25.78
N ILE C 428 11.31 21.65 24.93
CA ILE C 428 12.57 20.99 25.33
C ILE C 428 13.77 21.94 25.34
N ILE C 429 13.80 23.02 24.54
CA ILE C 429 14.87 24.03 24.63
C ILE C 429 14.75 24.90 25.89
N ILE C 430 13.54 25.27 26.33
CA ILE C 430 13.34 25.97 27.61
C ILE C 430 13.68 25.04 28.78
N THR C 431 13.35 23.75 28.68
CA THR C 431 13.71 22.75 29.68
C THR C 431 15.22 22.57 29.76
N TYR C 432 15.92 22.42 28.64
CA TYR C 432 17.40 22.38 28.64
C TYR C 432 17.91 23.64 29.34
N ALA C 433 17.56 24.85 28.89
CA ALA C 433 18.09 26.06 29.49
C ALA C 433 17.83 26.13 31.01
N SER C 434 16.67 25.68 31.47
CA SER C 434 16.34 25.58 32.89
C SER C 434 17.23 24.59 33.63
N LEU C 435 17.51 23.41 33.06
CA LEU C 435 18.39 22.39 33.65
C LEU C 435 19.84 22.86 33.74
N VAL C 436 20.32 23.64 32.77
CA VAL C 436 21.65 24.27 32.84
C VAL C 436 21.72 25.29 33.97
N LEU C 437 20.75 26.18 34.10
CA LEU C 437 20.74 27.18 35.17
C LEU C 437 20.51 26.57 36.57
N LEU C 438 19.74 25.49 36.67
CA LEU C 438 19.69 24.65 37.87
C LEU C 438 21.08 24.09 38.21
N THR C 439 21.78 23.53 37.23
CA THR C 439 23.12 22.96 37.45
C THR C 439 24.14 24.03 37.86
N MET C 440 24.05 25.24 37.31
CA MET C 440 24.86 26.38 37.76
C MET C 440 24.65 26.66 39.25
N VAL C 441 23.41 26.72 39.72
CA VAL C 441 23.11 26.89 41.15
C VAL C 441 23.67 25.72 41.97
N MET C 442 23.48 24.47 41.55
CA MET C 442 24.08 23.31 42.23
C MET C 442 25.60 23.40 42.36
N ARG C 443 26.30 23.81 41.29
CA ARG C 443 27.76 24.00 41.29
C ARG C 443 28.18 25.05 42.30
N LEU C 444 27.45 26.16 42.38
CA LEU C 444 27.73 27.27 43.29
C LEU C 444 27.42 26.92 44.76
N THR C 445 26.38 26.13 45.02
CA THR C 445 25.97 25.74 46.38
C THR C 445 26.52 24.38 46.84
N ASN C 446 27.55 23.84 46.17
CA ASN C 446 28.19 22.56 46.51
C ASN C 446 27.21 21.36 46.58
N MET C 447 26.12 21.40 45.82
CA MET C 447 25.07 20.38 45.90
C MET C 447 25.47 19.09 45.16
N ASN C 448 25.43 17.94 45.84
CA ASN C 448 25.72 16.66 45.21
C ASN C 448 24.57 16.22 44.28
N GLY C 449 24.89 15.63 43.13
CA GLY C 449 23.91 15.06 42.19
C GLY C 449 23.83 15.75 40.84
N GLU C 450 24.85 16.48 40.39
CA GLU C 450 24.83 17.18 39.08
C GLU C 450 24.64 16.23 37.88
N VAL C 451 24.92 14.93 38.03
CA VAL C 451 24.63 13.90 37.02
C VAL C 451 23.17 13.91 36.59
N VAL C 452 22.24 14.19 37.50
CA VAL C 452 20.80 14.17 37.20
C VAL C 452 20.42 15.27 36.21
N PRO C 453 20.53 16.58 36.51
CA PRO C 453 20.18 17.61 35.54
C PRO C 453 21.09 17.63 34.31
N LEU C 454 22.38 17.29 34.43
CA LEU C 454 23.25 17.21 33.26
C LEU C 454 22.88 16.05 32.33
N SER C 455 22.48 14.87 32.82
CA SER C 455 22.06 13.80 31.93
C SER C 455 20.80 14.17 31.17
N PHE C 456 19.82 14.79 31.83
CA PHE C 456 18.63 15.32 31.15
C PHE C 456 18.99 16.44 30.17
N ALA C 457 19.84 17.39 30.54
CA ALA C 457 20.24 18.48 29.67
C ALA C 457 21.04 18.00 28.46
N LEU C 458 21.85 16.96 28.58
CA LEU C 458 22.58 16.38 27.44
C LEU C 458 21.63 15.70 26.46
N VAL C 459 20.65 14.95 26.93
CA VAL C 459 19.62 14.34 26.08
C VAL C 459 18.76 15.41 25.42
N LEU C 460 18.13 16.29 26.19
CA LEU C 460 17.24 17.33 25.64
C LEU C 460 17.99 18.35 24.79
N GLY C 461 19.19 18.73 25.18
CA GLY C 461 20.03 19.67 24.44
C GLY C 461 20.39 19.15 23.07
N TRP C 462 20.91 17.93 22.96
CA TRP C 462 21.17 17.30 21.67
C TRP C 462 19.90 17.00 20.89
N CYS C 463 18.85 16.41 21.46
CA CYS C 463 17.60 16.18 20.72
C CYS C 463 16.98 17.48 20.19
N SER C 464 17.16 18.63 20.85
CA SER C 464 16.71 19.92 20.31
C SER C 464 17.49 20.41 19.09
N VAL C 465 18.62 19.80 18.72
CA VAL C 465 19.27 20.03 17.42
C VAL C 465 18.33 19.64 16.27
N MET C 466 17.41 18.69 16.49
CA MET C 466 16.38 18.36 15.49
C MET C 466 15.43 19.52 15.19
N TYR C 467 15.39 20.60 15.97
CA TYR C 467 14.67 21.81 15.57
C TYR C 467 15.15 22.31 14.21
N PHE C 468 16.46 22.28 13.96
CA PHE C 468 17.07 22.75 12.73
C PHE C 468 16.87 21.83 11.53
N ALA C 469 16.31 20.63 11.71
CA ALA C 469 16.00 19.72 10.62
C ALA C 469 15.00 20.31 9.61
N ARG C 470 14.19 21.28 10.02
CA ARG C 470 13.16 21.92 9.17
C ARG C 470 13.73 22.75 8.04
N GLY C 471 14.99 23.12 8.09
CA GLY C 471 15.63 23.88 7.02
C GLY C 471 16.05 23.02 5.82
N PHE C 472 16.09 21.70 5.97
CA PHE C 472 16.69 20.79 5.01
C PHE C 472 15.63 19.84 4.46
N GLN C 473 15.43 19.80 3.15
CA GLN C 473 14.38 18.98 2.54
C GLN C 473 14.53 17.49 2.82
N MET C 474 15.77 17.02 3.05
CA MET C 474 16.07 15.64 3.39
C MET C 474 15.57 15.25 4.80
N LEU C 475 15.85 16.07 5.81
CA LEU C 475 15.60 15.81 7.23
C LEU C 475 14.23 16.31 7.71
N GLY C 476 13.69 17.37 7.11
CA GLY C 476 12.52 18.10 7.59
C GLY C 476 11.24 17.29 7.63
N PRO C 477 10.79 16.68 6.52
CA PRO C 477 9.61 15.82 6.49
C PRO C 477 9.75 14.61 7.41
N PHE C 478 10.93 14.01 7.52
CA PHE C 478 11.19 12.89 8.43
C PHE C 478 11.07 13.29 9.90
N THR C 479 11.49 14.49 10.28
CA THR C 479 11.33 14.99 11.66
C THR C 479 9.85 15.21 12.02
N ILE C 480 8.98 15.51 11.04
CA ILE C 480 7.53 15.52 11.24
C ILE C 480 6.98 14.11 11.42
N MET C 481 7.45 13.09 10.69
CA MET C 481 7.06 11.70 11.00
C MET C 481 7.47 11.30 12.40
N ILE C 482 8.68 11.61 12.85
CA ILE C 482 9.10 11.32 14.24
C ILE C 482 8.10 11.91 15.24
N GLN C 483 7.69 13.16 15.07
CA GLN C 483 6.69 13.81 15.92
C GLN C 483 5.30 13.15 15.85
N LYS C 484 4.79 12.88 14.64
CA LYS C 484 3.46 12.27 14.44
C LYS C 484 3.41 10.80 14.86
N MET C 485 4.53 10.09 14.83
CA MET C 485 4.65 8.75 15.41
C MET C 485 4.81 8.76 16.94
N ILE C 486 5.50 9.74 17.53
CA ILE C 486 5.60 9.87 19.00
C ILE C 486 4.22 10.09 19.61
N PHE C 487 3.50 11.14 19.20
CA PHE C 487 2.21 11.47 19.80
C PHE C 487 1.04 10.62 19.30
N GLY C 488 1.27 9.79 18.28
CA GLY C 488 0.31 8.84 17.74
C GLY C 488 0.64 7.41 18.14
N ASP C 489 1.29 6.66 17.24
CA ASP C 489 1.52 5.23 17.39
C ASP C 489 2.34 4.82 18.61
N LEU C 490 3.41 5.54 18.94
CA LEU C 490 4.20 5.25 20.13
C LEU C 490 3.38 5.44 21.41
N MET C 491 2.50 6.44 21.47
CA MET C 491 1.61 6.65 22.61
C MET C 491 0.63 5.49 22.81
N ARG C 492 -0.15 5.12 21.80
CA ARG C 492 -1.08 3.97 21.92
C ARG C 492 -0.29 2.72 22.28
N PHE C 493 0.82 2.47 21.63
CA PHE C 493 1.61 1.28 21.90
C PHE C 493 2.08 1.24 23.35
N CYS C 494 2.64 2.33 23.87
CA CYS C 494 3.13 2.36 25.24
C CYS C 494 2.05 2.14 26.28
N TRP C 495 0.80 2.56 26.06
CA TRP C 495 -0.30 2.25 26.97
C TRP C 495 -0.60 0.76 27.07
N LEU C 496 -0.62 0.02 25.97
CA LEU C 496 -0.92 -1.42 26.01
C LEU C 496 0.32 -2.27 26.35
N MET C 497 1.51 -1.84 25.90
CA MET C 497 2.80 -2.39 26.31
C MET C 497 2.99 -2.32 27.83
N ALA C 498 2.64 -1.21 28.48
CA ALA C 498 2.71 -1.08 29.94
C ALA C 498 1.84 -2.10 30.67
N VAL C 499 0.65 -2.39 30.16
CA VAL C 499 -0.26 -3.41 30.72
C VAL C 499 0.34 -4.82 30.61
N VAL C 500 0.95 -5.18 29.48
CA VAL C 500 1.66 -6.46 29.32
C VAL C 500 2.85 -6.53 30.27
N ILE C 501 3.67 -5.49 30.36
CA ILE C 501 4.85 -5.47 31.25
C ILE C 501 4.45 -5.60 32.72
N LEU C 502 3.38 -4.96 33.19
CA LEU C 502 2.94 -5.12 34.58
C LEU C 502 2.46 -6.53 34.90
N GLY C 503 1.75 -7.18 33.98
CA GLY C 503 1.34 -8.58 34.16
C GLY C 503 2.53 -9.52 34.25
N PHE C 504 3.40 -9.47 33.25
CA PHE C 504 4.54 -10.38 33.17
C PHE C 504 5.65 -10.09 34.16
N ALA C 505 5.99 -8.84 34.48
CA ALA C 505 6.98 -8.54 35.50
C ALA C 505 6.58 -9.07 36.87
N SER C 506 5.28 -9.04 37.18
CA SER C 506 4.74 -9.60 38.41
C SER C 506 4.79 -11.12 38.43
N ALA C 507 4.41 -11.78 37.34
CA ALA C 507 4.53 -13.23 37.23
C ALA C 507 5.98 -13.71 37.30
N PHE C 508 6.92 -13.03 36.62
CA PHE C 508 8.34 -13.34 36.71
C PHE C 508 8.89 -13.08 38.11
N HIS C 509 8.59 -11.95 38.75
CA HIS C 509 9.05 -11.72 40.11
C HIS C 509 8.57 -12.81 41.05
N ILE C 510 7.27 -13.12 41.11
CA ILE C 510 6.81 -14.14 42.04
C ILE C 510 7.29 -15.55 41.71
N THR C 511 7.56 -15.85 40.43
CA THR C 511 8.21 -17.10 40.04
C THR C 511 9.61 -17.23 40.65
N PHE C 512 10.37 -16.14 40.72
CA PHE C 512 11.74 -16.14 41.23
C PHE C 512 11.90 -15.80 42.71
N GLN C 513 10.87 -15.31 43.42
CA GLN C 513 10.95 -15.03 44.86
C GLN C 513 11.51 -16.19 45.70
N THR C 514 11.14 -17.43 45.37
CA THR C 514 11.57 -18.63 46.11
C THR C 514 12.99 -19.08 45.76
N GLU C 515 13.59 -18.59 44.68
CA GLU C 515 14.87 -19.03 44.15
C GLU C 515 16.02 -18.10 44.56
N ASP C 516 17.26 -18.60 44.49
CA ASP C 516 18.48 -17.87 44.88
C ASP C 516 18.79 -16.70 43.92
N PRO C 517 18.82 -15.44 44.39
CA PRO C 517 19.08 -14.27 43.55
C PRO C 517 20.42 -14.30 42.82
N ASN C 518 21.41 -15.02 43.34
CA ASN C 518 22.74 -15.06 42.76
C ASN C 518 22.81 -15.89 41.47
N ASN C 519 21.82 -16.77 41.22
CA ASN C 519 21.79 -17.63 40.05
C ASN C 519 20.97 -17.06 38.87
N LEU C 520 19.95 -16.24 39.13
CA LEU C 520 19.23 -15.48 38.10
C LEU C 520 18.71 -14.16 38.72
N GLY C 521 19.46 -13.09 38.52
CA GLY C 521 19.26 -11.80 39.19
C GLY C 521 18.25 -10.86 38.54
N GLU C 522 17.84 -11.12 37.30
CA GLU C 522 16.99 -10.28 36.46
C GLU C 522 15.64 -9.93 37.12
N PHE C 523 15.09 -10.80 37.96
CA PHE C 523 13.78 -10.62 38.59
C PHE C 523 13.88 -10.61 40.13
N SER C 524 15.04 -10.26 40.67
CA SER C 524 15.36 -10.41 42.11
C SER C 524 14.62 -9.45 43.04
N ASP C 525 14.12 -8.32 42.56
CA ASP C 525 13.14 -7.47 43.24
C ASP C 525 12.21 -6.81 42.22
N TYR C 526 11.08 -6.25 42.66
CA TYR C 526 10.05 -5.80 41.74
C TYR C 526 10.52 -4.68 40.79
N PRO C 527 11.27 -3.65 41.22
CA PRO C 527 11.83 -2.66 40.30
C PRO C 527 12.77 -3.26 39.27
N THR C 528 13.64 -4.22 39.64
CA THR C 528 14.48 -4.91 38.67
C THR C 528 13.64 -5.77 37.73
N ALA C 529 12.61 -6.45 38.23
CA ALA C 529 11.74 -7.27 37.40
C ALA C 529 10.98 -6.45 36.35
N LEU C 530 10.48 -5.26 36.72
CA LEU C 530 9.87 -4.33 35.77
C LEU C 530 10.85 -3.91 34.68
N PHE C 531 12.05 -3.46 35.06
CA PHE C 531 13.05 -3.00 34.10
C PHE C 531 13.53 -4.15 33.19
N SER C 532 13.84 -5.32 33.75
CA SER C 532 14.18 -6.50 32.97
C SER C 532 13.05 -6.90 32.04
N THR C 533 11.79 -6.88 32.47
CA THR C 533 10.66 -7.22 31.59
C THR C 533 10.48 -6.21 30.47
N PHE C 534 10.65 -4.92 30.73
CA PHE C 534 10.69 -3.89 29.70
C PHE C 534 11.84 -4.11 28.69
N GLU C 535 13.04 -4.42 29.14
CA GLU C 535 14.17 -4.75 28.25
C GLU C 535 13.97 -6.07 27.49
N LEU C 536 13.35 -7.08 28.10
CA LEU C 536 12.98 -8.32 27.44
C LEU C 536 11.89 -8.11 26.40
N PHE C 537 10.90 -7.25 26.65
CA PHE C 537 9.85 -6.90 25.69
C PHE C 537 10.48 -6.40 24.40
N LEU C 538 11.37 -5.42 24.52
CA LEU C 538 12.01 -4.76 23.36
C LEU C 538 13.21 -5.57 22.90
N THR C 539 13.45 -6.73 23.48
CA THR C 539 14.59 -7.62 23.11
C THR C 539 15.92 -6.88 23.16
N ILE C 540 16.16 -6.09 24.20
CA ILE C 540 17.43 -5.34 24.35
C ILE C 540 18.29 -6.04 25.41
N ILE C 541 17.78 -7.08 26.07
CA ILE C 541 18.56 -7.93 27.01
C ILE C 541 18.15 -9.36 26.69
N ASP C 542 19.08 -10.32 26.73
CA ASP C 542 18.77 -11.71 26.33
C ASP C 542 17.90 -12.38 27.37
N GLY C 543 17.03 -13.28 26.96
CA GLY C 543 16.13 -13.97 27.89
C GLY C 543 16.92 -14.64 28.97
N PRO C 544 16.54 -14.55 30.25
CA PRO C 544 17.38 -15.12 31.28
C PRO C 544 17.52 -16.65 31.26
N ALA C 545 18.74 -17.17 31.24
CA ALA C 545 18.96 -18.61 31.31
C ALA C 545 20.26 -18.91 32.05
N ASN C 546 20.34 -20.08 32.68
CA ASN C 546 21.50 -20.52 33.42
C ASN C 546 21.52 -22.05 33.41
N TYR C 547 22.11 -22.64 32.38
CA TYR C 547 22.04 -24.09 32.14
C TYR C 547 22.69 -24.93 33.24
N SER C 548 23.48 -24.32 34.12
CA SER C 548 24.07 -24.96 35.30
C SER C 548 23.08 -25.23 36.46
N VAL C 549 21.85 -24.71 36.42
CA VAL C 549 20.84 -24.85 37.49
C VAL C 549 19.43 -25.08 36.95
N ASP C 550 18.56 -25.69 37.74
CA ASP C 550 17.15 -25.88 37.43
C ASP C 550 16.32 -24.64 37.77
N LEU C 551 15.96 -23.86 36.76
CA LEU C 551 14.99 -22.76 36.89
C LEU C 551 13.57 -23.32 37.14
N PRO C 552 12.63 -22.52 37.68
CA PRO C 552 11.24 -22.95 37.85
C PRO C 552 10.59 -23.34 36.52
N PHE C 553 9.79 -24.41 36.46
CA PHE C 553 9.07 -24.78 35.24
C PHE C 553 8.07 -23.69 34.81
N MET C 554 7.51 -22.98 35.80
CA MET C 554 6.61 -21.86 35.59
C MET C 554 7.29 -20.68 34.87
N TYR C 555 8.61 -20.62 34.89
CA TYR C 555 9.33 -19.54 34.17
C TYR C 555 9.34 -19.81 32.67
N CYS C 556 9.61 -21.05 32.28
CA CYS C 556 9.62 -21.41 30.87
C CYS C 556 8.23 -21.26 30.23
N ILE C 557 7.16 -21.62 30.96
CA ILE C 557 5.77 -21.38 30.56
C ILE C 557 5.48 -19.88 30.43
N THR C 558 5.77 -19.09 31.46
CA THR C 558 5.52 -17.64 31.48
C THR C 558 6.33 -16.92 30.39
N TYR C 559 7.59 -17.29 30.19
CA TYR C 559 8.46 -16.67 29.18
C TYR C 559 8.10 -17.08 27.75
N ALA C 560 7.60 -18.29 27.51
CA ALA C 560 7.04 -18.67 26.23
C ALA C 560 5.81 -17.83 25.85
N ALA C 561 4.88 -17.64 26.77
CA ALA C 561 3.73 -16.76 26.56
C ALA C 561 4.17 -15.30 26.37
N PHE C 562 5.11 -14.81 27.18
CA PHE C 562 5.66 -13.46 27.04
C PHE C 562 6.32 -13.25 25.68
N ALA C 563 7.18 -14.16 25.24
CA ALA C 563 7.86 -14.06 23.96
C ALA C 563 6.89 -14.03 22.78
N ILE C 564 5.79 -14.79 22.83
CA ILE C 564 4.75 -14.77 21.80
C ILE C 564 3.93 -13.47 21.83
N ILE C 565 3.53 -12.97 23.00
CA ILE C 565 2.72 -11.74 23.12
C ILE C 565 3.57 -10.48 22.90
N ALA C 566 4.66 -10.31 23.63
CA ALA C 566 5.51 -9.13 23.56
C ALA C 566 6.37 -9.11 22.29
N THR C 567 7.34 -9.98 22.19
CA THR C 567 8.28 -9.95 21.04
C THR C 567 7.64 -10.34 19.72
N LEU C 568 7.02 -11.52 19.61
CA LEU C 568 6.50 -11.96 18.33
C LEU C 568 5.31 -11.09 17.90
N LEU C 569 4.21 -11.04 18.65
CA LEU C 569 3.03 -10.30 18.25
C LEU C 569 3.25 -8.79 18.31
N MET C 570 3.36 -8.20 19.50
CA MET C 570 3.21 -6.75 19.65
C MET C 570 4.38 -5.96 19.08
N LEU C 571 5.62 -6.36 19.27
CA LEU C 571 6.77 -5.62 18.74
C LEU C 571 6.79 -5.61 17.21
N ASN C 572 6.29 -6.64 16.53
CA ASN C 572 6.13 -6.66 15.07
C ASN C 572 4.85 -5.96 14.60
N LEU C 573 3.77 -5.99 15.38
CA LEU C 573 2.57 -5.22 15.11
C LEU C 573 2.80 -3.70 15.24
N PHE C 574 3.76 -3.25 16.06
CA PHE C 574 4.21 -1.87 16.07
C PHE C 574 4.76 -1.45 14.71
N ILE C 575 5.65 -2.25 14.12
CA ILE C 575 6.20 -2.02 12.78
C ILE C 575 5.08 -1.99 11.74
N ALA C 576 4.17 -2.96 11.78
CA ALA C 576 3.05 -3.03 10.86
C ALA C 576 2.14 -1.79 10.95
N MET C 577 1.78 -1.32 12.15
CA MET C 577 0.92 -0.15 12.27
C MET C 577 1.64 1.17 11.97
N MET C 578 2.95 1.28 12.23
CA MET C 578 3.73 2.41 11.76
C MET C 578 3.80 2.45 10.24
N GLY C 579 3.99 1.33 9.55
CA GLY C 579 4.00 1.30 8.08
C GLY C 579 2.67 1.78 7.49
N ASP C 580 1.57 1.35 8.08
CA ASP C 580 0.22 1.79 7.74
C ASP C 580 -0.01 3.29 7.99
N THR C 581 0.38 3.82 9.15
CA THR C 581 0.38 5.26 9.41
C THR C 581 1.28 6.02 8.45
N HIS C 582 2.43 5.49 8.09
CA HIS C 582 3.40 6.19 7.26
C HIS C 582 2.82 6.51 5.88
N TRP C 583 2.25 5.53 5.17
CA TRP C 583 1.72 5.79 3.83
C TRP C 583 0.51 6.73 3.86
N ARG C 584 -0.24 6.73 4.95
CA ARG C 584 -1.46 7.56 5.00
C ARG C 584 -1.07 8.99 5.33
N VAL C 585 -0.10 9.20 6.20
CA VAL C 585 0.33 10.54 6.66
C VAL C 585 1.33 11.23 5.72
N ALA C 586 1.97 10.52 4.80
CA ALA C 586 3.04 11.03 3.95
C ALA C 586 2.72 12.32 3.15
N GLN C 587 1.49 12.56 2.72
CA GLN C 587 1.14 13.82 2.06
C GLN C 587 1.08 15.00 3.03
N GLU C 588 0.38 14.85 4.16
CA GLU C 588 0.31 15.90 5.19
C GLU C 588 1.67 16.24 5.77
N ARG C 589 2.54 15.25 5.98
CA ARG C 589 3.95 15.43 6.34
C ARG C 589 4.68 16.42 5.42
N ASP C 590 4.47 16.34 4.12
CA ASP C 590 5.09 17.25 3.15
C ASP C 590 4.49 18.65 3.19
N GLU C 591 3.16 18.77 3.30
CA GLU C 591 2.47 20.05 3.45
C GLU C 591 2.87 20.77 4.75
N LEU C 592 3.01 20.03 5.85
CA LEU C 592 3.52 20.54 7.11
C LEU C 592 4.98 20.96 7.00
N TRP C 593 5.83 20.26 6.26
CA TRP C 593 7.21 20.69 6.08
C TRP C 593 7.31 22.02 5.33
N ARG C 594 6.53 22.20 4.29
CA ARG C 594 6.67 23.43 3.49
C ARG C 594 6.09 24.59 4.31
N ALA C 595 5.08 24.38 5.16
CA ALA C 595 4.61 25.37 6.11
C ALA C 595 5.61 25.69 7.23
N GLN C 596 6.40 24.72 7.71
CA GLN C 596 7.50 24.97 8.66
C GLN C 596 8.62 25.83 8.07
N VAL C 597 8.96 25.67 6.79
CA VAL C 597 9.94 26.52 6.12
C VAL C 597 9.46 27.97 6.05
N VAL C 598 8.17 28.18 5.76
CA VAL C 598 7.58 29.53 5.80
C VAL C 598 7.55 30.08 7.22
N ALA C 599 7.12 29.31 8.22
CA ALA C 599 7.14 29.76 9.61
C ALA C 599 8.53 30.13 10.11
N THR C 600 9.56 29.40 9.68
CA THR C 600 10.96 29.71 9.98
C THR C 600 11.36 31.03 9.33
N THR C 601 11.02 31.21 8.05
CA THR C 601 11.30 32.44 7.29
C THR C 601 10.69 33.67 7.96
N VAL C 602 9.44 33.54 8.41
CA VAL C 602 8.67 34.57 9.10
C VAL C 602 9.24 34.88 10.48
N MET C 603 9.66 33.85 11.24
CA MET C 603 10.35 34.02 12.52
C MET C 603 11.68 34.73 12.37
N LEU C 604 12.55 34.27 11.46
CA LEU C 604 13.87 34.86 11.27
C LEU C 604 13.76 36.33 10.89
N GLU C 605 12.88 36.67 9.94
CA GLU C 605 12.68 38.05 9.53
C GLU C 605 12.16 38.93 10.67
N ARG C 606 11.29 38.41 11.53
CA ARG C 606 10.80 39.12 12.72
C ARG C 606 11.91 39.36 13.75
N LYS C 607 12.68 38.33 14.09
CA LYS C 607 13.61 38.35 15.23
C LYS C 607 14.99 38.90 14.92
N MET C 608 15.50 38.74 13.69
CA MET C 608 16.82 39.24 13.30
C MET C 608 16.84 40.75 13.02
N PRO C 609 18.01 41.42 13.12
CA PRO C 609 18.18 42.82 12.77
C PRO C 609 17.78 43.12 11.32
N ARG C 610 17.07 44.22 11.08
CA ARG C 610 16.50 44.49 9.73
C ARG C 610 17.56 44.71 8.67
N PHE C 611 18.74 45.18 9.03
CA PHE C 611 19.80 45.33 8.02
C PHE C 611 20.20 44.00 7.36
N LEU C 612 19.99 42.86 8.04
CA LEU C 612 20.21 41.51 7.47
C LEU C 612 19.06 41.04 6.59
N TRP C 613 17.89 41.67 6.67
CA TRP C 613 16.69 41.32 5.91
C TRP C 613 16.18 42.50 5.09
N PRO C 614 16.85 42.86 3.97
CA PRO C 614 16.36 43.89 3.06
C PRO C 614 14.92 43.62 2.63
N ARG C 615 14.10 44.67 2.57
CA ARG C 615 12.66 44.56 2.28
C ARG C 615 12.43 43.86 0.95
N SER C 616 11.56 42.84 0.95
CA SER C 616 11.35 41.95 -0.19
C SER C 616 10.51 42.58 -1.30
N GLY C 617 10.67 42.09 -2.53
CA GLY C 617 9.99 42.65 -3.70
C GLY C 617 10.66 43.92 -4.24
N ILE C 618 9.93 44.60 -5.10
CA ILE C 618 10.38 45.69 -5.95
C ILE C 618 9.80 47.00 -5.41
N CYS C 619 10.63 47.98 -5.09
CA CYS C 619 10.14 49.26 -4.59
C CYS C 619 9.46 50.04 -5.72
N GLY C 620 8.21 50.47 -5.52
CA GLY C 620 7.46 51.17 -6.56
C GLY C 620 7.96 52.58 -6.86
N TYR C 621 8.55 53.25 -5.86
CA TYR C 621 8.79 54.68 -5.91
C TYR C 621 9.77 55.09 -7.02
N GLU C 622 10.85 54.32 -7.20
CA GLU C 622 11.85 54.58 -8.25
C GLU C 622 11.35 54.28 -9.68
N TYR C 623 10.14 53.72 -9.83
CA TYR C 623 9.46 53.55 -11.14
C TYR C 623 8.18 54.39 -11.27
N GLY C 624 7.92 55.30 -10.34
CA GLY C 624 6.73 56.16 -10.34
C GLY C 624 5.43 55.51 -9.89
N LEU C 625 5.49 54.32 -9.27
CA LEU C 625 4.30 53.59 -8.77
C LEU C 625 3.90 53.98 -7.33
N GLY C 626 4.47 55.04 -6.77
CA GLY C 626 4.21 55.49 -5.40
C GLY C 626 4.86 54.61 -4.33
N ASP C 627 4.34 54.66 -3.10
CA ASP C 627 4.94 54.06 -1.90
C ASP C 627 4.87 52.52 -1.83
N ARG C 628 4.17 51.91 -2.78
CA ARG C 628 3.90 50.46 -2.70
C ARG C 628 5.04 49.61 -3.20
N TRP C 629 5.09 48.35 -2.75
CA TRP C 629 6.11 47.39 -3.14
C TRP C 629 5.47 46.18 -3.82
N PHE C 630 6.14 45.64 -4.83
CA PHE C 630 5.54 44.71 -5.78
C PHE C 630 6.32 43.41 -5.94
N LEU C 631 5.67 42.35 -6.38
CA LEU C 631 6.32 41.13 -6.80
C LEU C 631 6.02 40.90 -8.28
N ARG C 632 7.05 40.87 -9.11
CA ARG C 632 6.83 40.56 -10.55
C ARG C 632 6.96 39.06 -10.76
N VAL C 633 5.93 38.48 -11.29
CA VAL C 633 5.85 37.05 -11.62
C VAL C 633 5.68 36.91 -13.12
N GLU C 634 6.59 36.21 -13.77
CA GLU C 634 6.55 35.86 -15.19
C GLU C 634 6.17 34.39 -15.33
N ASN C 635 5.20 34.08 -16.19
CA ASN C 635 4.57 32.75 -16.25
C ASN C 635 4.21 32.33 -17.69
N HIS C 636 4.09 31.02 -17.91
CA HIS C 636 3.84 30.39 -19.21
C HIS C 636 2.44 29.76 -19.29
N HIS C 637 1.72 30.00 -20.40
CA HIS C 637 0.44 29.37 -20.73
C HIS C 637 0.34 29.05 -22.23
N ASP D 28 -27.08 -36.54 3.10
CA ASP D 28 -27.02 -35.06 3.19
C ASP D 28 -28.23 -34.42 2.49
N TRP D 29 -28.60 -33.19 2.87
CA TRP D 29 -29.69 -32.41 2.27
C TRP D 29 -29.55 -32.21 0.76
N GLU D 30 -28.38 -31.80 0.28
CA GLU D 30 -28.19 -31.53 -1.15
C GLU D 30 -28.41 -32.78 -1.99
N GLN D 31 -27.91 -33.94 -1.55
CA GLN D 31 -28.15 -35.20 -2.24
C GLN D 31 -29.64 -35.57 -2.26
N TYR D 32 -30.37 -35.33 -1.17
CA TYR D 32 -31.82 -35.55 -1.12
C TYR D 32 -32.58 -34.59 -2.05
N ARG D 33 -32.31 -33.30 -1.94
CA ARG D 33 -32.96 -32.30 -2.83
C ARG D 33 -32.71 -32.68 -4.28
N ASP D 34 -31.45 -32.99 -4.62
CA ASP D 34 -31.12 -33.42 -5.97
C ASP D 34 -31.95 -34.63 -6.40
N ARG D 35 -32.01 -35.71 -5.61
CA ARG D 35 -32.86 -36.87 -5.93
C ARG D 35 -34.33 -36.50 -6.10
N VAL D 36 -34.86 -35.64 -5.24
CA VAL D 36 -36.22 -35.08 -5.35
C VAL D 36 -36.44 -34.42 -6.71
N ASN D 37 -35.51 -33.58 -7.17
CA ASN D 37 -35.60 -32.91 -8.47
C ASN D 37 -35.51 -33.91 -9.63
N MET D 38 -34.66 -34.92 -9.54
CA MET D 38 -34.54 -35.95 -10.58
C MET D 38 -35.79 -36.82 -10.69
N LEU D 39 -36.33 -37.31 -9.57
CA LEU D 39 -37.56 -38.10 -9.55
C LEU D 39 -38.75 -37.29 -10.07
N GLN D 40 -38.82 -36.01 -9.73
CA GLN D 40 -39.88 -35.13 -10.18
C GLN D 40 -39.86 -34.99 -11.71
N GLN D 41 -38.70 -34.71 -12.31
CA GLN D 41 -38.56 -34.65 -13.75
C GLN D 41 -38.81 -36.00 -14.42
N GLU D 42 -38.38 -37.12 -13.84
CA GLU D 42 -38.67 -38.45 -14.36
C GLU D 42 -40.18 -38.73 -14.41
N ARG D 43 -40.91 -38.45 -13.33
CA ARG D 43 -42.37 -38.62 -13.31
C ARG D 43 -43.10 -37.72 -14.29
N ILE D 44 -42.58 -36.50 -14.54
CA ILE D 44 -43.08 -35.64 -15.61
C ILE D 44 -42.82 -36.25 -16.99
N ARG D 45 -41.66 -36.90 -17.23
CA ARG D 45 -41.40 -37.63 -18.49
C ARG D 45 -42.29 -38.86 -18.66
N ASP D 46 -42.46 -39.64 -17.60
CA ASP D 46 -43.18 -40.92 -17.64
C ASP D 46 -44.68 -40.75 -17.86
N SER D 47 -45.34 -39.83 -17.16
CA SER D 47 -46.80 -39.65 -17.23
C SER D 47 -47.18 -38.65 -18.33
N PRO D 48 -47.88 -39.06 -19.41
CA PRO D 48 -48.04 -38.23 -20.61
C PRO D 48 -48.85 -36.95 -20.38
N LEU D 49 -49.77 -36.92 -19.42
CA LEU D 49 -50.49 -35.70 -19.03
C LEU D 49 -49.53 -34.65 -18.44
N LEU D 50 -48.61 -35.05 -17.57
CA LEU D 50 -47.60 -34.15 -17.01
C LEU D 50 -46.59 -33.74 -18.09
N GLN D 51 -46.21 -34.65 -18.98
CA GLN D 51 -45.33 -34.32 -20.10
C GLN D 51 -45.97 -33.25 -21.01
N ALA D 52 -47.27 -33.38 -21.31
CA ALA D 52 -48.01 -32.40 -22.08
C ALA D 52 -48.21 -31.08 -21.33
N ALA D 53 -48.45 -31.13 -20.01
CA ALA D 53 -48.53 -29.94 -19.15
C ALA D 53 -47.21 -29.16 -19.13
N LYS D 54 -46.05 -29.84 -19.20
CA LYS D 54 -44.72 -29.23 -19.37
C LYS D 54 -44.50 -28.66 -20.77
N GLU D 55 -44.88 -29.38 -21.82
CA GLU D 55 -44.60 -28.99 -23.22
C GLU D 55 -45.60 -28.01 -23.84
N ASN D 56 -46.79 -27.84 -23.26
CA ASN D 56 -47.88 -27.01 -23.80
C ASN D 56 -48.37 -27.45 -25.20
N ASP D 57 -48.18 -28.71 -25.59
CA ASP D 57 -48.73 -29.23 -26.85
C ASP D 57 -50.23 -29.53 -26.70
N LEU D 58 -51.04 -28.51 -26.96
CA LEU D 58 -52.48 -28.55 -26.72
C LEU D 58 -53.20 -29.68 -27.47
N ARG D 59 -52.68 -30.13 -28.62
CA ARG D 59 -53.26 -31.28 -29.35
C ARG D 59 -53.30 -32.54 -28.47
N LEU D 60 -52.14 -33.02 -28.00
CA LEU D 60 -52.09 -34.21 -27.14
C LEU D 60 -52.84 -33.98 -25.83
N LEU D 61 -52.73 -32.80 -25.23
CA LEU D 61 -53.44 -32.47 -24.00
C LEU D 61 -54.97 -32.53 -24.17
N LYS D 62 -55.50 -32.01 -25.28
CA LYS D 62 -56.93 -32.14 -25.64
C LYS D 62 -57.34 -33.61 -25.79
N ILE D 63 -56.54 -34.42 -26.50
CA ILE D 63 -56.84 -35.86 -26.65
C ILE D 63 -56.83 -36.58 -25.29
N LEU D 64 -55.84 -36.33 -24.43
CA LEU D 64 -55.77 -36.93 -23.09
C LEU D 64 -56.97 -36.53 -22.22
N LEU D 65 -57.39 -35.26 -22.25
CA LEU D 65 -58.55 -34.78 -21.50
C LEU D 65 -59.91 -35.15 -22.14
N LEU D 66 -59.92 -35.50 -23.43
CA LEU D 66 -61.08 -36.04 -24.15
C LEU D 66 -61.28 -37.54 -23.87
N ASN D 67 -60.19 -38.29 -23.63
CA ASN D 67 -60.23 -39.72 -23.29
C ASN D 67 -61.00 -40.00 -21.99
N ASP D 71 -56.73 -39.62 -12.54
CA ASP D 71 -56.25 -39.39 -13.93
C ASP D 71 -55.89 -37.92 -14.08
N PHE D 72 -56.88 -37.04 -14.12
CA PHE D 72 -56.53 -35.59 -14.17
C PHE D 72 -55.96 -35.27 -12.80
N GLN D 73 -56.18 -36.16 -11.84
CA GLN D 73 -55.67 -35.97 -10.45
C GLN D 73 -54.32 -36.68 -10.40
N GLN D 74 -53.75 -36.93 -11.58
CA GLN D 74 -52.43 -37.58 -11.68
C GLN D 74 -51.42 -36.79 -10.87
N ARG D 75 -50.40 -37.44 -10.30
CA ARG D 75 -49.48 -36.72 -9.39
C ARG D 75 -47.99 -37.06 -9.58
N GLY D 76 -47.14 -36.06 -9.78
CA GLY D 76 -45.68 -36.15 -9.87
C GLY D 76 -45.05 -36.72 -8.58
N ALA D 77 -43.73 -36.85 -8.55
CA ALA D 77 -43.00 -37.50 -7.44
C ALA D 77 -43.23 -36.83 -6.07
N VAL D 78 -43.42 -35.51 -6.06
CA VAL D 78 -43.65 -34.68 -4.86
C VAL D 78 -45.13 -34.50 -4.52
N GLY D 79 -46.02 -35.23 -5.19
CA GLY D 79 -47.47 -35.12 -5.03
C GLY D 79 -48.10 -33.95 -5.76
N GLU D 80 -47.38 -33.25 -6.64
CA GLU D 80 -47.91 -32.13 -7.42
C GLU D 80 -48.86 -32.62 -8.52
N THR D 81 -49.87 -31.83 -8.90
CA THR D 81 -50.77 -32.17 -10.00
C THR D 81 -50.22 -31.75 -11.37
N ALA D 82 -50.85 -32.20 -12.46
CA ALA D 82 -50.56 -31.66 -13.79
C ALA D 82 -50.72 -30.13 -13.89
N LEU D 83 -51.57 -29.51 -13.07
CA LEU D 83 -51.74 -28.06 -13.04
C LEU D 83 -50.55 -27.34 -12.37
N HIS D 84 -49.94 -27.94 -11.35
CA HIS D 84 -48.67 -27.45 -10.81
C HIS D 84 -47.57 -27.48 -11.88
N VAL D 85 -47.50 -28.57 -12.67
CA VAL D 85 -46.56 -28.67 -13.79
C VAL D 85 -46.78 -27.56 -14.81
N ALA D 86 -48.02 -27.35 -15.24
CA ALA D 86 -48.35 -26.27 -16.19
C ALA D 86 -48.01 -24.88 -15.61
N ALA D 87 -48.29 -24.63 -14.34
CA ALA D 87 -47.91 -23.38 -13.68
C ALA D 87 -46.39 -23.19 -13.57
N LEU D 88 -45.63 -24.26 -13.28
CA LEU D 88 -44.18 -24.24 -13.15
C LEU D 88 -43.49 -23.88 -14.46
N TYR D 89 -43.93 -24.51 -15.55
CA TYR D 89 -43.47 -24.23 -16.90
C TYR D 89 -44.12 -23.01 -17.55
N ASP D 90 -44.93 -22.27 -16.79
CA ASP D 90 -45.53 -21.00 -17.20
C ASP D 90 -46.49 -21.12 -18.40
N ASN D 91 -47.15 -22.26 -18.52
CA ASN D 91 -48.00 -22.66 -19.65
C ASN D 91 -49.47 -22.31 -19.38
N LEU D 92 -49.86 -21.06 -19.63
CA LEU D 92 -51.21 -20.56 -19.41
C LEU D 92 -52.28 -21.38 -20.14
N GLU D 93 -52.07 -21.73 -21.41
CA GLU D 93 -53.05 -22.47 -22.18
C GLU D 93 -53.27 -23.87 -21.61
N ALA D 94 -52.22 -24.67 -21.43
CA ALA D 94 -52.33 -25.98 -20.79
C ALA D 94 -53.01 -25.90 -19.41
N ALA D 95 -52.67 -24.89 -18.60
CA ALA D 95 -53.32 -24.68 -17.32
C ALA D 95 -54.83 -24.43 -17.46
N THR D 96 -55.27 -23.62 -18.42
CA THR D 96 -56.71 -23.42 -18.66
C THR D 96 -57.41 -24.69 -19.15
N LEU D 97 -56.78 -25.48 -20.03
CA LEU D 97 -57.32 -26.77 -20.47
C LEU D 97 -57.48 -27.75 -19.28
N LEU D 98 -56.44 -27.87 -18.44
CA LEU D 98 -56.47 -28.72 -17.25
C LEU D 98 -57.55 -28.27 -16.26
N MET D 99 -57.69 -26.97 -15.99
CA MET D 99 -58.74 -26.45 -15.12
C MET D 99 -60.14 -26.59 -15.72
N GLU D 100 -60.30 -26.53 -17.04
CA GLU D 100 -61.58 -26.76 -17.70
C GLU D 100 -62.03 -28.23 -17.58
N ALA D 101 -61.11 -29.18 -17.73
CA ALA D 101 -61.39 -30.61 -17.54
C ALA D 101 -61.53 -31.01 -16.06
N ALA D 102 -60.74 -30.43 -15.16
CA ALA D 102 -60.73 -30.75 -13.73
C ALA D 102 -60.56 -29.46 -12.89
N PRO D 103 -61.65 -28.73 -12.61
CA PRO D 103 -61.59 -27.47 -11.88
C PRO D 103 -61.02 -27.61 -10.47
N GLU D 104 -61.19 -28.76 -9.83
CA GLU D 104 -60.70 -29.04 -8.48
C GLU D 104 -59.17 -28.99 -8.36
N LEU D 105 -58.42 -29.13 -9.46
CA LEU D 105 -56.96 -29.03 -9.44
C LEU D 105 -56.47 -27.68 -8.91
N ALA D 106 -57.21 -26.59 -9.12
CA ALA D 106 -56.86 -25.27 -8.58
C ALA D 106 -56.81 -25.23 -7.04
N LYS D 107 -57.52 -26.15 -6.36
CA LYS D 107 -57.58 -26.27 -4.89
C LYS D 107 -56.54 -27.25 -4.31
N GLU D 108 -55.81 -28.00 -5.14
CA GLU D 108 -54.93 -29.08 -4.68
C GLU D 108 -53.55 -28.59 -4.20
N PRO D 109 -53.04 -29.08 -3.06
CA PRO D 109 -51.66 -28.94 -2.64
C PRO D 109 -50.76 -30.07 -3.18
N ALA D 110 -49.45 -29.83 -3.22
CA ALA D 110 -48.43 -30.89 -3.25
C ALA D 110 -48.30 -31.54 -1.86
N LEU D 111 -47.80 -32.78 -1.80
CA LEU D 111 -48.02 -33.68 -0.66
C LEU D 111 -46.74 -34.19 0.03
N CYS D 112 -45.60 -34.23 -0.66
CA CYS D 112 -44.37 -34.80 -0.13
C CYS D 112 -43.49 -33.75 0.58
N GLU D 113 -42.65 -34.21 1.51
CA GLU D 113 -41.96 -33.41 2.53
C GLU D 113 -41.25 -32.12 2.06
N PRO D 114 -40.62 -32.05 0.86
CA PRO D 114 -40.02 -30.80 0.39
C PRO D 114 -41.05 -29.72 0.05
N PHE D 115 -42.21 -30.09 -0.50
CA PHE D 115 -43.17 -29.16 -1.11
C PHE D 115 -44.57 -29.17 -0.48
N VAL D 116 -44.75 -29.80 0.68
CA VAL D 116 -46.05 -29.91 1.37
C VAL D 116 -46.83 -28.61 1.35
N GLY D 117 -48.09 -28.66 0.91
CA GLY D 117 -49.01 -27.52 0.93
C GLY D 117 -48.84 -26.53 -0.22
N GLN D 118 -47.82 -26.64 -1.07
CA GLN D 118 -47.64 -25.79 -2.24
C GLN D 118 -48.79 -26.00 -3.24
N THR D 119 -49.48 -24.94 -3.64
CA THR D 119 -50.53 -24.97 -4.67
C THR D 119 -50.00 -24.45 -6.00
N ALA D 120 -50.76 -24.64 -7.08
CA ALA D 120 -50.46 -23.98 -8.36
C ALA D 120 -50.47 -22.45 -8.27
N LEU D 121 -51.21 -21.86 -7.31
CA LEU D 121 -51.25 -20.43 -7.06
C LEU D 121 -49.91 -19.90 -6.54
N HIS D 122 -49.24 -20.60 -5.62
CA HIS D 122 -47.88 -20.24 -5.19
C HIS D 122 -46.90 -20.20 -6.36
N ILE D 123 -46.99 -21.18 -7.25
CA ILE D 123 -46.12 -21.27 -8.43
C ILE D 123 -46.42 -20.15 -9.43
N ALA D 124 -47.69 -19.93 -9.77
CA ALA D 124 -48.10 -18.90 -10.71
C ALA D 124 -47.76 -17.48 -10.23
N VAL D 125 -47.92 -17.23 -8.92
CA VAL D 125 -47.50 -15.98 -8.27
C VAL D 125 -45.98 -15.80 -8.35
N MET D 126 -45.20 -16.85 -8.07
CA MET D 126 -43.74 -16.78 -8.17
C MET D 126 -43.24 -16.57 -9.60
N ASN D 127 -43.89 -17.18 -10.59
CA ASN D 127 -43.66 -16.91 -12.01
C ASN D 127 -44.26 -15.58 -12.52
N GLN D 128 -44.96 -14.81 -11.68
CA GLN D 128 -45.63 -13.54 -12.04
C GLN D 128 -46.65 -13.64 -13.19
N ASN D 129 -47.25 -14.81 -13.40
CA ASN D 129 -48.26 -14.97 -14.44
C ASN D 129 -49.61 -14.47 -13.92
N LEU D 130 -49.85 -13.16 -14.02
CA LEU D 130 -51.07 -12.49 -13.56
C LEU D 130 -52.34 -13.11 -14.16
N ASN D 131 -52.30 -13.50 -15.44
CA ASN D 131 -53.41 -14.16 -16.12
C ASN D 131 -53.72 -15.54 -15.52
N LEU D 132 -52.71 -16.35 -15.26
CA LEU D 132 -52.88 -17.65 -14.60
C LEU D 132 -53.32 -17.48 -13.15
N VAL D 133 -52.80 -16.49 -12.42
CA VAL D 133 -53.26 -16.17 -11.06
C VAL D 133 -54.74 -15.82 -11.07
N ARG D 134 -55.23 -14.98 -12.00
CA ARG D 134 -56.67 -14.73 -12.16
C ARG D 134 -57.45 -16.00 -12.50
N ALA D 135 -56.97 -16.83 -13.42
CA ALA D 135 -57.64 -18.07 -13.80
C ALA D 135 -57.75 -19.09 -12.64
N LEU D 136 -56.75 -19.14 -11.76
CA LEU D 136 -56.74 -19.96 -10.54
C LEU D 136 -57.69 -19.39 -9.47
N LEU D 137 -57.63 -18.10 -9.21
CA LEU D 137 -58.49 -17.43 -8.22
C LEU D 137 -59.98 -17.47 -8.62
N ALA D 138 -60.28 -17.33 -9.91
CA ALA D 138 -61.62 -17.51 -10.48
C ALA D 138 -62.18 -18.94 -10.29
N ARG D 139 -61.31 -19.89 -9.93
CA ARG D 139 -61.72 -21.32 -9.79
C ARG D 139 -61.61 -21.82 -8.35
N GLY D 140 -61.37 -20.93 -7.38
CA GLY D 140 -61.36 -21.25 -5.96
C GLY D 140 -59.99 -21.60 -5.38
N ALA D 141 -58.89 -21.24 -6.06
CA ALA D 141 -57.55 -21.36 -5.49
C ALA D 141 -57.44 -20.60 -4.16
N SER D 142 -56.97 -21.26 -3.10
CA SER D 142 -57.02 -20.72 -1.74
C SER D 142 -55.89 -19.70 -1.47
N VAL D 143 -56.25 -18.42 -1.34
CA VAL D 143 -55.32 -17.33 -0.99
C VAL D 143 -54.70 -17.47 0.40
N SER D 144 -55.25 -18.30 1.27
CA SER D 144 -54.73 -18.59 2.61
C SER D 144 -53.95 -19.91 2.71
N ALA D 145 -53.73 -20.63 1.61
CA ALA D 145 -52.93 -21.86 1.61
C ALA D 145 -51.46 -21.62 1.99
N ARG D 146 -50.89 -22.53 2.77
CA ARG D 146 -49.52 -22.31 3.30
C ARG D 146 -48.57 -23.39 2.79
N ALA D 147 -47.49 -23.00 2.11
CA ALA D 147 -46.47 -23.96 1.65
C ALA D 147 -45.58 -24.31 2.82
N THR D 148 -46.00 -25.26 3.65
CA THR D 148 -45.24 -25.62 4.86
C THR D 148 -44.04 -26.51 4.57
N GLY D 149 -43.84 -26.94 3.32
CA GLY D 149 -42.74 -27.87 3.05
C GLY D 149 -41.34 -27.29 3.23
N ALA D 150 -40.34 -28.15 3.42
CA ALA D 150 -38.97 -27.75 3.76
C ALA D 150 -38.26 -26.89 2.69
N ALA D 151 -38.72 -26.91 1.44
CA ALA D 151 -38.17 -26.06 0.37
C ALA D 151 -38.49 -24.56 0.54
N PHE D 152 -39.44 -24.21 1.40
CA PHE D 152 -39.90 -22.83 1.60
C PHE D 152 -39.39 -22.18 2.88
N ARG D 153 -38.86 -22.97 3.80
CA ARG D 153 -38.47 -22.46 5.13
C ARG D 153 -37.21 -21.62 5.10
N ARG D 154 -36.98 -20.82 6.14
CA ARG D 154 -35.75 -20.01 6.20
C ARG D 154 -34.64 -20.91 6.70
N SER D 155 -33.65 -21.14 5.88
CA SER D 155 -32.46 -21.96 6.18
C SER D 155 -31.35 -21.69 5.17
N PRO D 156 -30.07 -21.98 5.47
CA PRO D 156 -28.98 -21.85 4.49
C PRO D 156 -29.12 -22.82 3.30
N HIS D 157 -29.91 -23.90 3.48
CA HIS D 157 -30.32 -24.85 2.46
C HIS D 157 -31.08 -24.24 1.27
N ASN D 158 -31.85 -23.18 1.50
CA ASN D 158 -32.78 -22.58 0.53
C ASN D 158 -32.26 -21.22 0.05
N LEU D 159 -32.30 -20.99 -1.26
CA LEU D 159 -31.80 -19.75 -1.88
C LEU D 159 -32.73 -18.54 -1.69
N ILE D 160 -34.01 -18.78 -1.42
CA ILE D 160 -35.04 -17.76 -1.16
C ILE D 160 -35.85 -18.11 0.09
N TYR D 161 -36.38 -17.09 0.75
CA TYR D 161 -37.37 -17.22 1.81
C TYR D 161 -38.47 -16.19 1.59
N TYR D 162 -39.61 -16.65 1.06
CA TYR D 162 -40.80 -15.84 0.81
C TYR D 162 -41.94 -16.15 1.79
N GLY D 163 -41.65 -16.83 2.90
CA GLY D 163 -42.66 -17.31 3.83
C GLY D 163 -43.50 -18.45 3.24
N GLU D 164 -44.81 -18.45 3.51
CA GLU D 164 -45.69 -19.58 3.18
C GLU D 164 -46.94 -19.22 2.36
N HIS D 165 -47.44 -17.99 2.45
CA HIS D 165 -48.70 -17.59 1.81
C HIS D 165 -48.46 -16.96 0.43
N PRO D 166 -49.39 -17.07 -0.54
CA PRO D 166 -49.25 -16.45 -1.86
C PRO D 166 -49.03 -14.93 -1.81
N LEU D 167 -49.62 -14.22 -0.85
CA LEU D 167 -49.41 -12.78 -0.66
C LEU D 167 -47.95 -12.46 -0.32
N SER D 168 -47.32 -13.25 0.55
CA SER D 168 -45.91 -13.11 0.89
C SER D 168 -45.01 -13.40 -0.30
N PHE D 169 -45.38 -14.36 -1.15
CA PHE D 169 -44.68 -14.62 -2.40
C PHE D 169 -44.79 -13.40 -3.32
N ALA D 170 -46.00 -12.92 -3.61
CA ALA D 170 -46.23 -11.77 -4.48
C ALA D 170 -45.51 -10.50 -3.99
N ALA D 171 -45.46 -10.29 -2.69
CA ALA D 171 -44.74 -9.19 -2.08
C ALA D 171 -43.22 -9.28 -2.31
N CYS D 172 -42.62 -10.44 -2.07
CA CYS D 172 -41.17 -10.62 -2.22
C CYS D 172 -40.72 -10.66 -3.69
N VAL D 173 -41.60 -11.14 -4.55
CA VAL D 173 -41.50 -11.12 -6.00
C VAL D 173 -41.72 -9.71 -6.57
N GLY D 174 -42.43 -8.84 -5.84
CA GLY D 174 -42.52 -7.40 -6.11
C GLY D 174 -43.63 -6.97 -7.05
N SER D 175 -44.61 -7.84 -7.32
CA SER D 175 -45.69 -7.57 -8.26
C SER D 175 -46.89 -6.92 -7.56
N GLU D 176 -46.93 -5.59 -7.52
CA GLU D 176 -48.00 -4.85 -6.83
C GLU D 176 -49.39 -5.21 -7.34
N GLU D 177 -49.53 -5.43 -8.65
CA GLU D 177 -50.79 -5.86 -9.26
C GLU D 177 -51.25 -7.24 -8.79
N ILE D 178 -50.33 -8.17 -8.53
CA ILE D 178 -50.68 -9.50 -7.97
C ILE D 178 -51.00 -9.36 -6.48
N VAL D 179 -50.28 -8.53 -5.74
CA VAL D 179 -50.56 -8.22 -4.33
C VAL D 179 -51.96 -7.64 -4.16
N ARG D 180 -52.31 -6.61 -4.94
CA ARG D 180 -53.70 -6.08 -4.87
C ARG D 180 -54.69 -7.20 -5.19
N LEU D 181 -54.51 -7.89 -6.32
CA LEU D 181 -55.42 -8.96 -6.73
C LEU D 181 -55.66 -10.00 -5.61
N LEU D 182 -54.61 -10.41 -4.90
CA LEU D 182 -54.72 -11.35 -3.78
C LEU D 182 -55.46 -10.73 -2.59
N ILE D 183 -55.20 -9.48 -2.24
CA ILE D 183 -55.94 -8.77 -1.18
C ILE D 183 -57.42 -8.63 -1.55
N GLU D 184 -57.74 -8.30 -2.80
CA GLU D 184 -59.12 -8.24 -3.30
C GLU D 184 -59.85 -9.58 -3.22
N HIS D 185 -59.16 -10.71 -3.40
CA HIS D 185 -59.71 -12.05 -3.19
C HIS D 185 -59.67 -12.51 -1.72
N GLY D 186 -59.30 -11.63 -0.79
CA GLY D 186 -59.43 -11.85 0.64
C GLY D 186 -58.21 -12.49 1.30
N ALA D 187 -57.01 -12.34 0.73
CA ALA D 187 -55.78 -12.76 1.40
C ALA D 187 -55.60 -12.04 2.74
N ASP D 188 -55.39 -12.78 3.84
CA ASP D 188 -55.21 -12.16 5.16
C ASP D 188 -53.81 -11.54 5.26
N ILE D 189 -53.72 -10.21 5.19
CA ILE D 189 -52.45 -9.48 5.25
C ILE D 189 -51.71 -9.67 6.59
N ARG D 190 -52.40 -10.11 7.63
CA ARG D 190 -51.75 -10.25 8.96
C ARG D 190 -51.42 -11.71 9.24
N ALA D 191 -51.54 -12.60 8.25
CA ALA D 191 -51.18 -14.00 8.39
C ALA D 191 -49.68 -14.18 8.67
N GLN D 192 -49.33 -15.24 9.41
CA GLN D 192 -47.96 -15.51 9.86
C GLN D 192 -47.43 -16.84 9.34
N ASP D 193 -46.19 -16.80 8.87
CA ASP D 193 -45.33 -17.94 8.53
C ASP D 193 -45.08 -18.88 9.73
N SER D 194 -44.53 -20.08 9.54
CA SER D 194 -44.11 -20.95 10.65
C SER D 194 -43.09 -20.32 11.60
N LEU D 195 -42.25 -19.36 11.17
CA LEU D 195 -41.36 -18.59 12.07
C LEU D 195 -42.10 -17.46 12.82
N GLY D 196 -43.40 -17.30 12.61
CA GLY D 196 -44.20 -16.19 13.13
C GLY D 196 -44.10 -14.92 12.30
N ASN D 197 -43.30 -14.90 11.23
CA ASN D 197 -43.10 -13.74 10.38
C ASN D 197 -44.37 -13.38 9.60
N THR D 198 -44.83 -12.13 9.71
CA THR D 198 -45.82 -11.54 8.80
C THR D 198 -45.15 -11.13 7.49
N VAL D 199 -45.93 -10.75 6.47
CA VAL D 199 -45.38 -10.25 5.20
C VAL D 199 -44.43 -9.06 5.38
N LEU D 200 -44.62 -8.21 6.41
CA LEU D 200 -43.73 -7.10 6.71
C LEU D 200 -42.36 -7.58 7.20
N HIS D 201 -42.32 -8.60 8.07
CA HIS D 201 -41.07 -9.22 8.49
C HIS D 201 -40.34 -9.84 7.30
N ILE D 202 -41.07 -10.50 6.40
CA ILE D 202 -40.46 -11.19 5.26
C ILE D 202 -39.87 -10.17 4.27
N LEU D 203 -40.51 -9.02 4.04
CA LEU D 203 -39.96 -7.96 3.18
C LEU D 203 -38.66 -7.36 3.69
N ILE D 204 -38.43 -7.32 5.01
CA ILE D 204 -37.16 -6.90 5.60
C ILE D 204 -36.00 -7.84 5.25
N LEU D 205 -36.30 -9.10 4.95
CA LEU D 205 -35.31 -10.16 4.70
C LEU D 205 -34.87 -10.29 3.23
N GLN D 206 -35.52 -9.58 2.31
CA GLN D 206 -35.23 -9.69 0.87
C GLN D 206 -34.04 -8.83 0.42
N PRO D 207 -33.24 -9.26 -0.58
CA PRO D 207 -32.17 -8.44 -1.16
C PRO D 207 -32.65 -7.25 -2.02
N ASN D 208 -33.86 -7.31 -2.54
CA ASN D 208 -34.45 -6.37 -3.51
C ASN D 208 -34.98 -5.06 -2.87
N LYS D 209 -34.16 -4.45 -2.01
CA LYS D 209 -34.52 -3.30 -1.15
C LYS D 209 -35.08 -2.08 -1.93
N THR D 210 -34.73 -1.96 -3.21
CA THR D 210 -35.21 -0.93 -4.14
C THR D 210 -36.73 -0.96 -4.39
N PHE D 211 -37.39 -2.12 -4.36
CA PHE D 211 -38.86 -2.21 -4.38
C PHE D 211 -39.46 -2.68 -3.06
N ALA D 212 -38.70 -3.32 -2.17
CA ALA D 212 -39.24 -3.82 -0.90
C ALA D 212 -39.90 -2.71 -0.06
N CYS D 213 -39.35 -1.49 -0.06
CA CYS D 213 -39.96 -0.34 0.64
C CYS D 213 -41.29 0.12 -0.01
N GLN D 214 -41.37 0.12 -1.34
CA GLN D 214 -42.60 0.44 -2.07
C GLN D 214 -43.69 -0.60 -1.78
N MET D 215 -43.31 -1.88 -1.72
CA MET D 215 -44.17 -2.97 -1.27
C MET D 215 -44.60 -2.82 0.19
N TYR D 216 -43.71 -2.37 1.07
CA TYR D 216 -44.04 -2.17 2.48
C TYR D 216 -45.14 -1.12 2.65
N ASN D 217 -45.06 0.00 1.94
CA ASN D 217 -46.12 1.02 1.92
C ASN D 217 -47.44 0.49 1.36
N LEU D 218 -47.41 -0.28 0.28
CA LEU D 218 -48.60 -0.91 -0.30
C LEU D 218 -49.33 -1.78 0.73
N LEU D 219 -48.60 -2.57 1.50
CA LEU D 219 -49.19 -3.46 2.49
C LEU D 219 -49.71 -2.72 3.73
N LEU D 220 -48.98 -1.73 4.25
CA LEU D 220 -49.48 -0.89 5.34
C LEU D 220 -50.78 -0.16 4.98
N SER D 221 -50.97 0.17 3.70
CA SER D 221 -52.20 0.81 3.20
C SER D 221 -53.43 -0.09 3.33
N TYR D 222 -53.26 -1.40 3.36
CA TYR D 222 -54.34 -2.36 3.56
C TYR D 222 -54.53 -2.78 5.02
N ASP D 223 -53.51 -2.62 5.88
CA ASP D 223 -53.69 -2.80 7.33
C ASP D 223 -54.40 -1.61 7.99
N GLU D 224 -54.05 -0.37 7.61
CA GLU D 224 -54.72 0.89 7.96
C GLU D 224 -55.25 0.95 9.40
N GLN D 230 -54.30 -3.33 16.95
CA GLN D 230 -52.84 -3.35 16.88
C GLN D 230 -52.34 -3.20 15.44
N SER D 231 -51.49 -2.22 15.16
CA SER D 231 -50.82 -2.07 13.85
C SER D 231 -49.99 -3.31 13.50
N LEU D 232 -49.97 -3.71 12.23
CA LEU D 232 -49.15 -4.82 11.75
C LEU D 232 -47.64 -4.59 12.00
N GLU D 233 -47.19 -3.34 12.09
CA GLU D 233 -45.81 -2.98 12.47
C GLU D 233 -45.44 -3.40 13.89
N LEU D 234 -46.42 -3.76 14.73
CA LEU D 234 -46.24 -4.13 16.13
C LEU D 234 -46.43 -5.62 16.41
N VAL D 235 -46.76 -6.43 15.41
CA VAL D 235 -46.88 -7.89 15.56
C VAL D 235 -45.48 -8.52 15.70
N PRO D 236 -45.17 -9.27 16.77
CA PRO D 236 -43.90 -9.97 16.89
C PRO D 236 -43.89 -11.30 16.12
N ASN D 237 -42.74 -11.73 15.61
CA ASN D 237 -42.50 -13.11 15.19
C ASN D 237 -42.19 -14.02 16.39
N HIS D 238 -41.83 -15.29 16.18
CA HIS D 238 -41.54 -16.21 17.30
C HIS D 238 -40.22 -15.93 18.02
N GLN D 239 -39.31 -15.13 17.44
CA GLN D 239 -38.16 -14.57 18.17
C GLN D 239 -38.56 -13.40 19.09
N GLY D 240 -39.79 -12.90 19.00
CA GLY D 240 -40.28 -11.70 19.69
C GLY D 240 -40.04 -10.39 18.93
N LEU D 241 -39.44 -10.45 17.75
CA LEU D 241 -39.09 -9.27 16.94
C LEU D 241 -40.32 -8.75 16.19
N THR D 242 -40.65 -7.47 16.39
CA THR D 242 -41.49 -6.70 15.45
C THR D 242 -40.70 -6.46 14.16
N PRO D 243 -41.35 -6.08 13.04
CA PRO D 243 -40.66 -5.69 11.82
C PRO D 243 -39.57 -4.65 12.05
N PHE D 244 -39.81 -3.62 12.84
CA PHE D 244 -38.81 -2.60 13.15
C PHE D 244 -37.56 -3.16 13.85
N LYS D 245 -37.73 -4.07 14.84
CA LYS D 245 -36.59 -4.74 15.50
C LYS D 245 -35.86 -5.68 14.55
N LEU D 246 -36.57 -6.37 13.65
CA LEU D 246 -35.97 -7.25 12.66
C LEU D 246 -35.09 -6.48 11.67
N ALA D 247 -35.48 -5.27 11.25
CA ALA D 247 -34.64 -4.42 10.41
C ALA D 247 -33.33 -4.02 11.12
N GLY D 248 -33.37 -3.80 12.44
CA GLY D 248 -32.19 -3.61 13.27
C GLY D 248 -31.28 -4.83 13.30
N VAL D 249 -31.81 -5.99 13.68
CA VAL D 249 -31.04 -7.25 13.79
C VAL D 249 -30.41 -7.67 12.48
N GLU D 250 -31.15 -7.60 11.37
CA GLU D 250 -30.68 -8.01 10.05
C GLU D 250 -29.78 -6.96 9.38
N GLY D 251 -29.66 -5.76 9.95
CA GLY D 251 -28.84 -4.68 9.40
C GLY D 251 -29.40 -4.06 8.14
N ASN D 252 -30.72 -4.10 7.95
CA ASN D 252 -31.38 -3.52 6.78
C ASN D 252 -31.52 -2.00 6.96
N THR D 253 -30.45 -1.26 6.71
CA THR D 253 -30.40 0.20 6.86
C THR D 253 -31.36 0.92 5.92
N VAL D 254 -31.66 0.37 4.75
CA VAL D 254 -32.62 0.93 3.78
C VAL D 254 -34.04 0.85 4.32
N MET D 255 -34.46 -0.30 4.86
CA MET D 255 -35.78 -0.43 5.48
C MET D 255 -35.85 0.30 6.82
N PHE D 256 -34.77 0.33 7.61
CA PHE D 256 -34.73 1.13 8.85
C PHE D 256 -34.95 2.62 8.57
N GLN D 257 -34.21 3.23 7.65
CA GLN D 257 -34.38 4.65 7.34
C GLN D 257 -35.72 4.93 6.65
N HIS D 258 -36.32 3.97 5.95
CA HIS D 258 -37.69 4.07 5.46
C HIS D 258 -38.73 4.05 6.60
N LEU D 259 -38.60 3.15 7.58
CA LEU D 259 -39.46 3.08 8.77
C LEU D 259 -39.36 4.33 9.64
N MET D 260 -38.19 4.98 9.68
CA MET D 260 -38.00 6.25 10.37
C MET D 260 -38.76 7.44 9.76
N GLN D 261 -39.20 7.38 8.49
CA GLN D 261 -39.95 8.48 7.88
C GLN D 261 -41.35 8.66 8.48
N LYS D 262 -41.94 7.60 9.04
CA LYS D 262 -43.20 7.65 9.81
C LYS D 262 -42.98 7.74 11.33
N ARG D 263 -41.71 7.93 11.73
CA ARG D 263 -41.35 8.10 13.17
C ARG D 263 -40.53 9.36 13.36
N LYS D 264 -40.69 10.40 12.54
CA LYS D 264 -40.10 11.74 12.62
C LYS D 264 -41.14 12.79 12.31
N HIS D 265 -40.97 13.98 12.87
CA HIS D 265 -41.77 15.17 12.60
C HIS D 265 -40.84 16.34 12.33
N VAL D 266 -41.00 17.05 11.21
CA VAL D 266 -40.21 18.26 10.93
C VAL D 266 -40.86 19.43 11.67
N GLN D 267 -40.19 19.97 12.68
CA GLN D 267 -40.69 21.10 13.45
C GLN D 267 -40.68 22.39 12.62
N TRP D 268 -39.56 22.70 11.97
CA TRP D 268 -39.38 23.89 11.15
C TRP D 268 -38.23 23.69 10.16
N THR D 269 -38.23 24.48 9.09
CA THR D 269 -37.07 24.72 8.23
C THR D 269 -36.93 26.23 8.03
N CYS D 270 -35.71 26.74 8.14
CA CYS D 270 -35.40 28.16 8.03
C CYS D 270 -34.10 28.32 7.23
N GLY D 271 -34.22 28.75 5.97
CA GLY D 271 -33.09 28.78 5.05
C GLY D 271 -32.45 27.40 4.92
N PRO D 272 -31.14 27.23 5.22
CA PRO D 272 -30.45 25.95 5.13
C PRO D 272 -30.72 24.99 6.29
N LEU D 273 -31.32 25.45 7.39
CA LEU D 273 -31.45 24.66 8.61
C LEU D 273 -32.83 24.05 8.76
N THR D 274 -32.88 22.80 9.17
CA THR D 274 -34.10 22.08 9.55
C THR D 274 -33.98 21.59 10.99
N SER D 275 -35.06 21.64 11.76
CA SER D 275 -35.16 20.93 13.05
C SER D 275 -36.19 19.83 12.95
N THR D 276 -35.79 18.61 13.26
CA THR D 276 -36.61 17.40 13.20
C THR D 276 -36.68 16.74 14.56
N LEU D 277 -37.78 16.06 14.84
CA LEU D 277 -38.09 15.47 16.13
C LEU D 277 -38.43 13.99 15.92
N TYR D 278 -37.46 13.11 16.15
CA TYR D 278 -37.62 11.66 16.00
C TYR D 278 -38.25 11.05 17.23
N ASP D 279 -39.18 10.13 17.05
CA ASP D 279 -39.80 9.36 18.12
C ASP D 279 -38.88 8.19 18.52
N LEU D 280 -38.39 8.19 19.75
CA LEU D 280 -37.47 7.17 20.24
C LEU D 280 -38.15 5.89 20.72
N THR D 281 -39.48 5.79 20.69
CA THR D 281 -40.23 4.70 21.35
C THR D 281 -39.67 3.30 21.06
N GLU D 282 -39.47 2.91 19.80
CA GLU D 282 -38.86 1.62 19.49
C GLU D 282 -37.33 1.60 19.60
N ILE D 283 -36.62 2.68 19.27
CA ILE D 283 -35.14 2.72 19.33
C ILE D 283 -34.64 2.57 20.77
N ASP D 284 -35.18 3.35 21.69
CA ASP D 284 -34.72 3.34 23.08
C ASP D 284 -35.26 2.11 23.85
N SER D 285 -36.41 1.57 23.44
CA SER D 285 -37.00 0.33 23.97
C SER D 285 -37.08 0.30 25.50
N TRP D 286 -37.52 1.40 26.12
CA TRP D 286 -37.54 1.55 27.58
C TRP D 286 -38.36 0.44 28.27
N GLY D 287 -37.72 -0.23 29.23
CA GLY D 287 -38.39 -1.34 29.93
C GLY D 287 -38.91 -2.37 28.95
N GLU D 288 -38.10 -2.81 28.00
CA GLU D 288 -38.65 -3.74 26.96
C GLU D 288 -37.73 -4.94 26.75
N GLU D 289 -37.63 -5.84 27.72
CA GLU D 289 -36.89 -7.12 27.51
C GLU D 289 -35.57 -6.81 26.82
N LEU D 290 -35.28 -7.52 25.73
CA LEU D 290 -34.09 -7.19 24.94
C LEU D 290 -34.48 -5.92 24.20
N SER D 291 -33.62 -4.93 24.31
CA SER D 291 -33.96 -3.63 23.72
C SER D 291 -33.44 -3.60 22.31
N PHE D 292 -34.07 -2.80 21.46
CA PHE D 292 -33.57 -2.60 20.10
C PHE D 292 -32.05 -2.43 20.03
N LEU D 293 -31.45 -1.63 20.91
CA LEU D 293 -30.00 -1.41 20.88
C LEU D 293 -29.22 -2.64 21.33
N GLU D 294 -29.72 -3.47 22.26
CA GLU D 294 -29.11 -4.76 22.57
C GLU D 294 -29.18 -5.71 21.36
N LEU D 295 -30.34 -5.78 20.70
CA LEU D 295 -30.56 -6.63 19.54
C LEU D 295 -29.66 -6.25 18.37
N VAL D 296 -29.40 -4.96 18.12
CA VAL D 296 -28.47 -4.53 17.08
C VAL D 296 -27.03 -4.87 17.44
N VAL D 297 -26.52 -4.49 18.63
CA VAL D 297 -25.09 -4.70 18.96
C VAL D 297 -24.73 -6.18 19.17
N SER D 298 -25.67 -7.01 19.62
CA SER D 298 -25.45 -8.45 19.80
C SER D 298 -25.84 -9.29 18.58
N SER D 299 -26.29 -8.70 17.47
CA SER D 299 -26.58 -9.44 16.24
C SER D 299 -25.31 -10.05 15.64
N LYS D 300 -25.40 -11.30 15.18
CA LYS D 300 -24.32 -11.98 14.45
C LYS D 300 -24.10 -11.46 13.02
N LYS D 301 -25.07 -10.75 12.45
CA LYS D 301 -25.02 -10.20 11.08
C LYS D 301 -24.06 -9.02 11.02
N ARG D 302 -22.98 -9.09 10.24
CA ARG D 302 -21.99 -8.00 10.18
C ARG D 302 -22.52 -6.69 9.59
N GLU D 303 -23.68 -6.70 8.95
CA GLU D 303 -24.41 -5.51 8.51
C GLU D 303 -25.14 -4.79 9.66
N ALA D 304 -25.46 -5.45 10.77
CA ALA D 304 -26.24 -4.86 11.87
C ALA D 304 -25.56 -3.62 12.47
N ARG D 305 -24.24 -3.59 12.46
CA ARG D 305 -23.48 -2.47 13.07
C ARG D 305 -23.66 -1.20 12.27
N GLN D 306 -24.10 -1.27 11.03
CA GLN D 306 -24.40 -0.10 10.19
C GLN D 306 -25.67 0.64 10.63
N ILE D 307 -26.61 -0.01 11.32
CA ILE D 307 -27.80 0.64 11.88
C ILE D 307 -27.41 1.71 12.90
N LEU D 308 -26.28 1.52 13.59
CA LEU D 308 -25.75 2.42 14.60
C LEU D 308 -25.24 3.75 14.02
N GLU D 309 -25.09 3.84 12.70
CA GLU D 309 -24.70 5.06 11.98
C GLU D 309 -25.90 5.88 11.48
N GLN D 310 -27.13 5.38 11.62
CA GLN D 310 -28.35 6.03 11.13
C GLN D 310 -28.80 7.16 12.05
N THR D 311 -29.37 8.25 11.51
CA THR D 311 -29.45 9.55 12.21
C THR D 311 -29.94 9.54 13.65
N PRO D 312 -31.15 9.04 13.98
CA PRO D 312 -31.61 9.06 15.37
C PRO D 312 -30.82 8.11 16.27
N VAL D 313 -30.34 6.97 15.76
CA VAL D 313 -29.53 6.02 16.53
C VAL D 313 -28.16 6.59 16.82
N LYS D 314 -27.45 7.14 15.83
CA LYS D 314 -26.12 7.71 15.98
C LYS D 314 -26.11 8.87 16.96
N GLU D 315 -27.14 9.69 16.95
CA GLU D 315 -27.16 10.88 17.82
C GLU D 315 -27.55 10.46 19.22
N LEU D 316 -28.40 9.46 19.34
CA LEU D 316 -28.79 8.94 20.65
C LEU D 316 -27.64 8.23 21.36
N VAL D 317 -26.98 7.27 20.71
CA VAL D 317 -25.89 6.52 21.33
C VAL D 317 -24.66 7.40 21.56
N SER D 318 -24.42 8.40 20.71
CA SER D 318 -23.41 9.44 20.93
C SER D 318 -23.72 10.27 22.18
N PHE D 319 -24.98 10.70 22.37
CA PHE D 319 -25.39 11.43 23.57
C PHE D 319 -25.20 10.59 24.84
N LYS D 320 -25.72 9.36 24.85
CA LYS D 320 -25.59 8.43 25.98
C LYS D 320 -24.13 8.18 26.34
N TRP D 321 -23.26 8.00 25.35
CA TRP D 321 -21.84 7.81 25.60
C TRP D 321 -21.19 9.05 26.19
N LYS D 322 -21.30 10.22 25.56
CA LYS D 322 -20.61 11.42 26.03
C LYS D 322 -21.09 11.90 27.40
N LYS D 323 -22.39 11.79 27.72
CA LYS D 323 -22.96 12.29 28.98
C LYS D 323 -22.85 11.33 30.16
N TYR D 324 -22.96 10.03 29.93
CA TYR D 324 -23.01 9.04 31.02
C TYR D 324 -22.03 7.89 30.82
N GLY D 325 -21.94 7.34 29.61
CA GLY D 325 -21.09 6.19 29.34
C GLY D 325 -19.60 6.44 29.58
N ARG D 326 -19.06 7.54 29.06
CA ARG D 326 -17.60 7.76 29.17
C ARG D 326 -17.24 8.06 30.61
N PRO D 327 -17.91 8.97 31.34
CA PRO D 327 -17.63 9.17 32.75
C PRO D 327 -17.63 7.88 33.58
N TYR D 328 -18.65 7.04 33.46
CA TYR D 328 -18.74 5.82 34.25
C TYR D 328 -17.74 4.76 33.81
N PHE D 329 -17.41 4.67 32.52
CA PHE D 329 -16.38 3.75 32.06
C PHE D 329 -14.97 4.17 32.51
N CYS D 330 -14.66 5.47 32.57
CA CYS D 330 -13.42 5.96 33.17
C CYS D 330 -13.34 5.70 34.67
N VAL D 331 -14.46 5.76 35.41
CA VAL D 331 -14.50 5.36 36.82
C VAL D 331 -14.24 3.86 36.96
N LEU D 332 -14.96 3.00 36.26
CA LEU D 332 -14.78 1.54 36.33
C LEU D 332 -13.38 1.11 35.87
N ALA D 333 -12.82 1.72 34.84
CA ALA D 333 -11.44 1.50 34.41
C ALA D 333 -10.42 1.85 35.49
N SER D 334 -10.60 2.99 36.17
CA SER D 334 -9.75 3.42 37.28
C SER D 334 -9.87 2.51 38.49
N LEU D 335 -11.09 2.13 38.90
CA LEU D 335 -11.31 1.19 40.00
C LEU D 335 -10.74 -0.19 39.70
N TYR D 336 -10.85 -0.68 38.47
CA TYR D 336 -10.25 -1.96 38.11
C TYR D 336 -8.72 -1.93 38.13
N ILE D 337 -8.09 -0.86 37.68
CA ILE D 337 -6.64 -0.70 37.79
C ILE D 337 -6.19 -0.64 39.25
N LEU D 338 -6.90 0.05 40.14
CA LEU D 338 -6.59 0.03 41.57
C LEU D 338 -6.78 -1.35 42.19
N TYR D 339 -7.79 -2.11 41.77
CA TYR D 339 -7.97 -3.50 42.17
C TYR D 339 -6.81 -4.40 41.70
N MET D 340 -6.33 -4.25 40.46
CA MET D 340 -5.15 -4.96 39.98
C MET D 340 -3.85 -4.56 40.69
N ILE D 341 -3.67 -3.29 41.05
CA ILE D 341 -2.56 -2.85 41.91
C ILE D 341 -2.64 -3.49 43.30
N CYS D 342 -3.84 -3.61 43.88
CA CYS D 342 -4.06 -4.27 45.16
C CYS D 342 -3.71 -5.76 45.09
N PHE D 343 -4.25 -6.50 44.12
CA PHE D 343 -3.91 -7.90 43.90
C PHE D 343 -2.41 -8.12 43.66
N THR D 344 -1.79 -7.30 42.80
CA THR D 344 -0.35 -7.37 42.52
C THR D 344 0.46 -7.20 43.79
N THR D 345 0.14 -6.21 44.61
CA THR D 345 0.80 -5.99 45.90
C THR D 345 0.68 -7.20 46.83
N CYS D 346 -0.45 -7.90 46.85
CA CYS D 346 -0.60 -9.13 47.64
C CYS D 346 0.27 -10.30 47.14
N CYS D 347 0.67 -10.29 45.86
CA CYS D 347 1.63 -11.22 45.29
C CYS D 347 3.08 -10.80 45.55
N ILE D 348 3.42 -9.51 45.50
CA ILE D 348 4.76 -9.02 45.82
C ILE D 348 5.09 -9.26 47.30
N TYR D 349 4.13 -9.06 48.20
CA TYR D 349 4.27 -9.29 49.64
C TYR D 349 3.79 -10.69 50.11
N ARG D 350 3.65 -11.65 49.19
CA ARG D 350 3.27 -13.05 49.44
C ARG D 350 4.09 -13.71 50.56
N PRO D 351 3.48 -14.48 51.48
CA PRO D 351 4.15 -14.99 52.68
C PRO D 351 5.08 -16.19 52.43
N LEU D 352 6.39 -15.98 52.61
CA LEU D 352 7.46 -16.97 52.38
C LEU D 352 8.45 -17.03 53.56
N LYS D 353 9.04 -18.19 53.82
CA LYS D 353 10.04 -18.46 54.88
C LYS D 353 11.25 -19.21 54.34
N LEU D 354 12.38 -19.20 55.05
CA LEU D 354 13.56 -19.98 54.68
C LEU D 354 13.24 -21.48 54.65
N ARG D 355 13.64 -22.10 53.55
CA ARG D 355 13.39 -23.53 53.38
C ARG D 355 13.99 -24.35 54.51
N ASP D 356 13.35 -25.44 54.88
CA ASP D 356 13.82 -26.40 55.89
C ASP D 356 14.75 -27.48 55.30
N ASP D 357 14.41 -28.02 54.12
CA ASP D 357 15.19 -29.04 53.41
C ASP D 357 16.46 -28.46 52.74
N ASN D 358 17.61 -29.11 52.90
CA ASN D 358 18.89 -28.64 52.36
C ASN D 358 19.01 -28.83 50.83
N ARG D 359 19.79 -27.92 50.22
CA ARG D 359 20.05 -28.02 48.76
C ARG D 359 21.19 -29.01 48.56
N THR D 360 20.89 -30.30 48.59
CA THR D 360 21.83 -31.42 48.36
C THR D 360 22.19 -31.60 46.88
N ASP D 361 21.24 -31.37 45.97
CA ASP D 361 21.46 -31.33 44.52
C ASP D 361 22.16 -30.02 44.13
N PRO D 362 23.36 -30.04 43.50
CA PRO D 362 24.09 -28.82 43.17
C PRO D 362 23.36 -27.93 42.15
N ARG D 363 22.39 -28.48 41.39
CA ARG D 363 21.58 -27.74 40.41
C ARG D 363 20.33 -27.11 41.02
N ASP D 364 20.05 -27.32 42.31
CA ASP D 364 18.92 -26.73 43.04
C ASP D 364 19.21 -25.30 43.52
N ILE D 365 18.29 -24.36 43.23
CA ILE D 365 18.39 -22.95 43.62
C ILE D 365 17.23 -22.47 44.48
N THR D 366 16.30 -23.32 44.91
CA THR D 366 15.22 -22.88 45.79
C THR D 366 15.73 -22.65 47.20
N ILE D 367 15.49 -21.47 47.76
CA ILE D 367 15.92 -21.06 49.11
C ILE D 367 14.76 -20.67 50.03
N LEU D 368 13.59 -20.34 49.49
CA LEU D 368 12.42 -19.91 50.24
C LEU D 368 11.22 -20.79 49.89
N GLN D 369 10.27 -20.89 50.81
CA GLN D 369 9.19 -21.86 50.85
C GLN D 369 7.90 -21.18 51.35
N GLN D 370 6.71 -21.66 51.01
CA GLN D 370 5.47 -21.09 51.55
C GLN D 370 5.40 -21.17 53.08
N LYS D 371 4.92 -20.10 53.73
CA LYS D 371 4.44 -20.17 55.12
C LYS D 371 3.11 -20.93 55.18
N LEU D 372 2.93 -21.77 56.20
CA LEU D 372 1.64 -22.39 56.50
C LEU D 372 0.65 -21.32 57.02
N LEU D 373 -0.65 -21.54 56.89
CA LEU D 373 -1.70 -20.59 57.29
C LEU D 373 -1.52 -20.09 58.74
N GLN D 374 -1.21 -21.01 59.65
CA GLN D 374 -0.96 -20.76 61.07
C GLN D 374 0.31 -19.93 61.39
N GLU D 375 1.15 -19.60 60.40
CA GLU D 375 2.34 -18.75 60.53
C GLU D 375 2.41 -17.63 59.48
N ALA D 376 1.56 -17.66 58.46
CA ALA D 376 1.45 -16.64 57.40
C ALA D 376 0.76 -15.34 57.84
N TYR D 377 0.13 -15.31 59.02
CA TYR D 377 -0.64 -14.17 59.54
C TYR D 377 -0.28 -13.86 60.99
N VAL D 378 0.84 -13.18 61.21
CA VAL D 378 1.41 -12.90 62.54
C VAL D 378 1.76 -11.43 62.72
N THR D 379 2.44 -10.79 61.77
CA THR D 379 2.88 -9.39 61.92
C THR D 379 1.79 -8.39 61.51
N HIS D 380 1.99 -7.11 61.80
CA HIS D 380 1.10 -6.03 61.31
C HIS D 380 1.00 -6.02 59.78
N GLN D 381 2.13 -6.18 59.08
CA GLN D 381 2.17 -6.27 57.63
C GLN D 381 1.38 -7.47 57.08
N ASP D 382 1.35 -8.59 57.80
CA ASP D 382 0.49 -9.71 57.39
C ASP D 382 -1.00 -9.38 57.51
N ASN D 383 -1.41 -8.62 58.52
CA ASN D 383 -2.79 -8.17 58.67
C ASN D 383 -3.16 -7.10 57.63
N ILE D 384 -2.25 -6.20 57.26
CA ILE D 384 -2.45 -5.28 56.12
C ILE D 384 -2.63 -6.09 54.83
N ARG D 385 -1.88 -7.17 54.66
CA ARG D 385 -2.00 -7.97 53.41
C ARG D 385 -3.29 -8.78 53.46
N LEU D 386 -3.71 -9.25 54.62
CA LEU D 386 -5.01 -9.90 54.73
C LEU D 386 -6.16 -9.00 54.23
N VAL D 387 -6.11 -7.68 54.48
CA VAL D 387 -7.10 -6.75 53.92
C VAL D 387 -7.00 -6.70 52.41
N GLY D 388 -5.79 -6.58 51.84
CA GLY D 388 -5.60 -6.60 50.39
C GLY D 388 -6.01 -7.94 49.74
N GLU D 389 -5.81 -9.06 50.43
CA GLU D 389 -6.26 -10.37 49.98
C GLU D 389 -7.78 -10.54 50.06
N LEU D 390 -8.43 -10.04 51.11
CA LEU D 390 -9.90 -10.04 51.21
C LEU D 390 -10.55 -9.10 50.17
N VAL D 391 -9.95 -7.95 49.87
CA VAL D 391 -10.33 -7.11 48.73
C VAL D 391 -10.13 -7.86 47.41
N THR D 392 -9.01 -8.56 47.24
CA THR D 392 -8.72 -9.39 46.06
C THR D 392 -9.79 -10.45 45.84
N VAL D 393 -10.13 -11.23 46.87
CA VAL D 393 -11.16 -12.28 46.81
C VAL D 393 -12.55 -11.70 46.60
N THR D 394 -12.89 -10.60 47.28
CA THR D 394 -14.17 -9.89 47.11
C THR D 394 -14.37 -9.45 45.66
N GLY D 395 -13.37 -8.86 45.03
CA GLY D 395 -13.46 -8.51 43.61
C GLY D 395 -13.62 -9.72 42.70
N ALA D 396 -12.96 -10.85 42.98
CA ALA D 396 -13.14 -12.07 42.20
C ALA D 396 -14.56 -12.65 42.32
N VAL D 397 -15.18 -12.61 43.51
CA VAL D 397 -16.59 -12.99 43.68
C VAL D 397 -17.49 -12.03 42.88
N ILE D 398 -17.34 -10.72 43.06
CA ILE D 398 -18.11 -9.70 42.33
C ILE D 398 -17.99 -9.87 40.82
N ILE D 399 -16.81 -10.18 40.28
CA ILE D 399 -16.64 -10.50 38.85
C ILE D 399 -17.57 -11.64 38.43
N LEU D 400 -17.64 -12.74 39.18
CA LEU D 400 -18.53 -13.85 38.82
C LEU D 400 -20.01 -13.48 39.00
N LEU D 401 -20.36 -12.67 40.00
CA LEU D 401 -21.73 -12.13 40.14
C LEU D 401 -22.14 -11.20 38.97
N LEU D 402 -21.21 -10.46 38.36
CA LEU D 402 -21.48 -9.66 37.17
C LEU D 402 -21.47 -10.48 35.87
N GLU D 403 -20.51 -11.40 35.72
CA GLU D 403 -20.30 -12.19 34.50
C GLU D 403 -21.31 -13.32 34.33
N ILE D 404 -21.51 -14.17 35.33
CA ILE D 404 -22.29 -15.42 35.15
C ILE D 404 -23.73 -15.18 34.69
N PRO D 405 -24.51 -14.22 35.23
CA PRO D 405 -25.85 -13.93 34.72
C PRO D 405 -25.88 -13.49 33.26
N ASP D 406 -24.88 -12.74 32.78
CA ASP D 406 -24.85 -12.28 31.38
C ASP D 406 -24.63 -13.44 30.40
N ILE D 407 -23.94 -14.51 30.81
CA ILE D 407 -23.82 -15.74 30.00
C ILE D 407 -25.22 -16.25 29.67
N PHE D 408 -26.10 -16.32 30.66
CA PHE D 408 -27.45 -16.85 30.51
C PHE D 408 -28.38 -15.92 29.73
N ARG D 409 -28.17 -14.61 29.76
CA ARG D 409 -29.01 -13.73 28.94
C ARG D 409 -28.61 -13.82 27.48
N VAL D 410 -27.33 -13.69 27.17
CA VAL D 410 -26.85 -13.60 25.77
C VAL D 410 -26.72 -14.98 25.11
N GLY D 411 -26.51 -16.03 25.91
CA GLY D 411 -26.19 -17.39 25.47
C GLY D 411 -24.67 -17.55 25.28
N ALA D 412 -24.08 -18.59 25.86
CA ALA D 412 -22.61 -18.71 26.00
C ALA D 412 -21.85 -18.60 24.67
N SER D 413 -22.35 -19.25 23.62
CA SER D 413 -21.75 -19.26 22.27
C SER D 413 -21.62 -17.85 21.68
N ARG D 414 -22.51 -16.96 22.09
CA ARG D 414 -22.50 -15.57 21.57
C ARG D 414 -21.83 -14.65 22.57
N TYR D 415 -22.00 -14.92 23.86
CA TYR D 415 -21.39 -14.11 24.92
C TYR D 415 -19.86 -14.11 24.83
N PHE D 416 -19.23 -15.28 24.73
CA PHE D 416 -17.78 -15.40 24.55
C PHE D 416 -17.31 -15.23 23.09
N GLY D 417 -18.19 -15.37 22.12
CA GLY D 417 -17.86 -15.29 20.70
C GLY D 417 -17.77 -13.87 20.13
N GLN D 418 -18.69 -12.98 20.51
CA GLN D 418 -18.83 -11.67 19.87
C GLN D 418 -17.73 -10.68 20.30
N THR D 419 -16.92 -10.21 19.35
CA THR D 419 -15.92 -9.14 19.55
C THR D 419 -16.54 -7.88 20.13
N ILE D 420 -17.70 -7.46 19.59
CA ILE D 420 -18.39 -6.23 19.98
C ILE D 420 -18.81 -6.21 21.45
N LEU D 421 -19.28 -7.33 21.99
CA LEU D 421 -19.68 -7.45 23.40
C LEU D 421 -18.48 -7.59 24.36
N GLY D 422 -17.29 -7.96 23.85
CA GLY D 422 -16.09 -8.20 24.67
C GLY D 422 -15.76 -9.67 24.90
N GLY D 423 -16.23 -10.58 24.05
CA GLY D 423 -16.12 -12.04 24.23
C GLY D 423 -14.81 -12.60 24.79
N PRO D 424 -13.62 -12.34 24.20
CA PRO D 424 -12.35 -12.83 24.73
C PRO D 424 -12.01 -12.29 26.11
N PHE D 425 -12.40 -11.06 26.44
CA PHE D 425 -12.20 -10.50 27.77
C PHE D 425 -13.10 -11.14 28.82
N HIS D 426 -14.31 -11.56 28.45
CA HIS D 426 -15.19 -12.31 29.36
C HIS D 426 -14.61 -13.68 29.69
N VAL D 427 -13.93 -14.34 28.75
CA VAL D 427 -13.19 -15.58 29.06
C VAL D 427 -12.08 -15.32 30.06
N ILE D 428 -11.18 -14.37 29.79
CA ILE D 428 -9.99 -14.20 30.64
C ILE D 428 -10.31 -13.55 32.00
N ILE D 429 -11.36 -12.72 32.12
CA ILE D 429 -11.79 -12.20 33.43
C ILE D 429 -12.45 -13.27 34.30
N ILE D 430 -13.25 -14.19 33.74
CA ILE D 430 -13.80 -15.33 34.48
C ILE D 430 -12.67 -16.30 34.88
N THR D 431 -11.69 -16.49 34.01
CA THR D 431 -10.51 -17.31 34.31
C THR D 431 -9.67 -16.69 35.42
N TYR D 432 -9.39 -15.39 35.38
CA TYR D 432 -8.71 -14.70 36.50
C TYR D 432 -9.51 -14.95 37.77
N ALA D 433 -10.79 -14.59 37.83
CA ALA D 433 -11.57 -14.75 39.05
C ALA D 433 -11.55 -16.20 39.59
N SER D 434 -11.59 -17.19 38.70
CA SER D 434 -11.47 -18.60 39.07
C SER D 434 -10.10 -18.94 39.65
N LEU D 435 -9.00 -18.43 39.08
CA LEU D 435 -7.64 -18.63 39.57
C LEU D 435 -7.40 -17.99 40.94
N VAL D 436 -8.02 -16.84 41.21
CA VAL D 436 -7.99 -16.21 42.54
C VAL D 436 -8.72 -17.06 43.57
N LEU D 437 -9.92 -17.55 43.27
CA LEU D 437 -10.68 -18.39 44.20
C LEU D 437 -10.06 -19.77 44.40
N LEU D 438 -9.42 -20.34 43.38
CA LEU D 438 -8.54 -21.50 43.52
C LEU D 438 -7.39 -21.21 44.50
N THR D 439 -6.71 -20.08 44.35
CA THR D 439 -5.59 -19.70 45.22
C THR D 439 -6.05 -19.47 46.66
N MET D 440 -7.24 -18.92 46.88
CA MET D 440 -7.84 -18.81 48.22
C MET D 440 -7.99 -20.19 48.87
N VAL D 441 -8.53 -21.18 48.15
CA VAL D 441 -8.63 -22.55 48.66
C VAL D 441 -7.24 -23.13 48.94
N MET D 442 -6.25 -22.97 48.06
CA MET D 442 -4.88 -23.41 48.32
C MET D 442 -4.28 -22.80 49.58
N ARG D 443 -4.48 -21.50 49.81
CA ARG D 443 -4.00 -20.80 51.02
C ARG D 443 -4.63 -21.38 52.28
N LEU D 444 -5.94 -21.68 52.23
CA LEU D 444 -6.68 -22.23 53.37
C LEU D 444 -6.31 -23.70 53.65
N THR D 445 -6.03 -24.50 52.62
CA THR D 445 -5.70 -25.93 52.77
C THR D 445 -4.18 -26.21 52.80
N ASN D 446 -3.33 -25.20 53.04
CA ASN D 446 -1.87 -25.33 53.12
C ASN D 446 -1.23 -25.97 51.87
N MET D 447 -1.83 -25.81 50.69
CA MET D 447 -1.36 -26.48 49.48
C MET D 447 -0.14 -25.77 48.87
N ASN D 448 0.95 -26.49 48.65
CA ASN D 448 2.14 -25.94 48.01
C ASN D 448 1.91 -25.71 46.50
N GLY D 449 2.43 -24.61 45.96
CA GLY D 449 2.40 -24.30 44.53
C GLY D 449 1.57 -23.09 44.13
N GLU D 450 1.31 -22.13 45.03
CA GLU D 450 0.52 -20.92 44.73
C GLU D 450 1.11 -20.06 43.61
N VAL D 451 2.42 -20.19 43.32
CA VAL D 451 3.08 -19.55 42.17
C VAL D 451 2.37 -19.85 40.85
N VAL D 452 1.83 -21.06 40.68
CA VAL D 452 1.19 -21.47 39.43
C VAL D 452 -0.09 -20.66 39.16
N PRO D 453 -1.15 -20.74 39.97
CA PRO D 453 -2.36 -19.96 39.71
C PRO D 453 -2.13 -18.45 39.86
N LEU D 454 -1.25 -17.98 40.75
CA LEU D 454 -0.95 -16.56 40.85
C LEU D 454 -0.20 -16.03 39.62
N SER D 455 0.73 -16.77 39.01
CA SER D 455 1.40 -16.30 37.80
C SER D 455 0.42 -16.18 36.65
N PHE D 456 -0.48 -17.15 36.47
CA PHE D 456 -1.55 -17.06 35.48
C PHE D 456 -2.52 -15.91 35.79
N ALA D 457 -2.94 -15.74 37.05
CA ALA D 457 -3.86 -14.67 37.43
C ALA D 457 -3.24 -13.29 37.27
N LEU D 458 -1.93 -13.12 37.49
CA LEU D 458 -1.25 -11.85 37.27
C LEU D 458 -1.19 -11.50 35.79
N VAL D 459 -0.88 -12.45 34.92
CA VAL D 459 -0.89 -12.24 33.47
C VAL D 459 -2.30 -11.96 32.97
N LEU D 460 -3.28 -12.83 33.23
CA LEU D 460 -4.65 -12.66 32.76
C LEU D 460 -5.34 -11.46 33.39
N GLY D 461 -5.12 -11.20 34.68
CA GLY D 461 -5.68 -10.07 35.39
C GLY D 461 -5.23 -8.75 34.80
N TRP D 462 -3.93 -8.53 34.60
CA TRP D 462 -3.42 -7.34 33.93
C TRP D 462 -3.80 -7.28 32.46
N CYS D 463 -3.67 -8.34 31.67
CA CYS D 463 -4.10 -8.30 30.27
C CYS D 463 -5.59 -7.99 30.11
N SER D 464 -6.46 -8.36 31.05
CA SER D 464 -7.87 -7.97 31.03
C SER D 464 -8.13 -6.47 31.28
N VAL D 465 -7.14 -5.69 31.72
CA VAL D 465 -7.23 -4.22 31.71
C VAL D 465 -7.43 -3.70 30.29
N MET D 466 -6.96 -4.41 29.27
CA MET D 466 -7.24 -4.05 27.87
C MET D 466 -8.73 -4.11 27.51
N TYR D 467 -9.62 -4.70 28.32
CA TYR D 467 -11.05 -4.57 28.12
C TYR D 467 -11.46 -3.10 28.08
N PHE D 468 -10.90 -2.27 28.95
CA PHE D 468 -11.21 -0.85 29.07
C PHE D 468 -10.63 0.01 27.95
N ALA D 469 -9.78 -0.54 27.08
CA ALA D 469 -9.24 0.19 25.93
C ALA D 469 -10.33 0.67 24.96
N ARG D 470 -11.50 0.03 24.95
CA ARG D 470 -12.62 0.35 24.05
C ARG D 470 -13.26 1.70 24.33
N GLY D 471 -13.04 2.28 25.49
CA GLY D 471 -13.57 3.61 25.82
C GLY D 471 -12.78 4.76 25.21
N PHE D 472 -11.56 4.51 24.73
CA PHE D 472 -10.61 5.54 24.34
C PHE D 472 -10.30 5.42 22.86
N GLN D 473 -10.51 6.48 22.08
CA GLN D 473 -10.33 6.45 20.62
C GLN D 473 -8.89 6.11 20.21
N MET D 474 -7.91 6.45 21.05
CA MET D 474 -6.50 6.14 20.84
C MET D 474 -6.20 4.63 20.93
N LEU D 475 -6.68 3.96 21.98
CA LEU D 475 -6.37 2.57 22.33
C LEU D 475 -7.35 1.56 21.71
N GLY D 476 -8.60 1.95 21.50
CA GLY D 476 -9.71 1.05 21.13
C GLY D 476 -9.54 0.34 19.80
N PRO D 477 -9.33 1.04 18.68
CA PRO D 477 -9.08 0.43 17.39
C PRO D 477 -7.83 -0.45 17.38
N PHE D 478 -6.76 -0.05 18.08
CA PHE D 478 -5.54 -0.84 18.19
C PHE D 478 -5.75 -2.15 18.96
N THR D 479 -6.59 -2.17 19.99
CA THR D 479 -6.93 -3.39 20.71
C THR D 479 -7.73 -4.38 19.86
N ILE D 480 -8.49 -3.90 18.86
CA ILE D 480 -9.12 -4.75 17.85
C ILE D 480 -8.07 -5.32 16.88
N MET D 481 -7.05 -4.56 16.45
CA MET D 481 -5.95 -5.15 15.68
C MET D 481 -5.23 -6.24 16.47
N ILE D 482 -4.92 -6.04 17.74
CA ILE D 482 -4.30 -7.08 18.57
C ILE D 482 -5.14 -8.37 18.53
N GLN D 483 -6.46 -8.28 18.68
CA GLN D 483 -7.36 -9.43 18.59
C GLN D 483 -7.38 -10.08 17.21
N LYS D 484 -7.52 -9.30 16.14
CA LYS D 484 -7.59 -9.80 14.76
C LYS D 484 -6.25 -10.34 14.27
N MET D 485 -5.12 -9.87 14.79
CA MET D 485 -3.80 -10.46 14.55
C MET D 485 -3.55 -11.72 15.38
N ILE D 486 -4.05 -11.81 16.63
CA ILE D 486 -3.93 -13.04 17.43
C ILE D 486 -4.65 -14.20 16.77
N PHE D 487 -5.95 -14.07 16.48
CA PHE D 487 -6.74 -15.17 15.92
C PHE D 487 -6.54 -15.36 14.41
N GLY D 488 -5.84 -14.45 13.74
CA GLY D 488 -5.47 -14.52 12.33
C GLY D 488 -4.00 -14.87 12.14
N ASP D 489 -3.17 -13.85 11.90
CA ASP D 489 -1.78 -14.02 11.50
C ASP D 489 -0.90 -14.75 12.51
N LEU D 490 -1.04 -14.48 13.81
CA LEU D 490 -0.28 -15.17 14.84
C LEU D 490 -0.64 -16.66 14.89
N MET D 491 -1.90 -17.02 14.68
CA MET D 491 -2.33 -18.42 14.61
C MET D 491 -1.71 -19.17 13.44
N ARG D 492 -1.84 -18.68 12.22
CA ARG D 492 -1.21 -19.34 11.04
C ARG D 492 0.29 -19.42 11.26
N PHE D 493 0.92 -18.35 11.71
CA PHE D 493 2.35 -18.34 11.91
C PHE D 493 2.78 -19.41 12.92
N CYS D 494 2.13 -19.48 14.07
CA CYS D 494 2.49 -20.45 15.11
C CYS D 494 2.35 -21.90 14.65
N TRP D 495 1.40 -22.24 13.78
CA TRP D 495 1.31 -23.59 13.21
C TRP D 495 2.52 -23.98 12.37
N LEU D 496 3.04 -23.09 11.52
CA LEU D 496 4.19 -23.41 10.67
C LEU D 496 5.52 -23.21 11.40
N MET D 497 5.61 -22.23 12.30
CA MET D 497 6.71 -22.03 13.23
C MET D 497 6.93 -23.27 14.12
N ALA D 498 5.86 -23.89 14.63
CA ALA D 498 5.96 -25.12 15.42
C ALA D 498 6.59 -26.29 14.64
N VAL D 499 6.26 -26.43 13.36
CA VAL D 499 6.85 -27.44 12.46
C VAL D 499 8.35 -27.21 12.26
N VAL D 500 8.79 -25.97 12.05
CA VAL D 500 10.22 -25.64 11.95
C VAL D 500 10.93 -25.91 13.28
N ILE D 501 10.37 -25.50 14.41
CA ILE D 501 10.97 -25.73 15.74
C ILE D 501 11.10 -27.22 16.06
N LEU D 502 10.14 -28.07 15.72
CA LEU D 502 10.26 -29.51 15.96
C LEU D 502 11.35 -30.16 15.11
N GLY D 503 11.51 -29.75 13.85
CA GLY D 503 12.59 -30.24 13.00
C GLY D 503 13.95 -29.86 13.54
N PHE D 504 14.17 -28.57 13.77
CA PHE D 504 15.46 -28.07 14.20
C PHE D 504 15.81 -28.40 15.66
N ALA D 505 14.88 -28.38 16.61
CA ALA D 505 15.19 -28.78 17.98
C ALA D 505 15.65 -30.22 18.07
N SER D 506 15.11 -31.10 17.22
CA SER D 506 15.52 -32.49 17.12
C SER D 506 16.90 -32.64 16.49
N ALA D 507 17.19 -31.93 15.41
CA ALA D 507 18.52 -31.92 14.82
C ALA D 507 19.59 -31.35 15.75
N PHE D 508 19.31 -30.26 16.45
CA PHE D 508 20.21 -29.69 17.45
C PHE D 508 20.39 -30.64 18.64
N HIS D 509 19.33 -31.22 19.20
CA HIS D 509 19.51 -32.18 20.28
C HIS D 509 20.40 -33.35 19.87
N ILE D 510 20.11 -34.03 18.76
CA ILE D 510 20.94 -35.18 18.39
C ILE D 510 22.36 -34.80 17.97
N THR D 511 22.58 -33.60 17.46
CA THR D 511 23.93 -33.07 17.23
C THR D 511 24.72 -32.96 18.53
N PHE D 512 24.09 -32.55 19.62
CA PHE D 512 24.76 -32.36 20.91
C PHE D 512 24.72 -33.55 21.87
N GLN D 513 23.92 -34.60 21.62
CA GLN D 513 23.90 -35.81 22.48
C GLN D 513 25.27 -36.40 22.77
N THR D 514 26.17 -36.41 21.79
CA THR D 514 27.53 -36.97 21.93
C THR D 514 28.51 -36.06 22.67
N GLU D 515 28.20 -34.78 22.85
CA GLU D 515 29.08 -33.76 23.40
C GLU D 515 28.80 -33.48 24.89
N ASP D 516 29.77 -32.89 25.58
CA ASP D 516 29.70 -32.59 27.01
C ASP D 516 28.68 -31.48 27.33
N PRO D 517 27.62 -31.75 28.13
CA PRO D 517 26.58 -30.77 28.46
C PRO D 517 27.11 -29.51 29.14
N ASN D 518 28.25 -29.58 29.82
CA ASN D 518 28.80 -28.44 30.56
C ASN D 518 29.40 -27.37 29.65
N ASN D 519 29.72 -27.70 28.39
CA ASN D 519 30.32 -26.78 27.43
C ASN D 519 29.31 -26.07 26.52
N LEU D 520 28.17 -26.69 26.22
CA LEU D 520 27.03 -26.05 25.52
C LEU D 520 25.72 -26.69 25.99
N GLY D 521 25.06 -26.05 26.95
CA GLY D 521 23.91 -26.61 27.68
C GLY D 521 22.56 -26.42 27.02
N GLU D 522 22.45 -25.54 26.02
CA GLU D 522 21.23 -25.12 25.34
C GLU D 522 20.40 -26.29 24.77
N PHE D 523 21.05 -27.37 24.34
CA PHE D 523 20.40 -28.53 23.71
C PHE D 523 20.63 -29.83 24.50
N SER D 524 20.89 -29.72 25.80
CA SER D 524 21.35 -30.85 26.64
C SER D 524 20.29 -31.92 26.92
N ASP D 525 19.00 -31.60 26.82
CA ASP D 525 17.91 -32.58 26.76
C ASP D 525 16.79 -32.05 25.86
N TYR D 526 15.85 -32.92 25.45
CA TYR D 526 14.88 -32.54 24.42
C TYR D 526 13.97 -31.37 24.84
N PRO D 527 13.44 -31.29 26.07
CA PRO D 527 12.67 -30.12 26.52
C PRO D 527 13.49 -28.83 26.50
N THR D 528 14.75 -28.85 26.91
CA THR D 528 15.62 -27.66 26.81
C THR D 528 15.91 -27.34 25.35
N ALA D 529 16.12 -28.33 24.48
CA ALA D 529 16.37 -28.09 23.07
C ALA D 529 15.18 -27.44 22.37
N LEU D 530 13.95 -27.87 22.67
CA LEU D 530 12.73 -27.23 22.18
C LEU D 530 12.65 -25.78 22.62
N PHE D 531 12.81 -25.50 23.92
CA PHE D 531 12.72 -24.14 24.44
C PHE D 531 13.83 -23.24 23.89
N SER D 532 15.08 -23.70 23.87
CA SER D 532 16.17 -22.98 23.24
C SER D 532 15.93 -22.73 21.77
N THR D 533 15.42 -23.70 21.00
CA THR D 533 15.12 -23.49 19.58
C THR D 533 14.00 -22.49 19.38
N PHE D 534 12.95 -22.50 20.19
CA PHE D 534 11.92 -21.47 20.20
C PHE D 534 12.48 -20.07 20.52
N GLU D 535 13.35 -19.94 21.52
CA GLU D 535 14.01 -18.66 21.83
C GLU D 535 15.01 -18.22 20.75
N LEU D 536 15.71 -19.15 20.11
CA LEU D 536 16.58 -18.88 18.97
C LEU D 536 15.78 -18.45 17.74
N PHE D 537 14.61 -19.05 17.47
CA PHE D 537 13.72 -18.66 16.37
C PHE D 537 13.38 -17.18 16.49
N LEU D 538 12.91 -16.77 17.66
CA LEU D 538 12.46 -15.38 17.91
C LEU D 538 13.64 -14.50 18.25
N THR D 539 14.86 -15.02 18.21
CA THR D 539 16.09 -14.25 18.51
C THR D 539 16.03 -13.60 19.89
N ILE D 540 15.55 -14.31 20.90
CA ILE D 540 15.46 -13.77 22.27
C ILE D 540 16.60 -14.38 23.11
N ILE D 541 17.38 -15.30 22.57
CA ILE D 541 18.60 -15.85 23.22
C ILE D 541 19.66 -15.91 22.13
N ASP D 542 20.92 -15.60 22.45
CA ASP D 542 21.97 -15.54 21.40
C ASP D 542 22.33 -16.93 20.92
N GLY D 543 22.69 -17.07 19.66
CA GLY D 543 23.04 -18.37 19.09
C GLY D 543 24.11 -19.02 19.90
N PRO D 544 24.03 -20.31 20.24
CA PRO D 544 25.04 -20.89 21.11
C PRO D 544 26.46 -20.96 20.53
N ALA D 545 27.46 -20.42 21.24
CA ALA D 545 28.84 -20.53 20.80
C ALA D 545 29.78 -20.61 22.01
N ASN D 546 30.93 -21.24 21.83
CA ASN D 546 31.92 -21.39 22.88
C ASN D 546 33.28 -21.53 22.21
N TYR D 547 33.94 -20.41 21.93
CA TYR D 547 35.16 -20.38 21.12
C TYR D 547 36.35 -21.14 21.76
N SER D 548 36.25 -21.47 23.05
CA SER D 548 37.23 -22.29 23.76
C SER D 548 37.19 -23.80 23.41
N VAL D 549 36.18 -24.29 22.67
CA VAL D 549 36.01 -25.72 22.33
C VAL D 549 35.52 -25.92 20.89
N ASP D 550 35.80 -27.09 20.32
CA ASP D 550 35.31 -27.50 19.00
C ASP D 550 33.89 -28.06 19.08
N LEU D 551 32.90 -27.26 18.67
CA LEU D 551 31.53 -27.72 18.48
C LEU D 551 31.43 -28.65 17.25
N PRO D 552 30.39 -29.49 17.14
CA PRO D 552 30.18 -30.32 15.95
C PRO D 552 30.07 -29.50 14.67
N PHE D 553 30.67 -29.94 13.57
CA PHE D 553 30.53 -29.24 12.27
C PHE D 553 29.07 -29.22 11.80
N MET D 554 28.32 -30.28 12.13
CA MET D 554 26.89 -30.40 11.84
C MET D 554 26.06 -29.33 12.55
N TYR D 555 26.58 -28.72 13.60
CA TYR D 555 25.84 -27.64 14.30
C TYR D 555 25.89 -26.35 13.49
N CYS D 556 27.06 -26.01 12.97
CA CYS D 556 27.21 -24.80 12.16
C CYS D 556 26.39 -24.87 10.87
N ILE D 557 26.33 -26.05 10.23
CA ILE D 557 25.46 -26.32 9.08
C ILE D 557 23.98 -26.19 9.46
N THR D 558 23.55 -26.88 10.51
CA THR D 558 22.14 -26.86 10.96
C THR D 558 21.72 -25.46 11.41
N TYR D 559 22.57 -24.73 12.12
CA TYR D 559 22.26 -23.37 12.59
C TYR D 559 22.29 -22.33 11.48
N ALA D 560 23.12 -22.48 10.44
CA ALA D 560 23.05 -21.65 9.25
C ALA D 560 21.72 -21.81 8.51
N ALA D 561 21.26 -23.03 8.30
CA ALA D 561 19.95 -23.31 7.71
C ALA D 561 18.82 -22.78 8.61
N PHE D 562 18.89 -22.99 9.92
CA PHE D 562 17.91 -22.47 10.87
C PHE D 562 17.84 -20.95 10.85
N ALA D 563 18.97 -20.26 10.90
CA ALA D 563 19.01 -18.81 10.88
C ALA D 563 18.42 -18.22 9.60
N ILE D 564 18.61 -18.86 8.45
CA ILE D 564 18.01 -18.43 7.18
C ILE D 564 16.50 -18.72 7.14
N ILE D 565 16.02 -19.87 7.59
CA ILE D 565 14.59 -20.23 7.56
C ILE D 565 13.81 -19.51 8.67
N ALA D 566 14.22 -19.63 9.94
CA ALA D 566 13.54 -19.04 11.07
C ALA D 566 13.74 -17.53 11.15
N THR D 567 14.92 -17.08 11.48
CA THR D 567 15.16 -15.62 11.68
C THR D 567 15.06 -14.80 10.40
N LEU D 568 15.82 -15.12 9.35
CA LEU D 568 15.82 -14.28 8.16
C LEU D 568 14.48 -14.37 7.43
N LEU D 569 14.06 -15.54 6.97
CA LEU D 569 12.82 -15.66 6.19
C LEU D 569 11.58 -15.46 7.07
N MET D 570 11.26 -16.40 7.96
CA MET D 570 9.92 -16.44 8.55
C MET D 570 9.64 -15.31 9.54
N LEU D 571 10.58 -14.95 10.40
CA LEU D 571 10.35 -13.87 11.37
C LEU D 571 10.14 -12.50 10.69
N ASN D 572 10.77 -12.25 9.53
CA ASN D 572 10.53 -11.05 8.73
C ASN D 572 9.29 -11.16 7.84
N LEU D 573 8.94 -12.36 7.36
CA LEU D 573 7.69 -12.61 6.65
C LEU D 573 6.46 -12.46 7.55
N PHE D 574 6.59 -12.68 8.86
CA PHE D 574 5.54 -12.34 9.82
C PHE D 574 5.23 -10.83 9.81
N ILE D 575 6.27 -9.98 9.87
CA ILE D 575 6.13 -8.53 9.77
C ILE D 575 5.48 -8.13 8.45
N ALA D 576 5.96 -8.70 7.33
CA ALA D 576 5.41 -8.43 6.01
C ALA D 576 3.92 -8.80 5.90
N MET D 577 3.51 -9.97 6.39
CA MET D 577 2.10 -10.36 6.31
C MET D 577 1.20 -9.62 7.30
N MET D 578 1.70 -9.24 8.48
CA MET D 578 0.98 -8.33 9.37
C MET D 578 0.78 -6.97 8.74
N GLY D 579 1.77 -6.38 8.06
CA GLY D 579 1.61 -5.10 7.38
C GLY D 579 0.54 -5.14 6.30
N ASP D 580 0.51 -6.22 5.54
CA ASP D 580 -0.52 -6.51 4.53
C ASP D 580 -1.92 -6.68 5.13
N THR D 581 -2.07 -7.46 6.21
CA THR D 581 -3.33 -7.55 6.97
C THR D 581 -3.74 -6.21 7.55
N HIS D 582 -2.80 -5.40 8.04
CA HIS D 582 -3.11 -4.15 8.69
C HIS D 582 -3.82 -3.18 7.76
N TRP D 583 -3.29 -2.92 6.56
CA TRP D 583 -3.94 -1.96 5.65
C TRP D 583 -5.28 -2.46 5.15
N ARG D 584 -5.48 -3.77 5.08
CA ARG D 584 -6.74 -4.30 4.53
C ARG D 584 -7.81 -4.26 5.61
N VAL D 585 -7.46 -4.54 6.86
CA VAL D 585 -8.40 -4.61 7.99
C VAL D 585 -8.70 -3.25 8.63
N ALA D 586 -7.90 -2.22 8.39
CA ALA D 586 -8.01 -0.91 9.04
C ALA D 586 -9.39 -0.23 9.00
N GLN D 587 -10.21 -0.41 7.96
CA GLN D 587 -11.57 0.15 7.94
C GLN D 587 -12.51 -0.62 8.87
N GLU D 588 -12.54 -1.95 8.79
CA GLU D 588 -13.38 -2.79 9.65
C GLU D 588 -13.01 -2.62 11.13
N ARG D 589 -11.72 -2.49 11.45
CA ARG D 589 -11.22 -2.13 12.79
C ARG D 589 -11.90 -0.88 13.36
N ASP D 590 -12.10 0.16 12.57
CA ASP D 590 -12.76 1.38 13.01
C ASP D 590 -14.26 1.20 13.18
N GLU D 591 -14.92 0.50 12.25
CA GLU D 591 -16.36 0.19 12.36
C GLU D 591 -16.65 -0.70 13.58
N LEU D 592 -15.79 -1.68 13.87
CA LEU D 592 -15.86 -2.49 15.07
C LEU D 592 -15.62 -1.67 16.34
N TRP D 593 -14.71 -0.69 16.33
CA TRP D 593 -14.51 0.16 17.51
C TRP D 593 -15.75 0.99 17.82
N ARG D 594 -16.40 1.57 16.82
CA ARG D 594 -17.53 2.46 17.11
C ARG D 594 -18.71 1.59 17.55
N ALA D 595 -18.85 0.35 17.07
CA ALA D 595 -19.82 -0.61 17.58
C ALA D 595 -19.52 -1.09 19.01
N GLN D 596 -18.25 -1.24 19.42
CA GLN D 596 -17.88 -1.53 20.82
C GLN D 596 -18.24 -0.40 21.78
N VAL D 597 -18.10 0.85 21.38
CA VAL D 597 -18.52 2.00 22.20
C VAL D 597 -20.03 1.98 22.43
N VAL D 598 -20.82 1.65 21.41
CA VAL D 598 -22.27 1.49 21.58
C VAL D 598 -22.58 0.28 22.45
N ALA D 599 -21.96 -0.88 22.24
CA ALA D 599 -22.18 -2.04 23.08
C ALA D 599 -21.84 -1.79 24.56
N THR D 600 -20.79 -1.01 24.82
CA THR D 600 -20.42 -0.58 26.17
C THR D 600 -21.51 0.32 26.76
N THR D 601 -21.98 1.29 26.01
CA THR D 601 -23.05 2.21 26.40
C THR D 601 -24.32 1.46 26.79
N VAL D 602 -24.70 0.48 25.97
CA VAL D 602 -25.87 -0.38 26.15
C VAL D 602 -25.71 -1.29 27.37
N MET D 603 -24.52 -1.87 27.60
CA MET D 603 -24.20 -2.66 28.78
C MET D 603 -24.27 -1.82 30.06
N LEU D 604 -23.61 -0.67 30.10
CA LEU D 604 -23.57 0.17 31.29
C LEU D 604 -24.98 0.61 31.67
N GLU D 605 -25.79 1.07 30.72
CA GLU D 605 -27.16 1.48 30.99
C GLU D 605 -28.03 0.32 31.50
N ARG D 606 -27.83 -0.90 30.99
CA ARG D 606 -28.52 -2.10 31.48
C ARG D 606 -28.13 -2.45 32.92
N LYS D 607 -26.82 -2.50 33.20
CA LYS D 607 -26.29 -3.07 34.46
C LYS D 607 -26.22 -2.08 35.63
N MET D 608 -26.03 -0.79 35.37
CA MET D 608 -25.93 0.23 36.43
C MET D 608 -27.31 0.63 36.99
N PRO D 609 -27.37 1.16 38.23
CA PRO D 609 -28.60 1.69 38.82
C PRO D 609 -29.23 2.80 37.97
N ARG D 610 -30.54 2.80 37.80
CA ARG D 610 -31.21 3.74 36.87
C ARG D 610 -31.08 5.20 37.28
N PHE D 611 -30.95 5.48 38.56
CA PHE D 611 -30.74 6.87 38.99
C PHE D 611 -29.46 7.51 38.39
N LEU D 612 -28.45 6.71 38.04
CA LEU D 612 -27.23 7.16 37.36
C LEU D 612 -27.42 7.35 35.85
N TRP D 613 -28.49 6.80 35.28
CA TRP D 613 -28.79 6.86 33.84
C TRP D 613 -30.18 7.47 33.59
N PRO D 614 -30.35 8.80 33.76
CA PRO D 614 -31.59 9.47 33.42
C PRO D 614 -32.03 9.15 31.99
N ARG D 615 -33.34 8.93 31.78
CA ARG D 615 -33.89 8.49 30.50
C ARG D 615 -33.55 9.48 29.39
N SER D 616 -33.02 8.97 28.28
CA SER D 616 -32.47 9.79 27.19
C SER D 616 -33.54 10.43 26.31
N GLY D 617 -33.19 11.53 25.66
CA GLY D 617 -34.13 12.30 24.85
C GLY D 617 -35.03 13.21 25.67
N ILE D 618 -36.07 13.70 25.01
CA ILE D 618 -36.95 14.77 25.45
C ILE D 618 -38.30 14.16 25.83
N CYS D 619 -38.77 14.37 27.06
CA CYS D 619 -40.07 13.84 27.48
C CYS D 619 -41.20 14.59 26.77
N GLY D 620 -42.10 13.87 26.09
CA GLY D 620 -43.18 14.50 25.34
C GLY D 620 -44.26 15.14 26.22
N TYR D 621 -44.47 14.62 27.42
CA TYR D 621 -45.66 14.93 28.23
C TYR D 621 -45.73 16.39 28.65
N GLU D 622 -44.60 16.98 29.05
CA GLU D 622 -44.52 18.39 29.45
C GLU D 622 -44.65 19.38 28.27
N TYR D 623 -44.71 18.89 27.03
CA TYR D 623 -45.02 19.70 25.82
C TYR D 623 -46.35 19.31 25.15
N GLY D 624 -47.15 18.45 25.78
CA GLY D 624 -48.44 18.00 25.25
C GLY D 624 -48.36 16.92 24.17
N LEU D 625 -47.21 16.28 23.97
CA LEU D 625 -47.00 15.22 22.97
C LEU D 625 -47.34 13.80 23.48
N GLY D 626 -47.96 13.68 24.66
CA GLY D 626 -48.30 12.41 25.29
C GLY D 626 -47.10 11.68 25.90
N ASP D 627 -47.22 10.37 26.08
CA ASP D 627 -46.26 9.53 26.84
C ASP D 627 -44.92 9.28 26.13
N ARG D 628 -44.81 9.73 24.89
CA ARG D 628 -43.61 9.38 24.07
C ARG D 628 -42.41 10.26 24.35
N TRP D 629 -41.22 9.76 24.04
CA TRP D 629 -39.96 10.48 24.21
C TRP D 629 -39.26 10.65 22.88
N PHE D 630 -38.61 11.80 22.68
CA PHE D 630 -38.16 12.25 21.37
C PHE D 630 -36.70 12.64 21.32
N LEU D 631 -36.08 12.60 20.15
CA LEU D 631 -34.76 13.15 19.92
C LEU D 631 -34.87 14.28 18.90
N ARG D 632 -34.52 15.50 19.29
CA ARG D 632 -34.51 16.62 18.33
C ARG D 632 -33.16 16.72 17.67
N VAL D 633 -33.15 16.64 16.36
CA VAL D 633 -31.95 16.74 15.53
C VAL D 633 -32.09 17.97 14.64
N GLU D 634 -31.16 18.89 14.74
CA GLU D 634 -31.04 20.07 13.89
C GLU D 634 -29.92 19.88 12.88
N ASN D 635 -30.18 20.14 11.59
CA ASN D 635 -29.27 19.76 10.50
C ASN D 635 -29.24 20.81 9.38
N HIS D 636 -28.16 20.82 8.60
CA HIS D 636 -27.87 21.78 7.54
C HIS D 636 -27.93 21.14 6.13
N HIS D 637 -28.59 21.79 5.18
CA HIS D 637 -28.64 21.42 3.76
C HIS D 637 -28.59 22.64 2.84
C1 ERG E . 8.69 -24.06 2.84
C2 ERG E . 7.28 -24.02 2.28
C3 ERG E . 7.32 -23.87 0.78
C4 ERG E . 8.01 -25.08 0.20
C5 ERG E . 9.42 -25.22 0.72
C6 ERG E . 10.45 -25.41 -0.10
C7 ERG E . 11.71 -25.73 0.39
C8 ERG E . 12.07 -25.39 1.63
C9 ERG E . 11.08 -24.92 2.68
C10 ERG E . 9.58 -25.18 2.25
C11 ERG E . 11.41 -25.47 4.07
C12 ERG E . 12.91 -25.50 4.43
C13 ERG E . 13.70 -26.26 3.36
C14 ERG E . 13.51 -25.47 2.05
C15 ERG E . 14.52 -26.08 1.09
C16 ERG E . 15.65 -26.59 2.00
C17 ERG E . 15.23 -26.24 3.45
C18 ERG E . 13.19 -27.70 3.23
C19 ERG E . 9.12 -26.55 2.80
C20 ERG E . 15.92 -27.16 4.48
C21 ERG E . 15.51 -26.86 5.92
C22 ERG E . 17.41 -27.08 4.37
C23 ERG E . 18.24 -27.81 5.07
C24 ERG E . 19.67 -27.50 5.42
C25 ERG E . 20.21 -28.50 6.43
C26 ERG E . 21.59 -28.10 6.90
C27 ERG E . 19.28 -28.65 7.63
C28 ERG E . 20.51 -27.48 4.16
O1 ERG E . 5.98 -23.78 0.27
C1 ERG F . 32.26 -22.47 10.00
C2 ERG F . 33.22 -23.42 10.72
C3 ERG F . 32.58 -24.75 10.98
C4 ERG F . 32.15 -25.34 9.65
C5 ERG F . 31.20 -24.44 8.91
C6 ERG F . 30.03 -24.89 8.45
C7 ERG F . 29.22 -24.09 7.64
C8 ERG F . 29.33 -22.77 7.63
C9 ERG F . 30.53 -22.05 8.20
C10 ERG F . 31.69 -23.02 8.68
C11 ERG F . 31.00 -20.95 7.23
C12 ERG F . 29.87 -20.00 6.80
C13 ERG F . 28.76 -20.78 6.11
C14 ERG F . 28.26 -21.87 7.07
C15 ERG F . 27.07 -22.47 6.34
C16 ERG F . 26.45 -21.25 5.62
C17 ERG F . 27.40 -20.07 5.89
C18 ERG F . 29.26 -21.40 4.79
C19 ERG F . 32.80 -23.07 7.62
C20 ERG F . 27.30 -18.95 4.84
C21 ERG F . 28.04 -17.67 5.25
C22 ERG F . 25.86 -18.62 4.58
C23 ERG F . 25.30 -18.50 3.40
C24 ERG F . 23.90 -18.07 3.08
C25 ERG F . 23.91 -16.71 2.39
C26 ERG F . 24.54 -15.64 3.26
C27 ERG F . 24.65 -16.79 1.06
C28 ERG F . 23.22 -19.12 2.23
O1 ERG F . 33.50 -25.61 11.64
C11 CPL G . 21.28 -57.79 16.81
C12 CPL G . 19.99 -57.31 16.23
C13 CPL G . 20.14 -56.17 15.30
C14 CPL G . 18.82 -55.71 14.69
C15 CPL G . 18.95 -54.60 13.69
C16 CPL G . 17.68 -54.29 12.95
C17 CPL G . 17.80 -53.21 11.92
C18 CPL G . 17.87 -51.82 12.48
C19 CPL G . 17.67 -50.73 11.44
C20 CPL G . 17.64 -49.34 12.02
C21 CPL G . 17.45 -48.27 10.98
C22 CPL G . 17.35 -46.88 11.55
C23 CPL G . 16.83 -45.87 10.57
C24 CPL G . 16.58 -44.51 11.18
C25 CPL G . 15.67 -44.58 12.37
C26 CPL G . 15.65 -43.31 13.16
C1 ECN H . -1.07 -29.04 9.74
C2 ECN H . -0.53 -29.14 8.48
CL4 ECN H . -4.90 -32.38 10.61
C6 ECN H . -4.98 -25.40 10.98
C7 ECN H . -4.21 -26.32 11.59
C9 ECN H . 0.71 -27.56 10.35
C10 ECN H . -0.43 -28.24 10.67
C11 ECN H . 1.20 -27.67 9.08
CL2 ECN H . 2.64 -26.80 8.65
C14 ECN H . -3.87 -32.12 11.99
C15 ECN H . -3.41 -33.24 12.64
C16 ECN H . -2.60 -33.04 13.74
C17 ECN H . -2.27 -31.79 14.18
CL8 ECN H . -1.98 -34.44 14.58
N19 ECN H . -6.28 -25.84 10.92
C19 ECN H . -4.64 -28.57 12.63
C20 ECN H . -4.11 -29.61 11.68
O20 ECN H . -3.03 -28.95 11.03
C5 ECN H . -3.59 -30.82 12.41
N1 ECN H . -5.03 -27.35 11.93
C3 ECN H . -6.26 -27.01 11.51
C8 ECN H . -2.33 -29.79 10.12
C13 ECN H . 0.60 -28.46 8.14
C21 ECN H . -2.76 -30.69 13.51
C1 CPL I . 12.44 -37.26 26.99
C2 CPL I . 11.73 -37.07 25.67
C3 CPL I . 10.66 -38.10 25.41
C4 CPL I . 16.85 -37.18 25.90
C5 CPL I . 16.54 -38.62 25.61
C6 CPL I . 17.27 -40.94 25.93
C7 CPL I . 18.36 -39.17 27.16
C8 CPL I . 16.10 -39.81 27.71
C11 CPL I . 10.52 -37.57 23.11
C12 CPL I . 9.84 -36.61 22.20
C13 CPL I . 9.41 -37.23 20.93
C14 CPL I . 9.02 -36.20 19.90
C15 CPL I . 7.80 -35.41 20.26
C16 CPL I . 7.66 -34.14 19.48
C17 CPL I . 6.35 -33.44 19.69
C18 CPL I . 5.17 -34.25 19.27
C19 CPL I . 3.91 -33.46 19.12
C20 CPL I . 4.13 -32.11 18.52
C21 CPL I . 2.94 -31.54 17.82
C22 CPL I . 2.61 -32.21 16.52
C23 CPL I . 2.02 -31.28 15.50
C24 CPL I . 2.86 -30.07 15.24
C25 CPL I . 2.31 -29.19 14.16
C26 CPL I . 2.02 -29.96 12.91
C31 CPL I . 10.18 -35.38 26.45
C32 CPL I . 9.53 -34.08 26.08
C33 CPL I . 8.98 -34.07 24.71
C34 CPL I . 7.72 -33.23 24.58
C35 CPL I . 7.92 -31.75 24.69
C36 CPL I . 6.80 -30.91 24.12
C37 CPL I . 6.32 -31.39 22.76
C38 CPL I . 5.40 -30.45 22.03
C39 CPL I . 6.11 -29.31 21.38
C40 CPL I . 5.61 -28.38 20.57
C41 CPL I . 4.54 -28.57 19.56
C42 CPL I . 3.35 -27.67 19.68
C43 CPL I . 2.36 -27.58 18.80
C44 CPL I . 1.17 -26.68 18.93
C45 CPL I . 1.07 -25.67 17.83
C46 CPL I . -0.10 -24.70 18.00
C47 CPL I . -0.04 -23.46 17.15
C48 CPL I . -1.18 -22.50 17.42
N CPL I . 17.07 -39.63 26.60
O2 CPL I . 11.16 -35.72 25.59
O3 CPL I . 9.88 -37.69 24.27
O11 CPL I . 11.52 -38.18 22.86
O31 CPL I . 9.90 -36.02 27.42
O1P CPL I . 14.70 -35.07 26.34
O2P CPL I . 14.51 -36.00 28.75
O3P CPL I . 13.87 -37.39 26.79
O4P CPL I . 16.32 -36.78 27.19
P CPL I . 14.83 -36.21 27.30
C1 CPL J . 42.08 -21.70 5.55
C2 CPL J . 41.43 -20.85 4.49
C3 CPL J . 41.84 -21.23 3.09
C4 CPL J . 43.78 -18.66 8.48
C5 CPL J . 44.89 -18.71 7.47
C6 CPL J . 47.33 -18.89 7.16
C7 CPL J . 46.39 -19.27 9.34
C8 CPL J . 46.04 -20.88 7.58
C11 CPL J . 41.02 -19.23 2.16
C12 CPL J . 39.75 -18.65 1.63
C13 CPL J . 39.95 -17.79 0.44
C14 CPL J . 38.73 -16.97 0.11
C15 CPL J . 37.55 -17.77 -0.29
C16 CPL J . 36.25 -17.02 -0.21
C17 CPL J . 35.09 -17.75 -0.81
C18 CPL J . 35.24 -18.02 -2.28
C19 CPL J . 33.96 -18.39 -2.96
C20 CPL J . 32.78 -17.62 -2.46
C21 CPL J . 31.66 -17.50 -3.45
C22 CPL J . 31.95 -16.59 -4.60
C23 CPL J . 30.75 -15.87 -5.11
C24 CPL J . 30.00 -15.12 -4.06
C25 CPL J . 28.83 -14.35 -4.59
C26 CPL J . 29.24 -13.45 -5.73
C31 CPL J . 39.35 -22.09 4.41
C32 CPL J . 37.85 -21.94 4.31
C33 CPL J . 37.43 -20.98 3.25
C34 CPL J . 36.12 -21.37 2.59
C35 CPL J . 34.90 -21.23 3.46
C36 CPL J . 33.60 -21.16 2.69
C37 CPL J . 33.63 -20.23 1.49
C38 CPL J . 32.30 -19.94 0.86
C39 CPL J . 31.51 -18.92 1.61
C40 CPL J . 30.37 -18.35 1.28
C41 CPL J . 29.94 -17.97 -0.11
C42 CPL J . 28.64 -18.54 -0.57
C43 CPL J . 28.02 -18.23 -1.69
C44 CPL J . 26.70 -18.79 -2.15
C45 CPL J . 25.62 -17.78 -2.30
C46 CPL J . 24.27 -18.37 -2.68
C47 CPL J . 23.08 -17.48 -2.49
C48 CPL J . 21.77 -18.14 -2.81
N CPL J . 46.16 -19.43 7.88
O2 CPL J . 39.97 -20.92 4.61
O3 CPL J . 40.99 -20.55 2.14
O11 CPL J . 41.96 -18.60 2.54
O31 CPL J . 39.92 -23.14 4.35
O1P CPL J . 41.03 -19.84 7.96
O2P CPL J . 42.09 -22.14 8.53
O3P CPL J . 42.79 -20.86 6.50
O4P CPL J . 43.37 -20.01 8.83
P CPL J . 42.22 -20.74 8.00
C1 ERG K . 25.59 -0.90 -2.66
C2 ERG K . 24.86 -1.07 -3.99
C3 ERG K . 24.56 0.28 -4.59
C4 ERG K . 25.86 1.00 -4.85
C5 ERG K . 26.66 1.17 -3.60
C6 ERG K . 27.18 2.36 -3.27
C7 ERG K . 28.07 2.49 -2.21
C8 ERG K . 28.09 1.60 -1.21
C9 ERG K . 27.38 0.27 -1.27
C10 ERG K . 26.90 -0.08 -2.75
C11 ERG K . 28.19 -0.85 -0.62
C12 ERG K . 28.90 -0.47 0.68
C13 ERG K . 29.79 0.76 0.45
C14 ERG K . 28.84 1.90 0.06
C15 ERG K . 29.70 3.16 0.12
C16 ERG K . 30.76 2.83 1.18
C17 ERG K . 30.47 1.40 1.69
C18 ERG K . 30.84 0.49 -0.63
C19 ERG K . 27.98 -0.92 -3.45
C20 ERG K . 31.71 0.72 2.28
C21 ERG K . 31.45 -0.71 2.76
C22 ERG K . 32.27 1.52 3.41
C23 ERG K . 33.37 1.22 4.05
C24 ERG K . 33.77 1.62 5.45
C25 ERG K . 35.01 0.88 5.89
C26 ERG K . 35.32 1.15 7.36
C27 ERG K . 34.90 -0.61 5.66
C28 ERG K . 33.96 3.13 5.52
O1 ERG K . 23.82 0.12 -5.81
C1 ERG L . 35.35 4.00 19.48
C2 ERG L . 36.71 3.73 20.13
C3 ERG L . 37.65 3.07 19.16
C4 ERG L . 37.82 3.97 17.95
C5 ERG L . 36.51 4.27 17.28
C6 ERG L . 36.33 4.07 15.98
C7 ERG L . 35.18 4.50 15.33
C8 ERG L . 34.04 4.68 15.99
C9 ERG L . 33.99 4.83 17.51
C10 ERG L . 35.42 4.84 18.18
C11 ERG L . 33.09 6.00 17.91
C12 ERG L . 31.71 5.95 17.25
C13 ERG L . 31.83 5.97 15.73
C14 ERG L . 32.70 4.77 15.32
C15 ERG L . 32.62 4.78 13.80
C16 ERG L . 31.18 5.25 13.52
C17 ERG L . 30.57 5.59 14.90
C18 ERG L . 32.42 7.28 15.24
C19 ERG L . 35.82 6.29 18.52
C20 ERG L . 29.40 6.57 14.83
C21 ERG L . 28.63 6.69 16.15
C22 ERG L . 28.45 6.16 13.75
C23 ERG L . 27.94 6.95 12.83
C24 ERG L . 26.89 6.62 11.80
C25 ERG L . 25.61 7.37 12.08
C26 ERG L . 25.04 7.01 13.44
C27 ERG L . 25.83 8.87 12.00
C28 ERG L . 27.44 6.94 10.41
O1 ERG L . 38.90 2.82 19.79
C11 CPL M . 62.91 -10.74 -1.44
C12 CPL M . 61.85 -10.78 -2.50
C13 CPL M . 60.77 -9.77 -2.31
C14 CPL M . 59.72 -9.81 -3.40
C15 CPL M . 58.65 -8.76 -3.26
C16 CPL M . 57.74 -8.67 -4.45
C17 CPL M . 56.69 -7.60 -4.35
C18 CPL M . 55.55 -7.91 -3.43
C19 CPL M . 54.37 -6.99 -3.58
C20 CPL M . 53.18 -7.36 -2.73
C21 CPL M . 52.02 -6.44 -2.88
C22 CPL M . 50.81 -6.83 -2.07
C23 CPL M . 49.55 -6.12 -2.49
C24 CPL M . 48.32 -6.63 -1.79
C25 CPL M . 48.13 -8.11 -1.97
C26 CPL M . 47.08 -8.68 -1.06
C1 ECN N . 26.66 -12.04 -9.18
C2 ECN N . 26.82 -10.69 -9.40
CL4 ECN N . 28.08 -14.94 -13.20
C6 ECN N . 21.87 -14.58 -10.01
C7 ECN N . 23.10 -14.86 -9.53
C9 ECN N . 26.18 -11.59 -6.88
C10 ECN N . 26.34 -12.47 -7.91
C11 ECN N . 26.34 -10.26 -7.13
CL2 ECN N . 26.14 -9.12 -5.84
C14 ECN N . 28.46 -15.64 -11.66
C15 ECN N . 29.75 -16.10 -11.50
C16 ECN N . 30.08 -16.68 -10.29
C17 ECN N . 29.15 -16.78 -9.27
CL8 ECN N . 31.69 -17.27 -10.04
N19 ECN N . 21.68 -15.18 -11.23
C19 ECN N . 25.05 -16.20 -10.39
C20 ECN N . 26.08 -15.22 -10.88
O20 ECN N . 25.88 -14.08 -10.05
C5 ECN N . 27.48 -15.74 -10.68
N1 ECN N . 23.70 -15.64 -10.48
C3 ECN N . 22.81 -15.81 -11.46
C8 ECN N . 26.83 -13.04 -10.30
C13 ECN N . 26.66 -9.79 -8.39
C21 ECN N . 27.87 -16.31 -9.47
C1 CPL O . 38.37 12.58 25.31
C2 CPL O . 37.19 13.30 24.69
C3 CPL O . 37.53 14.68 24.20
C4 CPL O . 36.79 11.12 29.31
C5 CPL O . 37.18 12.53 29.69
C6 CPL O . 38.36 13.92 31.33
C7 CPL O . 38.57 11.52 31.44
C8 CPL O . 39.63 12.74 29.64
C11 CPL O . 35.28 15.33 24.02
C12 CPL O . 34.14 15.25 23.06
C13 CPL O . 33.30 16.47 23.05
C14 CPL O . 32.00 16.27 22.32
C15 CPL O . 32.14 16.00 20.86
C16 CPL O . 30.92 15.39 20.24
C17 CPL O . 30.98 15.30 18.74
C18 CPL O . 31.11 16.63 18.07
C19 CPL O . 30.80 16.60 16.61
C20 CPL O . 29.66 15.68 16.27
C21 CPL O . 28.94 16.04 15.00
C22 CPL O . 28.10 17.28 15.10
C23 CPL O . 26.87 17.24 14.25
C24 CPL O . 26.02 16.04 14.49
C25 CPL O . 24.76 16.03 13.69
C26 CPL O . 23.99 17.32 13.87
C31 CPL O . 37.37 12.26 22.51
C32 CPL O . 36.58 11.68 21.38
C33 CPL O . 35.42 12.50 20.99
C34 CPL O . 35.10 12.43 19.51
C35 CPL O . 34.55 11.11 19.04
C36 CPL O . 33.83 11.18 17.71
C37 CPL O . 32.87 12.34 17.59
C38 CPL O . 31.95 12.31 16.41
C39 CPL O . 30.79 11.38 16.60
C40 CPL O . 29.74 11.20 15.81
C41 CPL O . 29.04 12.25 15.02
C42 CPL O . 28.92 11.99 13.55
C43 CPL O . 28.23 12.72 12.68
C44 CPL O . 28.10 12.45 11.22
C45 CPL O . 26.71 12.16 10.76
C46 CPL O . 26.60 11.82 9.29
C47 CPL O . 25.31 11.18 8.86
C48 CPL O . 25.29 10.78 7.41
N CPL O . 38.43 12.67 30.52
O2 CPL O . 36.63 12.51 23.60
O3 CPL O . 36.45 15.18 23.40
O11 CPL O . 35.18 15.49 25.20
O31 CPL O . 38.56 12.48 22.47
O1P CPL O . 36.57 10.16 26.44
O2P CPL O . 39.15 9.94 26.49
O3P CPL O . 38.06 12.16 26.67
O4P CPL O . 37.84 10.47 28.57
P CPL O . 37.90 10.60 26.97
C1 ERG P . 11.61 14.22 18.05
C2 ERG P . 11.27 15.02 16.81
C3 ERG P . 9.86 15.54 16.89
C4 ERG P . 9.75 16.45 18.10
C5 ERG P . 10.11 15.75 19.37
C6 ERG P . 9.32 15.82 20.44
C7 ERG P . 9.74 15.33 21.68
C8 ERG P . 10.66 14.36 21.76
C9 ERG P . 11.53 13.95 20.58
C10 ERG P . 11.44 14.98 19.39
C11 ERG P . 12.96 13.63 21.01
C12 ERG P . 13.11 12.88 22.34
C13 ERG P . 12.36 13.62 23.46
C14 ERG P . 10.88 13.63 23.05
C15 ERG P . 10.14 14.11 24.29
C16 ERG P . 11.03 13.65 25.46
C17 ERG P . 12.24 12.91 24.83
C18 ERG P . 12.92 15.03 23.64
C19 ERG P . 12.57 16.02 19.52
C20 ERG P . 13.46 12.90 25.77
C21 ERG P . 14.68 12.22 25.15
C22 ERG P . 13.14 12.25 27.08
C23 ERG P . 13.96 12.17 28.08
C24 ERG P . 13.96 11.17 29.20
C25 ERG P . 15.23 11.30 30.03
C26 ERG P . 15.30 10.19 31.07
C27 ERG P . 16.48 11.29 29.18
C28 ERG P . 12.72 11.37 30.05
O1 ERG P . 9.53 16.25 15.69
C1 ERG Q . 14.33 -0.15 37.94
C2 ERG Q . 15.25 -0.11 39.17
C3 ERG Q . 16.12 1.10 39.15
C4 ERG Q . 15.24 2.34 39.13
C5 ERG Q . 14.31 2.34 37.94
C6 ERG Q . 14.25 3.40 37.12
C7 ERG Q . 13.28 3.46 36.11
C8 ERG Q . 12.70 2.37 35.63
C9 ERG Q . 12.75 1.03 36.35
C10 ERG Q . 13.44 1.11 37.78
C11 ERG Q . 11.36 0.38 36.36
C12 ERG Q . 10.72 0.30 34.98
C13 ERG Q . 10.57 1.70 34.37
C14 ERG Q . 11.97 2.34 34.33
C15 ERG Q . 11.72 3.64 33.57
C16 ERG Q . 10.63 3.25 32.55
C17 ERG Q . 10.25 1.79 32.86
C18 ERG Q . 9.59 2.54 35.19
C19 ERG Q . 12.37 1.14 38.88
C20 ERG Q . 8.84 1.41 32.36
C21 ERG Q . 8.59 -0.10 32.44
C22 ERG Q . 8.66 1.87 30.95
C23 ERG Q . 7.62 2.52 30.49
C24 ERG Q . 7.33 2.90 29.06
C25 ERG Q . 6.14 2.14 28.53
C26 ERG Q . 6.38 0.63 28.56
C27 ERG Q . 4.89 2.45 29.34
C28 ERG Q . 7.10 4.40 28.97
O1 ERG Q . 16.96 1.11 40.30
C11 CPL R . 36.80 29.59 42.96
C12 CPL R . 36.23 30.02 41.64
C13 CPL R . 34.89 29.45 41.35
C14 CPL R . 34.33 29.91 40.02
C15 CPL R . 32.95 29.40 39.73
C16 CPL R . 32.31 30.02 38.51
C17 CPL R . 30.92 29.56 38.23
C18 CPL R . 30.81 28.18 37.63
C19 CPL R . 29.46 27.85 37.07
C20 CPL R . 29.39 26.53 36.38
C21 CPL R . 28.03 26.20 35.82
C22 CPL R . 27.96 24.88 35.09
C23 CPL R . 26.73 24.73 34.25
C24 CPL R . 26.73 23.50 33.40
C25 CPL R . 27.94 23.41 32.52
C26 CPL R . 28.12 22.06 31.88
C1 ECN S . 21.17 19.29 10.94
C2 ECN S . 20.01 19.69 11.56
CL4 ECN S . 23.85 23.19 8.89
C6 ECN S . 21.24 17.52 5.75
C7 ECN S . 22.08 17.65 6.79
C9 ECN S . 20.85 17.10 11.83
C10 ECN S . 21.58 17.98 11.09
C11 ECN S . 19.70 17.53 12.43
CL2 ECN S . 18.76 16.42 13.38
C14 ECN S . 24.84 21.94 9.59
C15 ECN S . 25.85 22.35 10.44
C16 ECN S . 26.65 21.38 11.01
C17 ECN S . 26.47 20.05 10.72
CL8 ECN S . 27.91 21.87 12.10
N19 ECN S . 21.54 18.43 4.78
C19 ECN S . 24.02 19.17 7.31
C20 ECN S . 23.53 20.18 8.31
O20 ECN S . 22.53 19.48 9.04
C5 ECN S . 24.64 20.61 9.25
N1 ECN S . 22.93 18.67 6.48
C3 ECN S . 22.56 19.10 5.26
C8 ECN S . 21.99 20.25 10.11
C13 ECN S . 19.27 18.82 12.30
C21 ECN S . 25.46 19.67 9.84
C1 CPL T . 8.75 -2.98 46.75
C2 CPL T . 7.51 -2.91 45.88
C3 CPL T . 6.36 -2.17 46.54
C4 CPL T . 9.87 -7.38 46.74
C5 CPL T . 8.83 -7.38 47.84
C6 CPL T . 8.32 -8.13 50.12
C7 CPL T . 10.57 -8.38 49.27
C8 CPL T . 9.71 -6.18 49.80
C11 CPL T . 4.78 -3.01 45.00
C12 CPL T . 4.24 -2.70 43.64
C13 CPL T . 2.78 -2.95 43.54
C14 CPL T . 2.30 -2.95 42.11
C15 CPL T . 2.41 -1.63 41.43
C16 CPL T . 2.35 -1.72 39.94
C17 CPL T . 2.27 -0.39 39.25
C18 CPL T . 1.05 0.40 39.62
C19 CPL T . 0.76 1.54 38.69
C20 CPL T . 1.03 1.21 37.25
C21 CPL T . 0.23 2.02 36.28
C22 CPL T . -1.22 1.67 36.23
C23 CPL T . -1.83 1.83 34.88
C24 CPL T . -1.10 1.09 33.79
C25 CPL T . -1.76 1.21 32.46
C26 CPL T . -3.20 0.82 32.51
C31 CPL T . 8.24 -1.01 44.57
C32 CPL T . 8.28 -0.46 43.18
C33 CPL T . 6.98 -0.58 42.45
C34 CPL T . 6.72 0.58 41.50
C35 CPL T . 7.59 0.60 40.27
C36 CPL T . 7.05 1.43 39.14
C37 CPL T . 5.57 1.20 38.86
C38 CPL T . 5.06 1.81 37.59
C39 CPL T . 5.40 1.00 36.38
C40 CPL T . 5.00 1.18 35.13
C41 CPL T . 3.65 1.66 34.68
C42 CPL T . 3.65 2.87 33.80
C43 CPL T . 2.60 3.37 33.19
C44 CPL T . 2.58 4.58 32.30
C45 CPL T . 2.17 4.29 30.89
C46 CPL T . 2.25 5.50 29.97
C47 CPL T . 2.20 5.21 28.50
C48 CPL T . 2.36 6.44 27.64
N CPL T . 9.35 -7.51 49.25
O2 CPL T . 7.84 -2.30 44.60
O3 CPL T . 5.34 -1.94 45.55
O11 CPL T . 4.74 -4.08 45.53
O31 CPL T . 8.55 -0.40 45.55
O1P CPL T . 10.26 -5.05 44.82
O2P CPL T . 11.60 -3.93 46.73
O3P CPL T . 9.16 -4.36 46.96
O4P CPL T . 10.81 -6.30 46.92
P CPL T . 10.52 -4.86 46.28
C1 ERG U . -5.30 -8.96 23.55
C2 ERG U . -6.32 -7.94 23.07
C3 ERG U . -7.39 -8.62 22.25
C4 ERG U . -8.10 -9.64 23.13
C5 ERG U . -7.15 -10.66 23.68
C6 ERG U . -7.42 -11.96 23.59
C7 ERG U . -6.65 -12.90 24.27
C8 ERG U . -5.38 -12.64 24.58
C9 ERG U . -4.77 -11.25 24.54
C10 ERG U . -5.90 -10.13 24.37
C11 ERG U . -3.81 -10.99 25.70
C12 ERG U . -2.91 -12.16 26.08
C13 ERG U . -3.75 -13.41 26.36
C14 ERG U . -4.46 -13.74 25.04
C15 ERG U . -5.05 -15.13 25.25
C16 ERG U . -4.10 -15.79 26.27
C17 ERG U . -3.00 -14.75 26.58
C18 ERG U . -4.74 -13.16 27.50
C19 ERG U . -6.30 -9.61 25.76
C20 ERG U . -2.34 -14.99 27.96
C21 ERG U . -1.27 -13.96 28.30
C22 ERG U . -1.73 -16.35 28.01
C23 ERG U . -1.17 -16.88 29.08
C24 ERG U . -0.15 -17.95 29.16
C25 ERG U . 0.40 -18.09 30.57
C26 ERG U . 1.56 -19.07 30.61
C27 ERG U . 0.85 -16.75 31.13
C28 ERG U . -0.74 -19.26 28.67
O1 ERG U . -8.32 -7.65 21.76
C1 ERG V . 11.22 -26.63 28.46
C2 ERG V . 11.74 -27.27 29.75
C3 ERG V . 11.04 -26.71 30.94
C4 ERG V . 9.55 -26.98 30.80
C5 ERG V . 9.00 -26.38 29.55
C6 ERG V . 7.93 -25.57 29.59
C7 ERG V . 7.31 -25.13 28.41
C8 ERG V . 7.98 -25.10 27.26
C9 ERG V . 9.28 -25.84 27.03
C10 ERG V . 9.70 -26.75 28.25
C11 ERG V . 9.26 -26.57 25.69
C12 ERG V . 8.88 -25.67 24.52
C13 ERG V . 7.49 -25.06 24.74
C14 ERG V . 7.51 -24.30 26.08
C15 ERG V . 6.15 -23.62 26.12
C16 ERG V . 5.89 -23.27 24.64
C17 ERG V . 7.07 -23.87 23.84
C18 ERG V . 6.41 -26.15 24.74
C19 ERG V . 9.35 -28.23 27.96
C20 ERG V . 6.74 -24.13 22.36
C21 ERG V . 7.97 -24.47 21.53
C22 ERG V . 6.06 -22.93 21.76
C23 ERG V . 4.97 -22.95 21.05
C24 ERG V . 4.32 -21.78 20.34
C25 ERG V . 4.42 -21.96 18.84
C26 ERG V . 5.87 -22.02 18.37
C27 ERG V . 3.69 -23.21 18.38
C28 ERG V . 2.88 -21.66 20.78
O1 ERG V . 11.56 -27.33 32.14
C11 CPL W . -4.83 -17.46 61.22
C12 CPL W . -5.63 -16.51 60.36
C13 CPL W . -5.75 -16.95 58.94
C14 CPL W . -6.57 -16.00 58.10
C15 CPL W . -6.76 -16.44 56.68
C16 CPL W . -7.74 -15.60 55.91
C17 CPL W . -7.98 -16.06 54.49
C18 CPL W . -6.87 -15.72 53.53
C19 CPL W . -7.24 -15.90 52.08
C20 CPL W . -6.17 -15.46 51.12
C21 CPL W . -6.55 -15.65 49.68
C22 CPL W . -5.50 -15.17 48.71
C23 CPL W . -6.01 -15.03 47.30
C24 CPL W . -5.02 -14.40 46.36
C25 CPL W . -4.52 -13.07 46.85
C26 CPL W . -3.33 -12.57 46.09
C1 ECN X . -6.57 2.28 29.86
C2 ECN X . -7.35 1.24 29.43
CL4 ECN X . -9.13 5.73 32.70
C6 ECN X . -5.62 6.69 26.73
C7 ECN X . -5.25 6.18 27.92
C9 ECN X . -4.64 1.12 29.06
C10 ECN X . -5.20 2.20 29.66
C11 ECN X . -5.44 0.10 28.64
CL2 ECN X . -4.74 -1.28 27.87
C14 ECN X . -7.49 5.46 33.24
C15 ECN X . -7.32 5.21 34.58
C16 ECN X . -6.04 5.00 35.03
C17 ECN X . -4.96 5.03 34.17
CL8 ECN X . -5.77 4.68 36.72
N19 ECN X . -6.43 7.77 26.92
C19 ECN X . -5.68 6.79 30.32
C20 ECN X . -6.67 5.79 30.85
O20 ECN X . -6.39 4.61 30.11
C5 ECN X . -6.45 5.52 32.33
N1 ECN X . -5.82 6.96 28.87
C3 ECN X . -6.51 7.90 28.22
C8 ECN X . -7.17 3.49 30.53
C13 ECN X . -6.80 0.15 28.82
C21 ECN X . -5.18 5.29 32.82
#